data_7KW7
#
_entry.id   7KW7
#
loop_
_entity.id
_entity.type
_entity.pdbx_description
1 polymer 'Heat shock protein HSP 90-alpha'
2 polymer 'Heat shock 70 kDa protein 1A'
3 polymer 'Stress-induced-phosphoprotein 1'
4 polymer 'Glucocorticoid receptor'
5 non-polymer "ADENOSINE-5'-DIPHOSPHATE"
6 non-polymer 'MAGNESIUM ION'
7 non-polymer 'POTASSIUM ION'
#
loop_
_entity_poly.entity_id
_entity_poly.type
_entity_poly.pdbx_seq_one_letter_code
_entity_poly.pdbx_strand_id
1 'polypeptide(L)'
;MPEETQTQDQPMEEEEVETFAFQAEIAQLMSLIINTFYSNKEIFLRELISNSSDALDKIRYESLTDPSKLDSGKELHINL
IPNKQDRTLTIVDTGIGMTKADLINNLGTIAKSGTKAFMEALQAGADISMIGQFGVGFYSAYLVAEKVTVITKHNDDEQY
AWESSAGGSFTVRTDTGEPMGRGTKVILHLKEDQTEYLEERRIKEIVKKHSQFIGYPITLFVEKERDKEVSDDEAEEKED
KEEEKEKEEKESEDKPEIEDVGSDEEEEKKDGDKKKKKKIKEKYIDQEELNKTKPIWTRNPDDITNEEYGEFYKSLTNDW
EDHLAVKHFSVEGQLEFRALLFVPRRAPFDLFENRKKKNNIKLYVRRVFIMDNCEELIPEYLNFIRGVVDSEDLPLNISR
EMLQQSKILKVIRKNLVKKCLELFTELAEDKENYKKFYEQFSKNIKLGIHEDSQNRKKLSELLRYYTSASGDEMVSLKDY
CTRMKENQKHIYYITGETKDQVANSAFVERLRKHGLEVIYMIEPIDEYCVQQLKEFEGKTLVSVTKEGLELPEDEEEKKK
QEEKKTKFENLCKIMKDILEKKVEKVVVSNRLVTSPCCIVTSTYGWTANMERIMKAQALRDNSTMGYMAAKKHLEINPDH
SIIETLRQKAEADKNDKSVKDLVILLYETALLSSGFSLEDPQTHANRIYRMIKLGLGIDEDDPTADDTSAAVTEEMPPLE
GDDDTSRMEEVD
;
A,B
2 'polypeptide(L)'
;MAKAAAIGIDLGTTYSCVGVFQHGKVEIIANDQGNRTTPSYVAFTDTERLIGDAAKNQVALNPQNTVFDAKRLIGRKFGD
PVVQSDMKHWPFQVINDGDKPKVQVSYKGETKAFYPEEISSMVLTKMKEIAEAYLGYPVTNAVITVPAYFNDSQRQATKD
AGVIAGLNVLRIINEPTAAAIAYGLDRTGKGERNVLIFDLGGGTFDVSILTIDDGIFEVKATAGDTHLGGEDFDNRLVNH
FVEEFKRKHKKDISQNKRAVRRLRTACERAKRTLSSSTQASLEIDSLFEGIDFYTSITRARFEELCSDLFRSTLEPVEKA
LRDAKLDKAQIHDLVLVGGSTRIPKVQKLLQDFFNGRDLNKSINPDEAVAYGAAVQAAILMGDKSENVQDLLLLDVAPLS
LGLETAGGVMTALIKRNSTIPTKQTQIFTTYSDNQPGVLIQVYEGERAMTKDNNLLGRFELSGIPPAPRGVPQIEVTFDI
DANGILNVTATDKSTGKANKITITNDKGRLSKEEIERMVQEAEKYKAEDEVQRERVSAKNALESYAFNMKSAVEDEGLKG
KISEADKKKVLDKCQEVISWLDANTLAEKDEFEHKRKELEQVCNPIISGLYQGAGGPGPGGFGAQGPKGGSGSGPTIEEV
D
;
C,D
3 'polypeptide(L)'
;MEQVNELKEKGNKALSVGNIDDALQCYSEAIKLDPHNHVLYSNRSAAYAKKGDYQKAYEDGCKTVDLKPDWGKGYSRKAA
ALEFLNRFEEAKRTYEEGLKHEANNPQLKEGLQNMEARLAERKFMNPFNMPNLYQKLESDPRTRTLLSDPTYRELIEQLR
NKPSDLGTKLQDPRIMTTLSVLLGVDLGSMDEEEEIATPPPPPPPKKETKPEPMEEDLPENKKQALKEKELGNDAYKKKD
FDTALKHYDKAKELDPTNMTYITNQAAVYFEKGDYNKCRELCEKAIEVGRENREDYRQIAKAYARIGNSYFKEEKYKDAI
HFYNKSLAEHRTPDVLKKCQQAEKILKEQERLAYINPDLALEEKNKGNECFQKGDYPQAMKHYTEAIKRNPKDAKLYSNR
AACYTKLLEFQLALKDCEECIQLEPTFIKGYTRKAAALEAMKDYTKAMDVYQKALDLDSSCKEAADGYQRCMMAQYNRHD
SPEDVKRRAMADPEVQQIMSDPAMRLILEQMQKDPQALSEHLKNPVIAQKIQKLMDVGLIAIR
;
E
4 'polypeptide(L)'
;MDSKESLTPGREENPSSVLAQERGDVMDFYKTLRGGATVKVSASSPSLAVASQSDSKQRRLLVDFPKGSVSNAQQPDLSK
AVSLSMGLYMGETETKVMGNDLGFPQQGQISLSSGETDLKLLEESIANLNRSTSVPENPKSSASTAVSAAPTEKEFPKTH
SDVSSEQQHLKGQTGTNGGNVKLYTTDQSTFDILQDLEFSSGSPGKETNESPWRSDLLIDENCLLSPLAGEDDSFLLEGN
SNEDCKPLILPDTKPKIKDNGDLVLSSPSNVTLPQVKTEKEDFIELCTPGVIKQEKLGTVYCQASFPGANIIGNKMSAIS
VHGVSTSGGQMYHYDMNTASLSQQQDQKPIFNVIPPIPVGSENWNRCQGSGDDNLTSLGTLNFPGRTVFSNGYSSPSMRP
DVSSPPSSSSTATTGPPPKLCLVCSDEASGCHYGVLTCGSCKVFFKRAVEGQHNYLCAGRNDCIIDKIRRKNCPACRYRK
CLQAGMNLEARKTKKKIKGIQQATTGVSQETSENPGNKSIVPATLPQLTPTLVSLLEVIEPEVLYAGYDSSVPDSTWRIM
TTLNMLGGRQVIAAVKWAKAIPGFRNLHLDDQMTLLQYSWMSLMAFALGWRSYRQSSANLLCFAPDLIINEQRMTLPCMY
DQCKHMLYVSSELHRLQVSYEEYLCMKTLLLLSSVPKDGLKSQELFDEIRMTYIKELGKAIVKREGNSSQNWQRFYQLTK
LLDSMHEVVENLLNYCFQTFLDKTMSIEFPEMLAEIITNQIPKYSNGNIKKLLFHQK
;
F
#
loop_
_chem_comp.id
_chem_comp.type
_chem_comp.name
_chem_comp.formula
ADP non-polymer ADENOSINE-5'-DIPHOSPHATE 'C10 H15 N5 O10 P2'
K non-polymer 'POTASSIUM ION' 'K 1'
MG non-polymer 'MAGNESIUM ION' 'Mg 2'
#
# COMPACT_ATOMS: atom_id res chain seq x y z
N GLU A 16 -27.27 53.99 -9.83
CA GLU A 16 -25.98 54.24 -9.20
C GLU A 16 -25.54 52.96 -8.46
N VAL A 17 -24.29 52.53 -8.69
CA VAL A 17 -23.68 51.32 -8.11
C VAL A 17 -22.46 51.71 -7.28
N GLU A 18 -22.46 51.34 -6.00
CA GLU A 18 -21.35 51.66 -5.11
C GLU A 18 -20.36 50.52 -5.12
N THR A 19 -19.07 50.84 -5.16
CA THR A 19 -18.06 49.78 -5.17
C THR A 19 -17.29 49.79 -3.88
N PHE A 20 -17.16 48.60 -3.32
CA PHE A 20 -16.47 48.42 -2.07
C PHE A 20 -15.38 47.41 -2.14
N ALA A 21 -14.38 47.60 -1.30
CA ALA A 21 -13.33 46.62 -1.18
C ALA A 21 -13.72 45.57 -0.17
N PHE A 22 -13.22 44.37 -0.36
CA PHE A 22 -13.37 43.39 0.67
C PHE A 22 -12.29 43.58 1.69
N GLN A 23 -12.61 43.27 2.93
CA GLN A 23 -11.65 43.32 4.00
C GLN A 23 -10.64 42.22 3.68
N ALA A 24 -9.37 42.46 3.96
CA ALA A 24 -8.31 41.54 3.56
C ALA A 24 -8.47 40.11 3.99
N GLU A 25 -9.01 39.87 5.16
CA GLU A 25 -9.11 38.50 5.58
C GLU A 25 -10.01 37.70 4.64
N ILE A 26 -11.08 38.33 4.17
CA ILE A 26 -12.00 37.63 3.30
C ILE A 26 -11.58 37.75 1.86
N ALA A 27 -10.90 38.82 1.49
CA ALA A 27 -10.42 38.86 0.13
C ALA A 27 -9.49 37.65 -0.07
N GLN A 28 -8.70 37.34 0.98
CA GLN A 28 -7.79 36.21 0.98
C GLN A 28 -8.56 34.89 1.04
N LEU A 29 -9.65 34.85 1.80
CA LEU A 29 -10.44 33.65 1.91
C LEU A 29 -11.03 33.27 0.58
N MET A 30 -11.58 34.23 -0.13
CA MET A 30 -12.19 33.97 -1.41
C MET A 30 -11.17 33.52 -2.44
N SER A 31 -9.97 34.08 -2.37
CA SER A 31 -8.91 33.65 -3.25
C SER A 31 -8.60 32.19 -2.98
N LEU A 32 -8.51 31.81 -1.70
CA LEU A 32 -8.23 30.43 -1.33
C LEU A 32 -9.34 29.50 -1.78
N ILE A 33 -10.59 29.91 -1.67
CA ILE A 33 -11.70 29.08 -2.07
C ILE A 33 -11.67 28.76 -3.56
N ILE A 34 -11.39 29.77 -4.36
CA ILE A 34 -11.32 29.62 -5.80
C ILE A 34 -10.06 28.88 -6.28
N ASN A 35 -8.89 29.21 -5.74
CA ASN A 35 -7.62 28.66 -6.19
C ASN A 35 -7.10 27.41 -5.51
N THR A 36 -7.54 27.12 -4.30
CA THR A 36 -7.09 25.91 -3.63
C THR A 36 -7.91 24.76 -4.18
N PHE A 37 -7.25 23.66 -4.45
CA PHE A 37 -7.93 22.53 -5.03
C PHE A 37 -8.70 21.68 -4.03
N TYR A 38 -9.83 22.22 -3.60
CA TYR A 38 -10.69 21.50 -2.68
C TYR A 38 -11.57 20.64 -3.54
N SER A 39 -11.75 19.38 -3.17
CA SER A 39 -12.59 18.49 -3.97
C SER A 39 -14.05 18.43 -3.54
N ASN A 40 -14.33 18.78 -2.30
CA ASN A 40 -15.69 18.66 -1.75
C ASN A 40 -16.55 19.87 -1.99
N LYS A 41 -16.87 20.05 -3.26
CA LYS A 41 -17.63 21.18 -3.80
C LYS A 41 -19.06 21.17 -3.32
N GLU A 42 -19.55 20.03 -2.85
CA GLU A 42 -20.91 19.88 -2.36
C GLU A 42 -21.20 20.71 -1.12
N ILE A 43 -20.16 21.20 -0.43
CA ILE A 43 -20.44 22.01 0.75
C ILE A 43 -21.03 23.34 0.30
N PHE A 44 -20.96 23.63 -1.00
CA PHE A 44 -21.53 24.83 -1.55
C PHE A 44 -23.00 24.95 -1.21
N LEU A 45 -23.74 23.90 -1.50
CA LEU A 45 -25.15 23.94 -1.28
C LEU A 45 -25.41 23.79 0.20
N ARG A 46 -24.63 22.93 0.87
CA ARG A 46 -24.87 22.73 2.28
C ARG A 46 -24.80 24.04 3.05
N GLU A 47 -23.75 24.83 2.80
CA GLU A 47 -23.58 26.08 3.53
C GLU A 47 -24.64 27.10 3.19
N LEU A 48 -25.03 27.21 1.93
CA LEU A 48 -26.03 28.22 1.64
C LEU A 48 -27.38 27.86 2.24
N ILE A 49 -27.74 26.58 2.24
CA ILE A 49 -29.01 26.21 2.84
C ILE A 49 -28.96 26.46 4.34
N SER A 50 -27.85 26.08 4.98
CA SER A 50 -27.69 26.26 6.41
C SER A 50 -27.79 27.73 6.80
N ASN A 51 -27.19 28.61 6.03
CA ASN A 51 -27.21 30.02 6.35
C ASN A 51 -28.62 30.59 6.21
N SER A 52 -29.40 30.05 5.26
CA SER A 52 -30.76 30.49 5.12
C SER A 52 -31.53 30.06 6.36
N SER A 53 -31.23 28.86 6.88
CA SER A 53 -31.89 28.44 8.09
C SER A 53 -31.62 29.41 9.21
N ASP A 54 -30.37 29.86 9.35
CA ASP A 54 -30.13 30.79 10.44
C ASP A 54 -30.97 32.06 10.29
N ALA A 55 -31.11 32.57 9.08
CA ALA A 55 -31.89 33.79 8.86
C ALA A 55 -33.37 33.57 9.20
N LEU A 56 -33.87 32.38 8.92
CA LEU A 56 -35.24 32.02 9.19
C LEU A 56 -35.48 31.98 10.68
N ASP A 57 -34.49 31.47 11.45
CA ASP A 57 -34.62 31.49 12.90
C ASP A 57 -34.53 32.90 13.43
N LYS A 58 -33.71 33.75 12.83
CA LYS A 58 -33.64 35.10 13.38
C LYS A 58 -35.03 35.72 13.43
N ILE A 59 -35.84 35.53 12.37
CA ILE A 59 -37.19 36.08 12.42
C ILE A 59 -38.02 35.35 13.39
N ARG A 60 -37.97 34.03 13.33
CA ARG A 60 -38.84 33.27 14.16
C ARG A 60 -38.66 33.66 15.61
N TYR A 61 -37.42 33.89 16.06
CA TYR A 61 -37.24 34.29 17.44
C TYR A 61 -37.78 35.67 17.70
N GLU A 62 -37.60 36.61 16.78
CA GLU A 62 -38.10 37.94 17.04
C GLU A 62 -39.62 37.96 17.09
N SER A 63 -40.25 37.10 16.29
CA SER A 63 -41.70 37.03 16.14
C SER A 63 -42.37 36.54 17.44
N LEU A 64 -41.56 35.99 18.36
CA LEU A 64 -42.06 35.49 19.62
C LEU A 64 -42.39 36.63 20.55
N THR A 65 -41.69 37.77 20.43
CA THR A 65 -41.95 38.91 21.29
C THR A 65 -42.47 40.09 20.47
N ASP A 66 -42.26 40.03 19.15
CA ASP A 66 -42.68 41.07 18.22
C ASP A 66 -43.18 40.42 16.93
N PRO A 67 -44.43 39.94 16.91
CA PRO A 67 -45.06 39.19 15.83
C PRO A 67 -45.11 39.94 14.52
N SER A 68 -44.96 41.26 14.55
CA SER A 68 -45.05 42.08 13.35
C SER A 68 -43.94 41.77 12.37
N LYS A 69 -42.89 41.08 12.81
CA LYS A 69 -41.82 40.76 11.90
C LYS A 69 -42.29 39.82 10.77
N LEU A 70 -43.40 39.12 11.00
CA LEU A 70 -43.99 38.21 10.02
C LEU A 70 -45.10 38.84 9.20
N ASP A 71 -45.38 40.13 9.40
CA ASP A 71 -46.46 40.79 8.68
C ASP A 71 -46.17 40.88 7.18
N SER A 72 -44.89 40.89 6.83
CA SER A 72 -44.43 40.96 5.45
C SER A 72 -44.48 39.60 4.74
N GLY A 73 -44.83 38.53 5.46
CA GLY A 73 -44.90 37.19 4.91
C GLY A 73 -44.74 36.16 6.02
N LYS A 74 -45.81 35.41 6.27
CA LYS A 74 -45.84 34.43 7.36
C LYS A 74 -45.01 33.17 7.13
N GLU A 75 -44.67 32.91 5.88
CA GLU A 75 -43.98 31.67 5.56
C GLU A 75 -42.47 31.75 5.68
N LEU A 76 -41.91 30.88 6.51
CA LEU A 76 -40.48 30.77 6.72
C LEU A 76 -39.99 29.50 6.07
N HIS A 77 -39.28 29.63 4.95
CA HIS A 77 -38.81 28.47 4.20
C HIS A 77 -37.61 28.74 3.30
N ILE A 78 -37.09 27.66 2.72
CA ILE A 78 -35.97 27.71 1.78
C ILE A 78 -36.35 27.19 0.40
N ASN A 79 -36.15 27.95 -0.65
CA ASN A 79 -36.48 27.43 -1.98
C ASN A 79 -35.24 27.23 -2.81
N LEU A 80 -35.18 26.18 -3.62
CA LEU A 80 -34.08 25.96 -4.54
C LEU A 80 -34.65 25.93 -5.95
N ILE A 81 -34.18 26.80 -6.83
CA ILE A 81 -34.75 26.85 -8.16
C ILE A 81 -33.68 26.91 -9.26
N PRO A 82 -33.18 25.79 -9.82
CA PRO A 82 -32.21 25.79 -10.90
C PRO A 82 -32.85 26.20 -12.22
N ASN A 83 -32.08 26.87 -13.04
CA ASN A 83 -32.41 27.28 -14.39
C ASN A 83 -31.19 27.06 -15.27
N LYS A 84 -31.08 25.86 -15.78
CA LYS A 84 -29.89 25.42 -16.50
C LYS A 84 -29.52 26.29 -17.67
N GLN A 85 -30.49 26.87 -18.35
CA GLN A 85 -30.20 27.65 -19.55
C GLN A 85 -29.42 28.93 -19.25
N ASP A 86 -29.44 29.39 -17.98
CA ASP A 86 -28.73 30.59 -17.57
C ASP A 86 -27.58 30.23 -16.64
N ARG A 87 -27.29 28.93 -16.55
CA ARG A 87 -26.26 28.41 -15.65
C ARG A 87 -26.47 28.96 -14.26
N THR A 88 -27.70 28.85 -13.76
CA THR A 88 -27.98 29.42 -12.46
C THR A 88 -28.82 28.60 -11.52
N LEU A 89 -28.65 28.89 -10.24
CA LEU A 89 -29.45 28.33 -9.14
C LEU A 89 -29.85 29.40 -8.17
N THR A 90 -31.13 29.51 -7.94
CA THR A 90 -31.57 30.48 -6.98
C THR A 90 -31.93 29.82 -5.68
N ILE A 91 -31.39 30.35 -4.60
CA ILE A 91 -31.72 29.88 -3.27
C ILE A 91 -32.48 30.98 -2.56
N VAL A 92 -33.70 30.71 -2.16
CA VAL A 92 -34.45 31.80 -1.55
C VAL A 92 -34.68 31.55 -0.10
N ASP A 93 -34.18 32.45 0.66
CA ASP A 93 -34.25 32.52 2.08
C ASP A 93 -35.37 33.45 2.50
N THR A 94 -36.47 32.97 3.06
CA THR A 94 -37.52 33.94 3.39
C THR A 94 -37.32 34.47 4.82
N GLY A 95 -36.11 34.31 5.33
CA GLY A 95 -35.72 34.72 6.64
C GLY A 95 -35.53 36.21 6.67
N ILE A 96 -34.90 36.72 7.73
CA ILE A 96 -34.85 38.16 7.91
C ILE A 96 -34.20 38.97 6.81
N GLY A 97 -33.18 38.45 6.16
CA GLY A 97 -32.56 39.22 5.09
C GLY A 97 -31.58 40.22 5.65
N MET A 98 -31.14 41.15 4.80
CA MET A 98 -30.13 42.13 5.17
C MET A 98 -30.46 43.51 4.64
N THR A 99 -30.07 44.55 5.36
CA THR A 99 -30.27 45.93 4.88
C THR A 99 -29.08 46.29 4.02
N LYS A 100 -29.15 47.43 3.33
CA LYS A 100 -28.01 47.84 2.48
C LYS A 100 -26.70 47.79 3.26
N ALA A 101 -26.77 48.28 4.50
CA ALA A 101 -25.67 48.39 5.42
C ALA A 101 -25.05 47.05 5.79
N ASP A 102 -25.85 45.99 5.83
CA ASP A 102 -25.35 44.70 6.26
C ASP A 102 -24.70 44.04 5.07
N LEU A 103 -25.23 44.33 3.88
CA LEU A 103 -24.63 43.74 2.70
C LEU A 103 -23.22 44.27 2.54
N ILE A 104 -23.08 45.57 2.78
CA ILE A 104 -21.79 46.22 2.69
C ILE A 104 -20.90 45.72 3.80
N ASN A 105 -21.45 45.63 5.01
CA ASN A 105 -20.66 45.16 6.13
C ASN A 105 -20.59 43.65 6.18
N ASN A 106 -19.86 43.10 5.21
CA ASN A 106 -19.58 41.68 5.08
C ASN A 106 -20.79 40.79 5.09
N LEU A 107 -21.85 41.17 4.41
CA LEU A 107 -23.03 40.34 4.41
C LEU A 107 -23.48 39.95 5.83
N GLY A 108 -23.32 40.85 6.79
CA GLY A 108 -23.78 40.62 8.14
C GLY A 108 -22.89 39.78 9.08
N THR A 109 -21.61 39.49 8.76
CA THR A 109 -20.84 38.67 9.72
C THR A 109 -19.59 39.34 10.26
N ILE A 110 -18.97 38.69 11.25
CA ILE A 110 -17.72 39.22 11.79
C ILE A 110 -16.63 38.58 11.00
N ALA A 111 -16.44 39.14 9.83
CA ALA A 111 -15.54 38.56 8.87
C ALA A 111 -14.11 38.51 9.30
N LYS A 112 -13.62 39.55 9.96
CA LYS A 112 -12.19 39.53 10.26
C LYS A 112 -11.79 38.51 11.31
N SER A 113 -12.53 38.41 12.42
CA SER A 113 -12.13 37.48 13.45
C SER A 113 -12.35 36.05 13.03
N GLY A 114 -13.50 35.78 12.39
CA GLY A 114 -13.84 34.45 11.96
C GLY A 114 -12.89 33.95 10.90
N THR A 115 -12.70 34.76 9.87
CA THR A 115 -11.86 34.38 8.77
C THR A 115 -10.42 34.25 9.20
N LYS A 116 -9.91 35.17 10.03
CA LYS A 116 -8.53 35.03 10.43
C LYS A 116 -8.32 33.72 11.15
N ALA A 117 -9.21 33.38 12.08
CA ALA A 117 -9.07 32.13 12.82
C ALA A 117 -9.16 30.94 11.88
N PHE A 118 -10.00 31.05 10.86
CA PHE A 118 -10.16 30.00 9.90
C PHE A 118 -8.91 29.83 9.09
N MET A 119 -8.32 30.93 8.63
CA MET A 119 -7.11 30.82 7.84
C MET A 119 -6.04 30.18 8.67
N GLU A 120 -5.99 30.49 9.98
CA GLU A 120 -5.02 29.85 10.85
C GLU A 120 -5.33 28.37 10.95
N ALA A 121 -6.60 28.01 11.02
CA ALA A 121 -6.98 26.62 11.05
C ALA A 121 -6.55 25.92 9.77
N LEU A 122 -6.66 26.60 8.62
CA LEU A 122 -6.29 26.04 7.31
C LEU A 122 -4.78 25.85 7.26
N GLN A 123 -4.02 26.79 7.83
CA GLN A 123 -2.56 26.69 7.90
C GLN A 123 -2.15 25.50 8.78
N ALA A 124 -3.02 25.17 9.74
CA ALA A 124 -2.83 24.04 10.64
C ALA A 124 -3.37 22.71 10.06
N GLY A 125 -3.94 22.72 8.85
CA GLY A 125 -4.48 21.51 8.22
C GLY A 125 -6.00 21.34 8.16
N ALA A 126 -6.78 22.36 8.50
CA ALA A 126 -8.24 22.29 8.42
C ALA A 126 -8.75 22.18 7.00
N ASP A 127 -9.84 21.47 6.85
CA ASP A 127 -10.55 21.32 5.60
C ASP A 127 -11.47 22.52 5.34
N ILE A 128 -11.78 22.77 4.07
CA ILE A 128 -12.74 23.82 3.72
C ILE A 128 -14.14 23.56 4.29
N SER A 129 -14.46 22.31 4.60
CA SER A 129 -15.76 21.97 5.16
C SER A 129 -15.98 22.62 6.52
N MET A 130 -14.91 23.10 7.15
CA MET A 130 -15.01 23.76 8.43
C MET A 130 -15.29 25.25 8.33
N ILE A 131 -15.41 25.79 7.13
CA ILE A 131 -15.64 27.22 6.97
C ILE A 131 -16.87 27.78 7.69
N GLY A 132 -17.92 26.98 7.79
CA GLY A 132 -19.14 27.40 8.45
C GLY A 132 -18.97 27.46 9.96
N GLN A 133 -17.92 26.84 10.48
CA GLN A 133 -17.69 26.77 11.92
C GLN A 133 -17.09 28.06 12.41
N PHE A 134 -16.69 28.92 11.49
CA PHE A 134 -16.11 30.19 11.83
C PHE A 134 -17.09 31.32 11.54
N GLY A 135 -18.29 30.97 11.08
CA GLY A 135 -19.30 31.96 10.75
C GLY A 135 -19.05 32.68 9.43
N VAL A 136 -18.27 32.07 8.52
CA VAL A 136 -17.95 32.71 7.26
C VAL A 136 -18.29 31.75 6.13
N GLY A 137 -19.24 30.88 6.40
CA GLY A 137 -19.61 29.80 5.49
C GLY A 137 -20.04 30.24 4.11
N PHE A 138 -20.69 31.38 4.00
CA PHE A 138 -21.18 31.82 2.70
C PHE A 138 -20.15 32.22 1.69
N TYR A 139 -18.90 32.33 2.08
CA TYR A 139 -17.89 32.69 1.11
C TYR A 139 -17.58 31.47 0.24
N SER A 140 -18.04 30.30 0.68
CA SER A 140 -17.88 29.01 0.02
C SER A 140 -18.67 29.00 -1.27
N ALA A 141 -19.53 30.00 -1.48
CA ALA A 141 -20.29 30.04 -2.70
C ALA A 141 -19.35 30.00 -3.92
N TYR A 142 -18.15 30.59 -3.77
CA TYR A 142 -17.21 30.70 -4.87
C TYR A 142 -16.48 29.41 -5.20
N LEU A 143 -16.79 28.33 -4.49
CA LEU A 143 -16.20 27.06 -4.83
C LEU A 143 -16.63 26.69 -6.22
N VAL A 144 -17.88 27.01 -6.58
CA VAL A 144 -18.34 26.67 -7.91
C VAL A 144 -18.85 27.88 -8.67
N ALA A 145 -19.16 28.97 -7.95
CA ALA A 145 -19.69 30.13 -8.62
C ALA A 145 -18.63 30.90 -9.38
N GLU A 146 -19.01 31.42 -10.52
CA GLU A 146 -18.15 32.36 -11.21
C GLU A 146 -18.47 33.70 -10.58
N LYS A 147 -19.77 33.90 -10.37
CA LYS A 147 -20.32 35.12 -9.80
C LYS A 147 -21.44 34.78 -8.82
N VAL A 148 -21.59 35.61 -7.81
CA VAL A 148 -22.67 35.47 -6.86
C VAL A 148 -23.45 36.75 -6.71
N THR A 149 -24.77 36.66 -6.81
CA THR A 149 -25.62 37.82 -6.61
C THR A 149 -26.46 37.62 -5.37
N VAL A 150 -26.50 38.59 -4.49
CA VAL A 150 -27.32 38.44 -3.29
C VAL A 150 -28.32 39.58 -3.20
N ILE A 151 -29.59 39.27 -3.32
CA ILE A 151 -30.59 40.33 -3.33
C ILE A 151 -31.43 40.24 -2.11
N THR A 152 -31.56 41.31 -1.36
CA THR A 152 -32.36 41.14 -0.18
C THR A 152 -33.25 42.26 0.25
N LYS A 153 -34.39 41.84 0.77
CA LYS A 153 -35.37 42.72 1.33
C LYS A 153 -35.44 42.51 2.82
N HIS A 154 -35.14 43.54 3.55
CA HIS A 154 -35.17 43.48 4.99
C HIS A 154 -36.42 44.19 5.42
N ASN A 155 -36.99 43.83 6.55
CA ASN A 155 -38.20 44.51 6.98
C ASN A 155 -38.03 46.00 7.21
N ASP A 156 -36.82 46.44 7.57
CA ASP A 156 -36.57 47.83 7.85
C ASP A 156 -35.92 48.60 6.70
N ASP A 157 -35.85 48.02 5.49
CA ASP A 157 -35.21 48.72 4.37
C ASP A 157 -35.77 48.37 2.98
N GLU A 158 -35.21 49.02 1.98
CA GLU A 158 -35.46 48.82 0.56
C GLU A 158 -34.72 47.58 0.10
N GLN A 159 -35.14 46.98 -0.98
CA GLN A 159 -34.43 45.83 -1.46
C GLN A 159 -33.14 46.21 -2.18
N TYR A 160 -32.03 45.63 -1.74
CA TYR A 160 -30.71 45.92 -2.31
C TYR A 160 -30.01 44.71 -2.81
N ALA A 161 -29.21 44.93 -3.84
CA ALA A 161 -28.45 43.87 -4.43
C ALA A 161 -26.97 44.02 -4.25
N TRP A 162 -26.38 42.97 -3.78
CA TRP A 162 -24.95 42.85 -3.61
C TRP A 162 -24.47 41.99 -4.75
N GLU A 163 -23.34 42.33 -5.33
CA GLU A 163 -22.79 41.48 -6.38
C GLU A 163 -21.31 41.32 -6.23
N SER A 164 -20.80 40.14 -6.51
CA SER A 164 -19.36 39.99 -6.50
C SER A 164 -18.87 38.81 -7.32
N SER A 165 -17.66 38.95 -7.84
CA SER A 165 -16.92 37.89 -8.51
C SER A 165 -15.66 37.62 -7.69
N ALA A 166 -15.71 38.07 -6.43
CA ALA A 166 -14.65 38.06 -5.44
C ALA A 166 -13.50 38.90 -5.99
N GLY A 167 -12.26 38.43 -5.90
CA GLY A 167 -11.17 39.23 -6.46
C GLY A 167 -10.78 40.44 -5.59
N GLY A 168 -11.34 40.53 -4.40
CA GLY A 168 -11.08 41.66 -3.53
C GLY A 168 -12.12 42.79 -3.61
N SER A 169 -13.21 42.64 -4.39
CA SER A 169 -14.21 43.72 -4.42
C SER A 169 -15.63 43.23 -4.66
N PHE A 170 -16.58 44.10 -4.36
CA PHE A 170 -18.01 43.84 -4.57
C PHE A 170 -18.75 45.12 -4.77
N THR A 171 -19.97 45.04 -5.26
CA THR A 171 -20.74 46.24 -5.36
C THR A 171 -22.09 46.12 -4.70
N VAL A 172 -22.65 47.25 -4.33
CA VAL A 172 -24.01 47.30 -3.78
C VAL A 172 -24.83 48.35 -4.50
N ARG A 173 -25.99 47.97 -4.94
CA ARG A 173 -26.90 48.84 -5.66
C ARG A 173 -28.33 48.61 -5.21
N THR A 174 -29.21 49.56 -5.44
CA THR A 174 -30.61 49.32 -5.15
C THR A 174 -31.07 48.29 -6.16
N ASP A 175 -31.90 47.35 -5.75
CA ASP A 175 -32.34 46.38 -6.71
C ASP A 175 -33.31 47.01 -7.70
N THR A 176 -33.29 46.45 -8.91
CA THR A 176 -34.13 46.85 -10.03
C THR A 176 -35.04 45.72 -10.50
N GLY A 177 -34.80 44.51 -10.00
CA GLY A 177 -35.55 43.34 -10.44
C GLY A 177 -36.78 43.07 -9.58
N GLU A 178 -37.24 41.84 -9.61
CA GLU A 178 -38.44 41.44 -8.90
C GLU A 178 -38.32 41.74 -7.39
N PRO A 179 -39.28 42.46 -6.77
CA PRO A 179 -39.32 42.78 -5.36
C PRO A 179 -39.75 41.55 -4.57
N MET A 180 -39.34 41.48 -3.33
CA MET A 180 -39.77 40.47 -2.40
C MET A 180 -40.48 41.12 -1.23
N GLY A 181 -41.43 40.40 -0.61
CA GLY A 181 -42.05 40.94 0.61
C GLY A 181 -40.99 41.02 1.69
N ARG A 182 -40.13 40.00 1.68
CA ARG A 182 -39.01 39.84 2.57
C ARG A 182 -38.11 38.74 2.04
N GLY A 183 -36.83 38.75 2.42
CA GLY A 183 -35.97 37.59 2.17
C GLY A 183 -34.72 37.85 1.36
N THR A 184 -33.87 36.83 1.28
CA THR A 184 -32.63 36.91 0.52
C THR A 184 -32.62 35.93 -0.62
N LYS A 185 -32.39 36.43 -1.79
CA LYS A 185 -32.34 35.61 -2.96
C LYS A 185 -30.89 35.48 -3.34
N VAL A 186 -30.33 34.30 -3.18
CA VAL A 186 -28.93 34.11 -3.52
C VAL A 186 -28.89 33.47 -4.87
N ILE A 187 -28.23 34.11 -5.80
CA ILE A 187 -28.22 33.55 -7.11
C ILE A 187 -26.83 33.14 -7.48
N LEU A 188 -26.74 31.91 -7.85
CA LEU A 188 -25.54 31.33 -8.32
C LEU A 188 -25.39 31.54 -9.79
N HIS A 189 -24.24 31.98 -10.23
CA HIS A 189 -23.95 32.07 -11.64
C HIS A 189 -22.78 31.12 -11.72
N LEU A 190 -23.10 29.91 -12.11
CA LEU A 190 -22.23 28.75 -12.03
C LEU A 190 -21.30 28.57 -13.20
N LYS A 191 -20.09 28.13 -12.90
CA LYS A 191 -19.11 27.77 -13.91
C LYS A 191 -19.66 26.59 -14.71
N GLU A 192 -19.48 26.57 -16.03
CA GLU A 192 -20.05 25.48 -16.83
C GLU A 192 -19.56 24.07 -16.47
N ASP A 193 -18.34 23.93 -16.00
CA ASP A 193 -17.82 22.61 -15.65
C ASP A 193 -18.42 22.08 -14.35
N GLN A 194 -19.11 22.96 -13.65
CA GLN A 194 -19.72 22.67 -12.38
C GLN A 194 -21.24 22.50 -12.46
N THR A 195 -21.81 22.35 -13.67
CA THR A 195 -23.26 22.25 -13.84
C THR A 195 -23.93 21.06 -13.21
N GLU A 196 -23.16 20.13 -12.65
CA GLU A 196 -23.79 19.04 -11.93
C GLU A 196 -24.59 19.60 -10.76
N TYR A 197 -24.23 20.79 -10.30
CA TYR A 197 -24.92 21.35 -9.16
C TYR A 197 -26.28 21.93 -9.50
N LEU A 198 -26.64 21.95 -10.79
CA LEU A 198 -27.94 22.43 -11.19
C LEU A 198 -28.88 21.25 -11.48
N GLU A 199 -28.39 20.01 -11.27
CA GLU A 199 -29.18 18.83 -11.57
C GLU A 199 -30.12 18.48 -10.44
N GLU A 200 -31.28 17.91 -10.79
CA GLU A 200 -32.24 17.52 -9.77
C GLU A 200 -31.66 16.44 -8.88
N ARG A 201 -30.90 15.52 -9.49
CA ARG A 201 -30.29 14.46 -8.74
C ARG A 201 -29.27 14.94 -7.75
N ARG A 202 -28.38 15.83 -8.16
CA ARG A 202 -27.30 16.26 -7.28
C ARG A 202 -27.86 17.05 -6.12
N ILE A 203 -28.88 17.87 -6.38
CA ILE A 203 -29.45 18.63 -5.30
C ILE A 203 -30.08 17.69 -4.31
N LYS A 204 -30.83 16.71 -4.79
CA LYS A 204 -31.45 15.80 -3.86
C LYS A 204 -30.42 15.02 -3.05
N GLU A 205 -29.30 14.62 -3.66
CA GLU A 205 -28.31 13.87 -2.91
C GLU A 205 -27.72 14.66 -1.75
N ILE A 206 -27.44 15.94 -2.01
CA ILE A 206 -26.86 16.75 -0.97
C ILE A 206 -27.84 17.04 0.11
N VAL A 207 -29.05 17.41 -0.27
CA VAL A 207 -29.99 17.75 0.78
C VAL A 207 -30.34 16.55 1.62
N LYS A 208 -30.60 15.42 1.00
CA LYS A 208 -30.98 14.22 1.72
C LYS A 208 -29.95 13.74 2.73
N LYS A 209 -28.65 13.95 2.49
CA LYS A 209 -27.69 13.49 3.50
C LYS A 209 -27.12 14.59 4.41
N HIS A 210 -27.01 15.85 3.92
CA HIS A 210 -26.39 16.95 4.65
C HIS A 210 -27.29 18.09 5.21
N SER A 211 -28.54 18.24 4.75
CA SER A 211 -29.35 19.37 5.23
C SER A 211 -30.83 18.98 5.44
N GLN A 212 -31.05 17.69 5.48
CA GLN A 212 -32.36 17.04 5.59
C GLN A 212 -33.00 17.23 6.94
N PHE A 213 -32.24 17.73 7.88
CA PHE A 213 -32.68 17.91 9.25
C PHE A 213 -33.00 19.35 9.61
N ILE A 214 -33.00 20.23 8.62
CA ILE A 214 -33.35 21.62 8.87
C ILE A 214 -34.83 21.79 9.10
N GLY A 215 -35.20 22.50 10.15
CA GLY A 215 -36.60 22.72 10.54
C GLY A 215 -37.47 23.41 9.49
N TYR A 216 -36.88 24.30 8.73
CA TYR A 216 -37.64 25.00 7.72
C TYR A 216 -37.69 24.13 6.49
N PRO A 217 -38.81 24.01 5.80
CA PRO A 217 -38.93 23.18 4.64
C PRO A 217 -38.09 23.72 3.51
N ILE A 218 -37.48 22.81 2.78
CA ILE A 218 -36.67 23.06 1.61
C ILE A 218 -37.42 22.58 0.40
N THR A 219 -37.79 23.48 -0.47
CA THR A 219 -38.59 23.10 -1.63
C THR A 219 -37.84 23.34 -2.91
N LEU A 220 -37.77 22.31 -3.73
CA LEU A 220 -37.11 22.33 -5.02
C LEU A 220 -38.13 22.55 -6.15
N PHE A 221 -37.92 23.59 -6.94
CA PHE A 221 -38.84 23.97 -8.01
C PHE A 221 -38.22 23.76 -9.37
N VAL A 222 -38.67 22.73 -10.07
CA VAL A 222 -38.11 22.40 -11.38
C VAL A 222 -39.22 22.13 -12.42
N GLU A 223 -38.88 22.20 -13.74
CA GLU A 223 -39.73 21.84 -14.89
C GLU A 223 -38.91 22.11 -16.15
N ILE A 285 -45.71 23.41 -12.34
CA ILE A 285 -44.36 22.87 -12.40
C ILE A 285 -44.26 21.77 -11.31
N ASP A 286 -43.06 21.18 -11.11
CA ASP A 286 -42.77 20.13 -10.12
C ASP A 286 -42.19 20.75 -8.83
N GLN A 287 -43.02 20.82 -7.80
CA GLN A 287 -42.65 21.44 -6.53
C GLN A 287 -42.46 20.38 -5.46
N GLU A 288 -41.21 20.09 -5.13
CA GLU A 288 -40.94 19.00 -4.19
C GLU A 288 -40.27 19.40 -2.89
N GLU A 289 -40.91 19.07 -1.79
CA GLU A 289 -40.31 19.33 -0.49
C GLU A 289 -39.36 18.18 -0.24
N LEU A 290 -38.13 18.48 0.14
CA LEU A 290 -37.16 17.42 0.35
C LEU A 290 -37.07 16.95 1.80
N ASN A 291 -37.03 17.89 2.73
CA ASN A 291 -36.94 17.58 4.15
C ASN A 291 -38.34 17.46 4.73
N LYS A 292 -39.04 16.46 4.25
CA LYS A 292 -40.42 16.22 4.62
C LYS A 292 -40.55 15.53 5.96
N THR A 293 -39.54 14.75 6.33
CA THR A 293 -39.60 13.98 7.53
C THR A 293 -38.42 14.24 8.43
N LYS A 294 -38.60 13.88 9.68
CA LYS A 294 -37.56 14.00 10.66
C LYS A 294 -36.62 12.84 10.43
N PRO A 295 -35.34 12.92 10.80
CA PRO A 295 -34.43 11.83 10.68
C PRO A 295 -35.05 10.67 11.43
N ILE A 296 -34.99 9.49 10.87
CA ILE A 296 -35.61 8.38 11.56
C ILE A 296 -35.02 8.12 12.93
N TRP A 297 -33.74 8.35 13.11
CA TRP A 297 -33.14 8.03 14.37
C TRP A 297 -33.42 9.02 15.47
N THR A 298 -34.03 10.16 15.14
CA THR A 298 -34.33 11.16 16.13
C THR A 298 -35.78 11.02 16.53
N ARG A 299 -36.47 10.07 15.91
CA ARG A 299 -37.85 9.82 16.20
C ARG A 299 -37.95 8.80 17.32
N ASN A 300 -39.11 8.75 17.93
CA ASN A 300 -39.39 7.84 19.03
C ASN A 300 -39.52 6.38 18.58
N PRO A 301 -38.68 5.44 19.08
CA PRO A 301 -38.59 4.04 18.68
C PRO A 301 -39.86 3.26 18.88
N ASP A 302 -40.76 3.75 19.72
CA ASP A 302 -41.99 3.04 19.96
C ASP A 302 -43.02 3.39 18.91
N ASP A 303 -42.88 4.57 18.30
CA ASP A 303 -43.83 5.00 17.31
C ASP A 303 -43.39 4.55 15.93
N ILE A 304 -42.09 4.40 15.74
CA ILE A 304 -41.58 4.02 14.43
C ILE A 304 -41.95 2.57 14.20
N THR A 305 -42.55 2.29 13.06
CA THR A 305 -42.96 0.93 12.77
C THR A 305 -41.84 0.15 12.12
N ASN A 306 -42.03 -1.15 12.02
CA ASN A 306 -41.02 -1.95 11.38
C ASN A 306 -40.95 -1.65 9.90
N GLU A 307 -42.06 -1.26 9.30
CA GLU A 307 -42.06 -0.94 7.89
C GLU A 307 -41.22 0.30 7.67
N GLU A 308 -41.33 1.28 8.57
CA GLU A 308 -40.52 2.48 8.47
C GLU A 308 -39.05 2.17 8.63
N TYR A 309 -38.71 1.27 9.56
CA TYR A 309 -37.30 0.95 9.71
C TYR A 309 -36.82 0.21 8.50
N GLY A 310 -37.67 -0.65 7.95
CA GLY A 310 -37.35 -1.45 6.81
C GLY A 310 -37.02 -0.62 5.60
N GLU A 311 -37.89 0.33 5.26
CA GLU A 311 -37.61 1.12 4.08
C GLU A 311 -36.42 2.01 4.32
N PHE A 312 -36.26 2.51 5.54
CA PHE A 312 -35.10 3.32 5.84
C PHE A 312 -33.85 2.53 5.59
N TYR A 313 -33.81 1.33 6.14
CA TYR A 313 -32.70 0.45 5.99
C TYR A 313 -32.39 0.21 4.55
N LYS A 314 -33.39 -0.14 3.75
CA LYS A 314 -33.10 -0.44 2.37
C LYS A 314 -32.40 0.73 1.70
N SER A 315 -32.88 1.95 1.99
CA SER A 315 -32.30 3.16 1.42
C SER A 315 -30.91 3.42 1.97
N LEU A 316 -30.71 3.16 3.24
CA LEU A 316 -29.44 3.36 3.92
C LEU A 316 -28.37 2.46 3.36
N THR A 317 -28.74 1.22 3.11
CA THR A 317 -27.78 0.22 2.70
C THR A 317 -27.75 -0.16 1.23
N ASN A 318 -28.71 0.31 0.42
CA ASN A 318 -28.83 -0.07 -0.98
C ASN A 318 -28.97 -1.57 -1.07
N ASP A 319 -29.85 -2.07 -0.22
CA ASP A 319 -30.16 -3.47 -0.07
C ASP A 319 -31.62 -3.70 -0.32
N TRP A 320 -31.98 -4.40 -1.37
CA TRP A 320 -33.40 -4.58 -1.65
C TRP A 320 -34.07 -5.51 -0.62
N GLU A 321 -33.26 -6.27 0.12
CA GLU A 321 -33.77 -7.17 1.13
C GLU A 321 -33.95 -6.37 2.39
N ASP A 322 -34.76 -6.86 3.30
CA ASP A 322 -34.99 -6.11 4.52
C ASP A 322 -33.89 -6.36 5.55
N HIS A 323 -34.03 -5.69 6.68
CA HIS A 323 -33.14 -5.88 7.81
C HIS A 323 -33.54 -7.13 8.55
N LEU A 324 -32.60 -7.75 9.22
CA LEU A 324 -32.86 -8.87 10.08
C LEU A 324 -33.37 -8.34 11.39
N ALA A 325 -32.64 -7.37 11.94
CA ALA A 325 -33.00 -6.82 13.22
C ALA A 325 -32.45 -5.42 13.41
N VAL A 326 -33.13 -4.63 14.22
CA VAL A 326 -32.62 -3.30 14.52
C VAL A 326 -32.70 -2.95 15.97
N LYS A 327 -31.65 -2.31 16.44
CA LYS A 327 -31.64 -1.80 17.77
C LYS A 327 -31.56 -0.30 17.72
N HIS A 328 -32.63 0.32 18.18
CA HIS A 328 -32.77 1.77 18.17
C HIS A 328 -32.73 2.24 19.59
N PHE A 329 -31.76 3.04 19.91
CA PHE A 329 -31.64 3.44 21.30
C PHE A 329 -31.03 4.80 21.43
N SER A 330 -31.12 5.33 22.65
CA SER A 330 -30.54 6.62 22.94
C SER A 330 -29.81 6.58 24.24
N VAL A 331 -28.84 7.46 24.34
CA VAL A 331 -28.01 7.64 25.50
C VAL A 331 -27.96 9.10 25.90
N GLU A 332 -28.01 9.36 27.19
CA GLU A 332 -27.95 10.69 27.75
C GLU A 332 -26.85 10.79 28.83
N GLY A 333 -27.09 11.64 29.82
CA GLY A 333 -26.12 11.85 30.89
C GLY A 333 -24.88 12.54 30.39
N GLN A 334 -23.71 11.96 30.67
CA GLN A 334 -22.45 12.55 30.27
C GLN A 334 -22.21 12.52 28.78
N LEU A 335 -22.90 11.68 28.03
CA LEU A 335 -22.67 11.71 26.59
C LEU A 335 -23.93 11.49 25.83
N GLU A 336 -24.42 12.51 25.15
CA GLU A 336 -25.67 12.29 24.47
C GLU A 336 -25.56 11.92 23.00
N PHE A 337 -26.25 10.83 22.65
CA PHE A 337 -26.31 10.38 21.26
C PHE A 337 -27.51 9.48 21.01
N ARG A 338 -27.85 9.30 19.76
CA ARG A 338 -28.87 8.35 19.38
C ARG A 338 -28.32 7.48 18.29
N ALA A 339 -28.77 6.24 18.20
CA ALA A 339 -28.26 5.42 17.10
C ALA A 339 -29.17 4.31 16.66
N LEU A 340 -29.01 3.95 15.40
CA LEU A 340 -29.65 2.80 14.80
C LEU A 340 -28.67 1.83 14.27
N LEU A 341 -28.74 0.64 14.79
CA LEU A 341 -27.85 -0.38 14.34
C LEU A 341 -28.64 -1.49 13.72
N PHE A 342 -28.35 -1.78 12.46
CA PHE A 342 -29.06 -2.80 11.74
C PHE A 342 -28.24 -4.01 11.39
N VAL A 343 -28.83 -5.15 11.61
CA VAL A 343 -28.28 -6.40 11.22
C VAL A 343 -29.00 -6.73 9.95
N PRO A 344 -28.34 -6.90 8.82
CA PRO A 344 -28.91 -7.19 7.52
C PRO A 344 -29.40 -8.61 7.46
N ARG A 345 -30.35 -8.92 6.57
CA ARG A 345 -30.76 -10.32 6.39
C ARG A 345 -29.70 -11.19 5.79
N ARG A 346 -28.73 -10.58 5.12
CA ARG A 346 -27.68 -11.32 4.45
C ARG A 346 -26.27 -10.86 4.76
N ALA A 347 -25.32 -11.75 4.54
CA ALA A 347 -23.90 -11.45 4.66
C ALA A 347 -23.23 -11.76 3.31
N PRO A 348 -23.45 -10.94 2.27
CA PRO A 348 -23.19 -11.25 0.86
C PRO A 348 -21.74 -11.19 0.36
N PHE A 349 -20.88 -12.04 0.94
CA PHE A 349 -19.48 -12.26 0.52
C PHE A 349 -18.49 -11.13 0.67
N ASP A 350 -18.77 -9.96 0.07
CA ASP A 350 -17.83 -8.86 0.02
C ASP A 350 -17.43 -8.37 1.38
N LEU A 351 -18.24 -8.66 2.38
CA LEU A 351 -17.97 -8.25 3.74
C LEU A 351 -16.65 -8.85 4.21
N PHE A 352 -16.22 -9.94 3.61
CA PHE A 352 -15.00 -10.59 4.06
C PHE A 352 -13.83 -10.38 3.08
N GLU A 353 -14.01 -9.55 2.04
CA GLU A 353 -12.94 -9.35 1.05
C GLU A 353 -12.85 -7.97 0.36
N ASN A 354 -13.97 -7.48 -0.20
CA ASN A 354 -13.94 -6.29 -1.05
C ASN A 354 -14.62 -5.05 -0.51
N ARG A 355 -15.46 -5.22 0.49
CA ARG A 355 -16.24 -4.10 0.99
C ARG A 355 -15.44 -3.15 1.85
N LYS A 356 -15.64 -1.86 1.57
CA LYS A 356 -15.05 -0.81 2.37
C LYS A 356 -15.96 -0.58 3.55
N LYS A 357 -15.87 -1.52 4.48
CA LYS A 357 -16.73 -1.70 5.66
C LYS A 357 -16.75 -0.53 6.59
N LYS A 358 -15.72 0.27 6.50
CA LYS A 358 -15.64 1.45 7.32
C LYS A 358 -16.78 2.39 7.01
N ASN A 359 -17.39 2.25 5.83
CA ASN A 359 -18.45 3.12 5.38
C ASN A 359 -19.82 2.55 5.75
N ASN A 360 -19.86 1.51 6.57
CA ASN A 360 -21.11 0.91 6.94
C ASN A 360 -21.99 1.78 7.85
N ILE A 361 -21.38 2.57 8.73
CA ILE A 361 -22.14 3.38 9.67
C ILE A 361 -21.92 4.85 9.47
N LYS A 362 -22.98 5.60 9.26
CA LYS A 362 -22.87 7.04 9.06
C LYS A 362 -22.74 7.77 10.38
N LEU A 363 -21.89 8.78 10.42
CA LEU A 363 -21.76 9.61 11.61
C LEU A 363 -22.29 10.99 11.41
N TYR A 364 -23.13 11.39 12.35
CA TYR A 364 -23.70 12.71 12.45
C TYR A 364 -23.34 13.32 13.80
N VAL A 365 -23.19 14.63 13.85
CA VAL A 365 -22.98 15.36 15.10
C VAL A 365 -23.99 16.48 15.22
N ARG A 366 -24.89 16.39 16.19
CA ARG A 366 -25.95 17.40 16.28
C ARG A 366 -26.63 17.51 14.94
N ARG A 367 -26.87 16.35 14.35
CA ARG A 367 -27.49 16.12 13.06
C ARG A 367 -26.65 16.55 11.86
N VAL A 368 -25.43 17.04 12.06
CA VAL A 368 -24.60 17.44 10.95
C VAL A 368 -23.88 16.23 10.41
N PHE A 369 -23.98 15.97 9.13
CA PHE A 369 -23.30 14.81 8.61
C PHE A 369 -21.83 15.03 8.61
N ILE A 370 -21.11 14.07 9.11
CA ILE A 370 -19.68 14.20 9.12
C ILE A 370 -19.06 13.34 8.06
N MET A 371 -19.39 12.06 8.09
CA MET A 371 -18.76 11.14 7.17
C MET A 371 -19.40 9.77 7.12
N ASP A 372 -19.08 9.03 6.06
CA ASP A 372 -19.51 7.65 5.97
C ASP A 372 -18.47 6.72 6.57
N ASN A 373 -17.18 7.04 6.44
CA ASN A 373 -16.11 6.15 6.86
C ASN A 373 -15.83 6.25 8.32
N CYS A 374 -16.74 5.76 9.09
CA CYS A 374 -16.64 5.91 10.50
C CYS A 374 -15.86 4.79 11.12
N GLU A 375 -14.58 4.90 10.86
CA GLU A 375 -13.60 3.97 11.28
C GLU A 375 -13.60 4.07 12.78
N GLU A 376 -13.48 2.92 13.43
CA GLU A 376 -13.42 2.75 14.86
C GLU A 376 -14.70 3.09 15.66
N LEU A 377 -15.88 3.17 15.02
CA LEU A 377 -17.07 3.28 15.87
C LEU A 377 -17.36 1.94 16.51
N ILE A 378 -17.12 0.89 15.76
CA ILE A 378 -17.31 -0.47 16.22
C ILE A 378 -16.06 -1.25 15.83
N PRO A 379 -15.69 -2.30 16.56
CA PRO A 379 -14.59 -3.17 16.28
C PRO A 379 -14.90 -3.94 15.03
N GLU A 380 -13.87 -4.40 14.35
CA GLU A 380 -13.98 -5.13 13.10
C GLU A 380 -14.92 -6.30 13.09
N TYR A 381 -15.00 -7.04 14.16
CA TYR A 381 -15.85 -8.20 14.12
C TYR A 381 -17.31 -7.83 13.90
N LEU A 382 -17.69 -6.60 14.20
CA LEU A 382 -19.06 -6.17 14.04
C LEU A 382 -19.29 -5.45 12.74
N ASN A 383 -18.30 -5.38 11.87
CA ASN A 383 -18.50 -4.63 10.66
C ASN A 383 -19.26 -5.39 9.61
N PHE A 384 -20.54 -5.48 9.86
CA PHE A 384 -21.53 -6.10 9.05
C PHE A 384 -22.80 -5.40 9.41
N ILE A 385 -22.73 -4.67 10.52
CA ILE A 385 -23.81 -3.86 11.00
C ILE A 385 -23.80 -2.56 10.25
N ARG A 386 -24.94 -2.18 9.73
CA ARG A 386 -25.07 -0.96 8.97
C ARG A 386 -25.81 0.00 9.86
N GLY A 387 -25.60 1.29 9.73
CA GLY A 387 -26.37 2.13 10.63
C GLY A 387 -26.04 3.59 10.63
N VAL A 388 -26.62 4.27 11.62
CA VAL A 388 -26.41 5.70 11.85
C VAL A 388 -26.14 6.01 13.32
N VAL A 389 -25.11 6.77 13.60
CA VAL A 389 -24.84 7.23 14.95
C VAL A 389 -24.83 8.73 14.93
N ASP A 390 -25.64 9.37 15.77
CA ASP A 390 -25.72 10.82 15.79
C ASP A 390 -25.38 11.32 17.19
N SER A 391 -24.17 11.84 17.35
CA SER A 391 -23.67 12.23 18.66
C SER A 391 -23.75 13.71 18.91
N GLU A 392 -24.59 14.07 19.86
CA GLU A 392 -24.87 15.46 20.12
C GLU A 392 -23.68 16.15 20.70
N ASP A 393 -22.90 15.41 21.47
CA ASP A 393 -21.74 15.99 22.13
C ASP A 393 -20.39 15.82 21.46
N LEU A 394 -20.33 15.36 20.23
CA LEU A 394 -19.02 15.27 19.61
C LEU A 394 -18.71 16.67 19.02
N PRO A 395 -17.46 17.18 19.02
CA PRO A 395 -17.08 18.40 18.33
C PRO A 395 -17.21 18.23 16.82
N LEU A 396 -17.39 19.33 16.08
CA LEU A 396 -17.44 19.23 14.62
C LEU A 396 -16.05 19.35 14.00
N ASN A 397 -15.06 19.61 14.84
CA ASN A 397 -13.69 19.76 14.36
C ASN A 397 -13.09 18.37 14.25
N ILE A 398 -13.57 17.68 13.23
CA ILE A 398 -13.26 16.30 13.02
C ILE A 398 -12.20 15.98 12.01
N SER A 399 -11.28 15.21 12.54
CA SER A 399 -10.12 14.66 11.91
C SER A 399 -9.98 13.33 12.58
N ARG A 400 -9.23 12.43 11.99
CA ARG A 400 -9.11 11.14 12.64
C ARG A 400 -8.37 11.25 13.93
N GLU A 401 -7.41 12.14 14.02
CA GLU A 401 -6.63 12.23 15.22
C GLU A 401 -7.48 12.71 16.39
N MET A 402 -8.36 13.69 16.14
CA MET A 402 -9.20 14.20 17.22
C MET A 402 -10.11 13.08 17.70
N LEU A 403 -10.69 12.33 16.76
CA LEU A 403 -11.62 11.31 17.15
C LEU A 403 -10.94 10.18 17.89
N GLN A 404 -9.79 9.76 17.42
CA GLN A 404 -9.07 8.63 17.98
C GLN A 404 -8.61 8.85 19.39
N GLN A 405 -8.21 10.07 19.67
CA GLN A 405 -7.72 10.38 20.98
C GLN A 405 -8.78 10.87 21.92
N SER A 406 -10.02 10.91 21.46
CA SER A 406 -11.09 11.40 22.26
C SER A 406 -11.78 10.31 23.04
N LYS A 407 -12.11 10.64 24.28
CA LYS A 407 -12.84 9.73 25.12
C LYS A 407 -14.24 9.56 24.59
N ILE A 408 -14.71 10.49 23.78
CA ILE A 408 -16.03 10.32 23.24
C ILE A 408 -16.04 9.14 22.33
N LEU A 409 -15.06 9.00 21.45
CA LEU A 409 -15.09 7.86 20.56
C LEU A 409 -14.93 6.60 21.38
N LYS A 410 -14.06 6.63 22.39
CA LYS A 410 -13.90 5.43 23.20
C LYS A 410 -15.23 4.99 23.81
N VAL A 411 -15.98 5.94 24.34
CA VAL A 411 -17.26 5.64 24.94
C VAL A 411 -18.28 5.22 23.92
N ILE A 412 -18.34 5.89 22.77
CA ILE A 412 -19.31 5.47 21.80
C ILE A 412 -19.02 4.06 21.42
N ARG A 413 -17.76 3.72 21.15
CA ARG A 413 -17.52 2.35 20.76
C ARG A 413 -17.88 1.39 21.87
N LYS A 414 -17.53 1.70 23.11
CA LYS A 414 -17.85 0.78 24.17
C LYS A 414 -19.33 0.50 24.25
N ASN A 415 -20.13 1.55 24.15
CA ASN A 415 -21.55 1.40 24.27
C ASN A 415 -22.22 0.86 23.04
N LEU A 416 -21.73 1.16 21.85
CA LEU A 416 -22.42 0.60 20.71
C LEU A 416 -22.23 -0.89 20.78
N VAL A 417 -21.06 -1.32 21.22
CA VAL A 417 -20.84 -2.74 21.28
C VAL A 417 -21.71 -3.40 22.29
N LYS A 418 -21.84 -2.86 23.51
CA LYS A 418 -22.65 -3.66 24.41
C LYS A 418 -24.09 -3.71 23.92
N LYS A 419 -24.55 -2.66 23.22
CA LYS A 419 -25.90 -2.68 22.72
C LYS A 419 -26.04 -3.69 21.60
N CYS A 420 -24.98 -3.88 20.82
CA CYS A 420 -25.06 -4.86 19.75
C CYS A 420 -25.24 -6.21 20.37
N LEU A 421 -24.50 -6.46 21.44
CA LEU A 421 -24.57 -7.75 22.09
C LEU A 421 -25.95 -7.96 22.67
N GLU A 422 -26.58 -6.91 23.19
CA GLU A 422 -27.92 -7.07 23.70
C GLU A 422 -28.86 -7.44 22.57
N LEU A 423 -28.68 -6.85 21.38
CA LEU A 423 -29.54 -7.21 20.27
C LEU A 423 -29.36 -8.65 19.92
N PHE A 424 -28.12 -9.12 19.94
CA PHE A 424 -27.86 -10.50 19.58
C PHE A 424 -28.51 -11.39 20.60
N THR A 425 -28.47 -11.01 21.86
CA THR A 425 -29.09 -11.80 22.89
C THR A 425 -30.59 -11.88 22.63
N GLU A 426 -31.20 -10.77 22.27
CA GLU A 426 -32.63 -10.79 22.00
C GLU A 426 -32.90 -11.73 20.84
N LEU A 427 -32.01 -11.74 19.85
CA LEU A 427 -32.13 -12.66 18.72
C LEU A 427 -31.91 -14.09 19.14
N ALA A 428 -31.08 -14.34 20.16
CA ALA A 428 -30.80 -15.69 20.67
C ALA A 428 -32.05 -16.34 21.19
N GLU A 429 -32.94 -15.53 21.75
CA GLU A 429 -34.22 -16.01 22.21
C GLU A 429 -35.00 -16.23 20.92
N ASP A 430 -36.06 -17.02 20.90
CA ASP A 430 -36.70 -17.20 19.59
C ASP A 430 -35.66 -17.73 18.59
N LYS A 431 -35.12 -18.89 18.95
CA LYS A 431 -34.05 -19.55 18.23
C LYS A 431 -34.36 -19.85 16.78
N GLU A 432 -35.65 -19.85 16.43
CA GLU A 432 -36.03 -20.09 15.06
C GLU A 432 -35.46 -19.00 14.18
N ASN A 433 -35.36 -17.79 14.70
CA ASN A 433 -34.80 -16.73 13.91
C ASN A 433 -33.33 -16.57 14.24
N TYR A 434 -32.92 -16.99 15.43
CA TYR A 434 -31.51 -16.85 15.78
C TYR A 434 -30.66 -17.57 14.82
N LYS A 435 -31.07 -18.77 14.46
CA LYS A 435 -30.30 -19.55 13.54
C LYS A 435 -30.18 -18.88 12.18
N LYS A 436 -31.13 -18.03 11.78
CA LYS A 436 -31.04 -17.45 10.46
C LYS A 436 -29.86 -16.52 10.48
N PHE A 437 -29.76 -15.81 11.59
CA PHE A 437 -28.65 -14.93 11.81
C PHE A 437 -27.36 -15.70 11.89
N TYR A 438 -27.34 -16.71 12.74
CA TYR A 438 -26.15 -17.46 13.02
C TYR A 438 -25.57 -18.06 11.76
N GLU A 439 -26.41 -18.59 10.91
CA GLU A 439 -25.91 -19.20 9.71
C GLU A 439 -25.04 -18.26 8.88
N GLN A 440 -25.31 -16.97 8.89
CA GLN A 440 -24.50 -16.08 8.09
C GLN A 440 -23.50 -15.25 8.86
N PHE A 441 -23.81 -14.96 10.12
CA PHE A 441 -22.95 -14.08 10.88
C PHE A 441 -22.20 -14.76 12.00
N SER A 442 -22.28 -16.06 12.14
CA SER A 442 -21.60 -16.70 13.26
C SER A 442 -20.11 -16.52 13.26
N LYS A 443 -19.51 -16.39 12.09
CA LYS A 443 -18.06 -16.24 12.08
C LYS A 443 -17.66 -14.92 12.67
N ASN A 444 -18.57 -13.98 12.74
CA ASN A 444 -18.25 -12.70 13.29
C ASN A 444 -18.18 -12.82 14.79
N ILE A 445 -18.95 -13.73 15.36
CA ILE A 445 -18.95 -13.86 16.79
C ILE A 445 -17.61 -14.45 17.12
N LYS A 446 -17.24 -15.47 16.37
CA LYS A 446 -16.01 -16.17 16.59
C LYS A 446 -14.82 -15.22 16.45
N LEU A 447 -14.87 -14.29 15.50
CA LEU A 447 -13.78 -13.33 15.44
C LEU A 447 -13.78 -12.52 16.70
N GLY A 448 -14.97 -12.17 17.17
CA GLY A 448 -15.13 -11.43 18.38
C GLY A 448 -14.58 -12.17 19.57
N ILE A 449 -14.71 -13.49 19.60
CA ILE A 449 -14.19 -14.23 20.73
C ILE A 449 -12.71 -14.05 20.76
N HIS A 450 -12.11 -14.14 19.61
CA HIS A 450 -10.68 -14.02 19.50
C HIS A 450 -10.18 -12.65 19.95
N GLU A 451 -10.83 -11.57 19.49
CA GLU A 451 -10.33 -10.23 19.79
C GLU A 451 -10.99 -9.42 20.93
N ASP A 452 -12.29 -9.51 21.11
CA ASP A 452 -12.96 -8.66 22.07
C ASP A 452 -12.96 -9.26 23.44
N SER A 453 -11.83 -9.13 24.14
CA SER A 453 -11.70 -9.78 25.44
C SER A 453 -12.68 -9.24 26.45
N GLN A 454 -13.05 -7.99 26.29
CA GLN A 454 -13.96 -7.35 27.21
C GLN A 454 -15.33 -8.00 27.22
N ASN A 455 -15.77 -8.47 26.07
CA ASN A 455 -17.09 -9.05 25.98
C ASN A 455 -17.03 -10.51 25.69
N ARG A 456 -15.91 -11.15 25.97
CA ARG A 456 -15.84 -12.54 25.61
C ARG A 456 -16.92 -13.37 26.23
N LYS A 457 -17.29 -13.09 27.48
CA LYS A 457 -18.31 -13.93 28.07
C LYS A 457 -19.64 -13.78 27.36
N LYS A 458 -20.01 -12.54 27.06
CA LYS A 458 -21.30 -12.30 26.42
C LYS A 458 -21.32 -12.93 25.04
N LEU A 459 -20.19 -12.86 24.38
CA LEU A 459 -20.10 -13.44 23.06
C LEU A 459 -20.14 -14.93 23.07
N SER A 460 -19.50 -15.58 24.04
CA SER A 460 -19.49 -17.04 24.04
C SER A 460 -20.88 -17.62 24.20
N GLU A 461 -21.75 -16.91 24.87
CA GLU A 461 -23.11 -17.36 25.08
C GLU A 461 -23.93 -17.40 23.80
N LEU A 462 -23.45 -16.72 22.77
CA LEU A 462 -24.11 -16.63 21.49
C LEU A 462 -23.64 -17.70 20.53
N LEU A 463 -22.69 -18.52 20.93
CA LEU A 463 -22.18 -19.53 20.03
C LEU A 463 -23.09 -20.73 19.99
N ARG A 464 -23.18 -21.36 18.84
CA ARG A 464 -23.97 -22.56 18.68
C ARG A 464 -23.13 -23.59 17.92
N TYR A 465 -23.18 -24.83 18.37
CA TYR A 465 -22.44 -25.92 17.76
C TYR A 465 -23.24 -27.19 17.64
N TYR A 466 -22.89 -28.05 16.69
CA TYR A 466 -23.51 -29.37 16.71
C TYR A 466 -22.78 -30.15 17.74
N THR A 467 -23.44 -31.06 18.44
CA THR A 467 -22.73 -31.90 19.38
C THR A 467 -23.13 -33.34 19.17
N SER A 468 -22.45 -34.23 19.84
CA SER A 468 -22.73 -35.66 19.78
C SER A 468 -24.09 -36.04 20.32
N ALA A 469 -24.75 -35.14 21.04
CA ALA A 469 -26.05 -35.43 21.61
C ALA A 469 -27.13 -34.49 21.08
N SER A 470 -26.88 -33.80 19.98
CA SER A 470 -27.89 -32.86 19.51
C SER A 470 -28.53 -33.22 18.19
N GLY A 471 -28.07 -34.25 17.52
CA GLY A 471 -28.62 -34.50 16.22
C GLY A 471 -28.31 -33.31 15.33
N ASP A 472 -29.33 -32.76 14.67
CA ASP A 472 -29.06 -31.64 13.77
C ASP A 472 -29.32 -30.27 14.39
N GLU A 473 -29.61 -30.21 15.68
CA GLU A 473 -29.84 -28.91 16.26
C GLU A 473 -28.57 -28.35 16.82
N MET A 474 -28.22 -27.15 16.44
CA MET A 474 -27.01 -26.59 17.00
C MET A 474 -27.40 -26.09 18.35
N VAL A 475 -26.56 -26.29 19.34
CA VAL A 475 -26.92 -25.86 20.67
C VAL A 475 -25.88 -24.98 21.29
N SER A 476 -26.31 -24.29 22.34
CA SER A 476 -25.48 -23.38 23.09
C SER A 476 -24.53 -24.08 23.99
N LEU A 477 -23.44 -23.41 24.33
CA LEU A 477 -22.51 -23.97 25.30
C LEU A 477 -23.25 -24.14 26.62
N LYS A 478 -24.27 -23.34 26.84
CA LYS A 478 -25.07 -23.45 28.02
C LYS A 478 -25.88 -24.74 28.02
N ASP A 479 -26.28 -25.22 26.85
CA ASP A 479 -27.10 -26.40 26.78
C ASP A 479 -26.20 -27.56 27.02
N TYR A 480 -24.95 -27.42 26.58
CA TYR A 480 -23.98 -28.46 26.85
C TYR A 480 -23.84 -28.58 28.35
N CYS A 481 -23.68 -27.47 29.05
CA CYS A 481 -23.48 -27.51 30.49
C CYS A 481 -24.60 -28.19 31.22
N THR A 482 -25.83 -27.96 30.80
CA THR A 482 -26.95 -28.54 31.48
C THR A 482 -27.09 -30.05 31.29
N ARG A 483 -26.28 -30.63 30.41
CA ARG A 483 -26.28 -32.06 30.17
C ARG A 483 -24.99 -32.72 30.60
N MET A 484 -24.17 -32.02 31.37
CA MET A 484 -22.92 -32.61 31.82
C MET A 484 -23.17 -33.64 32.89
N LYS A 485 -22.28 -34.61 32.95
CA LYS A 485 -22.34 -35.68 33.90
C LYS A 485 -21.74 -35.26 35.22
N GLU A 486 -22.10 -36.00 36.25
CA GLU A 486 -21.58 -35.70 37.55
C GLU A 486 -20.09 -35.81 37.56
N ASN A 487 -19.47 -34.84 38.20
CA ASN A 487 -18.02 -34.73 38.33
C ASN A 487 -17.33 -34.49 37.00
N GLN A 488 -18.07 -34.04 35.99
CA GLN A 488 -17.44 -33.71 34.75
C GLN A 488 -16.93 -32.29 34.89
N LYS A 489 -15.63 -32.12 34.78
CA LYS A 489 -15.00 -30.83 34.98
C LYS A 489 -14.64 -30.14 33.69
N HIS A 490 -14.85 -30.84 32.60
CA HIS A 490 -14.45 -30.31 31.34
C HIS A 490 -15.49 -30.43 30.28
N ILE A 491 -15.41 -29.54 29.32
CA ILE A 491 -16.22 -29.55 28.15
C ILE A 491 -15.39 -30.14 27.04
N TYR A 492 -15.82 -31.25 26.52
CA TYR A 492 -15.00 -31.92 25.54
C TYR A 492 -15.35 -31.46 24.15
N TYR A 493 -14.36 -31.15 23.35
CA TYR A 493 -14.65 -30.77 21.99
C TYR A 493 -13.65 -31.35 21.02
N ILE A 494 -14.07 -31.47 19.80
CA ILE A 494 -13.23 -31.96 18.74
C ILE A 494 -13.38 -31.10 17.53
N THR A 495 -12.33 -30.92 16.76
CA THR A 495 -12.46 -30.17 15.53
C THR A 495 -12.34 -31.13 14.35
N GLY A 496 -12.85 -30.73 13.21
CA GLY A 496 -12.72 -31.54 12.00
C GLY A 496 -13.39 -30.88 10.80
N GLU A 497 -13.34 -31.56 9.67
CA GLU A 497 -13.89 -31.01 8.44
C GLU A 497 -15.41 -30.99 8.34
N THR A 498 -16.05 -32.08 8.75
CA THR A 498 -17.50 -32.17 8.64
C THR A 498 -18.07 -32.77 9.89
N LYS A 499 -19.38 -32.65 10.06
CA LYS A 499 -20.04 -33.23 11.22
C LYS A 499 -19.87 -34.72 11.30
N ASP A 500 -19.95 -35.41 10.18
CA ASP A 500 -19.88 -36.85 10.23
C ASP A 500 -18.47 -37.32 10.29
N GLN A 501 -17.57 -36.60 9.66
CA GLN A 501 -16.19 -37.03 9.68
C GLN A 501 -15.62 -36.89 11.06
N VAL A 502 -16.02 -35.85 11.76
CA VAL A 502 -15.48 -35.62 13.07
C VAL A 502 -16.17 -36.53 14.06
N ALA A 503 -17.47 -36.75 13.90
CA ALA A 503 -18.13 -37.60 14.84
C ALA A 503 -17.62 -39.02 14.78
N ASN A 504 -17.42 -39.52 13.58
CA ASN A 504 -16.95 -40.88 13.44
C ASN A 504 -15.45 -40.94 13.41
N SER A 505 -14.87 -40.63 14.53
CA SER A 505 -13.44 -40.59 14.69
C SER A 505 -13.02 -41.30 15.92
N ALA A 506 -11.86 -41.91 15.84
CA ALA A 506 -11.32 -42.63 16.97
C ALA A 506 -11.20 -41.75 18.19
N PHE A 507 -10.97 -40.47 18.03
CA PHE A 507 -10.77 -39.65 19.20
C PHE A 507 -11.96 -39.53 20.13
N VAL A 508 -13.16 -39.81 19.64
CA VAL A 508 -14.32 -39.67 20.47
C VAL A 508 -15.00 -40.97 20.75
N GLU A 509 -14.36 -42.07 20.42
CA GLU A 509 -15.09 -43.31 20.65
C GLU A 509 -15.24 -43.67 22.11
N ARG A 510 -14.28 -43.36 22.98
CA ARG A 510 -14.50 -43.70 24.35
C ARG A 510 -15.43 -42.69 25.00
N LEU A 511 -15.38 -41.46 24.55
CA LEU A 511 -16.23 -40.46 25.12
C LEU A 511 -17.67 -40.82 24.79
N ARG A 512 -17.94 -41.30 23.57
CA ARG A 512 -19.30 -41.66 23.28
C ARG A 512 -19.70 -42.87 24.09
N LYS A 513 -18.79 -43.83 24.24
CA LYS A 513 -19.09 -45.03 25.00
C LYS A 513 -19.54 -44.73 26.41
N HIS A 514 -18.93 -43.74 27.06
CA HIS A 514 -19.31 -43.46 28.44
C HIS A 514 -20.33 -42.35 28.60
N GLY A 515 -20.92 -41.91 27.50
CA GLY A 515 -21.97 -40.90 27.57
C GLY A 515 -21.52 -39.45 27.71
N LEU A 516 -20.31 -39.12 27.36
CA LEU A 516 -19.88 -37.75 27.47
C LEU A 516 -20.19 -37.07 26.16
N GLU A 517 -20.76 -35.89 26.25
CA GLU A 517 -21.11 -35.15 25.07
C GLU A 517 -19.90 -34.46 24.48
N VAL A 518 -19.77 -34.49 23.17
CA VAL A 518 -18.65 -33.82 22.55
C VAL A 518 -19.11 -32.78 21.56
N ILE A 519 -18.54 -31.60 21.66
CA ILE A 519 -18.90 -30.50 20.78
C ILE A 519 -18.13 -30.61 19.48
N TYR A 520 -18.81 -30.49 18.36
CA TYR A 520 -18.17 -30.59 17.06
C TYR A 520 -17.93 -29.24 16.41
N MET A 521 -16.67 -28.93 16.22
CA MET A 521 -16.24 -27.69 15.60
C MET A 521 -15.89 -27.99 14.18
N ILE A 522 -16.76 -27.60 13.27
CA ILE A 522 -16.57 -27.96 11.88
C ILE A 522 -16.39 -26.78 10.94
N GLU A 523 -15.99 -25.64 11.48
CA GLU A 523 -15.70 -24.50 10.64
C GLU A 523 -14.24 -24.16 10.86
N PRO A 524 -13.48 -23.76 9.85
CA PRO A 524 -12.06 -23.51 10.00
C PRO A 524 -11.73 -22.41 11.00
N ILE A 525 -12.65 -21.49 11.21
CA ILE A 525 -12.46 -20.41 12.16
C ILE A 525 -12.42 -20.89 13.60
N ASP A 526 -12.96 -22.08 13.84
CA ASP A 526 -13.11 -22.66 15.15
C ASP A 526 -11.78 -22.91 15.75
N GLU A 527 -10.77 -23.01 14.89
CA GLU A 527 -9.41 -23.24 15.31
C GLU A 527 -8.97 -22.15 16.23
N TYR A 528 -9.49 -20.94 16.00
CA TYR A 528 -9.05 -19.83 16.77
C TYR A 528 -9.99 -19.50 17.89
N CYS A 529 -11.29 -19.62 17.72
CA CYS A 529 -12.07 -19.14 18.86
C CYS A 529 -11.87 -20.04 20.07
N VAL A 530 -11.55 -21.31 19.86
CA VAL A 530 -11.36 -22.22 20.99
C VAL A 530 -10.09 -21.94 21.73
N GLN A 531 -9.21 -21.12 21.15
CA GLN A 531 -7.97 -20.79 21.80
C GLN A 531 -8.21 -19.81 22.92
N GLN A 532 -9.26 -18.99 22.79
CA GLN A 532 -9.51 -17.99 23.80
C GLN A 532 -10.59 -18.45 24.76
N LEU A 533 -11.44 -19.35 24.33
CA LEU A 533 -12.49 -19.83 25.21
C LEU A 533 -11.91 -20.86 26.14
N LYS A 534 -11.10 -20.41 27.08
CA LYS A 534 -10.44 -21.34 27.95
C LYS A 534 -11.44 -22.08 28.79
N GLU A 535 -12.49 -21.38 29.19
CA GLU A 535 -13.54 -21.97 29.99
C GLU A 535 -14.87 -21.33 29.71
N PHE A 536 -15.92 -22.06 29.99
CA PHE A 536 -17.26 -21.55 29.90
C PHE A 536 -17.97 -21.84 31.20
N GLU A 537 -18.36 -20.80 31.92
CA GLU A 537 -19.00 -20.93 33.22
C GLU A 537 -18.15 -21.74 34.19
N GLY A 538 -16.85 -21.59 34.11
CA GLY A 538 -15.96 -22.30 35.02
C GLY A 538 -15.58 -23.70 34.55
N LYS A 539 -16.18 -24.20 33.47
CA LYS A 539 -15.85 -25.52 32.99
C LYS A 539 -14.75 -25.38 31.97
N THR A 540 -13.69 -26.13 32.11
CA THR A 540 -12.54 -25.97 31.22
C THR A 540 -12.78 -26.66 29.91
N LEU A 541 -12.39 -26.04 28.81
CA LEU A 541 -12.57 -26.70 27.52
C LEU A 541 -11.32 -27.46 27.17
N VAL A 542 -11.48 -28.70 26.75
CA VAL A 542 -10.34 -29.52 26.38
C VAL A 542 -10.55 -30.13 25.04
N SER A 543 -9.47 -30.27 24.30
CA SER A 543 -9.58 -30.91 23.03
C SER A 543 -9.39 -32.39 23.19
N VAL A 544 -10.20 -33.15 22.52
CA VAL A 544 -10.13 -34.59 22.61
C VAL A 544 -9.06 -35.15 21.74
N THR A 545 -8.36 -34.28 21.01
CA THR A 545 -7.27 -34.67 20.14
C THR A 545 -5.96 -34.22 20.71
N LYS A 546 -5.98 -33.71 21.94
CA LYS A 546 -4.78 -33.23 22.59
C LYS A 546 -4.35 -34.09 23.77
N GLU A 547 -3.06 -34.02 24.05
CA GLU A 547 -2.36 -34.66 25.14
C GLU A 547 -2.94 -34.38 26.50
N GLY A 548 -3.06 -35.43 27.32
CA GLY A 548 -3.54 -35.23 28.69
C GLY A 548 -5.04 -35.21 28.87
N LEU A 549 -5.79 -35.83 27.97
CA LEU A 549 -7.22 -35.80 28.13
C LEU A 549 -7.63 -36.50 29.41
N GLU A 550 -8.42 -35.81 30.21
CA GLU A 550 -8.91 -36.35 31.46
C GLU A 550 -10.37 -36.65 31.38
N LEU A 551 -10.74 -37.82 31.86
CA LEU A 551 -12.13 -38.22 31.94
C LEU A 551 -12.44 -38.21 33.44
N PRO A 552 -13.69 -38.05 33.86
CA PRO A 552 -14.10 -38.06 35.26
C PRO A 552 -14.11 -39.49 35.72
N GLU A 553 -12.91 -40.02 35.87
CA GLU A 553 -12.76 -41.44 36.07
C GLU A 553 -13.03 -41.95 37.48
N ASP A 554 -13.56 -43.18 37.51
CA ASP A 554 -13.86 -43.99 38.70
C ASP A 554 -12.60 -44.54 39.30
N GLU A 555 -12.55 -44.72 40.62
CA GLU A 555 -11.33 -45.23 41.23
C GLU A 555 -11.02 -46.66 40.79
N GLU A 556 -12.04 -47.47 40.56
CA GLU A 556 -11.79 -48.86 40.17
C GLU A 556 -11.21 -48.86 38.77
N GLU A 557 -11.74 -47.96 37.95
CA GLU A 557 -11.28 -47.86 36.59
C GLU A 557 -9.85 -47.32 36.58
N LYS A 558 -9.50 -46.42 37.50
CA LYS A 558 -8.14 -45.92 37.54
C LYS A 558 -7.19 -47.06 37.82
N LYS A 559 -7.54 -47.96 38.74
CA LYS A 559 -6.65 -49.07 38.99
C LYS A 559 -6.48 -49.91 37.75
N LYS A 560 -7.56 -50.17 37.02
CA LYS A 560 -7.44 -50.97 35.83
C LYS A 560 -6.60 -50.27 34.78
N GLN A 561 -6.75 -48.96 34.66
CA GLN A 561 -5.97 -48.24 33.66
C GLN A 561 -4.50 -48.31 34.03
N GLU A 562 -4.17 -48.25 35.32
CA GLU A 562 -2.79 -48.33 35.74
C GLU A 562 -2.21 -49.71 35.49
N GLU A 563 -3.04 -50.74 35.64
CA GLU A 563 -2.57 -52.09 35.35
C GLU A 563 -2.25 -52.20 33.87
N LYS A 564 -3.08 -51.60 33.03
CA LYS A 564 -2.83 -51.64 31.60
C LYS A 564 -1.56 -50.87 31.27
N LYS A 565 -1.31 -49.74 31.93
CA LYS A 565 -0.07 -49.04 31.66
C LYS A 565 1.11 -49.92 31.99
N THR A 566 1.03 -50.65 33.09
CA THR A 566 2.11 -51.52 33.48
C THR A 566 2.30 -52.64 32.47
N LYS A 567 1.21 -53.27 32.06
CA LYS A 567 1.26 -54.39 31.13
C LYS A 567 1.96 -54.02 29.85
N PHE A 568 1.68 -52.83 29.36
CA PHE A 568 2.23 -52.39 28.10
C PHE A 568 3.43 -51.47 28.20
N GLU A 569 4.04 -51.33 29.36
CA GLU A 569 5.16 -50.42 29.47
C GLU A 569 6.29 -50.79 28.53
N ASN A 570 6.59 -52.07 28.42
CA ASN A 570 7.69 -52.46 27.57
C ASN A 570 7.34 -52.28 26.14
N LEU A 571 6.08 -52.42 25.80
CA LEU A 571 5.73 -52.21 24.41
C LEU A 571 5.89 -50.76 24.09
N CYS A 572 5.49 -49.89 25.00
CA CYS A 572 5.59 -48.48 24.74
C CYS A 572 7.04 -48.13 24.48
N LYS A 573 7.95 -48.68 25.28
CA LYS A 573 9.36 -48.38 25.10
C LYS A 573 9.90 -48.88 23.78
N ILE A 574 9.48 -50.07 23.38
CA ILE A 574 9.95 -50.59 22.12
C ILE A 574 9.43 -49.73 20.98
N MET A 575 8.16 -49.37 21.04
CA MET A 575 7.62 -48.56 19.98
C MET A 575 8.30 -47.22 19.93
N LYS A 576 8.66 -46.66 21.08
CA LYS A 576 9.35 -45.39 21.05
C LYS A 576 10.67 -45.51 20.35
N ASP A 577 11.41 -46.59 20.56
CA ASP A 577 12.69 -46.69 19.87
C ASP A 577 12.49 -46.77 18.36
N ILE A 578 11.48 -47.50 17.93
CA ILE A 578 11.20 -47.66 16.52
C ILE A 578 10.86 -46.32 15.89
N LEU A 579 10.09 -45.54 16.63
CA LEU A 579 9.60 -44.23 16.29
C LEU A 579 10.37 -43.10 16.98
N GLU A 580 11.62 -43.30 17.37
CA GLU A 580 12.33 -42.23 18.07
C GLU A 580 12.33 -40.92 17.31
N LYS A 581 12.45 -41.00 16.00
CA LYS A 581 12.51 -39.81 15.17
C LYS A 581 11.14 -39.29 14.75
N LYS A 582 10.09 -39.96 15.19
CA LYS A 582 8.75 -39.61 14.78
C LYS A 582 7.86 -38.99 15.87
N VAL A 583 7.96 -39.46 17.12
CA VAL A 583 7.06 -38.96 18.17
C VAL A 583 7.77 -38.56 19.46
N GLU A 584 7.11 -37.74 20.29
CA GLU A 584 7.63 -37.41 21.62
C GLU A 584 7.47 -38.55 22.57
N LYS A 585 6.37 -39.26 22.48
CA LYS A 585 6.21 -40.36 23.41
C LYS A 585 5.17 -41.34 22.95
N VAL A 586 5.23 -42.55 23.49
CA VAL A 586 4.22 -43.55 23.25
C VAL A 586 3.64 -43.94 24.60
N VAL A 587 2.32 -43.80 24.75
CA VAL A 587 1.63 -44.09 26.01
C VAL A 587 0.41 -44.94 25.82
N VAL A 588 -0.11 -45.51 26.89
CA VAL A 588 -1.37 -46.24 26.82
C VAL A 588 -2.54 -45.27 26.88
N SER A 589 -3.44 -45.43 25.92
CA SER A 589 -4.63 -44.64 25.70
C SER A 589 -5.73 -44.76 26.71
N ASN A 590 -6.38 -43.63 26.99
CA ASN A 590 -7.57 -43.62 27.81
C ASN A 590 -8.72 -43.00 27.03
N ARG A 591 -8.60 -42.91 25.70
CA ARG A 591 -9.66 -42.32 24.89
C ARG A 591 -10.14 -43.23 23.77
N LEU A 592 -9.48 -44.36 23.60
CA LEU A 592 -9.80 -45.27 22.50
C LEU A 592 -10.55 -46.50 22.91
N VAL A 593 -11.31 -47.04 21.94
CA VAL A 593 -12.07 -48.28 22.05
C VAL A 593 -11.79 -49.25 20.89
N THR A 594 -12.09 -48.87 19.62
CA THR A 594 -11.91 -49.80 18.50
C THR A 594 -10.67 -49.54 17.64
N SER A 595 -10.08 -48.35 17.72
CA SER A 595 -8.88 -48.12 16.95
C SER A 595 -7.71 -48.63 17.76
N PRO A 596 -6.71 -49.30 17.19
CA PRO A 596 -5.53 -49.74 17.88
C PRO A 596 -4.66 -48.60 18.34
N CYS A 597 -4.83 -47.44 17.74
CA CYS A 597 -4.01 -46.30 18.12
C CYS A 597 -4.48 -44.96 17.56
N CYS A 598 -3.90 -43.90 18.06
CA CYS A 598 -4.19 -42.60 17.46
C CYS A 598 -3.08 -41.65 17.70
N ILE A 599 -3.02 -40.58 16.92
CA ILE A 599 -2.01 -39.57 17.19
C ILE A 599 -2.57 -38.28 17.70
N VAL A 600 -2.09 -37.96 18.87
CA VAL A 600 -2.47 -36.88 19.72
C VAL A 600 -1.51 -35.71 19.66
N THR A 601 -2.04 -34.52 19.48
CA THR A 601 -1.19 -33.35 19.40
C THR A 601 -0.62 -33.07 20.77
N SER A 602 0.66 -32.79 20.88
CA SER A 602 1.20 -32.54 22.21
C SER A 602 0.63 -31.24 22.69
N THR A 603 0.81 -30.95 23.96
CA THR A 603 0.27 -29.74 24.56
C THR A 603 0.56 -28.47 23.76
N TYR A 604 1.78 -28.34 23.29
CA TYR A 604 2.20 -27.16 22.56
C TYR A 604 2.37 -27.33 21.07
N GLY A 605 1.81 -28.38 20.50
CA GLY A 605 2.00 -28.64 19.09
C GLY A 605 0.96 -28.01 18.16
N TRP A 606 0.98 -28.45 16.92
CA TRP A 606 0.11 -27.99 15.87
C TRP A 606 -1.06 -28.90 15.65
N THR A 607 -2.18 -28.33 15.29
CA THR A 607 -3.34 -29.11 14.93
C THR A 607 -3.16 -29.53 13.50
N ALA A 608 -3.98 -30.45 13.02
CA ALA A 608 -3.83 -30.85 11.64
C ALA A 608 -3.99 -29.69 10.70
N ASN A 609 -4.88 -28.77 11.01
CA ASN A 609 -5.05 -27.69 10.07
C ASN A 609 -3.89 -26.75 10.10
N MET A 610 -3.32 -26.49 11.27
CA MET A 610 -2.20 -25.59 11.25
C MET A 610 -1.08 -26.22 10.51
N GLU A 611 -0.91 -27.52 10.68
CA GLU A 611 0.16 -28.19 10.02
C GLU A 611 -0.04 -28.17 8.52
N ARG A 612 -1.27 -28.37 8.05
CA ARG A 612 -1.49 -28.37 6.61
C ARG A 612 -1.14 -27.05 6.00
N ILE A 613 -1.47 -25.95 6.66
CA ILE A 613 -1.16 -24.67 6.04
C ILE A 613 0.34 -24.53 5.99
N MET A 614 0.99 -24.84 7.10
CA MET A 614 2.40 -24.69 7.20
C MET A 614 3.16 -25.51 6.21
N LYS A 615 2.84 -26.77 6.08
CA LYS A 615 3.59 -27.54 5.14
C LYS A 615 3.29 -27.17 3.71
N ALA A 616 2.03 -26.93 3.41
CA ALA A 616 1.73 -26.66 2.05
C ALA A 616 2.33 -25.37 1.52
N GLN A 617 2.32 -24.30 2.33
CA GLN A 617 2.79 -22.99 1.87
C GLN A 617 4.11 -22.47 2.43
N ALA A 618 4.58 -22.96 3.57
CA ALA A 618 5.78 -22.35 4.14
C ALA A 618 7.03 -22.62 3.33
N LEU A 619 7.85 -21.59 3.24
CA LEU A 619 9.16 -21.78 2.65
C LEU A 619 10.06 -21.81 3.84
N ARG A 620 10.72 -22.93 4.05
CA ARG A 620 11.46 -23.18 5.27
C ARG A 620 12.67 -24.07 5.07
N ASP A 621 13.59 -24.06 6.05
CA ASP A 621 14.75 -24.94 6.05
C ASP A 621 14.45 -26.25 6.77
N ASN A 622 13.23 -26.34 7.27
CA ASN A 622 12.67 -27.44 8.01
C ASN A 622 13.32 -27.75 9.34
N SER A 623 14.08 -26.84 9.91
CA SER A 623 14.68 -27.19 11.20
C SER A 623 13.67 -26.95 12.32
N THR A 624 12.91 -25.90 12.16
CA THR A 624 11.91 -25.51 13.12
C THR A 624 10.63 -26.23 12.84
N MET A 625 10.42 -26.54 11.57
CA MET A 625 9.26 -27.29 11.21
C MET A 625 9.42 -28.72 11.65
N GLY A 626 10.63 -29.28 11.51
CA GLY A 626 10.83 -30.66 11.91
C GLY A 626 10.54 -30.76 13.39
N TYR A 627 10.99 -29.77 14.14
CA TYR A 627 10.71 -29.77 15.54
C TYR A 627 9.24 -29.72 15.84
N MET A 628 8.50 -28.79 15.24
CA MET A 628 7.09 -28.74 15.59
C MET A 628 6.32 -29.93 15.11
N ALA A 629 6.68 -30.43 13.95
CA ALA A 629 6.02 -31.55 13.34
C ALA A 629 6.15 -32.78 14.21
N ALA A 630 7.26 -32.89 14.93
CA ALA A 630 7.53 -34.03 15.78
C ALA A 630 6.87 -33.93 17.14
N LYS A 631 6.16 -32.86 17.45
CA LYS A 631 5.57 -32.75 18.77
C LYS A 631 4.23 -33.48 18.87
N LYS A 632 4.33 -34.80 18.84
CA LYS A 632 3.16 -35.67 18.84
C LYS A 632 3.29 -36.84 19.79
N HIS A 633 2.15 -37.30 20.27
CA HIS A 633 2.08 -38.47 21.11
C HIS A 633 1.30 -39.55 20.45
N LEU A 634 1.80 -40.75 20.53
CA LEU A 634 1.10 -41.88 19.96
C LEU A 634 0.46 -42.63 21.09
N GLU A 635 -0.82 -42.89 20.97
CA GLU A 635 -1.44 -43.62 22.04
C GLU A 635 -1.85 -45.00 21.59
N ILE A 636 -1.65 -45.93 22.49
CA ILE A 636 -1.93 -47.34 22.32
C ILE A 636 -3.22 -47.82 22.94
N ASN A 637 -4.05 -48.50 22.16
CA ASN A 637 -5.26 -49.07 22.72
C ASN A 637 -4.91 -50.42 23.35
N PRO A 638 -4.86 -50.54 24.67
CA PRO A 638 -4.38 -51.70 25.38
C PRO A 638 -5.26 -52.92 25.20
N ASP A 639 -6.48 -52.71 24.74
CA ASP A 639 -7.41 -53.79 24.58
C ASP A 639 -7.64 -54.17 23.14
N HIS A 640 -6.87 -53.59 22.24
CA HIS A 640 -7.09 -53.92 20.85
C HIS A 640 -6.38 -55.21 20.53
N SER A 641 -6.95 -56.04 19.69
CA SER A 641 -6.30 -57.29 19.35
C SER A 641 -4.98 -57.10 18.58
N ILE A 642 -4.83 -56.02 17.82
CA ILE A 642 -3.57 -55.82 17.12
C ILE A 642 -2.52 -55.49 18.11
N ILE A 643 -2.83 -54.62 19.04
CA ILE A 643 -1.88 -54.23 20.05
C ILE A 643 -1.48 -55.37 20.93
N GLU A 644 -2.40 -56.21 21.32
CA GLU A 644 -1.98 -57.32 22.16
C GLU A 644 -1.07 -58.26 21.39
N THR A 645 -1.36 -58.50 20.12
CA THR A 645 -0.51 -59.37 19.35
C THR A 645 0.87 -58.76 19.26
N LEU A 646 0.90 -57.46 19.05
CA LEU A 646 2.12 -56.71 18.96
C LEU A 646 2.91 -56.81 20.24
N ARG A 647 2.28 -56.67 21.40
CA ARG A 647 3.02 -56.78 22.64
C ARG A 647 3.73 -58.09 22.71
N GLN A 648 3.03 -59.17 22.36
CA GLN A 648 3.61 -60.47 22.48
C GLN A 648 4.82 -60.64 21.56
N LYS A 649 4.72 -60.12 20.35
CA LYS A 649 5.84 -60.25 19.44
C LYS A 649 7.01 -59.41 19.88
N ALA A 650 6.73 -58.19 20.36
CA ALA A 650 7.77 -57.27 20.77
C ALA A 650 8.55 -57.82 21.93
N GLU A 651 7.86 -58.51 22.84
CA GLU A 651 8.57 -59.09 23.97
C GLU A 651 9.43 -60.26 23.53
N ALA A 652 8.91 -61.08 22.62
CA ALA A 652 9.67 -62.23 22.17
C ALA A 652 10.97 -61.83 21.46
N ASP A 653 10.91 -60.79 20.64
CA ASP A 653 12.09 -60.31 19.93
C ASP A 653 12.01 -58.83 19.61
N LYS A 654 12.79 -58.04 20.32
CA LYS A 654 12.76 -56.61 20.18
C LYS A 654 12.98 -56.14 18.74
N ASN A 655 13.81 -56.86 17.97
CA ASN A 655 14.13 -56.43 16.63
C ASN A 655 13.45 -57.23 15.54
N ASP A 656 12.38 -57.94 15.88
CA ASP A 656 11.72 -58.72 14.86
C ASP A 656 11.32 -57.78 13.74
N LYS A 657 11.71 -58.11 12.52
CA LYS A 657 11.41 -57.25 11.40
C LYS A 657 9.93 -56.99 11.25
N SER A 658 9.09 -57.99 11.53
CA SER A 658 7.65 -57.79 11.35
C SER A 658 7.09 -56.80 12.35
N VAL A 659 7.79 -56.60 13.46
CA VAL A 659 7.37 -55.65 14.45
C VAL A 659 7.81 -54.30 14.00
N LYS A 660 9.04 -54.18 13.53
CA LYS A 660 9.41 -52.86 13.09
C LYS A 660 8.48 -52.37 12.02
N ASP A 661 8.09 -53.23 11.09
CA ASP A 661 7.18 -52.79 10.06
C ASP A 661 5.77 -52.61 10.55
N LEU A 662 5.27 -53.43 11.46
CA LEU A 662 3.93 -53.21 11.94
C LEU A 662 3.83 -51.91 12.70
N VAL A 663 4.82 -51.60 13.52
CA VAL A 663 4.77 -50.38 14.29
C VAL A 663 4.79 -49.19 13.37
N ILE A 664 5.63 -49.19 12.36
CA ILE A 664 5.60 -48.04 11.49
C ILE A 664 4.28 -47.99 10.76
N LEU A 665 3.77 -49.11 10.28
CA LEU A 665 2.53 -49.03 9.57
C LEU A 665 1.43 -48.46 10.42
N LEU A 666 1.34 -48.88 11.69
CA LEU A 666 0.30 -48.33 12.54
C LEU A 666 0.51 -46.85 12.73
N TYR A 667 1.75 -46.42 12.90
CA TYR A 667 2.04 -45.01 13.06
C TYR A 667 1.59 -44.19 11.88
N GLU A 668 1.95 -44.62 10.68
CA GLU A 668 1.61 -43.85 9.50
C GLU A 668 0.10 -43.82 9.34
N THR A 669 -0.55 -44.94 9.64
CA THR A 669 -1.97 -45.00 9.51
C THR A 669 -2.62 -44.05 10.49
N ALA A 670 -2.11 -44.03 11.71
CA ALA A 670 -2.63 -43.15 12.72
C ALA A 670 -2.44 -41.70 12.34
N LEU A 671 -1.34 -41.36 11.67
CA LEU A 671 -1.24 -39.97 11.30
C LEU A 671 -2.32 -39.62 10.35
N LEU A 672 -2.62 -40.52 9.43
CA LEU A 672 -3.66 -40.19 8.49
C LEU A 672 -5.00 -40.09 9.19
N SER A 673 -5.30 -40.97 10.13
CA SER A 673 -6.63 -40.90 10.74
C SER A 673 -6.77 -39.65 11.58
N SER A 674 -5.66 -39.09 12.05
CA SER A 674 -5.69 -37.87 12.82
C SER A 674 -5.64 -36.63 11.94
N GLY A 675 -5.57 -36.83 10.63
CA GLY A 675 -5.55 -35.74 9.68
C GLY A 675 -4.21 -35.11 9.35
N PHE A 676 -3.10 -35.76 9.66
CA PHE A 676 -1.81 -35.19 9.36
C PHE A 676 -1.29 -35.83 8.10
N SER A 677 -0.58 -35.08 7.29
CA SER A 677 0.00 -35.67 6.11
C SER A 677 1.24 -36.45 6.45
N LEU A 678 1.66 -37.30 5.54
CA LEU A 678 2.86 -38.07 5.71
C LEU A 678 3.96 -37.35 4.99
N GLU A 679 5.20 -37.43 5.47
CA GLU A 679 6.25 -36.78 4.72
C GLU A 679 6.55 -37.54 3.43
N ASP A 680 6.23 -38.84 3.39
CA ASP A 680 6.44 -39.60 2.19
C ASP A 680 5.37 -40.64 1.94
N PRO A 681 4.31 -40.28 1.24
CA PRO A 681 3.25 -41.16 0.91
C PRO A 681 3.71 -42.36 0.08
N GLN A 682 4.85 -42.29 -0.62
CA GLN A 682 5.17 -43.46 -1.40
C GLN A 682 5.66 -44.58 -0.52
N THR A 683 6.49 -44.28 0.48
CA THR A 683 6.93 -45.36 1.35
C THR A 683 5.72 -45.98 1.98
N HIS A 684 4.79 -45.16 2.41
CA HIS A 684 3.61 -45.73 3.01
C HIS A 684 2.90 -46.64 2.05
N ALA A 685 2.70 -46.18 0.82
CA ALA A 685 2.00 -47.01 -0.12
C ALA A 685 2.73 -48.31 -0.34
N ASN A 686 4.04 -48.29 -0.33
CA ASN A 686 4.75 -49.51 -0.55
C ASN A 686 4.51 -50.47 0.60
N ARG A 687 4.32 -49.96 1.81
CA ARG A 687 4.07 -50.84 2.93
C ARG A 687 2.74 -51.52 2.72
N ILE A 688 1.79 -50.75 2.20
CA ILE A 688 0.48 -51.27 1.96
C ILE A 688 0.55 -52.31 0.90
N TYR A 689 1.30 -52.05 -0.15
CA TYR A 689 1.37 -52.99 -1.24
C TYR A 689 2.00 -54.27 -0.77
N ARG A 690 3.00 -54.21 0.09
CA ARG A 690 3.54 -55.47 0.56
C ARG A 690 2.47 -56.22 1.34
N MET A 691 1.72 -55.53 2.19
CA MET A 691 0.71 -56.21 2.96
C MET A 691 -0.36 -56.82 2.07
N ILE A 692 -0.71 -56.13 1.00
CA ILE A 692 -1.69 -56.65 0.10
C ILE A 692 -1.18 -57.86 -0.59
N LYS A 693 0.04 -57.81 -1.12
CA LYS A 693 0.43 -58.97 -1.87
C LYS A 693 0.50 -60.16 -0.94
N LEU A 694 0.84 -59.96 0.32
CA LEU A 694 0.89 -61.10 1.21
C LEU A 694 -0.52 -61.65 1.41
N GLY A 695 -1.49 -60.75 1.57
CA GLY A 695 -2.88 -61.12 1.77
C GLY A 695 -3.46 -61.90 0.61
N LEU A 696 -3.00 -61.60 -0.59
CA LEU A 696 -3.45 -62.26 -1.81
C LEU A 696 -2.68 -63.52 -2.16
N GLY A 697 -1.64 -63.88 -1.37
CA GLY A 697 -0.84 -65.05 -1.70
C GLY A 697 0.15 -64.82 -2.83
N ILE A 698 0.57 -63.59 -2.99
CA ILE A 698 1.48 -63.19 -4.04
C ILE A 698 2.91 -63.01 -3.51
N ASP A 699 3.91 -63.54 -4.23
CA ASP A 699 5.35 -63.41 -3.96
C ASP A 699 5.94 -62.35 -4.90
N GLU B 16 16.14 56.14 4.51
CA GLU B 16 15.84 56.01 3.08
C GLU B 16 15.25 54.61 2.79
N VAL B 17 13.91 54.49 2.81
CA VAL B 17 13.19 53.28 2.42
C VAL B 17 12.10 53.67 1.43
N GLU B 18 12.21 53.22 0.18
CA GLU B 18 11.25 53.57 -0.86
C GLU B 18 10.23 52.45 -1.01
N THR B 19 8.95 52.80 -1.01
CA THR B 19 7.91 51.79 -1.12
C THR B 19 7.33 51.73 -2.51
N PHE B 20 7.23 50.52 -3.05
CA PHE B 20 6.70 50.34 -4.41
C PHE B 20 5.41 49.55 -4.43
N ALA B 21 5.28 48.64 -3.47
CA ALA B 21 4.17 47.69 -3.36
C ALA B 21 4.18 46.67 -4.50
N PHE B 22 3.36 45.62 -4.38
CA PHE B 22 3.42 44.52 -5.36
C PHE B 22 2.34 44.45 -6.42
N GLN B 23 2.72 43.87 -7.57
CA GLN B 23 1.79 43.52 -8.62
C GLN B 23 0.68 42.70 -7.99
N ALA B 24 -0.57 43.03 -8.27
CA ALA B 24 -1.67 42.33 -7.61
C ALA B 24 -1.68 40.82 -7.77
N GLU B 25 -1.31 40.32 -8.93
CA GLU B 25 -1.34 38.88 -9.16
C GLU B 25 -0.26 38.15 -8.39
N ILE B 26 0.80 38.83 -8.01
CA ILE B 26 1.87 38.10 -7.37
C ILE B 26 1.58 38.17 -5.91
N ALA B 27 0.96 39.29 -5.49
CA ALA B 27 0.57 39.44 -4.12
C ALA B 27 -0.45 38.35 -3.81
N GLN B 28 -1.31 38.06 -4.79
CA GLN B 28 -2.29 37.03 -4.64
C GLN B 28 -1.64 35.67 -4.49
N LEU B 29 -0.60 35.39 -5.30
CA LEU B 29 0.05 34.11 -5.15
C LEU B 29 0.72 34.00 -3.80
N MET B 30 1.37 35.06 -3.34
CA MET B 30 2.03 34.94 -2.05
C MET B 30 1.04 34.61 -0.97
N SER B 31 -0.17 35.20 -1.04
CA SER B 31 -1.18 34.88 -0.05
C SER B 31 -1.58 33.41 -0.17
N LEU B 32 -1.70 32.88 -1.40
CA LEU B 32 -2.06 31.47 -1.54
C LEU B 32 -0.97 30.58 -0.99
N ILE B 33 0.30 30.94 -1.18
CA ILE B 33 1.39 30.10 -0.68
C ILE B 33 1.37 30.07 0.83
N ILE B 34 1.25 31.26 1.42
CA ILE B 34 1.27 31.45 2.86
C ILE B 34 0.15 30.74 3.56
N ASN B 35 -1.03 30.78 2.99
CA ASN B 35 -2.17 30.17 3.62
C ASN B 35 -2.51 28.74 3.17
N THR B 36 -1.63 28.08 2.42
CA THR B 36 -1.89 26.71 2.01
C THR B 36 -1.17 25.70 2.89
N PHE B 37 -1.86 24.62 3.21
CA PHE B 37 -1.29 23.58 4.05
C PHE B 37 -0.38 22.65 3.28
N TYR B 38 0.79 23.15 2.98
CA TYR B 38 1.77 22.44 2.21
C TYR B 38 2.90 21.89 3.07
N SER B 39 3.06 20.57 3.04
CA SER B 39 4.07 19.90 3.86
C SER B 39 5.46 19.74 3.24
N ASN B 40 5.56 19.73 1.92
CA ASN B 40 6.88 19.50 1.31
C ASN B 40 7.66 20.77 1.15
N LYS B 41 8.08 21.30 2.27
CA LYS B 41 8.70 22.60 2.34
C LYS B 41 10.15 22.60 1.92
N GLU B 42 10.69 21.45 1.62
CA GLU B 42 12.08 21.34 1.18
C GLU B 42 12.28 22.04 -0.17
N ILE B 43 11.17 22.30 -0.90
CA ILE B 43 11.25 22.97 -2.18
C ILE B 43 11.76 24.40 -1.97
N PHE B 44 11.73 24.86 -0.72
CA PHE B 44 12.22 26.14 -0.32
C PHE B 44 13.64 26.32 -0.74
N LEU B 45 14.47 25.36 -0.38
CA LEU B 45 15.86 25.55 -0.65
C LEU B 45 16.11 25.17 -2.08
N ARG B 46 15.34 24.22 -2.60
CA ARG B 46 15.53 23.80 -3.98
C ARG B 46 15.39 25.01 -4.91
N GLU B 47 14.34 25.81 -4.70
CA GLU B 47 14.11 26.96 -5.56
C GLU B 47 15.10 28.08 -5.31
N LEU B 48 15.50 28.30 -4.06
CA LEU B 48 16.45 29.36 -3.82
C LEU B 48 17.78 29.04 -4.49
N ILE B 49 18.19 27.77 -4.46
CA ILE B 49 19.40 27.36 -5.12
C ILE B 49 19.26 27.43 -6.63
N SER B 50 18.14 26.99 -7.16
CA SER B 50 17.93 27.02 -8.60
C SER B 50 18.03 28.43 -9.14
N ASN B 51 17.45 29.38 -8.43
CA ASN B 51 17.49 30.75 -8.87
C ASN B 51 18.89 31.30 -8.79
N SER B 52 19.64 30.88 -7.78
CA SER B 52 21.00 31.32 -7.63
C SER B 52 21.82 30.78 -8.78
N SER B 53 21.56 29.54 -9.15
CA SER B 53 22.27 28.92 -10.24
C SER B 53 21.98 29.67 -11.52
N ASP B 54 20.73 30.04 -11.74
CA ASP B 54 20.40 30.74 -12.97
C ASP B 54 21.16 32.06 -13.07
N ALA B 55 21.31 32.77 -11.95
CA ALA B 55 22.07 34.02 -11.95
C ALA B 55 23.53 33.77 -12.31
N LEU B 56 24.07 32.62 -11.88
CA LEU B 56 25.45 32.27 -12.14
C LEU B 56 25.62 31.89 -13.60
N ASP B 57 24.62 31.26 -14.20
CA ASP B 57 24.80 30.92 -15.58
C ASP B 57 24.65 32.16 -16.43
N LYS B 58 23.75 33.06 -16.05
CA LYS B 58 23.65 34.23 -16.88
C LYS B 58 24.96 35.00 -16.92
N ILE B 59 25.66 35.12 -15.79
CA ILE B 59 26.93 35.86 -15.85
C ILE B 59 27.97 35.08 -16.61
N ARG B 60 27.94 33.76 -16.49
CA ARG B 60 28.87 32.94 -17.23
C ARG B 60 28.67 33.19 -18.72
N TYR B 61 27.42 33.29 -19.17
CA TYR B 61 27.21 33.54 -20.58
C TYR B 61 27.65 34.94 -20.97
N GLU B 62 27.46 35.92 -20.10
CA GLU B 62 27.88 37.27 -20.45
C GLU B 62 29.39 37.32 -20.67
N SER B 63 30.14 36.58 -19.86
CA SER B 63 31.59 36.57 -19.88
C SER B 63 32.15 35.97 -21.16
N LEU B 64 31.30 35.30 -21.94
CA LEU B 64 31.76 34.66 -23.14
C LEU B 64 31.91 35.68 -24.23
N THR B 65 31.17 36.78 -24.16
CA THR B 65 31.29 37.80 -25.19
C THR B 65 31.89 39.06 -24.59
N ASP B 66 31.85 39.17 -23.26
CA ASP B 66 32.39 40.31 -22.54
C ASP B 66 32.98 39.88 -21.19
N PRO B 67 34.25 39.46 -21.17
CA PRO B 67 34.98 38.97 -20.03
C PRO B 67 35.13 39.98 -18.91
N SER B 68 34.89 41.27 -19.17
CA SER B 68 35.10 42.29 -18.13
C SER B 68 34.05 42.15 -17.03
N LYS B 69 33.01 41.37 -17.29
CA LYS B 69 31.96 41.20 -16.32
C LYS B 69 32.42 40.29 -15.19
N LEU B 70 33.57 39.68 -15.37
CA LEU B 70 34.12 38.84 -14.35
C LEU B 70 35.17 39.62 -13.56
N ASP B 71 35.36 40.90 -13.83
CA ASP B 71 36.41 41.59 -13.09
C ASP B 71 35.91 42.18 -11.78
N SER B 72 34.66 41.92 -11.46
CA SER B 72 34.03 42.33 -10.21
C SER B 72 34.05 41.15 -9.25
N GLY B 73 34.62 40.03 -9.71
CA GLY B 73 34.73 38.76 -9.01
C GLY B 73 34.67 37.74 -10.12
N LYS B 74 35.34 36.61 -9.99
CA LYS B 74 35.31 35.70 -11.13
C LYS B 74 34.60 34.42 -10.82
N GLU B 75 34.74 33.99 -9.59
CA GLU B 75 34.25 32.73 -9.09
C GLU B 75 32.74 32.67 -9.15
N LEU B 76 32.20 31.54 -9.57
CA LEU B 76 30.77 31.31 -9.62
C LEU B 76 30.40 30.25 -8.64
N HIS B 77 29.76 30.65 -7.57
CA HIS B 77 29.42 29.72 -6.52
C HIS B 77 28.25 30.18 -5.67
N ILE B 78 27.71 29.25 -4.88
CA ILE B 78 26.64 29.51 -3.93
C ILE B 78 27.06 29.26 -2.47
N ASN B 79 26.86 30.24 -1.61
CA ASN B 79 27.21 30.12 -0.20
C ASN B 79 26.01 30.05 0.72
N LEU B 80 25.84 28.96 1.43
CA LEU B 80 24.72 28.79 2.33
C LEU B 80 25.22 28.98 3.76
N ILE B 81 24.67 29.97 4.46
CA ILE B 81 25.12 30.23 5.82
C ILE B 81 23.91 30.33 6.74
N PRO B 82 23.56 29.30 7.51
CA PRO B 82 22.46 29.38 8.43
C PRO B 82 22.88 30.29 9.57
N ASN B 83 21.95 31.07 10.09
CA ASN B 83 22.20 31.94 11.22
C ASN B 83 21.17 31.74 12.29
N LYS B 84 21.40 30.75 13.12
CA LYS B 84 20.46 30.37 14.14
C LYS B 84 20.23 31.52 15.09
N GLN B 85 21.26 32.33 15.33
CA GLN B 85 21.18 33.43 16.26
C GLN B 85 20.32 34.59 15.72
N ASP B 86 20.11 34.62 14.41
CA ASP B 86 19.30 35.66 13.77
C ASP B 86 17.95 35.09 13.39
N ARG B 87 17.88 33.76 13.38
CA ARG B 87 16.78 32.97 12.88
C ARG B 87 16.58 33.25 11.41
N THR B 88 17.70 33.31 10.68
CA THR B 88 17.66 33.53 9.26
C THR B 88 18.58 32.60 8.51
N LEU B 89 18.34 32.49 7.21
CA LEU B 89 19.23 31.72 6.32
C LEU B 89 19.77 32.60 5.23
N THR B 90 21.08 32.63 5.06
CA THR B 90 21.65 33.46 4.01
C THR B 90 22.14 32.63 2.84
N ILE B 91 21.70 32.96 1.65
CA ILE B 91 22.14 32.28 0.45
C ILE B 91 22.83 33.28 -0.46
N VAL B 92 24.09 33.10 -0.77
CA VAL B 92 24.78 34.09 -1.58
C VAL B 92 25.23 33.56 -2.91
N ASP B 93 24.86 34.19 -3.98
CA ASP B 93 25.41 33.74 -5.23
C ASP B 93 26.21 34.87 -5.81
N THR B 94 27.24 34.52 -6.52
CA THR B 94 28.06 35.49 -7.20
C THR B 94 27.75 35.68 -8.67
N GLY B 95 26.47 35.72 -9.02
CA GLY B 95 26.05 35.86 -10.41
C GLY B 95 25.85 37.30 -10.87
N ILE B 96 24.94 37.48 -11.82
CA ILE B 96 24.72 38.81 -12.43
C ILE B 96 24.21 39.93 -11.53
N GLY B 97 23.45 39.60 -10.50
CA GLY B 97 22.88 40.59 -9.59
C GLY B 97 21.60 41.12 -10.22
N MET B 98 21.00 42.11 -9.61
CA MET B 98 19.76 42.67 -10.12
C MET B 98 19.90 44.15 -10.12
N THR B 99 19.36 44.81 -11.13
CA THR B 99 19.43 46.26 -11.17
C THR B 99 18.38 46.79 -10.25
N LYS B 100 18.44 48.08 -9.93
CA LYS B 100 17.38 48.60 -9.06
C LYS B 100 16.03 48.27 -9.69
N ALA B 101 15.94 48.48 -11.01
CA ALA B 101 14.70 48.28 -11.73
C ALA B 101 14.21 46.86 -11.66
N ASP B 102 15.09 45.89 -11.71
CA ASP B 102 14.60 44.53 -11.68
C ASP B 102 14.11 44.18 -10.31
N LEU B 103 14.78 44.70 -9.31
CA LEU B 103 14.46 44.37 -7.95
C LEU B 103 13.05 44.87 -7.62
N ILE B 104 12.75 46.10 -8.07
CA ILE B 104 11.45 46.70 -7.83
C ILE B 104 10.38 46.18 -8.79
N ASN B 105 10.76 45.81 -10.02
CA ASN B 105 9.78 45.31 -10.97
C ASN B 105 9.52 43.83 -10.74
N ASN B 106 8.85 43.58 -9.63
CA ASN B 106 8.46 42.25 -9.17
C ASN B 106 9.64 41.27 -9.16
N LEU B 107 10.78 41.70 -8.61
CA LEU B 107 11.95 40.88 -8.51
C LEU B 107 12.58 40.36 -9.79
N GLY B 108 12.35 41.04 -10.91
CA GLY B 108 13.11 40.75 -12.10
C GLY B 108 12.63 39.60 -12.94
N THR B 109 11.51 39.02 -12.58
CA THR B 109 11.02 37.89 -13.37
C THR B 109 9.73 38.37 -13.91
N ILE B 110 9.12 37.64 -14.81
CA ILE B 110 7.85 38.15 -15.27
C ILE B 110 6.82 37.52 -14.36
N ALA B 111 6.78 38.04 -13.13
CA ALA B 111 5.91 37.53 -12.09
C ALA B 111 4.50 37.84 -12.47
N LYS B 112 4.35 38.95 -13.16
CA LYS B 112 3.09 39.46 -13.66
C LYS B 112 2.42 38.48 -14.64
N SER B 113 3.17 37.51 -15.16
CA SER B 113 2.66 36.49 -16.06
C SER B 113 2.69 35.14 -15.35
N GLY B 114 3.86 34.80 -14.78
CA GLY B 114 4.09 33.53 -14.15
C GLY B 114 3.22 33.22 -12.96
N THR B 115 2.86 34.20 -12.12
CA THR B 115 2.09 33.77 -10.98
C THR B 115 0.68 33.48 -11.39
N LYS B 116 0.15 34.21 -12.36
CA LYS B 116 -1.20 33.97 -12.80
C LYS B 116 -1.32 32.61 -13.44
N ALA B 117 -0.35 32.26 -14.29
CA ALA B 117 -0.36 30.95 -14.93
C ALA B 117 -0.27 29.84 -13.90
N PHE B 118 0.51 30.06 -12.85
CA PHE B 118 0.64 29.08 -11.81
C PHE B 118 -0.67 28.93 -11.07
N MET B 119 -1.32 30.04 -10.76
CA MET B 119 -2.57 29.95 -10.04
C MET B 119 -3.59 29.18 -10.87
N GLU B 120 -3.60 29.33 -12.19
CA GLU B 120 -4.54 28.52 -12.96
C GLU B 120 -4.19 27.05 -12.79
N ALA B 121 -2.89 26.75 -12.77
CA ALA B 121 -2.49 25.37 -12.60
C ALA B 121 -2.95 24.85 -11.23
N LEU B 122 -2.91 25.70 -10.20
CA LEU B 122 -3.34 25.31 -8.84
C LEU B 122 -4.84 25.06 -8.81
N GLN B 123 -5.60 25.85 -9.56
CA GLN B 123 -7.06 25.70 -9.65
C GLN B 123 -7.38 24.32 -10.23
N ALA B 124 -6.51 23.86 -11.12
CA ALA B 124 -6.63 22.57 -11.79
C ALA B 124 -6.05 21.40 -10.96
N GLY B 125 -5.49 21.67 -9.77
CA GLY B 125 -4.90 20.61 -8.95
C GLY B 125 -3.38 20.52 -8.92
N ALA B 126 -2.67 21.52 -9.45
CA ALA B 126 -1.22 21.52 -9.41
C ALA B 126 -0.73 21.66 -8.00
N ASP B 127 0.44 21.13 -7.76
CA ASP B 127 1.10 21.26 -6.48
C ASP B 127 1.86 22.57 -6.32
N ILE B 128 2.12 22.92 -5.08
CA ILE B 128 2.93 24.06 -4.71
C ILE B 128 4.34 23.86 -5.28
N SER B 129 4.85 22.62 -5.29
CA SER B 129 6.19 22.33 -5.78
C SER B 129 6.39 22.68 -7.25
N MET B 130 5.32 22.94 -8.00
CA MET B 130 5.47 23.30 -9.40
C MET B 130 5.74 24.78 -9.60
N ILE B 131 5.82 25.55 -8.54
CA ILE B 131 6.02 27.00 -8.63
C ILE B 131 7.27 27.44 -9.41
N GLY B 132 8.32 26.65 -9.37
CA GLY B 132 9.54 26.97 -10.08
C GLY B 132 9.36 26.86 -11.59
N GLN B 133 8.32 26.15 -12.02
CA GLN B 133 8.10 25.92 -13.43
C GLN B 133 7.48 27.12 -14.07
N PHE B 134 7.06 28.08 -13.26
CA PHE B 134 6.43 29.27 -13.77
C PHE B 134 7.37 30.46 -13.64
N GLY B 135 8.60 30.20 -13.19
CA GLY B 135 9.60 31.25 -13.03
C GLY B 135 9.38 32.14 -11.82
N VAL B 136 8.62 31.66 -10.84
CA VAL B 136 8.30 32.47 -9.67
C VAL B 136 8.62 31.68 -8.41
N GLY B 137 9.57 30.78 -8.53
CA GLY B 137 9.93 29.84 -7.48
C GLY B 137 10.31 30.45 -6.16
N PHE B 138 10.90 31.63 -6.17
CA PHE B 138 11.34 32.28 -4.95
C PHE B 138 10.24 32.77 -4.04
N TYR B 139 8.99 32.73 -4.47
CA TYR B 139 7.95 33.16 -3.57
C TYR B 139 7.65 32.05 -2.59
N SER B 140 8.21 30.85 -2.84
CA SER B 140 8.07 29.69 -1.98
C SER B 140 8.84 29.94 -0.70
N ALA B 141 9.65 30.99 -0.67
CA ALA B 141 10.39 31.33 0.51
C ALA B 141 9.43 31.51 1.66
N TYR B 142 8.23 32.02 1.39
CA TYR B 142 7.27 32.33 2.42
C TYR B 142 6.60 31.10 3.04
N LEU B 143 6.96 29.92 2.56
CA LEU B 143 6.47 28.73 3.20
C LEU B 143 7.12 28.64 4.57
N VAL B 144 8.39 29.04 4.67
CA VAL B 144 9.10 28.98 5.93
C VAL B 144 9.53 30.33 6.44
N ALA B 145 9.45 31.36 5.59
CA ALA B 145 9.84 32.69 5.97
C ALA B 145 8.64 33.56 6.27
N GLU B 146 8.81 34.51 7.18
CA GLU B 146 7.80 35.51 7.45
C GLU B 146 8.16 36.75 6.66
N LYS B 147 9.46 36.95 6.49
CA LYS B 147 9.99 38.10 5.78
C LYS B 147 11.11 37.64 4.89
N VAL B 148 11.24 38.30 3.75
CA VAL B 148 12.33 38.01 2.83
C VAL B 148 13.14 39.27 2.51
N THR B 149 14.47 39.14 2.62
CA THR B 149 15.39 40.20 2.29
C THR B 149 16.22 39.81 1.09
N VAL B 150 16.29 40.66 0.08
CA VAL B 150 17.11 40.34 -1.09
C VAL B 150 18.11 41.45 -1.33
N ILE B 151 19.39 41.13 -1.27
CA ILE B 151 20.41 42.14 -1.46
C ILE B 151 21.02 41.95 -2.83
N THR B 152 20.97 42.95 -3.67
CA THR B 152 21.51 42.72 -5.00
C THR B 152 22.44 43.79 -5.47
N LYS B 153 23.43 43.39 -6.24
CA LYS B 153 24.37 44.29 -6.86
C LYS B 153 24.59 43.93 -8.30
N HIS B 154 23.94 44.64 -9.20
CA HIS B 154 24.11 44.28 -10.58
C HIS B 154 25.43 44.80 -10.99
N ASN B 155 26.11 44.08 -11.84
CA ASN B 155 27.33 44.70 -12.35
C ASN B 155 26.93 46.03 -12.98
N ASP B 156 27.71 47.07 -12.72
CA ASP B 156 27.47 48.43 -13.22
C ASP B 156 26.24 49.13 -12.59
N ASP B 157 25.77 48.68 -11.42
CA ASP B 157 24.69 49.36 -10.69
C ASP B 157 25.04 49.41 -9.20
N GLU B 158 24.16 50.02 -8.42
CA GLU B 158 24.34 50.15 -6.98
C GLU B 158 23.79 48.94 -6.23
N GLN B 159 24.32 48.68 -5.05
CA GLN B 159 23.80 47.57 -4.28
C GLN B 159 22.60 48.01 -3.46
N TYR B 160 21.49 47.33 -3.68
CA TYR B 160 20.22 47.62 -3.04
C TYR B 160 19.70 46.51 -2.19
N ALA B 161 18.98 46.88 -1.15
CA ALA B 161 18.37 45.92 -0.27
C ALA B 161 16.84 45.96 -0.31
N TRP B 162 16.27 44.89 -0.78
CA TRP B 162 14.83 44.73 -0.90
C TRP B 162 14.33 44.05 0.34
N GLU B 163 13.24 44.50 0.87
CA GLU B 163 12.69 43.83 2.03
C GLU B 163 11.17 43.72 1.89
N SER B 164 10.62 42.54 2.23
CA SER B 164 9.18 42.38 2.17
C SER B 164 8.59 41.32 3.07
N SER B 165 7.38 41.57 3.52
CA SER B 165 6.59 40.65 4.32
C SER B 165 5.42 40.13 3.51
N ALA B 166 5.52 40.31 2.20
CA ALA B 166 4.49 39.99 1.24
C ALA B 166 3.27 40.78 1.66
N GLY B 167 2.07 40.22 1.56
CA GLY B 167 0.93 41.01 2.03
C GLY B 167 0.64 42.23 1.17
N GLY B 168 1.06 42.21 -0.08
CA GLY B 168 0.83 43.36 -0.94
C GLY B 168 1.94 44.40 -0.92
N SER B 169 2.97 44.27 -0.06
CA SER B 169 3.96 45.34 -0.12
C SER B 169 5.41 45.02 0.17
N PHE B 170 6.27 45.81 -0.49
CA PHE B 170 7.70 45.78 -0.29
C PHE B 170 8.33 47.12 -0.54
N THR B 171 9.54 47.24 0.00
CA THR B 171 10.37 48.41 -0.15
C THR B 171 11.80 48.08 -0.56
N VAL B 172 12.50 49.11 -1.04
CA VAL B 172 13.91 49.03 -1.39
C VAL B 172 14.69 50.21 -0.81
N ARG B 173 15.84 49.92 -0.26
CA ARG B 173 16.71 50.95 0.27
C ARG B 173 18.11 50.76 -0.28
N THR B 174 18.93 51.80 -0.30
CA THR B 174 20.31 51.55 -0.69
C THR B 174 20.91 50.66 0.39
N ASP B 175 21.69 49.67 0.00
CA ASP B 175 22.32 48.84 0.99
C ASP B 175 23.55 49.56 1.54
N THR B 176 23.53 49.88 2.82
CA THR B 176 24.61 50.64 3.43
C THR B 176 25.62 49.72 4.11
N GLY B 177 25.41 48.41 3.99
CA GLY B 177 26.30 47.43 4.58
C GLY B 177 27.44 47.10 3.63
N GLU B 178 28.14 45.99 3.88
CA GLU B 178 29.27 45.62 3.07
C GLU B 178 28.79 45.22 1.66
N PRO B 179 29.43 45.73 0.59
CA PRO B 179 29.13 45.38 -0.77
C PRO B 179 29.66 44.00 -1.13
N MET B 180 28.97 43.35 -2.03
CA MET B 180 29.41 42.12 -2.63
C MET B 180 30.24 42.54 -3.81
N GLY B 181 31.14 41.71 -4.32
CA GLY B 181 31.80 42.13 -5.55
C GLY B 181 30.73 42.32 -6.64
N ARG B 182 29.78 41.38 -6.64
CA ARG B 182 28.65 41.31 -7.55
C ARG B 182 27.67 40.32 -7.01
N GLY B 183 26.46 40.31 -7.56
CA GLY B 183 25.57 39.19 -7.29
C GLY B 183 24.41 39.45 -6.38
N THR B 184 23.85 38.37 -5.87
CA THR B 184 22.63 38.40 -5.07
C THR B 184 22.72 37.61 -3.79
N LYS B 185 22.24 38.15 -2.69
CA LYS B 185 22.12 37.28 -1.55
C LYS B 185 20.76 37.37 -0.96
N VAL B 186 20.21 36.24 -0.60
CA VAL B 186 18.88 36.22 -0.07
C VAL B 186 18.90 35.79 1.36
N ILE B 187 18.31 36.60 2.19
CA ILE B 187 18.25 36.31 3.59
C ILE B 187 16.81 36.04 3.95
N LEU B 188 16.56 34.88 4.49
CA LEU B 188 15.21 34.52 4.80
C LEU B 188 15.02 34.64 6.26
N HIS B 189 13.93 35.24 6.70
CA HIS B 189 13.65 35.39 8.11
C HIS B 189 12.62 34.36 8.43
N LEU B 190 13.02 33.36 9.19
CA LEU B 190 12.19 32.19 9.41
C LEU B 190 11.17 32.27 10.49
N LYS B 191 10.12 31.50 10.27
CA LYS B 191 9.05 31.27 11.21
C LYS B 191 9.71 30.45 12.30
N GLU B 192 9.35 30.65 13.56
CA GLU B 192 10.03 29.91 14.63
C GLU B 192 9.90 28.39 14.52
N ASP B 193 8.78 27.90 14.05
CA ASP B 193 8.60 26.47 13.97
C ASP B 193 9.39 25.82 12.83
N GLN B 194 9.95 26.65 11.95
CA GLN B 194 10.68 26.20 10.79
C GLN B 194 12.19 26.35 10.95
N THR B 195 12.67 26.64 12.16
CA THR B 195 14.09 26.89 12.41
C THR B 195 14.95 25.64 12.32
N GLU B 196 14.30 24.48 12.19
CA GLU B 196 14.98 23.22 11.99
C GLU B 196 15.68 23.24 10.64
N TYR B 197 15.27 24.15 9.75
CA TYR B 197 15.87 24.25 8.43
C TYR B 197 17.20 24.95 8.48
N LEU B 198 17.60 25.46 9.65
CA LEU B 198 18.90 26.06 9.79
C LEU B 198 19.88 25.01 10.31
N GLU B 199 19.38 23.81 10.57
CA GLU B 199 20.21 22.75 11.09
C GLU B 199 21.18 22.33 10.03
N GLU B 200 22.43 22.12 10.41
CA GLU B 200 23.44 21.75 9.46
C GLU B 200 23.10 20.45 8.76
N ARG B 201 22.56 19.52 9.52
CA ARG B 201 22.15 18.24 9.00
C ARG B 201 21.06 18.36 7.99
N ARG B 202 20.04 19.14 8.32
CA ARG B 202 18.90 19.22 7.44
C ARG B 202 19.30 19.90 6.13
N ILE B 203 20.16 20.92 6.20
CA ILE B 203 20.56 21.57 4.97
C ILE B 203 21.32 20.59 4.13
N LYS B 204 22.24 19.83 4.72
CA LYS B 204 22.99 18.90 3.92
C LYS B 204 22.07 17.91 3.24
N GLU B 205 21.06 17.42 3.96
CA GLU B 205 20.16 16.45 3.36
C GLU B 205 19.35 17.04 2.22
N ILE B 206 18.90 18.27 2.36
CA ILE B 206 18.09 18.90 1.34
C ILE B 206 18.90 19.16 0.10
N VAL B 207 20.11 19.68 0.26
CA VAL B 207 20.90 19.96 -0.92
C VAL B 207 21.28 18.66 -1.59
N LYS B 208 21.73 17.68 -0.82
CA LYS B 208 22.11 16.41 -1.42
C LYS B 208 20.94 15.73 -2.14
N LYS B 209 19.72 15.87 -1.63
CA LYS B 209 18.59 15.24 -2.28
C LYS B 209 18.00 16.02 -3.45
N HIS B 210 17.96 17.35 -3.36
CA HIS B 210 17.31 18.16 -4.39
C HIS B 210 18.19 19.07 -5.29
N SER B 211 19.44 19.38 -4.89
CA SER B 211 20.29 20.32 -5.62
C SER B 211 21.68 19.76 -5.95
N GLN B 212 21.79 18.45 -5.91
CA GLN B 212 23.04 17.74 -6.14
C GLN B 212 23.54 17.77 -7.57
N PHE B 213 22.71 18.21 -8.48
CA PHE B 213 23.06 18.25 -9.89
C PHE B 213 23.37 19.66 -10.35
N ILE B 214 23.39 20.61 -9.42
CA ILE B 214 23.67 21.98 -9.76
C ILE B 214 25.14 22.12 -10.13
N GLY B 215 25.40 22.74 -11.28
CA GLY B 215 26.75 22.89 -11.79
C GLY B 215 27.72 23.71 -10.95
N TYR B 216 27.23 24.71 -10.22
CA TYR B 216 28.12 25.54 -9.45
C TYR B 216 28.25 24.94 -8.10
N PRO B 217 29.41 25.00 -7.46
CA PRO B 217 29.62 24.45 -6.15
C PRO B 217 28.80 25.22 -5.16
N ILE B 218 28.21 24.49 -4.26
CA ILE B 218 27.39 25.01 -3.20
C ILE B 218 28.09 24.63 -1.92
N THR B 219 28.38 25.59 -1.08
CA THR B 219 29.04 25.25 0.17
C THR B 219 28.27 25.74 1.36
N LEU B 220 28.37 24.99 2.42
CA LEU B 220 27.75 25.28 3.70
C LEU B 220 28.75 25.72 4.77
N PHE B 221 28.47 26.87 5.36
CA PHE B 221 29.35 27.49 6.37
C PHE B 221 28.82 27.32 7.77
N VAL B 222 29.47 26.45 8.57
CA VAL B 222 28.93 26.17 9.90
C VAL B 222 29.92 26.26 11.08
N GLU B 223 29.36 26.46 12.32
CA GLU B 223 30.06 26.50 13.62
C GLU B 223 29.00 26.72 14.69
N ILE B 285 34.81 29.32 10.69
CA ILE B 285 33.81 28.28 10.42
C ILE B 285 34.46 27.11 9.65
N ASP B 286 33.71 26.00 9.57
CA ASP B 286 34.00 24.79 8.81
C ASP B 286 33.20 24.87 7.52
N GLN B 287 33.86 24.95 6.37
CA GLN B 287 33.13 25.11 5.12
C GLN B 287 33.09 23.81 4.33
N GLU B 288 31.89 23.28 4.12
CA GLU B 288 31.73 22.02 3.43
C GLU B 288 30.99 22.10 2.10
N GLU B 289 31.64 21.61 1.04
CA GLU B 289 30.99 21.59 -0.27
C GLU B 289 30.00 20.46 -0.28
N LEU B 290 28.78 20.72 -0.77
CA LEU B 290 27.76 19.69 -0.72
C LEU B 290 27.57 18.95 -2.04
N ASN B 291 27.48 19.67 -3.15
CA ASN B 291 27.36 19.04 -4.47
C ASN B 291 28.75 18.85 -5.00
N LYS B 292 29.51 18.05 -4.27
CA LYS B 292 30.92 17.84 -4.51
C LYS B 292 31.20 17.08 -5.79
N THR B 293 30.35 16.13 -6.11
CA THR B 293 30.56 15.30 -7.28
C THR B 293 29.36 15.30 -8.16
N LYS B 294 29.53 14.83 -9.38
CA LYS B 294 28.42 14.73 -10.28
C LYS B 294 27.59 13.54 -9.84
N PRO B 295 26.30 13.49 -10.14
CA PRO B 295 25.46 12.36 -9.84
C PRO B 295 26.11 11.20 -10.50
N ILE B 296 26.14 10.07 -9.84
CA ILE B 296 26.83 8.96 -10.42
C ILE B 296 26.25 8.52 -11.76
N TRP B 297 24.95 8.66 -11.95
CA TRP B 297 24.37 8.17 -13.18
C TRP B 297 24.63 9.05 -14.37
N THR B 298 25.17 10.25 -14.16
CA THR B 298 25.45 11.16 -15.24
C THR B 298 26.90 11.05 -15.64
N ARG B 299 27.63 10.22 -14.91
CA ARG B 299 29.03 10.04 -15.20
C ARG B 299 29.12 8.95 -16.24
N ASN B 300 30.21 8.91 -16.96
CA ASN B 300 30.42 7.92 -18.00
C ASN B 300 30.49 6.50 -17.42
N PRO B 301 29.63 5.56 -17.83
CA PRO B 301 29.54 4.18 -17.38
C PRO B 301 30.84 3.41 -17.46
N ASP B 302 31.74 3.85 -18.31
CA ASP B 302 33.00 3.14 -18.46
C ASP B 302 34.03 3.57 -17.43
N ASP B 303 33.87 4.78 -16.90
CA ASP B 303 34.83 5.29 -15.95
C ASP B 303 34.42 4.93 -14.54
N ILE B 304 33.13 4.77 -14.32
CA ILE B 304 32.65 4.49 -12.98
C ILE B 304 33.08 3.11 -12.54
N THR B 305 33.64 3.02 -11.34
CA THR B 305 34.13 1.77 -10.80
C THR B 305 33.10 1.06 -9.96
N ASN B 306 33.40 -0.19 -9.60
CA ASN B 306 32.49 -0.97 -8.79
C ASN B 306 32.39 -0.44 -7.40
N GLU B 307 33.45 0.15 -6.91
CA GLU B 307 33.44 0.70 -5.58
C GLU B 307 32.52 1.90 -5.55
N GLU B 308 32.55 2.69 -6.60
CA GLU B 308 31.68 3.85 -6.69
C GLU B 308 30.23 3.45 -6.80
N TYR B 309 29.94 2.40 -7.56
CA TYR B 309 28.56 1.99 -7.66
C TYR B 309 28.13 1.42 -6.33
N GLY B 310 29.05 0.74 -5.67
CA GLY B 310 28.78 0.13 -4.39
C GLY B 310 28.39 1.15 -3.35
N GLU B 311 29.18 2.20 -3.20
CA GLU B 311 28.85 3.20 -2.19
C GLU B 311 27.58 3.92 -2.56
N PHE B 312 27.37 4.16 -3.85
CA PHE B 312 26.17 4.80 -4.25
C PHE B 312 24.99 3.99 -3.84
N TYR B 313 25.02 2.70 -4.15
CA TYR B 313 23.97 1.80 -3.80
C TYR B 313 23.71 1.81 -2.33
N LYS B 314 24.76 1.69 -1.52
CA LYS B 314 24.51 1.63 -0.11
C LYS B 314 23.72 2.85 0.35
N SER B 315 24.09 4.04 -0.15
CA SER B 315 23.39 5.26 0.21
C SER B 315 21.98 5.32 -0.36
N LEU B 316 21.81 4.80 -1.56
CA LEU B 316 20.53 4.78 -2.24
C LEU B 316 19.51 3.96 -1.48
N THR B 317 19.95 2.81 -0.99
CA THR B 317 19.05 1.88 -0.35
C THR B 317 19.20 1.77 1.16
N ASN B 318 20.21 2.42 1.76
CA ASN B 318 20.50 2.31 3.19
C ASN B 318 20.73 0.87 3.54
N ASP B 319 21.44 0.22 2.65
CA ASP B 319 21.78 -1.17 2.75
C ASP B 319 23.22 -1.27 3.16
N TRP B 320 23.46 -1.77 4.34
CA TRP B 320 24.83 -1.85 4.81
C TRP B 320 25.68 -2.74 3.88
N GLU B 321 25.04 -3.65 3.17
CA GLU B 321 25.73 -4.59 2.30
C GLU B 321 25.88 -4.04 0.88
N ASP B 322 26.86 -4.58 0.18
CA ASP B 322 27.09 -4.25 -1.22
C ASP B 322 26.02 -4.82 -2.15
N HIS B 323 25.91 -4.24 -3.34
CA HIS B 323 24.97 -4.66 -4.38
C HIS B 323 25.47 -5.91 -5.07
N LEU B 324 24.55 -6.68 -5.66
CA LEU B 324 24.91 -7.88 -6.42
C LEU B 324 25.41 -7.52 -7.79
N ALA B 325 24.64 -6.70 -8.51
CA ALA B 325 25.02 -6.31 -9.87
C ALA B 325 24.36 -5.03 -10.31
N VAL B 326 24.98 -4.32 -11.24
CA VAL B 326 24.37 -3.11 -11.76
C VAL B 326 24.41 -2.96 -13.24
N LYS B 327 23.31 -2.51 -13.78
CA LYS B 327 23.20 -2.18 -15.16
C LYS B 327 23.18 -0.67 -15.26
N HIS B 328 24.04 -0.10 -16.10
CA HIS B 328 24.09 1.35 -16.27
C HIS B 328 24.07 1.68 -17.73
N PHE B 329 23.06 2.38 -18.15
CA PHE B 329 22.95 2.65 -19.56
C PHE B 329 22.20 3.93 -19.81
N SER B 330 22.24 4.38 -21.04
CA SER B 330 21.48 5.54 -21.42
C SER B 330 21.00 5.38 -22.84
N VAL B 331 19.96 6.11 -23.18
CA VAL B 331 19.44 6.10 -24.54
C VAL B 331 19.25 7.50 -25.04
N GLU B 332 19.19 7.66 -26.36
CA GLU B 332 18.90 8.95 -26.97
C GLU B 332 18.08 8.78 -28.25
N GLY B 333 17.74 9.88 -28.89
CA GLY B 333 16.95 9.78 -30.11
C GLY B 333 15.55 10.24 -29.81
N GLN B 334 14.55 9.47 -30.20
CA GLN B 334 13.18 9.91 -29.99
C GLN B 334 12.81 9.88 -28.52
N LEU B 335 13.64 9.21 -27.74
CA LEU B 335 13.53 9.11 -26.31
C LEU B 335 14.89 9.27 -25.70
N GLU B 336 15.00 10.10 -24.69
CA GLU B 336 16.25 10.23 -23.99
C GLU B 336 16.12 10.10 -22.48
N PHE B 337 16.95 9.21 -21.91
CA PHE B 337 17.03 9.02 -20.46
C PHE B 337 18.30 8.31 -20.08
N ARG B 338 18.63 8.34 -18.81
CA ARG B 338 19.76 7.58 -18.29
C ARG B 338 19.27 6.73 -17.13
N ALA B 339 19.85 5.56 -16.89
CA ALA B 339 19.40 4.81 -15.73
C ALA B 339 20.40 3.86 -15.10
N LEU B 340 20.21 3.68 -13.79
CA LEU B 340 20.94 2.71 -12.99
C LEU B 340 20.03 1.74 -12.33
N LEU B 341 20.24 0.48 -12.62
CA LEU B 341 19.42 -0.54 -12.06
C LEU B 341 20.27 -1.51 -11.26
N PHE B 342 19.98 -1.60 -9.97
CA PHE B 342 20.74 -2.45 -9.07
C PHE B 342 19.99 -3.64 -8.56
N VAL B 343 20.68 -4.75 -8.54
CA VAL B 343 20.18 -5.96 -7.96
C VAL B 343 20.82 -6.12 -6.59
N PRO B 344 20.03 -6.18 -5.51
CA PRO B 344 20.45 -6.40 -4.14
C PRO B 344 21.01 -7.79 -3.96
N ARG B 345 21.82 -7.99 -2.93
CA ARG B 345 22.34 -9.33 -2.68
C ARG B 345 21.39 -10.20 -1.89
N ARG B 346 20.33 -9.61 -1.38
CA ARG B 346 19.33 -10.31 -0.61
C ARG B 346 17.96 -9.87 -1.04
N ALA B 347 17.02 -10.77 -0.97
CA ALA B 347 15.66 -10.42 -1.28
C ALA B 347 15.18 -9.45 -0.21
N PRO B 348 14.25 -8.53 -0.50
CA PRO B 348 13.66 -7.61 0.44
C PRO B 348 13.06 -8.34 1.62
N PHE B 349 13.25 -7.78 2.80
CA PHE B 349 12.73 -8.34 4.05
C PHE B 349 11.36 -7.80 4.41
N ASP B 350 10.56 -8.72 4.99
CA ASP B 350 9.17 -8.60 5.46
C ASP B 350 8.84 -7.41 6.35
N LEU B 351 9.81 -6.77 6.97
CA LEU B 351 9.49 -5.67 7.83
C LEU B 351 8.69 -4.62 7.05
N PHE B 352 7.58 -4.20 7.64
CA PHE B 352 6.66 -3.25 7.02
C PHE B 352 7.27 -1.87 6.84
N GLU B 353 8.30 -1.57 7.61
CA GLU B 353 9.00 -0.31 7.52
C GLU B 353 9.74 -0.25 6.17
N ASN B 354 9.99 -1.42 5.56
CA ASN B 354 10.67 -1.50 4.28
C ASN B 354 9.62 -1.62 3.17
N ARG B 355 8.62 -2.48 3.38
CA ARG B 355 7.64 -2.75 2.34
C ARG B 355 6.81 -1.53 1.99
N LYS B 356 6.51 -0.70 2.97
CA LYS B 356 5.69 0.48 2.73
C LYS B 356 6.39 1.55 1.90
N LYS B 357 7.70 1.43 1.69
CA LYS B 357 8.45 2.41 0.93
C LYS B 357 8.55 2.11 -0.57
N LYS B 358 8.10 0.92 -1.00
CA LYS B 358 8.26 0.54 -2.41
C LYS B 358 7.34 1.42 -3.24
N ASN B 359 7.59 1.64 -4.55
CA ASN B 359 8.63 1.12 -5.46
C ASN B 359 9.92 1.95 -5.47
N ASN B 360 11.00 1.42 -4.91
CA ASN B 360 12.17 2.25 -4.68
C ASN B 360 13.22 2.45 -5.78
N ILE B 361 12.75 3.08 -6.82
CA ILE B 361 13.56 3.56 -7.92
C ILE B 361 13.33 5.04 -7.93
N LYS B 362 14.36 5.84 -7.76
CA LYS B 362 14.15 7.28 -7.74
C LYS B 362 13.96 7.79 -9.14
N LEU B 363 13.05 8.72 -9.29
CA LEU B 363 12.85 9.35 -10.57
C LEU B 363 13.30 10.77 -10.55
N TYR B 364 14.05 11.12 -11.56
CA TYR B 364 14.48 12.47 -11.81
C TYR B 364 14.03 12.83 -13.21
N VAL B 365 13.65 14.07 -13.41
CA VAL B 365 13.30 14.55 -14.74
C VAL B 365 14.08 15.81 -14.97
N ARG B 366 14.87 15.88 -16.03
CA ARG B 366 15.75 17.03 -16.27
C ARG B 366 16.64 17.21 -15.04
N ARG B 367 17.07 16.10 -14.44
CA ARG B 367 17.89 16.03 -13.22
C ARG B 367 17.18 16.60 -11.99
N VAL B 368 15.89 16.88 -12.07
CA VAL B 368 15.15 17.37 -10.94
C VAL B 368 14.55 16.22 -10.19
N PHE B 369 14.80 16.12 -8.90
CA PHE B 369 14.21 14.99 -8.21
C PHE B 369 12.73 15.09 -8.21
N ILE B 370 12.08 14.01 -8.57
CA ILE B 370 10.65 14.01 -8.56
C ILE B 370 10.12 13.21 -7.40
N MET B 371 10.55 11.97 -7.29
CA MET B 371 9.99 11.13 -6.23
C MET B 371 10.74 9.85 -5.92
N ASP B 372 10.48 9.33 -4.71
CA ASP B 372 11.05 8.07 -4.24
C ASP B 372 10.24 6.82 -4.59
N ASN B 373 8.92 6.97 -4.73
CA ASN B 373 8.02 5.85 -5.04
C ASN B 373 7.57 5.86 -6.49
N CYS B 374 8.20 5.08 -7.32
CA CYS B 374 7.88 5.17 -8.73
C CYS B 374 7.03 4.07 -9.28
N GLU B 375 5.77 4.20 -8.97
CA GLU B 375 4.79 3.24 -9.41
C GLU B 375 4.71 3.41 -10.92
N GLU B 376 4.46 2.31 -11.62
CA GLU B 376 4.34 2.24 -13.08
C GLU B 376 5.65 2.47 -13.82
N LEU B 377 6.78 2.56 -13.12
CA LEU B 377 8.04 2.73 -13.79
C LEU B 377 8.65 1.40 -14.20
N ILE B 378 8.46 0.39 -13.39
CA ILE B 378 8.99 -0.94 -13.64
C ILE B 378 7.84 -1.89 -13.24
N PRO B 379 7.61 -3.03 -13.89
CA PRO B 379 6.60 -3.98 -13.51
C PRO B 379 6.87 -4.49 -12.13
N GLU B 380 5.81 -4.82 -11.40
CA GLU B 380 5.93 -5.30 -10.03
C GLU B 380 6.81 -6.52 -9.87
N TYR B 381 6.82 -7.41 -10.83
CA TYR B 381 7.64 -8.60 -10.64
C TYR B 381 9.11 -8.26 -10.51
N LEU B 382 9.53 -7.11 -11.00
CA LEU B 382 10.91 -6.71 -10.92
C LEU B 382 11.15 -5.73 -9.80
N ASN B 383 10.16 -5.55 -8.94
CA ASN B 383 10.25 -4.57 -7.89
C ASN B 383 11.05 -5.09 -6.72
N PHE B 384 12.33 -5.20 -6.97
CA PHE B 384 13.34 -5.64 -6.05
C PHE B 384 14.59 -4.97 -6.54
N ILE B 385 14.49 -4.44 -7.76
CA ILE B 385 15.56 -3.69 -8.37
C ILE B 385 15.49 -2.30 -7.84
N ARG B 386 16.60 -1.81 -7.37
CA ARG B 386 16.66 -0.49 -6.77
C ARG B 386 17.35 0.41 -7.75
N GLY B 387 17.03 1.68 -7.77
CA GLY B 387 17.77 2.43 -8.77
C GLY B 387 17.38 3.87 -8.95
N VAL B 388 17.89 4.43 -10.04
CA VAL B 388 17.66 5.79 -10.48
C VAL B 388 17.36 5.89 -11.96
N VAL B 389 16.31 6.60 -12.31
CA VAL B 389 16.03 6.86 -13.71
C VAL B 389 15.95 8.35 -13.89
N ASP B 390 16.67 8.90 -14.86
CA ASP B 390 16.67 10.33 -15.09
C ASP B 390 16.28 10.62 -16.54
N SER B 391 15.04 11.05 -16.71
CA SER B 391 14.42 11.26 -18.03
C SER B 391 14.49 12.68 -18.52
N GLU B 392 14.61 12.87 -19.83
CA GLU B 392 14.59 14.21 -20.40
C GLU B 392 13.27 14.56 -21.10
N ASP B 393 12.57 13.57 -21.64
CA ASP B 393 11.35 13.88 -22.37
C ASP B 393 10.14 13.94 -21.48
N LEU B 394 10.15 13.21 -20.39
CA LEU B 394 8.98 13.15 -19.55
C LEU B 394 8.76 14.58 -19.03
N PRO B 395 7.54 15.16 -19.08
CA PRO B 395 7.20 16.48 -18.58
C PRO B 395 7.42 16.60 -17.10
N LEU B 396 7.72 17.82 -16.64
CA LEU B 396 7.89 18.09 -15.21
C LEU B 396 6.54 18.28 -14.53
N ASN B 397 5.49 18.32 -15.33
CA ASN B 397 4.15 18.50 -14.79
C ASN B 397 3.63 17.15 -14.33
N ILE B 398 4.18 16.74 -13.22
CA ILE B 398 3.99 15.42 -12.68
C ILE B 398 3.02 15.29 -11.55
N SER B 399 2.13 14.36 -11.79
CA SER B 399 1.09 13.89 -10.93
C SER B 399 1.02 12.44 -11.27
N ARG B 400 0.46 11.63 -10.40
CA ARG B 400 0.42 10.22 -10.70
C ARG B 400 -0.38 9.92 -11.95
N GLU B 401 -1.44 10.68 -12.16
CA GLU B 401 -2.31 10.46 -13.30
C GLU B 401 -1.63 10.79 -14.62
N MET B 402 -0.85 11.88 -14.66
CA MET B 402 -0.16 12.23 -15.89
C MET B 402 0.76 11.09 -16.24
N LEU B 403 1.46 10.58 -15.23
CA LEU B 403 2.41 9.53 -15.47
C LEU B 403 1.74 8.26 -15.96
N GLN B 404 0.59 7.91 -15.39
CA GLN B 404 -0.12 6.70 -15.79
C GLN B 404 -0.54 6.77 -17.24
N GLN B 405 -0.89 7.96 -17.68
CA GLN B 405 -1.33 8.19 -19.04
C GLN B 405 -0.22 8.59 -19.99
N SER B 406 1.01 8.60 -19.52
CA SER B 406 2.10 9.04 -20.37
C SER B 406 2.67 7.94 -21.23
N LYS B 407 2.69 8.20 -22.53
CA LYS B 407 3.27 7.24 -23.46
C LYS B 407 4.78 7.22 -23.29
N ILE B 408 5.33 8.28 -22.70
CA ILE B 408 6.75 8.37 -22.49
C ILE B 408 7.08 7.43 -21.39
N LEU B 409 6.30 7.46 -20.32
CA LEU B 409 6.61 6.57 -19.24
C LEU B 409 6.46 5.14 -19.70
N LYS B 410 5.42 4.85 -20.50
CA LYS B 410 5.24 3.51 -21.00
C LYS B 410 6.47 3.01 -21.75
N VAL B 411 7.01 3.84 -22.64
CA VAL B 411 8.17 3.40 -23.37
C VAL B 411 9.35 3.21 -22.46
N ILE B 412 9.54 4.11 -21.51
CA ILE B 412 10.66 3.96 -20.62
C ILE B 412 10.52 2.66 -19.88
N ARG B 413 9.33 2.35 -19.39
CA ARG B 413 9.16 1.11 -18.67
C ARG B 413 9.52 -0.09 -19.49
N LYS B 414 9.10 -0.17 -20.75
CA LYS B 414 9.46 -1.39 -21.46
C LYS B 414 10.96 -1.44 -21.70
N ASN B 415 11.60 -0.29 -21.85
CA ASN B 415 13.02 -0.33 -22.04
C ASN B 415 13.75 -0.73 -20.78
N LEU B 416 13.27 -0.31 -19.61
CA LEU B 416 13.94 -0.68 -18.39
C LEU B 416 13.82 -2.18 -18.19
N VAL B 417 12.68 -2.74 -18.57
CA VAL B 417 12.51 -4.17 -18.41
C VAL B 417 13.48 -4.89 -19.28
N LYS B 418 13.61 -4.48 -20.54
CA LYS B 418 14.53 -5.19 -21.38
C LYS B 418 15.91 -5.15 -20.82
N LYS B 419 16.31 -4.03 -20.27
CA LYS B 419 17.63 -3.94 -19.70
C LYS B 419 17.78 -4.81 -18.47
N CYS B 420 16.72 -4.93 -17.68
CA CYS B 420 16.81 -5.76 -16.51
C CYS B 420 17.07 -7.19 -16.95
N LEU B 421 16.38 -7.60 -18.01
CA LEU B 421 16.54 -8.93 -18.51
C LEU B 421 17.93 -9.13 -19.06
N GLU B 422 18.51 -8.10 -19.69
CA GLU B 422 19.86 -8.26 -20.17
C GLU B 422 20.79 -8.47 -18.99
N LEU B 423 20.57 -7.76 -17.89
CA LEU B 423 21.44 -7.92 -16.73
C LEU B 423 21.32 -9.32 -16.21
N PHE B 424 20.10 -9.85 -16.17
CA PHE B 424 19.89 -11.17 -15.66
C PHE B 424 20.59 -12.17 -16.53
N THR B 425 20.58 -11.96 -17.84
CA THR B 425 21.27 -12.86 -18.71
C THR B 425 22.75 -12.83 -18.42
N GLU B 426 23.32 -11.65 -18.23
CA GLU B 426 24.74 -11.60 -17.95
C GLU B 426 25.03 -12.34 -16.66
N LEU B 427 24.14 -12.22 -15.69
CA LEU B 427 24.35 -12.95 -14.47
C LEU B 427 24.25 -14.43 -14.76
N ALA B 428 23.33 -14.83 -15.63
CA ALA B 428 23.13 -16.24 -15.97
C ALA B 428 24.39 -16.87 -16.52
N GLU B 429 25.19 -16.10 -17.24
CA GLU B 429 26.43 -16.63 -17.77
C GLU B 429 27.44 -17.01 -16.67
N ASP B 430 27.37 -16.35 -15.52
CA ASP B 430 28.23 -16.57 -14.38
C ASP B 430 27.60 -17.60 -13.45
N LYS B 431 28.00 -18.85 -13.56
CA LYS B 431 27.27 -19.87 -12.81
C LYS B 431 27.27 -19.66 -11.30
N GLU B 432 28.40 -19.26 -10.75
CA GLU B 432 28.47 -19.13 -9.31
C GLU B 432 27.65 -17.99 -8.78
N ASN B 433 27.67 -16.86 -9.47
CA ASN B 433 26.91 -15.75 -8.96
C ASN B 433 25.47 -15.83 -9.39
N TYR B 434 25.18 -16.55 -10.47
CA TYR B 434 23.80 -16.65 -10.86
C TYR B 434 23.12 -17.44 -9.81
N LYS B 435 23.74 -18.52 -9.35
CA LYS B 435 23.06 -19.29 -8.36
C LYS B 435 22.75 -18.45 -7.14
N LYS B 436 23.66 -17.57 -6.71
CA LYS B 436 23.34 -16.77 -5.53
C LYS B 436 22.11 -15.90 -5.80
N PHE B 437 22.08 -15.31 -6.99
CA PHE B 437 20.99 -14.48 -7.40
C PHE B 437 19.69 -15.23 -7.42
N TYR B 438 19.68 -16.37 -8.04
CA TYR B 438 18.51 -17.19 -8.23
C TYR B 438 17.94 -17.58 -6.90
N GLU B 439 18.79 -17.97 -5.97
CA GLU B 439 18.30 -18.37 -4.68
C GLU B 439 17.50 -17.26 -4.03
N GLN B 440 17.91 -16.00 -4.22
CA GLN B 440 17.15 -14.93 -3.63
C GLN B 440 15.98 -14.44 -4.50
N PHE B 441 16.12 -14.45 -5.81
CA PHE B 441 15.10 -13.89 -6.68
C PHE B 441 14.38 -14.81 -7.65
N SER B 442 14.47 -16.12 -7.49
CA SER B 442 13.79 -17.00 -8.41
C SER B 442 12.30 -16.80 -8.41
N LYS B 443 11.72 -16.38 -7.29
CA LYS B 443 10.30 -16.20 -7.28
C LYS B 443 9.89 -15.01 -8.12
N ASN B 444 10.80 -14.07 -8.32
CA ASN B 444 10.46 -12.89 -9.08
C ASN B 444 10.50 -13.22 -10.54
N ILE B 445 11.39 -14.11 -10.92
CA ILE B 445 11.46 -14.52 -12.29
C ILE B 445 10.17 -15.22 -12.60
N LYS B 446 9.79 -16.10 -11.69
CA LYS B 446 8.60 -16.90 -11.83
C LYS B 446 7.34 -16.03 -11.85
N LEU B 447 7.28 -14.97 -11.05
CA LEU B 447 6.10 -14.15 -11.16
C LEU B 447 6.04 -13.58 -12.57
N GLY B 448 7.20 -13.16 -13.05
CA GLY B 448 7.29 -12.60 -14.37
C GLY B 448 6.96 -13.58 -15.45
N ILE B 449 7.35 -14.84 -15.32
CA ILE B 449 7.09 -15.73 -16.43
C ILE B 449 5.61 -15.86 -16.61
N HIS B 450 4.90 -15.81 -15.48
CA HIS B 450 3.48 -15.88 -15.51
C HIS B 450 2.84 -14.62 -16.11
N GLU B 451 3.22 -13.44 -15.62
CA GLU B 451 2.57 -12.21 -16.05
C GLU B 451 3.07 -11.53 -17.33
N ASP B 452 4.36 -11.58 -17.59
CA ASP B 452 4.87 -10.85 -18.72
C ASP B 452 4.83 -11.67 -19.96
N SER B 453 3.77 -11.47 -20.71
CA SER B 453 3.50 -12.24 -21.92
C SER B 453 4.45 -11.93 -23.07
N GLN B 454 5.23 -10.85 -22.97
CA GLN B 454 6.11 -10.51 -24.08
C GLN B 454 7.54 -10.94 -23.82
N ASN B 455 7.95 -10.89 -22.57
CA ASN B 455 9.30 -11.26 -22.23
C ASN B 455 9.33 -12.64 -21.66
N ARG B 456 8.24 -13.35 -21.83
CA ARG B 456 8.14 -14.69 -21.33
C ARG B 456 9.26 -15.55 -21.87
N LYS B 457 9.66 -15.37 -23.13
CA LYS B 457 10.71 -16.23 -23.63
C LYS B 457 12.03 -15.98 -22.92
N LYS B 458 12.35 -14.71 -22.69
CA LYS B 458 13.62 -14.39 -22.07
C LYS B 458 13.60 -14.79 -20.62
N LEU B 459 12.46 -14.71 -20.02
CA LEU B 459 12.34 -15.12 -18.65
C LEU B 459 12.47 -16.63 -18.53
N SER B 460 11.96 -17.40 -19.48
CA SER B 460 12.04 -18.85 -19.32
C SER B 460 13.48 -19.33 -19.33
N GLU B 461 14.32 -18.61 -20.02
CA GLU B 461 15.74 -18.93 -20.14
C GLU B 461 16.48 -18.77 -18.82
N LEU B 462 15.89 -18.01 -17.90
CA LEU B 462 16.49 -17.72 -16.62
C LEU B 462 16.05 -18.69 -15.54
N LEU B 463 15.16 -19.61 -15.86
CA LEU B 463 14.69 -20.53 -14.84
C LEU B 463 15.67 -21.63 -14.61
N ARG B 464 15.77 -22.06 -13.37
CA ARG B 464 16.64 -23.17 -13.03
C ARG B 464 15.87 -24.15 -12.15
N TYR B 465 16.02 -25.42 -12.45
CA TYR B 465 15.34 -26.49 -11.73
C TYR B 465 16.23 -27.65 -11.40
N TYR B 466 15.89 -28.38 -10.35
CA TYR B 466 16.57 -29.63 -10.12
C TYR B 466 15.95 -30.59 -11.08
N THR B 467 16.68 -31.56 -11.55
CA THR B 467 16.06 -32.55 -12.39
C THR B 467 16.53 -33.90 -11.93
N SER B 468 15.94 -34.93 -12.46
CA SER B 468 16.29 -36.30 -12.15
C SER B 468 17.68 -36.67 -12.61
N ALA B 469 18.28 -35.86 -13.46
CA ALA B 469 19.60 -36.17 -13.96
C ALA B 469 20.58 -35.06 -13.63
N SER B 470 20.24 -34.17 -12.70
CA SER B 470 21.14 -33.07 -12.39
C SER B 470 21.91 -33.32 -11.13
N GLY B 471 21.67 -34.43 -10.47
CA GLY B 471 22.30 -34.60 -9.19
C GLY B 471 21.70 -33.52 -8.31
N ASP B 472 22.54 -32.67 -7.73
CA ASP B 472 22.07 -31.59 -6.88
C ASP B 472 22.20 -30.23 -7.52
N GLU B 473 22.41 -30.19 -8.82
CA GLU B 473 22.54 -28.92 -9.50
C GLU B 473 21.24 -28.43 -10.05
N MET B 474 21.12 -27.14 -10.21
CA MET B 474 19.94 -26.67 -10.87
C MET B 474 20.35 -26.37 -12.27
N VAL B 475 19.54 -26.76 -13.22
CA VAL B 475 19.89 -26.57 -14.59
C VAL B 475 18.83 -25.84 -15.34
N SER B 476 19.20 -25.31 -16.50
CA SER B 476 18.29 -24.56 -17.34
C SER B 476 17.50 -25.43 -18.25
N LEU B 477 16.43 -24.89 -18.75
CA LEU B 477 15.63 -25.62 -19.71
C LEU B 477 16.46 -25.89 -20.97
N LYS B 478 17.44 -25.05 -21.25
CA LYS B 478 18.27 -25.30 -22.43
C LYS B 478 19.19 -26.50 -22.21
N ASP B 479 19.46 -26.85 -20.95
CA ASP B 479 20.39 -27.91 -20.66
C ASP B 479 19.64 -29.20 -20.77
N TYR B 480 18.37 -29.10 -20.43
CA TYR B 480 17.46 -30.20 -20.58
C TYR B 480 17.39 -30.53 -22.05
N CYS B 481 17.21 -29.51 -22.90
CA CYS B 481 17.11 -29.76 -24.32
C CYS B 481 18.33 -30.45 -24.87
N THR B 482 19.50 -30.07 -24.39
CA THR B 482 20.73 -30.69 -24.82
C THR B 482 20.93 -32.13 -24.37
N ARG B 483 20.07 -32.64 -23.51
CA ARG B 483 20.13 -34.01 -23.06
C ARG B 483 18.89 -34.82 -23.48
N MET B 484 18.09 -34.28 -24.41
CA MET B 484 16.90 -35.00 -24.87
C MET B 484 17.25 -36.15 -25.78
N LYS B 485 16.41 -37.19 -25.75
CA LYS B 485 16.55 -38.37 -26.57
C LYS B 485 15.93 -38.16 -27.93
N GLU B 486 16.36 -38.96 -28.88
CA GLU B 486 15.83 -38.85 -30.21
C GLU B 486 14.36 -39.06 -30.21
N ASN B 487 13.68 -38.20 -30.94
CA ASN B 487 12.24 -38.17 -31.13
C ASN B 487 11.47 -37.89 -29.86
N GLN B 488 12.13 -37.29 -28.89
CA GLN B 488 11.48 -36.84 -27.71
C GLN B 488 10.99 -35.45 -28.05
N LYS B 489 9.68 -35.24 -28.00
CA LYS B 489 9.13 -33.96 -28.38
C LYS B 489 8.61 -33.19 -27.20
N HIS B 490 8.87 -33.73 -26.03
CA HIS B 490 8.36 -33.12 -24.84
C HIS B 490 9.36 -33.00 -23.74
N ILE B 491 9.13 -32.01 -22.92
CA ILE B 491 9.89 -31.79 -21.73
C ILE B 491 9.06 -32.26 -20.56
N TYR B 492 9.55 -33.26 -19.86
CA TYR B 492 8.75 -33.86 -18.81
C TYR B 492 9.03 -33.24 -17.47
N TYR B 493 7.97 -32.96 -16.72
CA TYR B 493 8.14 -32.42 -15.37
C TYR B 493 7.13 -32.97 -14.40
N ILE B 494 7.49 -32.90 -13.14
CA ILE B 494 6.66 -33.31 -12.03
C ILE B 494 6.65 -32.25 -10.96
N THR B 495 5.54 -32.04 -10.29
CA THR B 495 5.56 -31.06 -9.20
C THR B 495 5.39 -31.77 -7.86
N GLY B 496 5.79 -31.13 -6.76
CA GLY B 496 5.64 -31.76 -5.44
C GLY B 496 6.05 -30.86 -4.29
N GLU B 497 6.12 -31.43 -3.07
CA GLU B 497 6.50 -30.63 -1.91
C GLU B 497 8.00 -30.66 -1.76
N THR B 498 8.58 -31.84 -1.96
CA THR B 498 10.02 -31.97 -1.78
C THR B 498 10.66 -32.66 -2.96
N LYS B 499 11.97 -32.51 -3.06
CA LYS B 499 12.74 -33.12 -4.13
C LYS B 499 12.61 -34.63 -4.09
N ASP B 500 12.63 -35.18 -2.90
CA ASP B 500 12.58 -36.62 -2.77
C ASP B 500 11.21 -37.19 -3.00
N GLN B 501 10.17 -36.43 -2.77
CA GLN B 501 8.87 -36.97 -3.05
C GLN B 501 8.69 -37.12 -4.51
N VAL B 502 9.19 -36.14 -5.26
CA VAL B 502 9.00 -36.27 -6.67
C VAL B 502 9.97 -37.29 -7.24
N ALA B 503 11.19 -37.32 -6.72
CA ALA B 503 12.18 -38.24 -7.23
C ALA B 503 11.77 -39.67 -7.10
N ASN B 504 11.09 -40.00 -6.03
CA ASN B 504 10.69 -41.35 -5.78
C ASN B 504 9.23 -41.61 -6.15
N SER B 505 8.62 -40.67 -6.84
CA SER B 505 7.24 -40.75 -7.21
C SER B 505 6.93 -41.84 -8.17
N ALA B 506 5.77 -42.42 -8.01
CA ALA B 506 5.31 -43.47 -8.90
C ALA B 506 5.22 -42.98 -10.33
N PHE B 507 4.94 -41.70 -10.52
CA PHE B 507 4.71 -41.13 -11.82
C PHE B 507 5.90 -41.10 -12.72
N VAL B 508 7.08 -41.28 -12.17
CA VAL B 508 8.26 -41.22 -12.97
C VAL B 508 8.98 -42.56 -13.05
N GLU B 509 8.32 -43.65 -12.64
CA GLU B 509 9.00 -44.93 -12.69
C GLU B 509 9.39 -45.35 -14.09
N ARG B 510 8.50 -45.16 -15.06
CA ARG B 510 8.84 -45.55 -16.41
C ARG B 510 9.73 -44.54 -17.07
N LEU B 511 9.56 -43.29 -16.75
CA LEU B 511 10.38 -42.31 -17.41
C LEU B 511 11.82 -42.58 -17.04
N ARG B 512 12.09 -42.95 -15.78
CA ARG B 512 13.46 -43.27 -15.47
C ARG B 512 13.89 -44.52 -16.22
N LYS B 513 12.99 -45.51 -16.32
CA LYS B 513 13.30 -46.75 -17.01
C LYS B 513 13.72 -46.52 -18.43
N HIS B 514 13.11 -45.55 -19.09
CA HIS B 514 13.43 -45.27 -20.47
C HIS B 514 14.60 -44.31 -20.64
N GLY B 515 15.19 -43.84 -19.54
CA GLY B 515 16.30 -42.91 -19.60
C GLY B 515 15.91 -41.48 -19.90
N LEU B 516 14.70 -41.09 -19.57
CA LEU B 516 14.25 -39.74 -19.84
C LEU B 516 14.47 -38.89 -18.61
N GLU B 517 14.80 -37.63 -18.83
CA GLU B 517 15.01 -36.69 -17.75
C GLU B 517 13.73 -36.01 -17.30
N VAL B 518 13.54 -35.89 -16.01
CA VAL B 518 12.35 -35.22 -15.51
C VAL B 518 12.68 -34.06 -14.63
N ILE B 519 12.03 -32.94 -14.89
CA ILE B 519 12.24 -31.73 -14.14
C ILE B 519 11.47 -31.74 -12.85
N TYR B 520 12.14 -31.45 -11.75
CA TYR B 520 11.50 -31.44 -10.46
C TYR B 520 11.14 -30.04 -10.03
N MET B 521 9.87 -29.79 -9.89
CA MET B 521 9.37 -28.48 -9.52
C MET B 521 8.76 -28.53 -8.14
N ILE B 522 9.46 -27.99 -7.16
CA ILE B 522 8.99 -28.15 -5.79
C ILE B 522 8.71 -26.86 -5.03
N GLU B 523 8.53 -25.75 -5.73
CA GLU B 523 8.21 -24.52 -5.05
C GLU B 523 6.73 -24.25 -5.39
N PRO B 524 5.86 -23.81 -4.48
CA PRO B 524 4.44 -23.55 -4.77
C PRO B 524 4.17 -22.71 -6.01
N ILE B 525 5.02 -21.73 -6.28
CA ILE B 525 4.86 -20.85 -7.43
C ILE B 525 5.05 -21.58 -8.77
N ASP B 526 5.63 -22.76 -8.73
CA ASP B 526 5.90 -23.52 -9.91
C ASP B 526 4.61 -23.92 -10.55
N GLU B 527 3.54 -23.96 -9.75
CA GLU B 527 2.24 -24.36 -10.24
C GLU B 527 1.67 -23.34 -11.18
N TYR B 528 2.23 -22.13 -11.17
CA TYR B 528 1.81 -21.08 -12.05
C TYR B 528 2.74 -21.01 -13.23
N CYS B 529 4.00 -21.29 -13.02
CA CYS B 529 4.93 -21.18 -14.13
C CYS B 529 4.52 -22.11 -15.24
N VAL B 530 4.12 -23.30 -14.85
CA VAL B 530 3.73 -24.33 -15.78
C VAL B 530 2.45 -24.02 -16.52
N GLN B 531 1.71 -23.01 -16.10
CA GLN B 531 0.49 -22.68 -16.78
C GLN B 531 0.77 -21.83 -17.99
N GLN B 532 1.92 -21.14 -18.00
CA GLN B 532 2.23 -20.29 -19.12
C GLN B 532 3.35 -20.83 -19.98
N LEU B 533 4.22 -21.66 -19.41
CA LEU B 533 5.32 -22.23 -20.16
C LEU B 533 4.84 -23.38 -20.96
N LYS B 534 4.09 -23.08 -21.99
CA LYS B 534 3.50 -24.11 -22.80
C LYS B 534 4.56 -24.81 -23.61
N GLU B 535 5.51 -24.02 -24.09
CA GLU B 535 6.59 -24.50 -24.92
C GLU B 535 7.92 -23.88 -24.55
N PHE B 536 8.98 -24.61 -24.80
CA PHE B 536 10.32 -24.09 -24.64
C PHE B 536 11.16 -24.52 -25.82
N GLU B 537 11.62 -23.57 -26.60
CA GLU B 537 12.35 -23.86 -27.82
C GLU B 537 11.57 -24.80 -28.72
N GLY B 538 10.26 -24.64 -28.75
CA GLY B 538 9.40 -25.45 -29.60
C GLY B 538 9.03 -26.81 -29.02
N LYS B 539 9.56 -27.18 -27.85
CA LYS B 539 9.22 -28.47 -27.29
C LYS B 539 8.05 -28.26 -26.37
N THR B 540 7.15 -29.20 -26.29
CA THR B 540 5.99 -29.01 -25.44
C THR B 540 6.28 -29.46 -24.03
N LEU B 541 5.79 -28.74 -23.04
CA LEU B 541 6.01 -29.19 -21.68
C LEU B 541 4.82 -30.01 -21.21
N VAL B 542 5.10 -31.14 -20.59
CA VAL B 542 4.03 -32.01 -20.12
C VAL B 542 4.23 -32.40 -18.69
N SER B 543 3.14 -32.57 -17.97
CA SER B 543 3.23 -33.03 -16.60
C SER B 543 3.06 -34.50 -16.53
N VAL B 544 3.93 -35.14 -15.81
CA VAL B 544 3.93 -36.58 -15.71
C VAL B 544 2.78 -37.06 -14.86
N THR B 545 2.12 -36.15 -14.17
CA THR B 545 1.03 -36.50 -13.29
C THR B 545 -0.29 -36.20 -13.95
N LYS B 546 -0.28 -35.82 -15.24
CA LYS B 546 -1.52 -35.50 -15.91
C LYS B 546 -1.92 -36.42 -17.04
N GLU B 547 -3.21 -36.46 -17.23
CA GLU B 547 -3.93 -37.22 -18.22
C GLU B 547 -3.39 -37.05 -19.60
N GLY B 548 -3.19 -38.16 -20.29
CA GLY B 548 -2.73 -38.12 -21.67
C GLY B 548 -1.22 -38.17 -21.85
N LEU B 549 -0.46 -38.27 -20.77
CA LEU B 549 0.98 -38.32 -20.94
C LEU B 549 1.38 -39.46 -21.84
N GLU B 550 2.27 -39.18 -22.77
CA GLU B 550 2.77 -40.18 -23.69
C GLU B 550 4.29 -40.05 -23.76
N LEU B 551 4.93 -41.16 -24.06
CA LEU B 551 6.37 -41.30 -24.14
C LEU B 551 6.87 -41.51 -25.56
N PRO B 552 8.17 -41.26 -25.84
CA PRO B 552 8.84 -41.54 -27.10
C PRO B 552 9.12 -43.04 -27.14
N GLU B 553 8.04 -43.77 -27.21
CA GLU B 553 7.99 -45.22 -27.15
C GLU B 553 8.25 -45.85 -28.51
N ASP B 554 8.76 -47.09 -28.48
CA ASP B 554 8.99 -47.90 -29.68
C ASP B 554 7.69 -48.44 -30.24
N GLU B 555 7.63 -48.73 -31.54
CA GLU B 555 6.39 -49.25 -32.10
C GLU B 555 6.05 -50.63 -31.59
N GLU B 556 7.07 -51.45 -31.32
CA GLU B 556 6.79 -52.79 -30.84
C GLU B 556 6.20 -52.71 -29.46
N GLU B 557 6.69 -51.77 -28.68
CA GLU B 557 6.23 -51.60 -27.33
C GLU B 557 4.82 -51.03 -27.35
N LYS B 558 4.52 -50.14 -28.31
CA LYS B 558 3.18 -49.59 -28.39
C LYS B 558 2.20 -50.70 -28.68
N LYS B 559 2.56 -51.64 -29.54
CA LYS B 559 1.64 -52.72 -29.78
C LYS B 559 1.42 -53.50 -28.50
N LYS B 560 2.47 -53.78 -27.74
CA LYS B 560 2.29 -54.50 -26.49
C LYS B 560 1.40 -53.73 -25.55
N GLN B 561 1.51 -52.40 -25.55
CA GLN B 561 0.68 -51.59 -24.67
C GLN B 561 -0.78 -51.75 -25.06
N GLU B 562 -1.07 -51.83 -26.36
CA GLU B 562 -2.44 -52.02 -26.80
C GLU B 562 -2.94 -53.41 -26.43
N GLU B 563 -2.06 -54.39 -26.47
CA GLU B 563 -2.44 -55.75 -26.09
C GLU B 563 -2.82 -55.77 -24.63
N LYS B 564 -2.08 -55.05 -23.81
CA LYS B 564 -2.35 -54.97 -22.39
C LYS B 564 -3.67 -54.24 -22.15
N LYS B 565 -3.95 -53.18 -22.91
CA LYS B 565 -5.23 -52.52 -22.70
C LYS B 565 -6.34 -53.51 -22.95
N THR B 566 -6.20 -54.33 -23.98
CA THR B 566 -7.23 -55.30 -24.26
C THR B 566 -7.34 -56.32 -23.13
N LYS B 567 -6.20 -56.83 -22.66
CA LYS B 567 -6.18 -57.84 -21.62
C LYS B 567 -6.88 -57.37 -20.37
N PHE B 568 -6.70 -56.10 -20.05
CA PHE B 568 -7.27 -55.51 -18.87
C PHE B 568 -8.51 -54.66 -19.12
N GLU B 569 -9.15 -54.78 -20.29
CA GLU B 569 -10.34 -53.97 -20.51
C GLU B 569 -11.43 -54.31 -19.52
N ASN B 570 -11.59 -55.61 -19.22
CA ASN B 570 -12.64 -56.01 -18.31
C ASN B 570 -12.37 -55.50 -16.93
N LEU B 571 -11.10 -55.48 -16.56
CA LEU B 571 -10.78 -55.02 -15.24
C LEU B 571 -11.03 -53.55 -15.12
N CYS B 572 -10.69 -52.80 -16.16
CA CYS B 572 -10.89 -51.38 -16.12
C CYS B 572 -12.36 -51.09 -15.91
N LYS B 573 -13.22 -51.82 -16.61
CA LYS B 573 -14.64 -51.58 -16.46
C LYS B 573 -15.14 -51.93 -15.08
N ILE B 574 -14.66 -53.03 -14.50
CA ILE B 574 -15.12 -53.41 -13.18
C ILE B 574 -14.68 -52.39 -12.16
N MET B 575 -13.42 -51.99 -12.22
CA MET B 575 -12.94 -51.03 -11.26
C MET B 575 -13.67 -49.74 -11.42
N LYS B 576 -13.96 -49.31 -12.64
CA LYS B 576 -14.69 -48.08 -12.78
C LYS B 576 -16.03 -48.18 -12.12
N ASP B 577 -16.73 -49.29 -12.28
CA ASP B 577 -18.04 -49.34 -11.65
C ASP B 577 -17.93 -49.27 -10.14
N ILE B 578 -16.92 -49.91 -9.57
CA ILE B 578 -16.74 -49.88 -8.13
C ILE B 578 -16.49 -48.45 -7.66
N LEU B 579 -15.67 -47.77 -8.42
CA LEU B 579 -15.22 -46.42 -8.22
C LEU B 579 -15.93 -45.39 -9.11
N GLU B 580 -17.11 -45.68 -9.66
CA GLU B 580 -17.73 -44.73 -10.59
C GLU B 580 -17.93 -43.35 -9.98
N LYS B 581 -18.21 -43.31 -8.70
CA LYS B 581 -18.45 -42.08 -7.97
C LYS B 581 -17.17 -41.47 -7.41
N LYS B 582 -16.03 -42.09 -7.68
CA LYS B 582 -14.73 -41.66 -7.18
C LYS B 582 -13.80 -41.15 -8.28
N VAL B 583 -13.81 -41.81 -9.45
CA VAL B 583 -12.91 -41.46 -10.54
C VAL B 583 -13.69 -41.29 -11.82
N GLU B 584 -13.11 -40.60 -12.79
CA GLU B 584 -13.74 -40.41 -14.08
C GLU B 584 -13.65 -41.65 -14.93
N LYS B 585 -12.52 -42.34 -14.83
CA LYS B 585 -12.27 -43.47 -15.67
C LYS B 585 -11.14 -44.28 -15.07
N VAL B 586 -11.03 -45.52 -15.50
CA VAL B 586 -9.92 -46.37 -15.14
C VAL B 586 -9.29 -46.85 -16.43
N VAL B 587 -7.99 -46.63 -16.57
CA VAL B 587 -7.28 -47.03 -17.78
C VAL B 587 -6.00 -47.77 -17.47
N VAL B 588 -5.42 -48.41 -18.48
CA VAL B 588 -4.13 -49.05 -18.32
C VAL B 588 -3.00 -48.06 -18.54
N SER B 589 -2.10 -48.02 -17.58
CA SER B 589 -0.92 -47.16 -17.46
C SER B 589 0.24 -47.38 -18.41
N ASN B 590 0.84 -46.28 -18.85
CA ASN B 590 2.08 -46.27 -19.62
C ASN B 590 3.12 -45.47 -18.85
N ARG B 591 2.93 -45.34 -17.54
CA ARG B 591 3.84 -44.59 -16.67
C ARG B 591 4.53 -45.39 -15.61
N LEU B 592 3.86 -46.44 -15.19
CA LEU B 592 4.28 -47.16 -14.01
C LEU B 592 5.05 -48.39 -14.30
N VAL B 593 5.93 -48.72 -13.37
CA VAL B 593 6.68 -49.94 -13.46
C VAL B 593 6.45 -50.80 -12.23
N THR B 594 6.65 -50.24 -11.03
CA THR B 594 6.56 -51.03 -9.80
C THR B 594 5.33 -50.74 -8.94
N SER B 595 4.67 -49.62 -9.13
CA SER B 595 3.46 -49.36 -8.35
C SER B 595 2.32 -50.02 -9.09
N PRO B 596 1.37 -50.70 -8.45
CA PRO B 596 0.21 -51.26 -9.08
C PRO B 596 -0.72 -50.20 -9.62
N CYS B 597 -0.62 -48.97 -9.14
CA CYS B 597 -1.51 -47.92 -9.61
C CYS B 597 -1.12 -46.49 -9.21
N CYS B 598 -1.80 -45.54 -9.81
CA CYS B 598 -1.64 -44.14 -9.45
C CYS B 598 -2.85 -43.30 -9.80
N ILE B 599 -2.95 -42.11 -9.25
CA ILE B 599 -4.05 -41.21 -9.62
C ILE B 599 -3.56 -40.04 -10.43
N VAL B 600 -4.09 -39.93 -11.61
CA VAL B 600 -3.75 -38.96 -12.63
C VAL B 600 -4.73 -37.80 -12.71
N THR B 601 -4.20 -36.61 -12.73
CA THR B 601 -5.00 -35.40 -12.79
C THR B 601 -5.50 -35.12 -14.19
N SER B 602 -6.75 -34.72 -14.33
CA SER B 602 -7.25 -34.44 -15.66
C SER B 602 -6.52 -33.25 -16.26
N THR B 603 -6.58 -33.07 -17.57
CA THR B 603 -5.77 -32.02 -18.17
C THR B 603 -6.12 -30.60 -17.71
N TYR B 604 -7.37 -30.40 -17.38
CA TYR B 604 -7.89 -29.11 -16.99
C TYR B 604 -8.09 -28.94 -15.52
N GLY B 605 -7.66 -29.90 -14.74
CA GLY B 605 -7.89 -29.84 -13.33
C GLY B 605 -6.70 -29.25 -12.64
N TRP B 606 -6.64 -29.49 -11.37
CA TRP B 606 -5.58 -29.02 -10.54
C TRP B 606 -4.85 -30.24 -10.15
N THR B 607 -3.57 -30.17 -10.07
CA THR B 607 -2.83 -31.30 -9.63
C THR B 607 -2.98 -31.38 -8.16
N ALA B 608 -2.59 -32.49 -7.56
CA ALA B 608 -2.71 -32.58 -6.14
C ALA B 608 -1.95 -31.46 -5.47
N ASN B 609 -0.84 -31.05 -6.08
CA ASN B 609 -0.07 -30.01 -5.47
C ASN B 609 -0.79 -28.70 -5.56
N MET B 610 -1.53 -28.45 -6.63
CA MET B 610 -2.21 -27.18 -6.61
C MET B 610 -3.42 -27.26 -5.71
N GLU B 611 -4.04 -28.43 -5.59
CA GLU B 611 -5.18 -28.45 -4.69
C GLU B 611 -4.75 -28.28 -3.26
N ARG B 612 -3.60 -28.84 -2.86
CA ARG B 612 -3.25 -28.65 -1.47
C ARG B 612 -2.91 -27.20 -1.23
N ILE B 613 -2.41 -26.48 -2.23
CA ILE B 613 -2.19 -25.07 -2.01
C ILE B 613 -3.49 -24.34 -1.89
N MET B 614 -4.46 -24.63 -2.75
CA MET B 614 -5.73 -23.93 -2.65
C MET B 614 -6.40 -24.22 -1.32
N LYS B 615 -6.31 -25.45 -0.84
CA LYS B 615 -6.92 -25.79 0.41
C LYS B 615 -6.19 -25.13 1.55
N ALA B 616 -4.86 -25.06 1.49
CA ALA B 616 -4.12 -24.39 2.53
C ALA B 616 -4.52 -22.94 2.58
N GLN B 617 -4.76 -22.35 1.42
CA GLN B 617 -5.17 -20.98 1.40
C GLN B 617 -6.56 -20.87 2.01
N ALA B 618 -7.45 -21.80 1.70
CA ALA B 618 -8.77 -21.71 2.28
C ALA B 618 -8.69 -21.78 3.79
N LEU B 619 -7.79 -22.61 4.33
CA LEU B 619 -7.68 -22.65 5.77
C LEU B 619 -7.14 -21.31 6.27
N ARG B 620 -6.18 -20.74 5.56
CA ARG B 620 -5.60 -19.46 5.91
C ARG B 620 -6.66 -18.36 5.96
N ASP B 621 -7.61 -18.44 5.03
CA ASP B 621 -8.69 -17.47 4.87
C ASP B 621 -9.89 -17.77 5.77
N ASN B 622 -9.83 -18.83 6.57
CA ASN B 622 -10.94 -19.24 7.41
C ASN B 622 -12.20 -19.47 6.57
N SER B 623 -12.04 -20.14 5.45
CA SER B 623 -13.14 -20.43 4.55
C SER B 623 -13.05 -21.79 3.89
N THR B 624 -14.06 -22.11 3.09
CA THR B 624 -14.13 -23.34 2.32
C THR B 624 -14.27 -22.91 0.88
N MET B 625 -14.11 -23.82 -0.09
CA MET B 625 -14.20 -23.35 -1.47
C MET B 625 -15.29 -23.93 -2.35
N GLY B 626 -16.01 -23.02 -3.00
CA GLY B 626 -17.06 -23.32 -3.95
C GLY B 626 -16.48 -23.49 -5.35
N TYR B 627 -15.67 -24.52 -5.53
CA TYR B 627 -14.97 -24.71 -6.81
C TYR B 627 -15.16 -26.14 -7.27
N MET B 628 -14.96 -26.40 -8.56
CA MET B 628 -15.03 -27.77 -9.05
C MET B 628 -13.79 -28.52 -8.58
N ALA B 629 -13.96 -29.68 -7.97
CA ALA B 629 -12.81 -30.45 -7.53
C ALA B 629 -12.05 -30.97 -8.74
N ALA B 630 -10.74 -31.17 -8.61
CA ALA B 630 -10.02 -31.72 -9.73
C ALA B 630 -10.60 -33.07 -10.08
N LYS B 631 -10.72 -33.29 -11.37
CA LYS B 631 -11.20 -34.55 -11.86
C LYS B 631 -10.01 -35.48 -11.88
N LYS B 632 -10.23 -36.74 -11.54
CA LYS B 632 -9.16 -37.72 -11.45
C LYS B 632 -9.38 -38.99 -12.22
N HIS B 633 -8.30 -39.58 -12.69
CA HIS B 633 -8.29 -40.86 -13.38
C HIS B 633 -7.42 -41.87 -12.66
N LEU B 634 -7.85 -43.11 -12.60
CA LEU B 634 -6.98 -44.10 -11.97
C LEU B 634 -6.30 -44.89 -13.02
N GLU B 635 -5.02 -45.14 -12.84
CA GLU B 635 -4.36 -45.96 -13.81
C GLU B 635 -3.81 -47.23 -13.20
N ILE B 636 -3.95 -48.27 -13.99
CA ILE B 636 -3.54 -49.61 -13.68
C ILE B 636 -2.24 -50.04 -14.26
N ASN B 637 -1.33 -50.56 -13.45
CA ASN B 637 -0.08 -51.11 -13.97
C ASN B 637 -0.33 -52.55 -14.40
N PRO B 638 -0.41 -52.85 -15.70
CA PRO B 638 -0.83 -54.13 -16.24
C PRO B 638 0.15 -55.23 -15.95
N ASP B 639 1.36 -54.89 -15.56
CA ASP B 639 2.36 -55.91 -15.32
C ASP B 639 2.55 -56.16 -13.85
N HIS B 640 1.75 -55.52 -13.02
CA HIS B 640 1.95 -55.71 -11.61
C HIS B 640 1.28 -56.99 -11.18
N SER B 641 1.91 -57.73 -10.27
CA SER B 641 1.32 -58.96 -9.80
C SER B 641 0.01 -58.77 -9.04
N ILE B 642 -0.18 -57.64 -8.37
CA ILE B 642 -1.44 -57.42 -7.66
C ILE B 642 -2.53 -57.23 -8.66
N ILE B 643 -2.26 -56.46 -9.67
CA ILE B 643 -3.21 -56.19 -10.70
C ILE B 643 -3.58 -57.41 -11.50
N GLU B 644 -2.62 -58.25 -11.84
CA GLU B 644 -3.01 -59.44 -12.58
C GLU B 644 -3.89 -60.32 -11.70
N THR B 645 -3.57 -60.43 -10.41
CA THR B 645 -4.37 -61.25 -9.53
C THR B 645 -5.78 -60.72 -9.48
N LEU B 646 -5.90 -59.40 -9.38
CA LEU B 646 -7.19 -58.75 -9.38
C LEU B 646 -7.93 -58.99 -10.66
N ARG B 647 -7.28 -58.91 -11.80
CA ARG B 647 -8.02 -59.16 -13.01
C ARG B 647 -8.69 -60.51 -12.92
N GLN B 648 -7.96 -61.52 -12.47
CA GLN B 648 -8.53 -62.84 -12.45
C GLN B 648 -9.69 -62.95 -11.48
N LYS B 649 -9.60 -62.32 -10.32
CA LYS B 649 -10.68 -62.40 -9.38
C LYS B 649 -11.89 -61.63 -9.85
N ALA B 650 -11.65 -60.46 -10.42
CA ALA B 650 -12.70 -59.59 -10.88
C ALA B 650 -13.49 -60.24 -11.98
N GLU B 651 -12.82 -60.96 -12.86
CA GLU B 651 -13.55 -61.65 -13.90
C GLU B 651 -14.29 -62.85 -13.33
N ALA B 652 -13.70 -63.57 -12.37
CA ALA B 652 -14.38 -64.74 -11.83
C ALA B 652 -15.72 -64.35 -11.19
N ASP B 653 -15.76 -63.23 -10.48
CA ASP B 653 -16.99 -62.73 -9.87
C ASP B 653 -16.92 -61.23 -9.65
N LYS B 654 -17.68 -60.51 -10.45
CA LYS B 654 -17.66 -59.06 -10.43
C LYS B 654 -17.92 -58.47 -9.06
N ASN B 655 -18.78 -59.11 -8.24
CA ASN B 655 -19.08 -58.54 -6.94
C ASN B 655 -18.51 -59.34 -5.79
N ASP B 656 -17.43 -60.06 -6.04
CA ASP B 656 -16.80 -60.77 -4.95
C ASP B 656 -16.42 -59.70 -3.95
N LYS B 657 -16.69 -59.92 -2.68
CA LYS B 657 -16.37 -58.91 -1.70
C LYS B 657 -14.90 -58.55 -1.74
N SER B 658 -14.02 -59.52 -2.00
CA SER B 658 -12.58 -59.25 -2.00
C SER B 658 -12.14 -58.40 -3.19
N VAL B 659 -12.97 -58.32 -4.22
CA VAL B 659 -12.68 -57.50 -5.37
C VAL B 659 -13.05 -56.10 -4.98
N LYS B 660 -14.21 -55.94 -4.40
CA LYS B 660 -14.63 -54.62 -4.00
C LYS B 660 -13.66 -54.04 -2.98
N ASP B 661 -13.24 -54.84 -1.99
CA ASP B 661 -12.35 -54.32 -0.99
C ASP B 661 -10.98 -54.02 -1.51
N LEU B 662 -10.45 -54.85 -2.40
CA LEU B 662 -9.14 -54.55 -2.92
C LEU B 662 -9.17 -53.31 -3.75
N VAL B 663 -10.18 -53.15 -4.58
CA VAL B 663 -10.20 -51.98 -5.41
C VAL B 663 -10.28 -50.73 -4.60
N ILE B 664 -11.09 -50.70 -3.57
CA ILE B 664 -11.14 -49.48 -2.80
C ILE B 664 -9.81 -49.24 -2.10
N LEU B 665 -9.19 -50.28 -1.55
CA LEU B 665 -7.94 -50.03 -0.86
C LEU B 665 -6.90 -49.52 -1.84
N LEU B 666 -6.84 -50.05 -3.05
CA LEU B 666 -5.86 -49.57 -3.98
C LEU B 666 -6.16 -48.13 -4.33
N TYR B 667 -7.42 -47.79 -4.50
CA TYR B 667 -7.76 -46.43 -4.80
C TYR B 667 -7.30 -45.46 -3.73
N GLU B 668 -7.59 -45.76 -2.48
CA GLU B 668 -7.19 -44.84 -1.44
C GLU B 668 -5.70 -44.76 -1.33
N THR B 669 -5.02 -45.87 -1.52
CA THR B 669 -3.58 -45.85 -1.42
C THR B 669 -3.05 -44.98 -2.54
N ALA B 670 -3.61 -45.12 -3.73
CA ALA B 670 -3.18 -44.36 -4.87
C ALA B 670 -3.41 -42.87 -4.65
N LEU B 671 -4.50 -42.49 -3.96
CA LEU B 671 -4.68 -41.07 -3.73
C LEU B 671 -3.57 -40.56 -2.89
N LEU B 672 -3.16 -41.32 -1.90
CA LEU B 672 -2.09 -40.83 -1.05
C LEU B 672 -0.80 -40.72 -1.85
N SER B 673 -0.54 -41.66 -2.72
CA SER B 673 0.70 -41.61 -3.50
C SER B 673 0.74 -40.41 -4.42
N SER B 674 -0.41 -39.96 -4.88
CA SER B 674 -0.46 -38.81 -5.77
C SER B 674 -0.58 -37.50 -5.02
N GLY B 675 -0.62 -37.54 -3.70
CA GLY B 675 -0.71 -36.34 -2.89
C GLY B 675 -2.11 -35.81 -2.65
N PHE B 676 -3.14 -36.57 -2.91
CA PHE B 676 -4.48 -36.08 -2.68
C PHE B 676 -4.86 -36.48 -1.29
N SER B 677 -5.65 -35.67 -0.61
CA SER B 677 -6.12 -36.09 0.68
C SER B 677 -7.24 -37.10 0.52
N LEU B 678 -7.52 -37.82 1.58
CA LEU B 678 -8.61 -38.78 1.57
C LEU B 678 -9.83 -38.07 2.07
N GLU B 679 -11.01 -38.40 1.54
CA GLU B 679 -12.20 -37.75 2.06
C GLU B 679 -12.61 -38.33 3.40
N ASP B 680 -12.08 -39.51 3.75
CA ASP B 680 -12.38 -40.16 5.01
C ASP B 680 -11.25 -41.03 5.53
N PRO B 681 -10.28 -40.43 6.22
CA PRO B 681 -9.14 -41.05 6.80
C PRO B 681 -9.45 -42.08 7.87
N GLN B 682 -10.65 -42.06 8.47
CA GLN B 682 -10.89 -43.05 9.51
C GLN B 682 -11.26 -44.32 8.83
N THR B 683 -12.08 -44.23 7.80
CA THR B 683 -12.47 -45.44 7.11
C THR B 683 -11.25 -46.06 6.48
N HIS B 684 -10.40 -45.23 5.91
CA HIS B 684 -9.21 -45.78 5.31
C HIS B 684 -8.41 -46.53 6.33
N ALA B 685 -8.19 -45.92 7.49
CA ALA B 685 -7.43 -46.59 8.49
C ALA B 685 -8.07 -47.89 8.87
N ASN B 686 -9.38 -47.93 8.91
CA ASN B 686 -10.01 -49.15 9.30
C ASN B 686 -9.75 -50.24 8.28
N ARG B 687 -9.63 -49.91 6.99
CA ARG B 687 -9.36 -50.95 6.01
C ARG B 687 -8.00 -51.53 6.27
N ILE B 688 -7.08 -50.67 6.66
CA ILE B 688 -5.75 -51.14 6.96
C ILE B 688 -5.79 -52.02 8.16
N TYR B 689 -6.52 -51.64 9.18
CA TYR B 689 -6.55 -52.45 10.36
C TYR B 689 -7.12 -53.81 10.02
N ARG B 690 -8.11 -53.88 9.14
CA ARG B 690 -8.61 -55.20 8.78
C ARG B 690 -7.52 -56.00 8.11
N MET B 691 -6.77 -55.38 7.21
CA MET B 691 -5.70 -56.06 6.53
C MET B 691 -4.65 -56.57 7.51
N ILE B 692 -4.34 -55.78 8.51
CA ILE B 692 -3.36 -56.18 9.50
C ILE B 692 -3.84 -57.34 10.32
N LYS B 693 -5.07 -57.29 10.82
CA LYS B 693 -5.46 -58.41 11.66
C LYS B 693 -5.50 -59.71 10.87
N LEU B 694 -5.78 -59.63 9.57
CA LEU B 694 -5.79 -60.84 8.78
C LEU B 694 -4.38 -61.31 8.57
N GLY B 695 -3.45 -60.36 8.36
CA GLY B 695 -2.02 -60.67 8.19
C GLY B 695 -1.42 -61.27 9.44
N LEU B 696 -1.90 -60.82 10.60
CA LEU B 696 -1.44 -61.35 11.86
C LEU B 696 -2.09 -62.70 12.15
N GLY B 697 -3.24 -62.95 11.54
CA GLY B 697 -3.93 -64.21 11.75
C GLY B 697 -4.69 -64.21 13.05
N ILE B 698 -5.18 -63.04 13.45
CA ILE B 698 -5.88 -62.94 14.72
C ILE B 698 -7.41 -62.72 14.64
N ASP B 699 -8.02 -62.93 13.46
CA ASP B 699 -9.46 -62.81 13.18
C ASP B 699 -9.71 -63.38 11.80
N MET B 728 38.48 -36.92 -29.14
CA MET B 728 39.60 -36.10 -29.55
C MET B 728 39.09 -34.67 -29.83
N GLU B 729 40.00 -33.75 -30.27
CA GLU B 729 39.73 -32.35 -30.69
C GLU B 729 38.63 -32.36 -31.73
N GLU B 730 37.64 -31.49 -31.56
CA GLU B 730 36.46 -31.49 -32.40
C GLU B 730 36.70 -31.56 -33.90
N VAL B 731 35.95 -32.49 -34.49
CA VAL B 731 35.88 -32.86 -35.90
C VAL B 731 34.58 -32.34 -36.50
N ASP B 732 34.64 -31.71 -37.69
CA ASP B 732 33.52 -31.12 -38.46
C ASP B 732 32.93 -32.11 -39.49
N ALA C 4 -18.39 33.11 38.56
CA ALA C 4 -19.83 33.05 38.36
C ALA C 4 -20.16 31.92 37.36
N ALA C 5 -20.59 30.75 37.89
CA ALA C 5 -20.92 29.52 37.13
C ALA C 5 -22.30 29.52 36.47
N ALA C 6 -22.45 28.63 35.48
CA ALA C 6 -23.69 28.39 34.75
C ALA C 6 -24.74 27.80 35.68
N ILE C 7 -25.99 28.02 35.30
CA ILE C 7 -27.12 27.62 36.11
C ILE C 7 -28.05 26.67 35.45
N GLY C 8 -28.88 26.08 36.27
CA GLY C 8 -29.87 25.19 35.74
C GLY C 8 -31.22 25.56 36.30
N ILE C 9 -32.22 25.49 35.46
CA ILE C 9 -33.56 25.84 35.88
C ILE C 9 -34.53 24.67 35.70
N ASP C 10 -35.22 24.35 36.79
CA ASP C 10 -36.27 23.36 36.92
C ASP C 10 -37.58 24.08 36.58
N LEU C 11 -38.09 23.90 35.36
CA LEU C 11 -39.28 24.59 34.85
C LEU C 11 -40.48 23.67 34.90
N GLY C 12 -41.33 23.82 35.93
CA GLY C 12 -42.48 22.98 36.13
C GLY C 12 -43.79 23.60 35.70
N THR C 13 -44.89 22.92 36.03
CA THR C 13 -46.23 23.35 35.68
C THR C 13 -46.81 24.20 36.77
N THR C 14 -46.37 23.94 37.99
CA THR C 14 -46.87 24.70 39.10
C THR C 14 -45.75 25.44 39.76
N TYR C 15 -44.56 24.87 39.76
CA TYR C 15 -43.38 25.47 40.39
C TYR C 15 -42.10 25.36 39.58
N SER C 16 -41.15 26.24 39.90
CA SER C 16 -39.84 26.21 39.30
C SER C 16 -38.75 26.54 40.32
N CYS C 17 -37.52 26.13 40.01
CA CYS C 17 -36.37 26.35 40.91
C CYS C 17 -35.01 26.50 40.19
N VAL C 18 -34.17 27.43 40.65
CA VAL C 18 -32.88 27.64 39.98
C VAL C 18 -31.69 27.45 40.91
N GLY C 19 -30.66 26.80 40.40
CA GLY C 19 -29.43 26.63 41.15
C GLY C 19 -28.20 26.93 40.30
N VAL C 20 -27.07 27.15 40.97
CA VAL C 20 -25.79 27.40 40.30
C VAL C 20 -24.76 26.39 40.77
N PHE C 21 -24.00 25.80 39.86
CA PHE C 21 -23.01 24.85 40.35
C PHE C 21 -21.62 25.40 40.48
N GLN C 22 -21.11 25.35 41.70
CA GLN C 22 -19.79 25.85 41.98
C GLN C 22 -19.18 25.22 43.22
N HIS C 23 -17.86 25.08 43.23
CA HIS C 23 -17.13 24.56 44.39
C HIS C 23 -17.59 23.17 44.80
N GLY C 24 -17.98 22.36 43.84
CA GLY C 24 -18.40 20.98 44.10
C GLY C 24 -19.85 20.81 44.54
N LYS C 25 -20.59 21.90 44.67
CA LYS C 25 -21.98 21.82 45.13
C LYS C 25 -22.90 22.74 44.36
N VAL C 26 -24.19 22.48 44.44
CA VAL C 26 -25.09 23.42 43.80
C VAL C 26 -25.72 24.27 44.85
N GLU C 27 -25.63 25.55 44.63
CA GLU C 27 -26.26 26.46 45.53
C GLU C 27 -27.65 26.70 44.94
N ILE C 28 -28.68 26.42 45.73
CA ILE C 28 -30.05 26.59 45.30
C ILE C 28 -30.45 27.97 45.75
N ILE C 29 -30.96 28.75 44.83
CA ILE C 29 -31.16 30.15 45.09
C ILE C 29 -32.57 30.66 45.32
N ALA C 30 -32.72 31.33 46.45
CA ALA C 30 -33.96 31.92 46.91
C ALA C 30 -34.36 33.15 46.12
N ASN C 31 -35.69 33.30 45.96
CA ASN C 31 -36.31 34.45 45.32
C ASN C 31 -36.39 35.61 46.29
N ASP C 32 -37.13 36.62 45.89
CA ASP C 32 -37.28 37.88 46.60
C ASP C 32 -37.76 37.74 48.05
N GLN C 33 -38.52 36.69 48.33
CA GLN C 33 -39.10 36.41 49.64
C GLN C 33 -38.36 35.32 50.40
N GLY C 34 -37.25 34.82 49.84
CA GLY C 34 -36.53 33.74 50.49
C GLY C 34 -36.92 32.32 50.04
N ASN C 35 -37.74 32.19 49.00
CA ASN C 35 -38.17 30.88 48.54
C ASN C 35 -37.37 30.39 47.35
N ARG C 36 -36.68 29.26 47.53
CA ARG C 36 -35.87 28.60 46.50
C ARG C 36 -36.74 28.09 45.37
N THR C 37 -37.92 27.64 45.71
CA THR C 37 -38.86 27.15 44.72
C THR C 37 -40.00 28.14 44.71
N THR C 38 -40.35 28.63 43.54
CA THR C 38 -41.38 29.66 43.41
C THR C 38 -42.35 29.21 42.31
N PRO C 39 -43.63 29.61 42.31
CA PRO C 39 -44.63 29.24 41.33
C PRO C 39 -44.37 29.62 39.87
N SER C 40 -44.79 28.75 38.95
CA SER C 40 -44.74 28.94 37.50
C SER C 40 -45.99 29.69 37.06
N TYR C 41 -46.11 30.91 37.60
CA TYR C 41 -47.22 31.83 37.42
C TYR C 41 -46.80 33.22 36.97
N VAL C 42 -47.55 33.76 36.01
CA VAL C 42 -47.40 35.13 35.56
C VAL C 42 -48.77 35.82 35.63
N ALA C 43 -48.86 36.93 36.35
CA ALA C 43 -50.14 37.61 36.48
C ALA C 43 -50.17 38.85 35.70
N PHE C 44 -51.06 38.92 34.74
CA PHE C 44 -51.10 40.09 33.90
C PHE C 44 -52.11 41.04 34.48
N THR C 45 -51.64 42.19 34.90
CA THR C 45 -52.53 43.15 35.50
C THR C 45 -52.52 44.33 34.59
N ASP C 46 -53.27 45.35 34.93
CA ASP C 46 -53.30 46.51 34.09
C ASP C 46 -52.18 47.50 34.41
N THR C 47 -51.27 47.11 35.33
CA THR C 47 -50.13 47.94 35.66
C THR C 47 -48.77 47.29 35.34
N GLU C 48 -48.69 45.94 35.37
CA GLU C 48 -47.44 45.18 35.15
C GLU C 48 -47.70 43.66 35.21
N ARG C 49 -46.73 42.84 34.81
CA ARG C 49 -46.88 41.41 34.98
C ARG C 49 -46.10 40.91 36.19
N LEU C 50 -46.81 40.30 37.13
CA LEU C 50 -46.16 39.82 38.34
C LEU C 50 -45.67 38.43 38.06
N ILE C 51 -44.52 38.05 38.56
CA ILE C 51 -44.06 36.70 38.31
C ILE C 51 -43.62 36.01 39.58
N GLY C 52 -44.00 34.73 39.71
CA GLY C 52 -43.62 33.92 40.87
C GLY C 52 -44.66 34.02 41.94
N ASP C 53 -44.22 34.10 43.18
CA ASP C 53 -45.10 34.11 44.32
C ASP C 53 -46.08 35.25 44.17
N ALA C 54 -45.58 36.36 43.63
CA ALA C 54 -46.37 37.55 43.42
C ALA C 54 -47.59 37.29 42.56
N ALA C 55 -47.48 36.39 41.59
CA ALA C 55 -48.61 36.08 40.74
C ALA C 55 -49.51 35.07 41.44
N LYS C 56 -48.90 34.13 42.15
CA LYS C 56 -49.67 33.09 42.83
C LYS C 56 -50.58 33.66 43.91
N ASN C 57 -50.07 34.66 44.61
CA ASN C 57 -50.71 35.31 45.73
C ASN C 57 -51.99 36.04 45.35
N GLN C 58 -52.16 36.33 44.07
CA GLN C 58 -53.33 37.04 43.62
C GLN C 58 -54.15 36.25 42.62
N VAL C 59 -53.96 34.93 42.54
CA VAL C 59 -54.71 34.14 41.55
C VAL C 59 -56.19 34.28 41.77
N ALA C 60 -56.61 34.29 43.02
CA ALA C 60 -58.02 34.45 43.33
C ALA C 60 -58.58 35.79 42.86
N LEU C 61 -57.77 36.82 42.82
CA LEU C 61 -58.27 38.14 42.51
C LEU C 61 -58.29 38.38 41.01
N ASN C 62 -57.32 37.82 40.34
CA ASN C 62 -57.17 38.02 38.93
C ASN C 62 -56.94 36.73 38.19
N PRO C 63 -57.72 35.66 38.40
CA PRO C 63 -57.45 34.39 37.78
C PRO C 63 -57.65 34.46 36.31
N GLN C 64 -58.52 35.36 35.86
CA GLN C 64 -58.84 35.48 34.46
C GLN C 64 -57.69 36.04 33.67
N ASN C 65 -56.74 36.67 34.35
CA ASN C 65 -55.62 37.22 33.65
C ASN C 65 -54.32 36.61 34.15
N THR C 66 -54.40 35.49 34.89
CA THR C 66 -53.16 34.91 35.39
C THR C 66 -52.93 33.63 34.66
N VAL C 67 -51.75 33.50 34.12
CA VAL C 67 -51.48 32.37 33.29
C VAL C 67 -50.43 31.54 33.95
N PHE C 68 -50.70 30.27 34.00
CA PHE C 68 -49.84 29.35 34.67
C PHE C 68 -49.95 27.99 34.05
N ASP C 69 -49.00 27.11 34.38
CA ASP C 69 -49.01 25.77 33.79
C ASP C 69 -48.96 25.85 32.26
N ALA C 70 -48.05 26.69 31.80
CA ALA C 70 -47.81 26.90 30.38
C ALA C 70 -47.37 25.61 29.71
N LYS C 71 -46.63 24.77 30.42
CA LYS C 71 -46.08 23.56 29.85
C LYS C 71 -47.07 22.64 29.24
N ARG C 72 -48.30 22.58 29.72
CA ARG C 72 -49.19 21.64 29.09
C ARG C 72 -49.49 22.06 27.66
N LEU C 73 -49.48 23.38 27.39
CA LEU C 73 -49.78 23.92 26.08
C LEU C 73 -48.53 24.05 25.21
N ILE C 74 -47.37 24.16 25.85
CA ILE C 74 -46.14 24.37 25.09
C ILE C 74 -45.77 23.19 24.25
N GLY C 75 -45.54 23.50 22.98
CA GLY C 75 -45.13 22.56 21.97
C GLY C 75 -46.32 21.83 21.39
N ARG C 76 -47.52 22.18 21.81
CA ARG C 76 -48.67 21.47 21.30
C ARG C 76 -49.47 22.26 20.33
N LYS C 77 -50.18 21.53 19.50
CA LYS C 77 -51.07 22.11 18.54
C LYS C 77 -52.38 22.45 19.22
N PHE C 78 -53.05 23.47 18.75
CA PHE C 78 -54.32 23.89 19.34
C PHE C 78 -55.32 22.73 19.41
N GLY C 79 -55.41 21.98 18.31
CA GLY C 79 -56.34 20.86 18.19
C GLY C 79 -55.93 19.60 18.95
N ASP C 80 -54.77 19.61 19.60
CA ASP C 80 -54.24 18.51 20.37
C ASP C 80 -55.19 18.23 21.55
N PRO C 81 -55.70 16.99 21.73
CA PRO C 81 -56.62 16.62 22.79
C PRO C 81 -56.15 17.11 24.16
N VAL C 82 -54.84 17.22 24.38
CA VAL C 82 -54.35 17.70 25.66
C VAL C 82 -54.70 19.16 25.82
N VAL C 83 -54.57 19.93 24.75
CA VAL C 83 -54.85 21.35 24.78
C VAL C 83 -56.32 21.54 25.06
N GLN C 84 -57.14 20.71 24.44
CA GLN C 84 -58.57 20.82 24.64
C GLN C 84 -58.94 20.46 26.09
N SER C 85 -58.23 19.46 26.64
CA SER C 85 -58.42 18.99 28.00
C SER C 85 -58.07 20.05 29.01
N ASP C 86 -57.00 20.79 28.79
CA ASP C 86 -56.63 21.80 29.74
C ASP C 86 -57.35 23.12 29.54
N MET C 87 -57.73 23.49 28.33
CA MET C 87 -58.36 24.81 28.25
C MET C 87 -59.68 24.84 29.00
N LYS C 88 -60.37 23.71 29.11
CA LYS C 88 -61.63 23.69 29.85
C LYS C 88 -61.43 23.94 31.35
N HIS C 89 -60.19 23.86 31.83
CA HIS C 89 -59.89 24.09 33.22
C HIS C 89 -59.29 25.47 33.50
N TRP C 90 -59.11 26.32 32.49
CA TRP C 90 -58.45 27.57 32.82
C TRP C 90 -59.40 28.75 32.89
N PRO C 91 -59.10 29.74 33.74
CA PRO C 91 -59.81 31.01 33.84
C PRO C 91 -59.52 31.99 32.70
N PHE C 92 -58.48 31.70 31.92
CA PHE C 92 -58.03 32.53 30.79
C PHE C 92 -58.43 31.91 29.44
N GLN C 93 -58.48 32.71 28.37
CA GLN C 93 -58.91 32.16 27.09
C GLN C 93 -57.80 31.57 26.22
N VAL C 94 -58.00 30.35 25.74
CA VAL C 94 -57.02 29.75 24.84
C VAL C 94 -57.49 29.91 23.37
N ILE C 95 -56.63 30.45 22.52
CA ILE C 95 -56.93 30.81 21.13
C ILE C 95 -56.20 30.05 20.04
N ASN C 96 -56.97 29.62 19.04
CA ASN C 96 -56.41 28.87 17.89
C ASN C 96 -55.76 29.77 16.87
N ASP C 97 -54.67 30.38 17.26
CA ASP C 97 -54.01 31.30 16.36
C ASP C 97 -53.04 30.55 15.47
N GLY C 98 -53.55 29.94 14.41
CA GLY C 98 -52.69 29.16 13.55
C GLY C 98 -52.31 27.80 14.12
N ASP C 99 -53.21 27.23 14.92
CA ASP C 99 -53.05 25.95 15.61
C ASP C 99 -51.87 25.96 16.58
N LYS C 100 -51.61 27.11 17.16
CA LYS C 100 -50.57 27.33 18.15
C LYS C 100 -51.21 28.07 19.31
N PRO C 101 -51.76 27.37 20.31
CA PRO C 101 -52.64 27.96 21.27
C PRO C 101 -52.00 29.10 22.00
N LYS C 102 -52.70 30.22 22.06
CA LYS C 102 -52.22 31.40 22.76
C LYS C 102 -53.17 31.73 23.87
N VAL C 103 -52.69 32.39 24.89
CA VAL C 103 -53.56 32.76 25.98
C VAL C 103 -53.88 34.24 26.05
N GLN C 104 -55.17 34.53 26.01
CA GLN C 104 -55.63 35.90 26.03
C GLN C 104 -56.05 36.38 27.39
N VAL C 105 -55.27 37.35 27.84
CA VAL C 105 -55.41 38.02 29.14
C VAL C 105 -55.20 39.50 28.97
N SER C 106 -55.73 40.32 29.87
CA SER C 106 -55.54 41.76 29.76
C SER C 106 -54.28 42.26 30.42
N TYR C 107 -53.39 42.80 29.61
CA TYR C 107 -52.13 43.34 30.08
C TYR C 107 -52.11 44.83 29.77
N LYS C 108 -52.03 45.64 30.81
CA LYS C 108 -52.07 47.08 30.62
C LYS C 108 -53.27 47.51 29.77
N GLY C 109 -54.42 46.90 30.04
CA GLY C 109 -55.67 47.19 29.35
C GLY C 109 -55.89 46.47 28.01
N GLU C 110 -54.91 45.71 27.53
CA GLU C 110 -55.09 45.07 26.23
C GLU C 110 -55.18 43.56 26.29
N THR C 111 -56.19 43.01 25.62
CA THR C 111 -56.42 41.57 25.58
C THR C 111 -55.56 40.89 24.53
N LYS C 112 -54.27 40.92 24.80
CA LYS C 112 -53.24 40.35 23.96
C LYS C 112 -53.22 38.86 24.13
N ALA C 113 -52.91 38.14 23.06
CA ALA C 113 -52.78 36.71 23.13
C ALA C 113 -51.30 36.36 23.25
N PHE C 114 -50.94 35.76 24.38
CA PHE C 114 -49.58 35.43 24.72
C PHE C 114 -49.30 33.97 24.49
N TYR C 115 -48.34 33.68 23.68
CA TYR C 115 -48.04 32.30 23.37
C TYR C 115 -47.37 31.62 24.60
N PRO C 116 -47.69 30.38 24.99
CA PRO C 116 -47.09 29.70 26.11
C PRO C 116 -45.57 29.74 26.17
N GLU C 117 -44.86 29.79 25.04
CA GLU C 117 -43.41 29.89 25.16
C GLU C 117 -43.01 31.22 25.77
N GLU C 118 -43.75 32.30 25.48
CA GLU C 118 -43.39 33.56 26.09
C GLU C 118 -43.86 33.53 27.53
N ILE C 119 -44.89 32.77 27.83
CA ILE C 119 -45.28 32.73 29.23
C ILE C 119 -44.19 32.04 30.02
N SER C 120 -43.66 30.94 29.50
CA SER C 120 -42.60 30.31 30.24
C SER C 120 -41.31 31.10 30.19
N SER C 121 -41.09 31.93 29.15
CA SER C 121 -39.87 32.72 29.12
C SER C 121 -39.96 33.78 30.18
N MET C 122 -41.16 34.27 30.46
CA MET C 122 -41.37 35.25 31.51
C MET C 122 -40.97 34.62 32.82
N VAL C 123 -41.37 33.37 33.00
CA VAL C 123 -41.00 32.66 34.21
C VAL C 123 -39.50 32.43 34.25
N LEU C 124 -38.89 32.02 33.14
CA LEU C 124 -37.46 31.78 33.11
C LEU C 124 -36.70 33.05 33.34
N THR C 125 -37.20 34.17 32.84
CA THR C 125 -36.54 35.45 33.02
C THR C 125 -36.53 35.74 34.48
N LYS C 126 -37.65 35.50 35.16
CA LYS C 126 -37.65 35.76 36.58
C LYS C 126 -36.64 34.86 37.26
N MET C 127 -36.55 33.59 36.85
CA MET C 127 -35.62 32.69 37.53
C MET C 127 -34.18 33.10 37.25
N LYS C 128 -33.95 33.64 36.07
CA LYS C 128 -32.66 34.16 35.66
C LYS C 128 -32.29 35.28 36.59
N GLU C 129 -33.23 36.20 36.82
CA GLU C 129 -32.99 37.36 37.67
C GLU C 129 -32.70 36.95 39.11
N ILE C 130 -33.38 35.92 39.59
CA ILE C 130 -33.16 35.45 40.95
C ILE C 130 -31.75 34.92 41.12
N ALA C 131 -31.32 34.08 40.19
CA ALA C 131 -29.97 33.55 40.28
C ALA C 131 -28.92 34.63 40.14
N GLU C 132 -29.17 35.62 39.29
CA GLU C 132 -28.22 36.68 39.06
C GLU C 132 -28.05 37.54 40.29
N ALA C 133 -29.15 37.86 40.96
CA ALA C 133 -29.07 38.71 42.12
C ALA C 133 -28.21 38.06 43.18
N TYR C 134 -28.39 36.75 43.32
CA TYR C 134 -27.65 35.95 44.27
C TYR C 134 -26.18 35.83 43.96
N LEU C 135 -25.87 35.49 42.71
CA LEU C 135 -24.52 35.24 42.29
C LEU C 135 -23.75 36.53 42.14
N GLY C 136 -24.47 37.64 41.90
CA GLY C 136 -23.85 38.94 41.73
C GLY C 136 -23.29 39.06 40.33
N TYR C 137 -23.92 38.37 39.40
CA TYR C 137 -23.42 38.37 38.05
C TYR C 137 -24.51 37.98 37.07
N PRO C 138 -24.66 38.64 35.90
CA PRO C 138 -25.60 38.28 34.83
C PRO C 138 -25.34 36.85 34.34
N VAL C 139 -26.39 36.04 34.16
CA VAL C 139 -26.11 34.68 33.72
C VAL C 139 -26.92 34.22 32.53
N THR C 140 -26.24 33.83 31.46
CA THR C 140 -26.92 33.34 30.29
C THR C 140 -26.67 31.86 30.05
N ASN C 141 -25.63 31.31 30.62
CA ASN C 141 -25.36 29.92 30.34
C ASN C 141 -26.29 29.06 31.16
N ALA C 142 -27.16 28.31 30.50
CA ALA C 142 -28.14 27.54 31.23
C ALA C 142 -28.59 26.20 30.64
N VAL C 143 -29.06 25.38 31.56
CA VAL C 143 -29.73 24.12 31.28
C VAL C 143 -31.14 24.17 31.79
N ILE C 144 -32.07 23.77 30.96
CA ILE C 144 -33.47 23.80 31.35
C ILE C 144 -33.95 22.37 31.34
N THR C 145 -34.61 21.93 32.40
CA THR C 145 -35.09 20.55 32.35
C THR C 145 -36.49 20.46 31.78
N VAL C 146 -36.82 19.30 31.23
CA VAL C 146 -38.16 18.96 30.74
C VAL C 146 -38.55 17.57 31.18
N PRO C 147 -39.82 17.18 31.17
CA PRO C 147 -40.24 15.83 31.42
C PRO C 147 -39.61 14.91 30.41
N ALA C 148 -39.36 13.68 30.82
CA ALA C 148 -38.73 12.72 29.95
C ALA C 148 -39.56 12.39 28.74
N TYR C 149 -40.87 12.62 28.82
CA TYR C 149 -41.74 12.27 27.73
C TYR C 149 -41.87 13.37 26.72
N PHE C 150 -41.23 14.50 26.93
CA PHE C 150 -41.40 15.54 25.93
C PHE C 150 -40.86 15.16 24.60
N ASN C 151 -41.63 15.52 23.59
CA ASN C 151 -41.25 15.26 22.22
C ASN C 151 -40.38 16.40 21.73
N ASP C 152 -39.98 16.34 20.49
CA ASP C 152 -39.07 17.33 19.98
C ASP C 152 -39.67 18.71 19.72
N SER C 153 -40.99 18.84 19.56
CA SER C 153 -41.50 20.19 19.33
C SER C 153 -41.48 20.87 20.66
N GLN C 154 -41.67 20.06 21.69
CA GLN C 154 -41.69 20.55 23.04
C GLN C 154 -40.32 20.93 23.53
N ARG C 155 -39.31 20.16 23.13
CA ARG C 155 -37.98 20.46 23.53
C ARG C 155 -37.52 21.73 22.85
N GLN C 156 -37.86 21.89 21.58
CA GLN C 156 -37.44 23.12 20.92
C GLN C 156 -38.16 24.29 21.53
N ALA C 157 -39.42 24.10 21.89
CA ALA C 157 -40.18 25.16 22.47
C ALA C 157 -39.58 25.59 23.79
N THR C 158 -39.05 24.65 24.56
CA THR C 158 -38.42 25.00 25.81
C THR C 158 -37.15 25.80 25.55
N LYS C 159 -36.36 25.39 24.55
CA LYS C 159 -35.14 26.12 24.23
C LYS C 159 -35.46 27.54 23.84
N ASP C 160 -36.55 27.71 23.11
CA ASP C 160 -36.94 29.02 22.64
C ASP C 160 -37.42 29.89 23.76
N ALA C 161 -38.11 29.31 24.74
CA ALA C 161 -38.52 30.13 25.86
C ALA C 161 -37.26 30.67 26.54
N GLY C 162 -36.23 29.85 26.59
CA GLY C 162 -34.97 30.27 27.15
C GLY C 162 -34.38 31.41 26.33
N VAL C 163 -34.38 31.29 25.01
CA VAL C 163 -33.85 32.34 24.16
C VAL C 163 -34.61 33.65 24.34
N ILE C 164 -35.94 33.59 24.45
CA ILE C 164 -36.75 34.79 24.64
C ILE C 164 -36.29 35.48 25.91
N ALA C 165 -36.02 34.70 26.95
CA ALA C 165 -35.58 35.19 28.26
C ALA C 165 -34.12 35.66 28.24
N GLY C 166 -33.42 35.49 27.12
CA GLY C 166 -32.04 35.89 27.02
C GLY C 166 -31.04 34.81 27.44
N LEU C 167 -31.46 33.55 27.48
CA LEU C 167 -30.56 32.49 27.86
C LEU C 167 -29.92 31.79 26.69
N ASN C 168 -28.74 31.32 26.96
CA ASN C 168 -27.95 30.48 26.09
C ASN C 168 -28.29 29.06 26.49
N VAL C 169 -29.22 28.45 25.78
CA VAL C 169 -29.60 27.16 26.32
C VAL C 169 -28.61 26.15 25.84
N LEU C 170 -27.81 25.72 26.80
CA LEU C 170 -26.71 24.80 26.61
C LEU C 170 -27.32 23.47 26.31
N ARG C 171 -28.40 23.18 27.03
CA ARG C 171 -29.08 21.94 26.83
C ARG C 171 -30.46 21.87 27.45
N ILE C 172 -31.27 20.99 26.87
CA ILE C 172 -32.51 20.57 27.44
C ILE C 172 -32.31 19.14 27.91
N ILE C 173 -32.54 18.90 29.18
CA ILE C 173 -32.30 17.57 29.71
C ILE C 173 -33.55 17.08 30.39
N ASN C 174 -33.63 15.79 30.61
CA ASN C 174 -34.81 15.25 31.25
C ASN C 174 -34.77 15.42 32.77
N GLU C 175 -35.96 15.71 33.38
CA GLU C 175 -36.21 15.84 34.81
C GLU C 175 -35.59 14.67 35.63
N PRO C 176 -35.82 13.34 35.30
CA PRO C 176 -35.19 12.22 36.00
C PRO C 176 -33.69 12.10 35.81
N THR C 177 -33.14 12.66 34.74
CA THR C 177 -31.71 12.55 34.58
C THR C 177 -31.14 13.49 35.57
N ALA C 178 -31.74 14.67 35.63
CA ALA C 178 -31.25 15.68 36.53
C ALA C 178 -31.32 15.20 37.95
N ALA C 179 -32.38 14.52 38.33
CA ALA C 179 -32.42 14.08 39.71
C ALA C 179 -31.30 13.06 39.98
N ALA C 180 -31.08 12.14 39.06
CA ALA C 180 -30.04 11.17 39.29
C ALA C 180 -28.69 11.85 39.43
N ILE C 181 -28.48 12.92 38.67
CA ILE C 181 -27.24 13.67 38.74
C ILE C 181 -27.12 14.32 40.10
N ALA C 182 -28.19 14.92 40.56
CA ALA C 182 -28.21 15.60 41.84
C ALA C 182 -27.85 14.70 42.98
N TYR C 183 -28.22 13.44 42.90
CA TYR C 183 -27.95 12.52 43.96
C TYR C 183 -26.60 11.81 43.82
N GLY C 184 -25.84 12.18 42.80
CA GLY C 184 -24.52 11.66 42.56
C GLY C 184 -24.46 10.26 41.99
N LEU C 185 -25.48 9.84 41.25
CA LEU C 185 -25.48 8.49 40.75
C LEU C 185 -24.68 8.40 39.47
N ASP C 186 -24.19 9.54 39.00
CA ASP C 186 -23.39 9.71 37.82
C ASP C 186 -21.94 10.05 38.16
N ARG C 187 -21.52 9.89 39.42
CA ARG C 187 -20.16 10.28 39.82
C ARG C 187 -19.10 9.27 39.46
N THR C 188 -19.56 8.14 38.93
CA THR C 188 -18.91 6.89 38.50
C THR C 188 -18.60 6.01 39.70
N GLY C 189 -18.44 4.70 39.43
CA GLY C 189 -18.19 3.72 40.48
C GLY C 189 -19.52 3.16 40.99
N LYS C 190 -20.59 3.70 40.43
CA LYS C 190 -21.96 3.36 40.72
C LYS C 190 -22.62 2.95 39.42
N GLY C 191 -21.83 2.39 38.52
CA GLY C 191 -22.36 1.99 37.25
C GLY C 191 -23.05 0.65 37.35
N GLU C 192 -23.76 0.30 36.28
CA GLU C 192 -24.52 -0.93 36.15
C GLU C 192 -25.58 -1.00 37.24
N ARG C 193 -26.23 0.12 37.51
CA ARG C 193 -27.29 0.17 38.50
C ARG C 193 -28.56 0.73 37.92
N ASN C 194 -29.69 0.21 38.42
CA ASN C 194 -31.01 0.69 38.03
C ASN C 194 -31.55 1.64 39.06
N VAL C 195 -32.01 2.78 38.58
CA VAL C 195 -32.51 3.82 39.42
C VAL C 195 -33.97 4.08 39.13
N LEU C 196 -34.77 4.04 40.16
CA LEU C 196 -36.18 4.32 40.01
C LEU C 196 -36.52 5.70 40.50
N ILE C 197 -37.00 6.55 39.61
CA ILE C 197 -37.35 7.90 39.99
C ILE C 197 -38.82 8.10 40.06
N PHE C 198 -39.26 8.50 41.24
CA PHE C 198 -40.66 8.75 41.51
C PHE C 198 -40.89 10.28 41.56
N ASP C 199 -41.42 10.84 40.45
CA ASP C 199 -41.67 12.27 40.16
C ASP C 199 -43.11 12.67 40.52
N LEU C 200 -43.42 12.96 41.80
CA LEU C 200 -44.79 13.32 42.23
C LEU C 200 -44.79 14.79 42.53
N GLY C 201 -45.31 15.55 41.60
CA GLY C 201 -45.22 17.00 41.67
C GLY C 201 -46.54 17.62 42.03
N GLY C 202 -46.81 18.72 41.36
CA GLY C 202 -47.98 19.55 41.53
C GLY C 202 -49.12 19.01 40.70
N GLY C 203 -49.06 19.21 39.38
CA GLY C 203 -50.15 18.72 38.57
C GLY C 203 -49.92 17.36 37.90
N THR C 204 -48.70 16.79 37.97
CA THR C 204 -48.43 15.51 37.30
C THR C 204 -47.61 14.54 38.13
N PHE C 205 -47.71 13.26 37.77
CA PHE C 205 -46.92 12.17 38.34
C PHE C 205 -46.27 11.30 37.29
N ASP C 206 -44.98 11.14 37.40
CA ASP C 206 -44.26 10.31 36.45
C ASP C 206 -43.27 9.40 37.13
N VAL C 207 -43.06 8.26 36.53
CA VAL C 207 -42.13 7.29 37.01
C VAL C 207 -41.15 7.00 35.90
N SER C 208 -39.88 7.00 36.22
CA SER C 208 -38.91 6.68 35.20
C SER C 208 -37.78 5.83 35.71
N ILE C 209 -37.48 4.78 34.96
CA ILE C 209 -36.39 3.88 35.33
C ILE C 209 -35.22 4.09 34.43
N LEU C 210 -34.12 4.44 35.07
CA LEU C 210 -32.86 4.75 34.45
C LEU C 210 -31.81 3.70 34.72
N THR C 211 -30.91 3.52 33.78
CA THR C 211 -29.76 2.68 34.01
C THR C 211 -28.55 3.56 33.87
N ILE C 212 -27.69 3.51 34.87
CA ILE C 212 -26.51 4.34 34.80
C ILE C 212 -25.27 3.51 34.77
N ASP C 213 -24.44 3.78 33.79
CA ASP C 213 -23.18 3.11 33.64
C ASP C 213 -22.03 4.08 33.72
N ASP C 214 -21.51 4.30 34.90
CA ASP C 214 -20.39 5.18 35.10
C ASP C 214 -20.56 6.55 34.45
N GLY C 215 -21.71 7.17 34.66
CA GLY C 215 -21.98 8.50 34.15
C GLY C 215 -22.75 8.52 32.84
N ILE C 216 -22.87 7.37 32.19
CA ILE C 216 -23.61 7.26 30.95
C ILE C 216 -25.03 6.81 31.23
N PHE C 217 -26.01 7.54 30.71
CA PHE C 217 -27.39 7.19 31.04
C PHE C 217 -28.23 6.62 29.94
N GLU C 218 -29.10 5.72 30.33
CA GLU C 218 -30.10 5.19 29.42
C GLU C 218 -31.43 5.14 30.13
N VAL C 219 -32.51 5.54 29.47
CA VAL C 219 -33.81 5.43 30.13
C VAL C 219 -34.49 4.19 29.62
N LYS C 220 -34.87 3.32 30.55
CA LYS C 220 -35.46 2.05 30.19
C LYS C 220 -36.96 2.12 30.08
N ALA C 221 -37.58 2.84 30.99
CA ALA C 221 -39.03 2.88 30.95
C ALA C 221 -39.61 4.09 31.59
N THR C 222 -40.77 4.49 31.12
CA THR C 222 -41.52 5.54 31.76
C THR C 222 -42.96 5.13 31.93
N ALA C 223 -43.60 5.72 32.92
CA ALA C 223 -45.01 5.50 33.22
C ALA C 223 -45.53 6.71 33.93
N GLY C 224 -46.83 6.91 33.96
CA GLY C 224 -47.28 8.07 34.73
C GLY C 224 -48.78 8.30 34.68
N ASP C 225 -49.14 9.39 35.32
CA ASP C 225 -50.48 9.90 35.47
C ASP C 225 -50.40 11.40 35.31
N THR C 226 -50.88 11.87 34.19
CA THR C 226 -50.72 13.26 33.78
C THR C 226 -51.55 14.23 34.59
N HIS C 227 -52.40 13.70 35.48
CA HIS C 227 -53.20 14.57 36.31
C HIS C 227 -52.99 14.32 37.79
N LEU C 228 -52.05 13.46 38.18
CA LEU C 228 -51.89 13.18 39.60
C LEU C 228 -50.75 13.91 40.20
N GLY C 229 -51.03 14.66 41.22
CA GLY C 229 -50.00 15.41 41.91
C GLY C 229 -50.66 16.17 43.04
N GLY C 230 -49.89 17.04 43.70
CA GLY C 230 -50.26 17.79 44.88
C GLY C 230 -51.55 18.54 44.72
N GLU C 231 -51.86 19.00 43.52
CA GLU C 231 -53.09 19.75 43.28
C GLU C 231 -54.34 18.94 43.63
N ASP C 232 -54.36 17.62 43.42
CA ASP C 232 -55.57 16.91 43.78
C ASP C 232 -55.58 16.49 45.23
N PHE C 233 -54.46 16.62 45.92
CA PHE C 233 -54.41 16.30 47.32
C PHE C 233 -55.02 17.54 47.97
N ASP C 234 -54.75 18.68 47.33
CA ASP C 234 -55.28 19.96 47.75
C ASP C 234 -56.74 19.97 47.48
N ASN C 235 -57.18 19.40 46.36
CA ASN C 235 -58.59 19.40 46.07
C ASN C 235 -59.37 18.51 47.02
N ARG C 236 -58.77 17.41 47.48
CA ARG C 236 -59.48 16.60 48.45
C ARG C 236 -59.57 17.33 49.78
N LEU C 237 -58.51 18.06 50.14
CA LEU C 237 -58.50 18.84 51.37
C LEU C 237 -59.48 20.01 51.24
N VAL C 238 -59.60 20.56 50.04
CA VAL C 238 -60.58 21.59 49.76
C VAL C 238 -61.96 21.04 49.91
N ASN C 239 -62.27 19.87 49.36
CA ASN C 239 -63.63 19.36 49.50
C ASN C 239 -63.97 19.10 50.96
N HIS C 240 -62.99 18.66 51.75
CA HIS C 240 -63.19 18.45 53.19
C HIS C 240 -63.65 19.75 53.83
N PHE C 241 -62.89 20.82 53.61
CA PHE C 241 -63.18 22.12 54.20
C PHE C 241 -64.37 22.88 53.58
N VAL C 242 -64.59 22.75 52.27
CA VAL C 242 -65.70 23.40 51.56
C VAL C 242 -67.04 22.83 51.95
N GLU C 243 -67.14 21.50 51.97
CA GLU C 243 -68.38 20.90 52.35
C GLU C 243 -68.62 21.15 53.83
N GLU C 244 -67.55 21.10 54.65
CA GLU C 244 -67.69 21.39 56.06
C GLU C 244 -68.18 22.79 56.26
N PHE C 245 -67.61 23.76 55.55
CA PHE C 245 -68.01 25.12 55.72
C PHE C 245 -69.47 25.23 55.43
N LYS C 246 -69.90 24.66 54.30
CA LYS C 246 -71.27 24.80 53.92
C LYS C 246 -72.21 24.23 54.95
N ARG C 247 -71.93 23.03 55.44
CA ARG C 247 -72.80 22.39 56.43
C ARG C 247 -72.80 23.09 57.79
N LYS C 248 -71.63 23.56 58.21
CA LYS C 248 -71.48 24.22 59.49
C LYS C 248 -72.21 25.55 59.54
N HIS C 249 -72.11 26.31 58.45
CA HIS C 249 -72.69 27.64 58.41
C HIS C 249 -73.98 27.79 57.60
N LYS C 250 -74.32 26.80 56.77
CA LYS C 250 -75.46 26.82 55.84
C LYS C 250 -75.29 27.95 54.83
N LYS C 251 -74.04 28.09 54.39
CA LYS C 251 -73.59 29.10 53.42
C LYS C 251 -72.78 28.44 52.31
N ASP C 252 -73.23 28.54 51.07
CA ASP C 252 -72.55 27.76 50.03
C ASP C 252 -71.33 28.40 49.37
N ILE C 253 -70.24 28.25 50.07
CA ILE C 253 -68.90 28.73 49.75
C ILE C 253 -68.36 28.17 48.46
N SER C 254 -68.86 27.03 47.99
CA SER C 254 -68.29 26.40 46.81
C SER C 254 -68.53 27.23 45.55
N GLN C 255 -69.45 28.17 45.62
CA GLN C 255 -69.79 28.95 44.45
C GLN C 255 -69.00 30.25 44.37
N ASN C 256 -68.17 30.52 45.36
CA ASN C 256 -67.36 31.73 45.37
C ASN C 256 -65.95 31.39 45.06
N LYS C 257 -65.52 31.66 43.84
CA LYS C 257 -64.20 31.24 43.44
C LYS C 257 -63.12 31.82 44.34
N ARG C 258 -63.32 33.01 44.92
CA ARG C 258 -62.27 33.57 45.73
C ARG C 258 -62.21 32.96 47.09
N ALA C 259 -63.38 32.71 47.66
CA ALA C 259 -63.42 32.10 48.97
C ALA C 259 -62.85 30.70 48.89
N VAL C 260 -63.12 29.99 47.79
CA VAL C 260 -62.61 28.65 47.65
C VAL C 260 -61.11 28.72 47.48
N ARG C 261 -60.62 29.65 46.67
CA ARG C 261 -59.20 29.76 46.50
C ARG C 261 -58.47 30.15 47.78
N ARG C 262 -59.06 30.98 48.66
CA ARG C 262 -58.43 31.30 49.94
C ARG C 262 -58.36 30.06 50.81
N LEU C 263 -59.43 29.27 50.78
CA LEU C 263 -59.52 28.03 51.49
C LEU C 263 -58.47 27.07 50.94
N ARG C 264 -58.33 27.00 49.61
CA ARG C 264 -57.34 26.15 48.99
C ARG C 264 -55.95 26.59 49.36
N THR C 265 -55.68 27.88 49.43
CA THR C 265 -54.35 28.34 49.79
C THR C 265 -54.04 27.84 51.19
N ALA C 266 -55.03 27.94 52.09
CA ALA C 266 -54.85 27.42 53.43
C ALA C 266 -54.65 25.92 53.38
N CYS C 267 -55.31 25.23 52.45
CA CYS C 267 -55.16 23.79 52.33
C CYS C 267 -53.71 23.49 51.96
N GLU C 268 -53.13 24.29 51.07
CA GLU C 268 -51.75 24.06 50.67
C GLU C 268 -50.81 24.27 51.85
N ARG C 269 -51.06 25.32 52.64
CA ARG C 269 -50.20 25.58 53.76
C ARG C 269 -50.31 24.52 54.82
N ALA C 270 -51.55 24.13 55.10
CA ALA C 270 -51.82 23.16 56.13
C ALA C 270 -51.24 21.83 55.73
N LYS C 271 -51.31 21.48 54.45
CA LYS C 271 -50.80 20.22 53.96
C LYS C 271 -49.28 20.18 54.07
N ARG C 272 -48.61 21.29 53.73
CA ARG C 272 -47.16 21.28 53.84
C ARG C 272 -46.75 21.16 55.30
N THR C 273 -47.47 21.85 56.17
CA THR C 273 -47.19 21.79 57.60
C THR C 273 -47.41 20.40 58.13
N LEU C 274 -48.50 19.80 57.69
CA LEU C 274 -48.96 18.50 58.11
C LEU C 274 -47.92 17.44 57.79
N SER C 275 -47.17 17.62 56.71
CA SER C 275 -46.16 16.63 56.38
C SER C 275 -45.02 16.54 57.42
N SER C 276 -44.76 17.61 58.21
CA SER C 276 -43.71 17.48 59.24
C SER C 276 -44.38 17.24 60.59
N SER C 277 -45.66 17.62 60.67
CA SER C 277 -46.48 17.51 61.85
C SER C 277 -47.35 16.24 61.82
N THR C 278 -48.33 16.22 62.71
CA THR C 278 -49.28 15.15 62.90
C THR C 278 -50.63 15.80 62.74
N GLN C 279 -50.59 17.13 62.77
CA GLN C 279 -51.78 17.98 62.72
C GLN C 279 -51.50 19.37 62.14
N ALA C 280 -52.51 19.93 61.45
CA ALA C 280 -52.42 21.30 60.95
C ALA C 280 -53.82 21.93 60.96
N SER C 281 -53.89 23.25 61.02
CA SER C 281 -55.20 23.93 61.06
C SER C 281 -55.43 24.95 59.94
N LEU C 282 -56.71 25.28 59.75
CA LEU C 282 -57.16 26.31 58.83
C LEU C 282 -57.75 27.48 59.61
N GLU C 283 -57.21 28.67 59.36
CA GLU C 283 -57.66 29.86 60.07
C GLU C 283 -57.90 31.06 59.16
N ILE C 284 -59.12 31.24 58.66
CA ILE C 284 -59.33 32.36 57.73
C ILE C 284 -60.38 33.36 58.19
N ASP C 285 -59.97 34.61 58.32
CA ASP C 285 -60.91 35.66 58.73
C ASP C 285 -61.79 36.05 57.54
N SER C 286 -63.08 36.23 57.79
CA SER C 286 -64.04 36.68 56.77
C SER C 286 -63.93 35.91 55.46
N LEU C 287 -63.88 34.60 55.54
CA LEU C 287 -63.71 33.75 54.38
C LEU C 287 -64.86 33.82 53.41
N PHE C 288 -66.07 33.76 53.92
CA PHE C 288 -67.20 33.75 53.00
C PHE C 288 -68.42 34.38 53.59
N GLU C 289 -68.95 35.39 52.91
CA GLU C 289 -70.11 36.14 53.42
C GLU C 289 -69.81 36.70 54.81
N GLY C 290 -68.55 37.08 55.04
CA GLY C 290 -68.13 37.64 56.32
C GLY C 290 -67.83 36.60 57.38
N ILE C 291 -67.99 35.33 57.07
CA ILE C 291 -67.78 34.26 58.03
C ILE C 291 -66.32 33.90 58.23
N ASP C 292 -65.94 33.85 59.50
CA ASP C 292 -64.62 33.45 59.97
C ASP C 292 -64.62 31.93 60.03
N PHE C 293 -63.74 31.30 59.26
CA PHE C 293 -63.77 29.87 59.24
C PHE C 293 -62.55 29.28 59.90
N TYR C 294 -62.81 28.70 61.05
CA TYR C 294 -61.79 28.10 61.87
C TYR C 294 -62.08 26.64 62.06
N THR C 295 -61.15 25.84 61.58
CA THR C 295 -61.25 24.39 61.59
C THR C 295 -59.91 23.68 61.45
N SER C 296 -59.93 22.36 61.25
CA SER C 296 -58.68 21.62 61.19
C SER C 296 -58.65 20.33 60.37
N ILE C 297 -57.41 19.90 60.12
CA ILE C 297 -57.10 18.65 59.45
C ILE C 297 -56.02 17.88 60.22
N THR C 298 -56.24 16.61 60.49
CA THR C 298 -55.22 15.81 61.16
C THR C 298 -54.48 15.03 60.11
N ARG C 299 -53.33 14.46 60.43
CA ARG C 299 -52.63 13.76 59.37
C ARG C 299 -53.38 12.54 58.95
N ALA C 300 -53.97 11.84 59.92
CA ALA C 300 -54.71 10.65 59.57
C ALA C 300 -55.90 10.99 58.68
N ARG C 301 -56.57 12.12 58.94
CA ARG C 301 -57.72 12.48 58.12
C ARG C 301 -57.27 12.81 56.73
N PHE C 302 -56.17 13.50 56.62
CA PHE C 302 -55.65 13.85 55.32
C PHE C 302 -55.39 12.60 54.52
N GLU C 303 -54.74 11.62 55.14
CA GLU C 303 -54.44 10.39 54.45
C GLU C 303 -55.72 9.68 54.02
N GLU C 304 -56.77 9.71 54.86
CA GLU C 304 -58.04 9.08 54.47
C GLU C 304 -58.65 9.78 53.26
N LEU C 305 -58.61 11.10 53.24
CA LEU C 305 -59.19 11.89 52.17
C LEU C 305 -58.53 11.58 50.85
N CYS C 306 -57.23 11.36 50.94
CA CYS C 306 -56.39 11.12 49.81
C CYS C 306 -55.87 9.67 49.74
N SER C 307 -56.53 8.73 50.41
CA SER C 307 -55.97 7.37 50.47
C SER C 307 -55.79 6.69 49.13
N ASP C 308 -56.65 6.99 48.18
CA ASP C 308 -56.55 6.38 46.86
C ASP C 308 -55.55 7.14 46.01
N LEU C 309 -55.40 8.43 46.27
CA LEU C 309 -54.48 9.24 45.48
C LEU C 309 -53.07 8.77 45.79
N PHE C 310 -52.86 8.36 47.04
CA PHE C 310 -51.55 7.87 47.42
C PHE C 310 -51.33 6.46 46.89
N ARG C 311 -52.31 5.58 47.05
CA ARG C 311 -52.10 4.22 46.59
C ARG C 311 -51.89 4.12 45.09
N SER C 312 -52.57 4.96 44.32
CA SER C 312 -52.50 4.94 42.86
C SER C 312 -51.13 5.33 42.34
N THR C 313 -50.27 5.90 43.17
CA THR C 313 -48.95 6.28 42.66
C THR C 313 -48.11 5.04 42.43
N LEU C 314 -48.50 3.92 43.03
CA LEU C 314 -47.71 2.74 42.81
C LEU C 314 -48.16 2.02 41.56
N GLU C 315 -49.29 2.41 40.95
CA GLU C 315 -49.75 1.70 39.78
C GLU C 315 -48.79 1.94 38.61
N PRO C 316 -48.38 3.20 38.30
CA PRO C 316 -47.36 3.51 37.33
C PRO C 316 -45.99 2.95 37.75
N VAL C 317 -45.80 2.65 39.05
CA VAL C 317 -44.52 2.08 39.44
C VAL C 317 -44.49 0.68 38.91
N GLU C 318 -45.59 -0.04 39.12
CA GLU C 318 -45.65 -1.38 38.59
C GLU C 318 -45.59 -1.34 37.08
N LYS C 319 -46.22 -0.34 36.45
CA LYS C 319 -46.15 -0.26 35.01
C LYS C 319 -44.73 -0.03 34.55
N ALA C 320 -43.99 0.88 35.19
CA ALA C 320 -42.63 1.14 34.78
C ALA C 320 -41.78 -0.10 34.94
N LEU C 321 -42.00 -0.86 36.02
CA LEU C 321 -41.23 -2.07 36.22
C LEU C 321 -41.57 -3.06 35.15
N ARG C 322 -42.84 -3.14 34.75
CA ARG C 322 -43.16 -4.09 33.71
C ARG C 322 -42.52 -3.68 32.40
N ASP C 323 -42.54 -2.41 32.08
CA ASP C 323 -41.99 -1.97 30.80
C ASP C 323 -40.48 -2.15 30.74
N ALA C 324 -39.83 -1.97 31.88
CA ALA C 324 -38.38 -2.10 32.01
C ALA C 324 -37.97 -3.56 32.16
N LYS C 325 -38.96 -4.45 32.28
CA LYS C 325 -38.80 -5.86 32.53
C LYS C 325 -38.01 -6.12 33.79
N LEU C 326 -38.29 -5.34 34.84
CA LEU C 326 -37.58 -5.50 36.10
C LEU C 326 -38.44 -5.92 37.28
N ASP C 327 -37.87 -6.72 38.16
CA ASP C 327 -38.56 -7.01 39.40
C ASP C 327 -38.16 -5.97 40.42
N LYS C 328 -38.71 -6.06 41.62
CA LYS C 328 -38.39 -5.09 42.67
C LYS C 328 -36.92 -5.13 43.02
N ALA C 329 -36.37 -6.33 43.00
CA ALA C 329 -35.00 -6.62 43.39
C ALA C 329 -34.00 -6.04 42.42
N GLN C 330 -34.43 -5.64 41.25
CA GLN C 330 -33.52 -5.13 40.26
C GLN C 330 -33.37 -3.63 40.33
N ILE C 331 -34.09 -2.99 41.24
CA ILE C 331 -33.93 -1.57 41.42
C ILE C 331 -32.96 -1.41 42.55
N HIS C 332 -31.88 -0.68 42.30
CA HIS C 332 -30.85 -0.52 43.31
C HIS C 332 -31.03 0.78 44.05
N ASP C 333 -31.50 1.79 43.33
CA ASP C 333 -31.60 3.12 43.90
C ASP C 333 -33.00 3.70 43.79
N LEU C 334 -33.54 4.07 44.92
CA LEU C 334 -34.88 4.65 44.99
C LEU C 334 -34.72 6.15 45.19
N VAL C 335 -35.24 6.93 44.25
CA VAL C 335 -35.09 8.37 44.20
C VAL C 335 -36.36 9.19 44.25
N LEU C 336 -36.42 10.18 45.14
CA LEU C 336 -37.61 11.02 45.14
C LEU C 336 -37.41 12.36 44.49
N VAL C 337 -38.41 12.73 43.70
CA VAL C 337 -38.55 13.99 43.03
C VAL C 337 -39.94 14.56 43.25
N GLY C 338 -40.02 15.83 43.61
CA GLY C 338 -41.31 16.49 43.80
C GLY C 338 -41.69 16.66 45.27
N GLY C 339 -42.11 17.85 45.64
CA GLY C 339 -42.48 18.22 46.99
C GLY C 339 -43.56 17.34 47.59
N SER C 340 -44.46 16.84 46.78
CA SER C 340 -45.54 16.00 47.26
C SER C 340 -45.04 14.66 47.83
N THR C 341 -43.78 14.32 47.57
CA THR C 341 -43.24 13.07 48.07
C THR C 341 -42.79 13.26 49.50
N ARG C 342 -42.92 14.48 50.01
CA ARG C 342 -42.55 14.82 51.35
C ARG C 342 -43.67 14.37 52.31
N ILE C 343 -44.81 13.97 51.76
CA ILE C 343 -45.91 13.51 52.58
C ILE C 343 -45.52 12.10 53.05
N PRO C 344 -45.50 11.80 54.37
CA PRO C 344 -45.12 10.52 54.96
C PRO C 344 -45.78 9.32 54.31
N LYS C 345 -47.03 9.46 53.88
CA LYS C 345 -47.69 8.34 53.26
C LYS C 345 -47.03 7.94 51.96
N VAL C 346 -46.50 8.91 51.20
CA VAL C 346 -45.90 8.58 49.93
C VAL C 346 -44.63 7.83 50.19
N GLN C 347 -43.88 8.31 51.15
CA GLN C 347 -42.61 7.71 51.46
C GLN C 347 -42.83 6.30 51.98
N LYS C 348 -43.87 6.13 52.78
CA LYS C 348 -44.13 4.83 53.33
C LYS C 348 -44.57 3.90 52.23
N LEU C 349 -45.44 4.35 51.32
CA LEU C 349 -45.85 3.44 50.28
C LEU C 349 -44.74 3.04 49.36
N LEU C 350 -43.87 3.97 48.97
CA LEU C 350 -42.84 3.57 48.04
C LEU C 350 -41.83 2.69 48.76
N GLN C 351 -41.49 3.05 49.99
CA GLN C 351 -40.50 2.30 50.72
C GLN C 351 -41.01 0.91 51.05
N ASP C 352 -42.29 0.76 51.40
CA ASP C 352 -42.81 -0.57 51.69
C ASP C 352 -42.90 -1.37 50.41
N PHE C 353 -43.26 -0.72 49.31
CA PHE C 353 -43.37 -1.42 48.06
C PHE C 353 -42.02 -2.06 47.80
N PHE C 354 -40.95 -1.29 47.99
CA PHE C 354 -39.61 -1.82 47.78
C PHE C 354 -38.95 -2.39 49.05
N ASN C 355 -39.76 -3.07 49.84
CA ASN C 355 -39.36 -3.87 50.99
C ASN C 355 -38.55 -3.19 52.05
N GLY C 356 -38.87 -1.95 52.37
CA GLY C 356 -38.20 -1.25 53.45
C GLY C 356 -36.93 -0.52 53.03
N ARG C 357 -36.54 -0.61 51.76
CA ARG C 357 -35.31 0.04 51.36
C ARG C 357 -35.42 1.56 51.37
N ASP C 358 -34.39 2.18 51.94
CA ASP C 358 -34.33 3.62 52.12
C ASP C 358 -34.39 4.41 50.85
N LEU C 359 -35.14 5.51 50.91
CA LEU C 359 -35.34 6.39 49.77
C LEU C 359 -34.30 7.49 49.78
N ASN C 360 -33.89 7.94 48.62
CA ASN C 360 -32.92 9.00 48.61
C ASN C 360 -33.63 10.33 48.74
N LYS C 361 -33.57 10.81 49.98
CA LYS C 361 -34.18 12.04 50.48
C LYS C 361 -33.12 13.11 50.81
N SER C 362 -31.88 12.92 50.35
CA SER C 362 -30.77 13.82 50.71
C SER C 362 -30.84 15.25 50.17
N ILE C 363 -31.63 15.48 49.16
CA ILE C 363 -31.81 16.79 48.55
C ILE C 363 -33.29 17.05 48.55
N ASN C 364 -33.71 18.23 48.94
CA ASN C 364 -35.11 18.55 48.92
C ASN C 364 -35.66 18.10 47.56
N PRO C 365 -36.72 17.29 47.51
CA PRO C 365 -37.33 16.80 46.29
C PRO C 365 -37.64 17.88 45.24
N ASP C 366 -37.89 19.13 45.64
CA ASP C 366 -38.19 20.18 44.65
C ASP C 366 -36.95 20.90 44.17
N GLU C 367 -35.82 20.59 44.79
CA GLU C 367 -34.57 21.21 44.47
C GLU C 367 -33.69 20.27 43.67
N ALA C 368 -33.89 18.96 43.85
CA ALA C 368 -33.04 17.95 43.21
C ALA C 368 -32.98 18.08 41.69
N VAL C 369 -34.05 18.47 41.05
CA VAL C 369 -33.99 18.59 39.60
C VAL C 369 -33.20 19.81 39.19
N ALA C 370 -33.45 20.93 39.84
CA ALA C 370 -32.70 22.14 39.56
C ALA C 370 -31.23 21.90 39.85
N TYR C 371 -30.99 21.12 40.90
CA TYR C 371 -29.68 20.84 41.34
C TYR C 371 -28.97 20.14 40.20
N GLY C 372 -29.57 19.08 39.67
CA GLY C 372 -28.93 18.34 38.62
C GLY C 372 -28.69 19.19 37.38
N ALA C 373 -29.65 20.05 37.07
CA ALA C 373 -29.52 20.90 35.91
C ALA C 373 -28.35 21.84 36.07
N ALA C 374 -28.09 22.31 37.29
CA ALA C 374 -26.99 23.22 37.55
C ALA C 374 -25.65 22.54 37.40
N VAL C 375 -25.59 21.27 37.81
CA VAL C 375 -24.37 20.52 37.70
C VAL C 375 -24.08 20.32 36.24
N GLN C 376 -25.11 19.95 35.50
CA GLN C 376 -24.95 19.73 34.09
C GLN C 376 -24.62 21.04 33.38
N ALA C 377 -25.21 22.15 33.82
CA ALA C 377 -24.91 23.39 33.17
C ALA C 377 -23.45 23.74 33.30
N ALA C 378 -22.89 23.51 34.49
CA ALA C 378 -21.48 23.79 34.73
C ALA C 378 -20.55 22.93 33.91
N ILE C 379 -20.89 21.67 33.67
CA ILE C 379 -19.96 20.92 32.86
C ILE C 379 -20.11 21.37 31.39
N LEU C 380 -21.33 21.67 30.96
CA LEU C 380 -21.56 22.05 29.57
C LEU C 380 -20.94 23.38 29.17
N MET C 381 -20.88 24.34 30.09
CA MET C 381 -20.33 25.67 29.79
C MET C 381 -18.81 25.61 29.52
N GLY C 382 -18.18 24.50 29.85
CA GLY C 382 -16.75 24.31 29.70
C GLY C 382 -16.44 23.11 30.56
N ASP C 383 -15.86 22.08 29.96
CA ASP C 383 -15.87 20.77 30.61
C ASP C 383 -14.83 20.51 31.68
N LYS C 384 -14.99 21.23 32.77
CA LYS C 384 -14.18 21.15 33.95
C LYS C 384 -15.09 21.23 35.17
N SER C 385 -15.13 20.20 36.02
CA SER C 385 -16.01 20.30 37.18
C SER C 385 -15.35 19.70 38.41
N GLU C 386 -14.44 20.50 38.98
CA GLU C 386 -13.58 20.16 40.11
C GLU C 386 -12.66 18.95 39.79
N ASN C 387 -12.38 18.77 38.51
CA ASN C 387 -11.54 17.72 37.98
C ASN C 387 -11.02 18.16 36.60
N VAL C 388 -10.20 17.35 35.88
CA VAL C 388 -9.52 16.15 36.36
C VAL C 388 -8.08 16.42 36.04
N GLN C 389 -7.90 17.35 35.11
CA GLN C 389 -6.59 17.68 34.60
C GLN C 389 -5.74 18.41 35.62
N ASP C 390 -6.36 19.20 36.50
CA ASP C 390 -5.57 19.90 37.49
C ASP C 390 -5.11 18.91 38.52
N LEU C 391 -5.96 17.93 38.83
CA LEU C 391 -5.56 16.97 39.85
C LEU C 391 -4.37 16.19 39.32
N LEU C 392 -4.43 15.80 38.03
CA LEU C 392 -3.36 15.04 37.40
C LEU C 392 -2.07 15.82 37.22
N LEU C 393 -2.15 17.10 36.88
CA LEU C 393 -0.92 17.86 36.68
C LEU C 393 -0.30 18.40 37.97
N LEU C 394 -1.11 18.68 38.99
CA LEU C 394 -0.58 19.24 40.23
C LEU C 394 -0.07 18.17 41.19
N ASP C 395 -0.80 17.05 41.31
CA ASP C 395 -0.45 15.98 42.23
C ASP C 395 0.12 14.77 41.51
N VAL C 396 1.33 14.41 41.90
CA VAL C 396 2.05 13.29 41.32
C VAL C 396 2.53 12.39 42.43
N ALA C 397 2.93 11.17 42.11
CA ALA C 397 3.53 10.32 43.13
C ALA C 397 4.97 10.85 43.36
N PRO C 398 5.34 11.45 44.52
CA PRO C 398 6.63 12.10 44.72
C PRO C 398 7.85 11.17 44.70
N LEU C 399 7.60 9.90 44.97
CA LEU C 399 8.57 8.80 45.01
C LEU C 399 7.90 7.60 44.36
N SER C 400 8.67 6.71 43.72
CA SER C 400 8.06 5.53 43.15
C SER C 400 7.41 4.69 44.24
N LEU C 401 6.33 4.01 43.87
CA LEU C 401 5.58 3.15 44.79
C LEU C 401 5.64 1.72 44.30
N GLY C 402 5.93 0.80 45.21
CA GLY C 402 6.10 -0.58 44.85
C GLY C 402 6.08 -1.52 46.03
N LEU C 403 6.44 -2.76 45.77
CA LEU C 403 6.38 -3.80 46.79
C LEU C 403 7.64 -4.61 46.96
N GLU C 404 7.85 -5.12 48.17
CA GLU C 404 8.91 -6.06 48.40
C GLU C 404 8.49 -7.35 47.78
N THR C 405 9.46 -7.90 47.08
CA THR C 405 9.43 -9.18 46.43
C THR C 405 10.63 -9.99 46.93
N ALA C 406 10.62 -11.27 46.64
CA ALA C 406 11.70 -12.14 47.06
C ALA C 406 13.02 -11.58 46.62
N GLY C 407 13.98 -11.64 47.54
CA GLY C 407 15.30 -11.09 47.34
C GLY C 407 15.48 -9.83 48.17
N GLY C 408 14.36 -9.29 48.69
CA GLY C 408 14.42 -8.10 49.53
C GLY C 408 14.55 -6.85 48.68
N VAL C 409 13.96 -6.90 47.50
CA VAL C 409 14.06 -5.79 46.56
C VAL C 409 12.70 -5.20 46.29
N MET C 410 12.70 -3.95 45.85
CA MET C 410 11.46 -3.25 45.56
C MET C 410 11.10 -3.20 44.09
N THR C 411 9.89 -3.61 43.77
CA THR C 411 9.40 -3.53 42.41
C THR C 411 8.36 -2.44 42.31
N ALA C 412 8.66 -1.39 41.55
CA ALA C 412 7.72 -0.27 41.46
C ALA C 412 6.69 -0.53 40.39
N LEU C 413 5.44 -0.17 40.73
CA LEU C 413 4.29 -0.22 39.85
C LEU C 413 3.91 1.19 39.42
N ILE C 414 4.10 2.15 40.32
CA ILE C 414 3.83 3.57 40.01
C ILE C 414 5.17 4.25 39.98
N LYS C 415 5.47 4.89 38.87
CA LYS C 415 6.76 5.52 38.72
C LYS C 415 6.77 6.91 39.33
N ARG C 416 7.93 7.31 39.83
CA ARG C 416 8.10 8.63 40.40
C ARG C 416 7.71 9.72 39.41
N ASN C 417 6.96 10.67 39.93
CA ASN C 417 6.39 11.85 39.29
C ASN C 417 5.31 11.52 38.27
N SER C 418 4.80 10.30 38.31
CA SER C 418 3.66 9.91 37.50
C SER C 418 2.45 10.66 38.03
N THR C 419 1.56 11.07 37.15
CA THR C 419 0.40 11.82 37.58
C THR C 419 -0.57 10.93 38.33
N ILE C 420 -1.27 11.51 39.32
CA ILE C 420 -2.27 10.74 40.04
C ILE C 420 -3.58 11.54 40.02
N PRO C 421 -4.74 10.91 40.12
CA PRO C 421 -5.06 9.51 40.33
C PRO C 421 -4.66 8.61 39.16
N THR C 422 -4.26 7.38 39.46
CA THR C 422 -3.91 6.42 38.42
C THR C 422 -3.95 5.00 38.96
N LYS C 423 -4.14 4.01 38.08
CA LYS C 423 -4.11 2.62 38.53
C LYS C 423 -3.10 1.84 37.70
N GLN C 424 -2.08 1.26 38.35
CA GLN C 424 -1.04 0.53 37.63
C GLN C 424 -0.88 -0.91 38.14
N THR C 425 -0.67 -1.87 37.22
CA THR C 425 -0.49 -3.25 37.69
C THR C 425 0.67 -4.00 37.07
N GLN C 426 1.08 -5.06 37.78
CA GLN C 426 2.11 -6.04 37.37
C GLN C 426 1.75 -7.46 37.82
N ILE C 427 2.26 -8.48 37.12
CA ILE C 427 2.00 -9.87 37.51
C ILE C 427 3.15 -10.52 38.24
N PHE C 428 2.80 -11.08 39.38
CA PHE C 428 3.66 -11.77 40.34
C PHE C 428 3.16 -13.18 40.57
N THR C 429 4.01 -14.04 41.07
CA THR C 429 3.63 -15.39 41.41
C THR C 429 4.17 -15.67 42.79
N THR C 430 3.85 -16.78 43.43
CA THR C 430 4.50 -17.02 44.71
C THR C 430 5.96 -17.28 44.36
N TYR C 431 6.89 -16.83 45.23
CA TYR C 431 8.31 -17.09 45.02
C TYR C 431 8.69 -18.56 45.06
N SER C 432 8.23 -19.26 46.08
CA SER C 432 8.55 -20.66 46.25
C SER C 432 7.40 -21.52 45.76
N ASP C 433 7.67 -22.80 45.69
CA ASP C 433 6.74 -23.80 45.20
C ASP C 433 5.62 -24.10 46.20
N ASN C 434 4.42 -24.33 45.66
CA ASN C 434 3.26 -24.80 46.39
C ASN C 434 2.83 -24.01 47.62
N GLN C 435 2.80 -22.68 47.52
CA GLN C 435 2.38 -21.88 48.65
C GLN C 435 0.90 -21.50 48.50
N PRO C 436 0.14 -21.37 49.60
CA PRO C 436 -1.28 -20.98 49.65
C PRO C 436 -1.58 -19.48 49.58
N GLY C 437 -0.54 -18.65 49.49
CA GLY C 437 -0.73 -17.22 49.57
C GLY C 437 0.58 -16.45 49.47
N VAL C 438 0.50 -15.11 49.39
CA VAL C 438 1.70 -14.29 49.35
C VAL C 438 1.71 -13.13 50.33
N LEU C 439 2.91 -12.69 50.64
CA LEU C 439 3.12 -11.56 51.54
C LEU C 439 3.67 -10.35 50.81
N ILE C 440 2.84 -9.33 50.66
CA ILE C 440 3.18 -8.13 49.89
C ILE C 440 3.56 -6.98 50.81
N GLN C 441 4.79 -6.48 50.68
CA GLN C 441 5.14 -5.38 51.57
C GLN C 441 5.18 -4.12 50.77
N VAL C 442 4.35 -3.16 51.09
CA VAL C 442 4.30 -1.98 50.27
C VAL C 442 5.25 -0.89 50.78
N TYR C 443 6.09 -0.41 49.85
CA TYR C 443 7.14 0.60 50.04
C TYR C 443 7.07 1.85 49.15
N GLU C 444 7.65 2.92 49.67
CA GLU C 444 7.87 4.18 48.95
C GLU C 444 9.35 4.55 48.87
N GLY C 445 9.82 4.93 47.70
CA GLY C 445 11.21 5.35 47.62
C GLY C 445 11.90 4.93 46.35
N GLU C 446 13.16 5.38 46.23
CA GLU C 446 13.99 5.14 45.06
C GLU C 446 15.17 4.20 45.26
N ARG C 447 15.17 3.41 46.33
CA ARG C 447 16.30 2.52 46.53
C ARG C 447 15.97 1.14 45.99
N ALA C 448 16.96 0.43 45.44
CA ALA C 448 16.70 -0.93 44.94
C ALA C 448 16.28 -1.90 46.04
N MET C 449 16.89 -1.74 47.21
CA MET C 449 16.64 -2.63 48.32
C MET C 449 15.53 -2.09 49.21
N THR C 450 14.67 -2.97 49.70
CA THR C 450 13.57 -2.54 50.55
C THR C 450 14.00 -2.08 51.91
N LYS C 451 15.16 -2.54 52.36
CA LYS C 451 15.69 -2.15 53.64
C LYS C 451 15.99 -0.65 53.70
N ASP C 452 16.17 -0.01 52.53
CA ASP C 452 16.50 1.40 52.48
C ASP C 452 15.32 2.28 52.05
N ASN C 453 14.12 1.70 51.95
CA ASN C 453 12.93 2.44 51.55
C ASN C 453 11.99 2.70 52.73
N ASN C 454 10.89 3.40 52.47
CA ASN C 454 9.88 3.72 53.45
C ASN C 454 8.77 2.69 53.49
N LEU C 455 8.71 1.85 54.54
CA LEU C 455 7.64 0.86 54.53
C LEU C 455 6.35 1.62 54.78
N LEU C 456 5.37 1.40 53.93
CA LEU C 456 4.09 2.08 54.05
C LEU C 456 3.09 1.19 54.77
N GLY C 457 3.21 -0.12 54.57
CA GLY C 457 2.31 -1.08 55.19
C GLY C 457 2.43 -2.47 54.56
N ARG C 458 1.78 -3.47 55.16
CA ARG C 458 1.85 -4.83 54.66
C ARG C 458 0.50 -5.54 54.57
N PHE C 459 0.35 -6.47 53.62
CA PHE C 459 -0.87 -7.29 53.63
C PHE C 459 -0.64 -8.68 53.07
N GLU C 460 -1.56 -9.58 53.41
CA GLU C 460 -1.50 -10.95 52.94
C GLU C 460 -2.55 -11.30 51.90
N LEU C 461 -2.12 -11.85 50.79
CA LEU C 461 -3.05 -12.32 49.80
C LEU C 461 -3.24 -13.81 49.93
N SER C 462 -4.42 -14.19 50.36
CA SER C 462 -4.81 -15.56 50.59
C SER C 462 -5.60 -16.09 49.40
N GLY C 463 -5.86 -17.39 49.38
CA GLY C 463 -6.69 -17.92 48.30
C GLY C 463 -5.90 -18.28 47.05
N ILE C 464 -4.61 -18.54 47.20
CA ILE C 464 -3.76 -18.89 46.07
C ILE C 464 -3.58 -20.41 46.00
N PRO C 465 -4.01 -21.09 44.92
CA PRO C 465 -3.86 -22.52 44.80
C PRO C 465 -2.37 -22.76 44.83
N PRO C 466 -1.87 -23.76 45.55
CA PRO C 466 -0.47 -24.07 45.57
C PRO C 466 -0.09 -24.56 44.19
N ALA C 467 1.02 -24.10 43.66
CA ALA C 467 1.52 -24.55 42.37
C ALA C 467 3.02 -24.25 42.35
N PRO C 468 3.83 -24.85 41.47
CA PRO C 468 5.26 -24.61 41.38
C PRO C 468 5.52 -23.12 41.21
N ARG C 469 6.65 -22.66 41.74
CA ARG C 469 6.97 -21.26 41.70
C ARG C 469 6.84 -20.72 40.31
N GLY C 470 6.20 -19.58 40.19
CA GLY C 470 6.00 -18.99 38.87
C GLY C 470 4.66 -19.37 38.23
N VAL C 471 3.95 -20.33 38.80
CA VAL C 471 2.69 -20.73 38.22
C VAL C 471 1.46 -19.89 38.63
N PRO C 472 1.17 -19.60 39.92
CA PRO C 472 0.02 -18.82 40.35
C PRO C 472 0.08 -17.47 39.70
N GLN C 473 -1.05 -16.90 39.24
CA GLN C 473 -1.00 -15.59 38.59
C GLN C 473 -1.63 -14.50 39.44
N ILE C 474 -0.80 -13.70 40.06
CA ILE C 474 -1.21 -12.70 41.01
C ILE C 474 -1.08 -11.30 40.43
N GLU C 475 -2.17 -10.57 40.38
CA GLU C 475 -2.04 -9.22 39.89
C GLU C 475 -1.96 -8.30 41.08
N VAL C 476 -0.91 -7.51 41.13
CA VAL C 476 -0.74 -6.58 42.23
C VAL C 476 -1.04 -5.21 41.66
N THR C 477 -1.94 -4.48 42.32
CA THR C 477 -2.38 -3.19 41.85
C THR C 477 -2.08 -2.05 42.80
N PHE C 478 -1.45 -1.03 42.28
CA PHE C 478 -1.20 0.17 43.04
C PHE C 478 -2.18 1.22 42.57
N ASP C 479 -3.18 1.46 43.40
CA ASP C 479 -4.29 2.35 43.08
C ASP C 479 -4.14 3.64 43.90
N ILE C 480 -3.71 4.71 43.25
CA ILE C 480 -3.43 5.93 44.00
C ILE C 480 -4.41 7.02 43.64
N ASP C 481 -4.97 7.68 44.65
CA ASP C 481 -5.95 8.74 44.38
C ASP C 481 -5.26 10.08 44.22
N ALA C 482 -6.04 11.13 43.97
CA ALA C 482 -5.50 12.47 43.73
C ALA C 482 -4.71 13.02 44.90
N ASN C 483 -5.09 12.68 46.12
CA ASN C 483 -4.42 13.24 47.29
C ASN C 483 -3.20 12.44 47.74
N GLY C 484 -2.83 11.42 46.97
CA GLY C 484 -1.67 10.61 47.29
C GLY C 484 -1.99 9.38 48.12
N ILE C 485 -3.25 9.21 48.53
CA ILE C 485 -3.59 8.06 49.37
C ILE C 485 -3.39 6.84 48.49
N LEU C 486 -2.73 5.83 49.03
CA LEU C 486 -2.47 4.65 48.21
C LEU C 486 -3.17 3.41 48.73
N ASN C 487 -3.85 2.74 47.83
CA ASN C 487 -4.52 1.49 48.11
C ASN C 487 -3.83 0.39 47.34
N VAL C 488 -3.13 -0.49 48.04
CA VAL C 488 -2.48 -1.55 47.31
C VAL C 488 -3.27 -2.79 47.52
N THR C 489 -3.64 -3.38 46.41
CA THR C 489 -4.46 -4.55 46.47
C THR C 489 -3.78 -5.64 45.69
N ALA C 490 -4.23 -6.85 45.88
CA ALA C 490 -3.73 -7.93 45.04
C ALA C 490 -4.79 -8.97 44.89
N THR C 491 -4.75 -9.67 43.78
CA THR C 491 -5.70 -10.74 43.53
C THR C 491 -5.12 -11.92 42.77
N ASP C 492 -5.63 -13.11 43.05
CA ASP C 492 -5.23 -14.29 42.30
C ASP C 492 -6.26 -14.53 41.22
N LYS C 493 -5.86 -14.35 39.97
CA LYS C 493 -6.75 -14.40 38.83
C LYS C 493 -7.42 -15.76 38.64
N SER C 494 -6.83 -16.82 39.18
CA SER C 494 -7.41 -18.15 39.02
C SER C 494 -8.52 -18.46 40.04
N THR C 495 -8.63 -17.67 41.13
CA THR C 495 -9.66 -17.94 42.15
C THR C 495 -10.59 -16.76 42.41
N GLY C 496 -10.13 -15.55 42.08
CA GLY C 496 -10.90 -14.33 42.32
C GLY C 496 -10.74 -13.78 43.74
N LYS C 497 -9.85 -14.36 44.53
CA LYS C 497 -9.68 -13.91 45.91
C LYS C 497 -8.76 -12.69 45.91
N ALA C 498 -8.98 -11.79 46.88
CA ALA C 498 -8.18 -10.57 46.95
C ALA C 498 -8.07 -10.00 48.37
N ASN C 499 -7.04 -9.17 48.58
CA ASN C 499 -6.85 -8.44 49.85
C ASN C 499 -6.19 -7.08 49.59
N LYS C 500 -5.98 -6.29 50.66
CA LYS C 500 -5.40 -4.94 50.52
C LYS C 500 -4.77 -4.30 51.76
N ILE C 501 -4.02 -3.23 51.51
CA ILE C 501 -3.42 -2.33 52.51
C ILE C 501 -3.67 -0.85 52.20
N THR C 502 -4.13 -0.09 53.19
CA THR C 502 -4.30 1.34 52.97
C THR C 502 -3.12 2.11 53.56
N ILE C 503 -2.50 2.90 52.72
CA ILE C 503 -1.36 3.75 53.01
C ILE C 503 -1.83 5.17 53.20
N THR C 504 -1.47 5.77 54.33
CA THR C 504 -1.91 7.12 54.64
C THR C 504 -1.14 8.18 53.86
N ASN C 505 -1.68 9.41 53.86
CA ASN C 505 -1.07 10.53 53.16
C ASN C 505 0.04 11.19 53.95
N ASP C 506 1.08 11.65 53.24
CA ASP C 506 2.14 12.45 53.84
C ASP C 506 1.74 13.96 53.91
N LYS C 507 1.26 14.50 52.76
CA LYS C 507 0.81 15.87 52.47
C LYS C 507 -0.10 16.41 53.59
N PRO C 635 45.42 4.17 21.33
CA PRO C 635 44.66 2.99 20.97
C PRO C 635 45.30 2.27 19.76
N THR C 636 44.93 0.98 19.57
CA THR C 636 45.44 0.05 18.55
C THR C 636 45.26 0.59 17.13
N ILE C 637 44.13 1.21 16.89
CA ILE C 637 43.79 1.78 15.60
C ILE C 637 44.68 2.98 15.20
N GLU C 638 45.49 3.50 16.11
CA GLU C 638 46.42 4.58 15.76
C GLU C 638 47.84 4.05 15.61
N GLU C 639 48.01 2.72 15.75
CA GLU C 639 49.31 2.04 15.68
C GLU C 639 49.47 1.17 14.43
N VAL C 640 50.72 0.86 14.09
CA VAL C 640 51.00 -0.04 12.98
C VAL C 640 51.79 -1.23 13.49
N ASP C 641 51.72 -2.35 12.76
CA ASP C 641 52.44 -3.61 12.99
C ASP C 641 53.20 -4.05 11.71
N ALA D 4 12.61 30.31 -39.50
CA ALA D 4 13.90 30.04 -40.12
C ALA D 4 14.15 28.51 -40.11
N ALA D 5 14.51 27.92 -41.29
CA ALA D 5 14.78 26.48 -41.47
C ALA D 5 15.85 25.99 -40.53
N ALA D 6 15.62 24.81 -39.95
CA ALA D 6 16.56 24.25 -39.02
C ALA D 6 17.76 23.67 -39.76
N ILE D 7 18.91 23.79 -39.12
CA ILE D 7 20.14 23.23 -39.67
C ILE D 7 20.84 22.32 -38.71
N GLY D 8 21.72 21.52 -39.25
CA GLY D 8 22.53 20.66 -38.42
C GLY D 8 23.96 20.87 -38.79
N ILE D 9 24.83 20.90 -37.79
CA ILE D 9 26.22 21.11 -38.04
C ILE D 9 27.10 19.97 -37.56
N ASP D 10 27.90 19.45 -38.50
CA ASP D 10 28.91 18.42 -38.37
C ASP D 10 30.23 19.12 -38.02
N LEU D 11 30.64 19.10 -36.75
CA LEU D 11 31.81 19.82 -36.22
C LEU D 11 32.98 18.90 -35.88
N GLY D 12 33.98 18.78 -36.78
CA GLY D 12 35.12 17.87 -36.64
C GLY D 12 36.40 18.56 -36.18
N THR D 13 37.53 17.83 -36.19
CA THR D 13 38.79 18.45 -35.78
C THR D 13 39.50 19.10 -36.93
N THR D 14 39.24 18.61 -38.13
CA THR D 14 39.87 19.14 -39.30
C THR D 14 38.88 19.70 -40.31
N TYR D 15 37.64 19.24 -40.25
CA TYR D 15 36.55 19.62 -41.17
C TYR D 15 35.20 19.75 -40.51
N SER D 16 34.32 20.50 -41.16
CA SER D 16 32.93 20.65 -40.76
C SER D 16 31.99 20.78 -41.96
N CYS D 17 30.70 20.55 -41.73
CA CYS D 17 29.66 20.61 -42.78
C CYS D 17 28.26 20.94 -42.26
N VAL D 18 27.52 21.79 -42.96
CA VAL D 18 26.17 22.12 -42.51
C VAL D 18 25.09 21.71 -43.49
N GLY D 19 24.06 21.08 -42.96
CA GLY D 19 22.93 20.70 -43.77
C GLY D 19 21.72 21.48 -43.33
N VAL D 20 20.74 21.63 -44.21
CA VAL D 20 19.49 22.30 -43.89
C VAL D 20 18.34 21.45 -44.30
N PHE D 21 17.28 21.43 -43.51
CA PHE D 21 16.15 20.66 -43.97
C PHE D 21 15.06 21.58 -44.50
N GLN D 22 14.82 21.52 -45.80
CA GLN D 22 13.79 22.37 -46.38
C GLN D 22 13.09 21.66 -47.54
N HIS D 23 11.81 21.98 -47.73
CA HIS D 23 10.99 21.48 -48.84
C HIS D 23 11.00 19.95 -48.91
N GLY D 24 10.94 19.33 -47.74
CA GLY D 24 10.89 17.87 -47.62
C GLY D 24 12.23 17.12 -47.61
N LYS D 25 13.36 17.80 -47.73
CA LYS D 25 14.63 17.06 -47.73
C LYS D 25 15.83 17.82 -47.21
N VAL D 26 16.90 17.09 -46.91
CA VAL D 26 18.12 17.76 -46.50
C VAL D 26 19.02 18.13 -47.64
N GLU D 27 19.39 19.39 -47.66
CA GLU D 27 20.32 19.90 -48.61
C GLU D 27 21.64 20.12 -47.89
N ILE D 28 22.72 19.86 -48.56
CA ILE D 28 24.03 20.10 -47.99
C ILE D 28 24.55 21.34 -48.62
N ILE D 29 24.95 22.28 -47.79
CA ILE D 29 25.27 23.58 -48.31
C ILE D 29 26.74 23.81 -48.55
N ALA D 30 27.09 24.06 -49.80
CA ALA D 30 28.48 24.33 -50.11
C ALA D 30 28.84 25.72 -49.67
N ASN D 31 30.07 25.88 -49.23
CA ASN D 31 30.55 27.19 -48.84
C ASN D 31 30.97 27.96 -50.07
N ASP D 32 31.61 29.10 -49.85
CA ASP D 32 32.02 30.00 -50.89
C ASP D 32 33.06 29.46 -51.88
N GLN D 33 33.74 28.39 -51.52
CA GLN D 33 34.74 27.80 -52.38
C GLN D 33 34.14 26.64 -53.15
N GLY D 34 32.86 26.38 -52.91
CA GLY D 34 32.17 25.27 -53.52
C GLY D 34 32.35 23.97 -52.76
N ASN D 35 32.83 24.07 -51.51
CA ASN D 35 33.06 22.90 -50.71
C ASN D 35 31.96 22.63 -49.71
N ARG D 36 31.30 21.46 -49.81
CA ARG D 36 30.27 21.08 -48.84
C ARG D 36 30.89 20.87 -47.50
N THR D 37 32.10 20.35 -47.52
CA THR D 37 32.86 20.12 -46.31
C THR D 37 34.00 21.11 -46.33
N THR D 38 34.08 21.93 -45.30
CA THR D 38 35.06 23.00 -45.26
C THR D 38 35.94 22.82 -44.03
N PRO D 39 37.22 23.20 -44.02
CA PRO D 39 38.12 23.03 -42.91
C PRO D 39 37.74 23.71 -41.63
N SER D 40 37.99 23.02 -40.53
CA SER D 40 37.78 23.51 -39.17
C SER D 40 39.03 24.21 -38.74
N TYR D 41 39.33 25.25 -39.49
CA TYR D 41 40.47 26.09 -39.30
C TYR D 41 40.11 27.52 -39.13
N VAL D 42 40.84 28.14 -38.25
CA VAL D 42 40.74 29.57 -38.03
C VAL D 42 42.13 30.15 -38.14
N ALA D 43 42.27 31.20 -38.92
CA ALA D 43 43.58 31.81 -39.07
C ALA D 43 43.54 33.22 -38.60
N PHE D 44 44.41 33.52 -37.68
CA PHE D 44 44.48 34.85 -37.15
C PHE D 44 45.60 35.51 -37.89
N THR D 45 45.25 36.33 -38.86
CA THR D 45 46.26 36.93 -39.66
C THR D 45 46.43 38.30 -39.09
N ASP D 46 47.31 39.08 -39.65
CA ASP D 46 47.47 40.40 -39.10
C ASP D 46 46.47 41.38 -39.70
N THR D 47 45.55 40.87 -40.54
CA THR D 47 44.51 41.71 -41.11
C THR D 47 43.07 41.25 -40.80
N GLU D 48 42.83 39.95 -40.62
CA GLU D 48 41.47 39.43 -40.42
C GLU D 48 41.42 38.05 -39.74
N ARG D 49 40.28 37.70 -39.14
CA ARG D 49 40.13 36.33 -38.62
C ARG D 49 39.44 35.51 -39.69
N LEU D 50 40.19 34.62 -40.30
CA LEU D 50 39.69 33.85 -41.40
C LEU D 50 39.16 32.56 -40.90
N ILE D 51 38.10 32.08 -41.52
CA ILE D 51 37.54 30.81 -41.11
C ILE D 51 37.26 29.94 -42.33
N GLY D 52 37.59 28.66 -42.25
CA GLY D 52 37.30 27.74 -43.34
C GLY D 52 38.50 27.58 -44.24
N ASP D 53 38.29 27.64 -45.54
CA ASP D 53 39.34 27.41 -46.50
C ASP D 53 40.20 28.64 -46.55
N ALA D 54 39.60 29.78 -46.29
CA ALA D 54 40.39 30.99 -46.24
C ALA D 54 41.46 30.84 -45.18
N ALA D 55 41.10 30.15 -44.07
CA ALA D 55 42.03 29.93 -42.98
C ALA D 55 43.00 28.81 -43.27
N LYS D 56 42.51 27.73 -43.87
CA LYS D 56 43.38 26.59 -44.17
C LYS D 56 44.49 26.99 -45.09
N ASN D 57 44.21 27.87 -46.02
CA ASN D 57 45.20 28.25 -46.99
C ASN D 57 46.27 29.17 -46.39
N GLN D 58 46.09 29.61 -45.15
CA GLN D 58 47.07 30.47 -44.54
C GLN D 58 48.03 29.70 -43.69
N VAL D 59 47.86 28.38 -43.59
CA VAL D 59 48.76 27.65 -42.70
C VAL D 59 50.17 27.77 -43.21
N ALA D 60 50.30 27.97 -44.50
CA ALA D 60 51.55 28.19 -45.17
C ALA D 60 52.25 29.45 -44.68
N LEU D 61 51.49 30.49 -44.33
CA LEU D 61 52.07 31.77 -43.97
C LEU D 61 52.12 32.13 -42.48
N ASN D 62 51.13 31.74 -41.70
CA ASN D 62 51.12 32.11 -40.28
C ASN D 62 50.79 30.94 -39.40
N PRO D 63 51.48 29.80 -39.50
CA PRO D 63 51.09 28.57 -38.83
C PRO D 63 50.99 28.69 -37.32
N GLN D 64 51.76 29.59 -36.72
CA GLN D 64 51.75 29.77 -35.27
C GLN D 64 50.49 30.46 -34.80
N ASN D 65 49.80 31.07 -35.74
CA ASN D 65 48.59 31.81 -35.49
C ASN D 65 47.39 31.11 -36.08
N THR D 66 47.51 29.83 -36.46
CA THR D 66 46.31 29.19 -36.96
C THR D 66 45.96 28.12 -36.00
N VAL D 67 44.69 27.78 -35.97
CA VAL D 67 44.26 26.73 -35.09
C VAL D 67 43.39 25.71 -35.78
N PHE D 68 43.42 24.52 -35.21
CA PHE D 68 42.72 23.32 -35.62
C PHE D 68 42.65 22.38 -34.42
N ASP D 69 41.90 21.27 -34.48
CA ASP D 69 41.81 20.37 -33.34
C ASP D 69 41.27 21.05 -32.09
N ALA D 70 40.31 21.97 -32.26
CA ALA D 70 39.77 22.61 -31.07
C ALA D 70 39.14 21.58 -30.16
N LYS D 71 38.52 20.56 -30.75
CA LYS D 71 37.84 19.55 -29.96
C LYS D 71 38.72 18.75 -29.06
N ARG D 72 40.01 18.73 -29.31
CA ARG D 72 40.86 17.96 -28.45
C ARG D 72 41.02 18.69 -27.12
N LEU D 73 40.85 20.02 -27.13
CA LEU D 73 40.99 20.82 -25.93
C LEU D 73 39.64 21.15 -25.29
N ILE D 74 38.56 21.14 -26.08
CA ILE D 74 37.25 21.51 -25.56
C ILE D 74 36.78 20.58 -24.50
N GLY D 75 36.33 21.21 -23.40
CA GLY D 75 35.79 20.52 -22.24
C GLY D 75 36.86 19.95 -21.32
N ARG D 76 38.13 20.19 -21.62
CA ARG D 76 39.16 19.60 -20.79
C ARG D 76 39.86 20.57 -19.89
N LYS D 77 40.45 20.02 -18.84
CA LYS D 77 41.29 20.78 -17.95
C LYS D 77 42.66 20.90 -18.55
N PHE D 78 43.32 21.98 -18.27
CA PHE D 78 44.65 22.21 -18.81
C PHE D 78 45.60 21.09 -18.47
N GLY D 79 45.59 20.65 -17.20
CA GLY D 79 46.48 19.59 -16.71
C GLY D 79 46.13 18.17 -17.20
N ASP D 80 45.02 18.02 -17.94
CA ASP D 80 44.57 16.76 -18.50
C ASP D 80 45.66 16.16 -19.40
N PRO D 81 46.12 14.93 -19.21
CA PRO D 81 47.15 14.27 -19.98
C PRO D 81 46.95 14.37 -21.50
N VAL D 82 45.69 14.44 -21.96
CA VAL D 82 45.45 14.54 -23.37
C VAL D 82 45.92 15.88 -23.88
N VAL D 83 45.65 16.92 -23.09
CA VAL D 83 46.01 18.28 -23.43
C VAL D 83 47.51 18.39 -23.43
N GLN D 84 48.11 17.79 -22.42
CA GLN D 84 49.55 17.86 -22.25
C GLN D 84 50.29 17.15 -23.35
N SER D 85 49.73 16.05 -23.85
CA SER D 85 50.36 15.34 -24.94
C SER D 85 50.11 15.99 -26.29
N ASP D 86 48.86 16.27 -26.61
CA ASP D 86 48.54 16.80 -27.92
C ASP D 86 49.13 18.17 -28.20
N MET D 87 49.31 19.02 -27.18
CA MET D 87 49.85 20.33 -27.49
C MET D 87 51.26 20.27 -28.04
N LYS D 88 51.96 19.19 -27.79
CA LYS D 88 53.35 19.07 -28.18
C LYS D 88 53.48 18.91 -29.66
N HIS D 89 52.38 18.66 -30.35
CA HIS D 89 52.43 18.44 -31.76
C HIS D 89 51.77 19.59 -32.52
N TRP D 90 51.49 20.71 -31.85
CA TRP D 90 50.84 21.83 -32.50
C TRP D 90 51.74 23.05 -32.65
N PRO D 91 51.57 23.87 -33.70
CA PRO D 91 52.25 25.12 -33.94
C PRO D 91 51.78 26.27 -33.04
N PHE D 92 50.63 26.10 -32.40
CA PHE D 92 50.04 27.13 -31.56
C PHE D 92 50.26 26.79 -30.08
N GLN D 93 50.21 27.81 -29.21
CA GLN D 93 50.49 27.55 -27.81
C GLN D 93 49.26 27.36 -26.94
N VAL D 94 49.26 26.29 -26.16
CA VAL D 94 48.17 26.11 -25.23
C VAL D 94 48.57 26.68 -23.85
N ILE D 95 47.72 27.55 -23.34
CA ILE D 95 47.85 28.33 -22.13
C ILE D 95 46.97 27.89 -20.99
N ASN D 96 47.52 27.85 -19.78
CA ASN D 96 46.75 27.51 -18.60
C ASN D 96 46.02 28.71 -18.02
N ASP D 97 44.70 28.77 -18.18
CA ASP D 97 43.93 29.89 -17.62
C ASP D 97 42.79 29.36 -16.76
N GLY D 98 43.07 29.21 -15.44
CA GLY D 98 42.09 28.61 -14.51
C GLY D 98 42.04 27.09 -14.68
N ASP D 99 43.18 26.47 -15.03
CA ASP D 99 43.29 25.05 -15.32
C ASP D 99 42.37 24.69 -16.45
N LYS D 100 42.34 25.54 -17.46
CA LYS D 100 41.54 25.33 -18.64
C LYS D 100 42.41 25.80 -19.78
N PRO D 101 42.63 25.02 -20.84
CA PRO D 101 43.48 25.41 -21.90
C PRO D 101 42.87 26.55 -22.64
N LYS D 102 43.68 27.49 -23.02
CA LYS D 102 43.27 28.60 -23.84
C LYS D 102 44.31 28.65 -24.96
N VAL D 103 43.96 29.00 -26.17
CA VAL D 103 44.98 29.00 -27.21
C VAL D 103 45.47 30.35 -27.63
N GLN D 104 46.79 30.54 -27.51
CA GLN D 104 47.47 31.78 -27.82
C GLN D 104 48.03 31.86 -29.22
N VAL D 105 47.61 32.93 -29.87
CA VAL D 105 47.96 33.35 -31.21
C VAL D 105 48.29 34.83 -31.20
N SER D 106 48.91 35.31 -32.26
CA SER D 106 49.08 36.75 -32.42
C SER D 106 48.12 37.23 -33.50
N TYR D 107 47.24 38.15 -33.15
CA TYR D 107 46.22 38.65 -34.07
C TYR D 107 46.37 40.14 -34.28
N LYS D 108 46.56 40.56 -35.53
CA LYS D 108 46.80 41.99 -35.82
C LYS D 108 47.95 42.51 -34.98
N GLY D 109 48.96 41.67 -34.81
CA GLY D 109 50.16 41.99 -34.06
C GLY D 109 49.99 41.89 -32.53
N GLU D 110 48.79 41.60 -32.03
CA GLU D 110 48.55 41.57 -30.59
C GLU D 110 48.56 40.19 -30.00
N THR D 111 48.99 40.07 -28.75
CA THR D 111 48.94 38.75 -28.16
C THR D 111 47.57 38.52 -27.55
N LYS D 112 46.91 37.47 -28.00
CA LYS D 112 45.58 37.14 -27.53
C LYS D 112 45.47 35.64 -27.33
N ALA D 113 44.56 35.23 -26.48
CA ALA D 113 44.33 33.80 -26.39
C ALA D 113 42.85 33.59 -26.27
N PHE D 114 42.37 32.53 -26.91
CA PHE D 114 40.95 32.23 -26.95
C PHE D 114 40.65 30.86 -26.40
N TYR D 115 39.57 30.67 -25.69
CA TYR D 115 39.31 29.32 -25.26
C TYR D 115 38.99 28.47 -26.48
N PRO D 116 39.25 27.16 -26.49
CA PRO D 116 38.88 26.24 -27.54
C PRO D 116 37.44 26.40 -27.94
N GLU D 117 36.59 26.71 -26.96
CA GLU D 117 35.19 26.95 -27.18
C GLU D 117 34.96 28.18 -28.06
N GLU D 118 35.82 29.19 -27.92
CA GLU D 118 35.71 30.38 -28.71
C GLU D 118 36.12 30.06 -30.12
N ILE D 119 37.12 29.21 -30.26
CA ILE D 119 37.58 28.89 -31.60
C ILE D 119 36.47 28.14 -32.30
N SER D 120 35.85 27.24 -31.58
CA SER D 120 34.75 26.49 -32.14
C SER D 120 33.62 27.43 -32.49
N SER D 121 33.31 28.41 -31.64
CA SER D 121 32.21 29.28 -31.98
C SER D 121 32.51 30.03 -33.24
N MET D 122 33.76 30.34 -33.50
CA MET D 122 34.09 31.03 -34.73
C MET D 122 33.77 30.13 -35.90
N VAL D 123 34.10 28.85 -35.78
CA VAL D 123 33.82 27.93 -36.85
C VAL D 123 32.34 27.78 -37.05
N LEU D 124 31.58 27.69 -35.97
CA LEU D 124 30.13 27.56 -36.06
C LEU D 124 29.53 28.80 -36.66
N THR D 125 30.09 29.96 -36.37
CA THR D 125 29.59 31.19 -36.93
C THR D 125 29.75 31.12 -38.42
N LYS D 126 30.89 30.64 -38.88
CA LYS D 126 31.05 30.52 -40.31
C LYS D 126 30.03 29.59 -40.90
N MET D 127 29.73 28.49 -40.21
CA MET D 127 28.78 27.54 -40.78
C MET D 127 27.40 28.19 -40.82
N LYS D 128 27.14 29.06 -39.83
CA LYS D 128 25.91 29.81 -39.74
C LYS D 128 25.83 30.74 -40.95
N GLU D 129 26.93 31.44 -41.26
CA GLU D 129 26.96 32.35 -42.38
C GLU D 129 26.75 31.61 -43.69
N ILE D 130 27.30 30.41 -43.79
CA ILE D 130 27.14 29.66 -45.01
C ILE D 130 25.68 29.34 -45.17
N ALA D 131 25.04 28.86 -44.11
CA ALA D 131 23.65 28.53 -44.21
C ALA D 131 22.75 29.74 -44.45
N GLU D 132 23.07 30.86 -43.84
CA GLU D 132 22.25 32.05 -43.99
C GLU D 132 22.34 32.60 -45.38
N ALA D 133 23.55 32.61 -45.94
CA ALA D 133 23.75 33.12 -47.26
C ALA D 133 23.02 32.26 -48.28
N TYR D 134 23.05 30.95 -48.06
CA TYR D 134 22.39 30.00 -48.91
C TYR D 134 20.89 30.16 -48.91
N LEU D 135 20.33 30.26 -47.70
CA LEU D 135 18.90 30.35 -47.51
C LEU D 135 18.30 31.73 -47.73
N GLY D 136 19.10 32.78 -47.55
CA GLY D 136 18.59 34.13 -47.71
C GLY D 136 18.00 34.70 -46.43
N TYR D 137 18.40 34.15 -45.29
CA TYR D 137 17.89 34.66 -44.01
C TYR D 137 18.64 34.09 -42.82
N PRO D 138 18.70 34.80 -41.67
CA PRO D 138 19.29 34.36 -40.43
C PRO D 138 18.72 33.07 -39.90
N VAL D 139 19.59 32.18 -39.45
CA VAL D 139 19.16 30.92 -38.87
C VAL D 139 19.79 30.66 -37.54
N THR D 140 18.96 30.48 -36.53
CA THR D 140 19.47 30.18 -35.22
C THR D 140 19.13 28.79 -34.79
N ASN D 141 18.21 28.13 -35.45
CA ASN D 141 17.78 26.85 -34.95
C ASN D 141 18.73 25.77 -35.42
N ALA D 142 19.54 25.22 -34.50
CA ALA D 142 20.56 24.25 -34.91
C ALA D 142 20.81 23.05 -33.97
N VAL D 143 21.26 21.99 -34.60
CA VAL D 143 21.72 20.78 -33.94
C VAL D 143 23.19 20.54 -34.19
N ILE D 144 23.97 20.36 -33.13
CA ILE D 144 25.40 20.19 -33.28
C ILE D 144 25.82 18.80 -32.83
N THR D 145 26.56 18.07 -33.63
CA THR D 145 26.94 16.75 -33.19
C THR D 145 28.26 16.73 -32.44
N VAL D 146 28.46 15.66 -31.67
CA VAL D 146 29.69 15.40 -30.91
C VAL D 146 30.12 13.94 -31.01
N PRO D 147 31.37 13.56 -30.79
CA PRO D 147 31.81 12.20 -30.73
C PRO D 147 31.08 11.48 -29.63
N ALA D 148 30.84 10.19 -29.84
CA ALA D 148 30.12 9.39 -28.87
C ALA D 148 30.81 9.26 -27.53
N TYR D 149 32.12 9.50 -27.49
CA TYR D 149 32.84 9.33 -26.24
C TYR D 149 32.89 10.60 -25.45
N PHE D 150 32.23 11.65 -25.91
CA PHE D 150 32.27 12.87 -25.14
C PHE D 150 31.62 12.75 -23.81
N ASN D 151 32.23 13.46 -22.88
CA ASN D 151 31.75 13.57 -21.51
C ASN D 151 30.79 14.76 -21.41
N ASP D 152 30.35 15.06 -20.20
CA ASP D 152 29.37 16.10 -20.01
C ASP D 152 29.92 17.49 -20.22
N SER D 153 31.15 17.72 -19.78
CA SER D 153 31.73 19.04 -19.92
C SER D 153 31.92 19.36 -21.37
N GLN D 154 32.22 18.34 -22.15
CA GLN D 154 32.44 18.50 -23.55
C GLN D 154 31.17 18.80 -24.28
N ARG D 155 30.07 18.17 -23.89
CA ARG D 155 28.85 18.50 -24.61
C ARG D 155 28.38 19.88 -24.26
N GLN D 156 28.51 20.28 -22.99
CA GLN D 156 28.05 21.61 -22.66
C GLN D 156 28.93 22.65 -23.30
N ALA D 157 30.22 22.39 -23.38
CA ALA D 157 31.14 23.31 -23.97
C ALA D 157 30.81 23.48 -25.45
N THR D 158 30.43 22.41 -26.12
CA THR D 158 30.04 22.50 -27.52
C THR D 158 28.81 23.36 -27.67
N LYS D 159 27.84 23.15 -26.79
CA LYS D 159 26.62 23.92 -26.85
C LYS D 159 26.93 25.39 -26.62
N ASP D 160 27.82 25.71 -25.70
CA ASP D 160 28.16 27.10 -25.44
C ASP D 160 28.85 27.71 -26.63
N ALA D 161 29.66 26.94 -27.34
CA ALA D 161 30.29 27.51 -28.51
C ALA D 161 29.19 27.95 -29.48
N GLY D 162 28.10 27.19 -29.56
CA GLY D 162 26.97 27.55 -30.39
C GLY D 162 26.33 28.84 -29.88
N VAL D 163 26.21 28.96 -28.57
CA VAL D 163 25.63 30.15 -27.98
C VAL D 163 26.46 31.38 -28.35
N ILE D 164 27.78 31.26 -28.30
CA ILE D 164 28.68 32.36 -28.66
C ILE D 164 28.49 32.71 -30.12
N ALA D 165 28.41 31.71 -30.98
CA ALA D 165 28.19 31.90 -32.41
C ALA D 165 26.86 32.62 -32.66
N GLY D 166 25.88 32.43 -31.77
CA GLY D 166 24.61 33.08 -31.94
C GLY D 166 23.53 32.09 -32.33
N LEU D 167 23.78 30.82 -32.09
CA LEU D 167 22.82 29.79 -32.39
C LEU D 167 22.00 29.41 -31.20
N ASN D 168 20.80 28.99 -31.50
CA ASN D 168 19.86 28.41 -30.59
C ASN D 168 20.16 26.96 -30.64
N VAL D 169 20.93 26.47 -29.71
CA VAL D 169 21.30 25.10 -29.88
C VAL D 169 20.13 24.33 -29.36
N LEU D 170 19.54 23.56 -30.24
CA LEU D 170 18.36 22.82 -29.93
C LEU D 170 18.80 21.54 -29.32
N ARG D 171 19.88 21.00 -29.85
CA ARG D 171 20.34 19.71 -29.39
C ARG D 171 21.77 19.36 -29.71
N ILE D 172 22.33 18.48 -28.87
CA ILE D 172 23.60 17.85 -29.08
C ILE D 172 23.36 16.36 -29.34
N ILE D 173 23.91 15.84 -30.42
CA ILE D 173 23.70 14.43 -30.82
C ILE D 173 25.00 13.66 -30.99
N ASN D 174 25.10 12.43 -30.51
CA ASN D 174 26.36 11.73 -30.78
C ASN D 174 26.47 11.49 -32.30
N GLU D 175 27.67 11.70 -32.89
CA GLU D 175 28.00 11.58 -34.31
C GLU D 175 27.39 10.30 -34.94
N PRO D 176 27.55 9.04 -34.39
CA PRO D 176 26.94 7.82 -34.92
C PRO D 176 25.41 7.81 -34.87
N THR D 177 24.79 8.58 -33.98
CA THR D 177 23.35 8.55 -33.98
C THR D 177 22.96 9.35 -35.18
N ALA D 178 23.63 10.46 -35.40
CA ALA D 178 23.29 11.29 -36.52
C ALA D 178 23.47 10.50 -37.80
N ALA D 179 24.52 9.69 -37.88
CA ALA D 179 24.66 8.95 -39.11
C ALA D 179 23.52 7.95 -39.26
N ALA D 180 23.13 7.29 -38.17
CA ALA D 180 22.05 6.34 -38.29
C ALA D 180 20.76 6.99 -38.75
N ILE D 181 20.53 8.22 -38.33
CA ILE D 181 19.36 8.97 -38.74
C ILE D 181 19.44 9.22 -40.23
N ALA D 182 20.62 9.64 -40.66
CA ALA D 182 20.83 9.96 -42.06
C ALA D 182 20.52 8.79 -42.96
N TYR D 183 20.81 7.60 -42.51
CA TYR D 183 20.57 6.44 -43.35
C TYR D 183 19.19 5.81 -43.19
N GLY D 184 18.32 6.45 -42.42
CA GLY D 184 16.95 5.97 -42.23
C GLY D 184 16.83 4.76 -41.33
N LEU D 185 17.74 4.59 -40.41
CA LEU D 185 17.71 3.43 -39.57
C LEU D 185 16.76 3.58 -38.41
N ASP D 186 16.14 4.73 -38.28
CA ASP D 186 15.16 4.99 -37.26
C ASP D 186 13.75 4.74 -37.80
N ARG D 187 13.66 4.16 -39.00
CA ARG D 187 12.39 3.88 -39.65
C ARG D 187 12.21 2.39 -39.92
N THR D 188 12.78 1.53 -39.06
CA THR D 188 12.67 0.10 -39.28
C THR D 188 11.29 -0.46 -38.89
N GLY D 189 10.68 0.10 -37.84
CA GLY D 189 9.38 -0.36 -37.35
C GLY D 189 9.53 -1.68 -36.61
N LYS D 190 10.77 -1.99 -36.25
CA LYS D 190 11.18 -3.23 -35.62
C LYS D 190 12.10 -2.97 -34.45
N GLY D 191 12.39 -4.05 -33.69
CA GLY D 191 13.36 -4.04 -32.59
C GLY D 191 14.79 -4.08 -33.15
N GLU D 192 14.86 -4.22 -34.46
CA GLU D 192 16.04 -4.21 -35.27
C GLU D 192 16.33 -2.72 -35.48
N ARG D 193 17.57 -2.30 -35.75
CA ARG D 193 18.76 -3.04 -36.08
C ARG D 193 19.97 -2.81 -35.20
N ASN D 194 20.89 -3.78 -35.19
CA ASN D 194 22.18 -3.58 -34.54
C ASN D 194 23.10 -3.05 -35.63
N VAL D 195 23.53 -1.81 -35.46
CA VAL D 195 24.30 -1.20 -36.50
C VAL D 195 25.67 -0.75 -36.07
N LEU D 196 26.64 -1.15 -36.86
CA LEU D 196 27.99 -0.77 -36.59
C LEU D 196 28.34 0.43 -37.43
N ILE D 197 28.75 1.49 -36.78
CA ILE D 197 29.11 2.71 -37.47
C ILE D 197 30.59 2.93 -37.38
N PHE D 198 31.23 2.99 -38.54
CA PHE D 198 32.67 3.11 -38.64
C PHE D 198 33.07 4.51 -39.11
N ASP D 199 33.56 5.40 -38.19
CA ASP D 199 33.93 6.78 -38.52
C ASP D 199 35.45 6.95 -38.59
N LEU D 200 36.02 6.95 -39.82
CA LEU D 200 37.46 7.12 -40.03
C LEU D 200 37.57 8.54 -40.51
N GLY D 201 37.93 9.42 -39.60
CA GLY D 201 37.87 10.84 -39.89
C GLY D 201 39.21 11.46 -40.17
N GLY D 202 39.30 12.74 -39.82
CA GLY D 202 40.49 13.51 -40.07
C GLY D 202 41.57 13.10 -39.11
N GLY D 203 41.50 13.55 -37.87
CA GLY D 203 42.53 13.15 -36.93
C GLY D 203 42.16 11.96 -36.04
N THR D 204 40.94 11.43 -36.13
CA THR D 204 40.56 10.31 -35.26
C THR D 204 39.76 9.19 -35.92
N PHE D 205 39.80 8.02 -35.30
CA PHE D 205 39.03 6.85 -35.67
C PHE D 205 38.07 6.40 -34.59
N ASP D 206 36.77 6.57 -34.85
CA ASP D 206 35.72 6.29 -33.88
C ASP D 206 34.77 5.18 -34.35
N VAL D 207 34.75 4.08 -33.63
CA VAL D 207 33.91 2.97 -34.00
C VAL D 207 32.90 2.69 -32.94
N SER D 208 31.64 2.63 -33.31
CA SER D 208 30.68 2.31 -32.27
C SER D 208 29.51 1.52 -32.74
N ILE D 209 28.91 0.83 -31.81
CA ILE D 209 27.76 0.03 -32.07
C ILE D 209 26.57 0.57 -31.41
N LEU D 210 25.60 0.89 -32.23
CA LEU D 210 24.35 1.42 -31.78
C LEU D 210 23.28 0.41 -32.00
N THR D 211 22.48 0.20 -31.01
CA THR D 211 21.38 -0.72 -31.20
C THR D 211 20.18 0.14 -31.28
N ILE D 212 19.40 -0.09 -32.29
CA ILE D 212 18.27 0.75 -32.53
C ILE D 212 17.03 -0.04 -32.31
N ASP D 213 16.14 0.46 -31.48
CA ASP D 213 14.89 -0.25 -31.29
C ASP D 213 13.72 0.68 -31.55
N ASP D 214 13.15 0.56 -32.73
CA ASP D 214 12.03 1.35 -33.18
C ASP D 214 12.22 2.85 -32.94
N GLY D 215 13.39 3.39 -33.32
CA GLY D 215 13.67 4.82 -33.19
C GLY D 215 14.43 5.26 -31.92
N ILE D 216 14.64 4.33 -30.99
CA ILE D 216 15.38 4.66 -29.77
C ILE D 216 16.79 4.11 -29.86
N PHE D 217 17.76 4.95 -29.66
CA PHE D 217 19.13 4.57 -29.85
C PHE D 217 19.93 4.38 -28.58
N GLU D 218 20.73 3.34 -28.57
CA GLU D 218 21.65 3.10 -27.46
C GLU D 218 23.03 2.79 -27.93
N VAL D 219 24.03 3.41 -27.35
CA VAL D 219 25.38 3.05 -27.74
C VAL D 219 25.80 1.92 -26.85
N LYS D 220 26.06 0.76 -27.44
CA LYS D 220 26.43 -0.40 -26.67
C LYS D 220 27.90 -0.45 -26.48
N ALA D 221 28.61 0.01 -27.48
CA ALA D 221 30.05 -0.05 -27.38
C ALA D 221 30.73 0.98 -28.20
N THR D 222 31.89 1.36 -27.75
CA THR D 222 32.75 2.22 -28.50
C THR D 222 34.13 1.63 -28.53
N ALA D 223 34.87 1.95 -29.55
CA ALA D 223 36.24 1.57 -29.70
C ALA D 223 36.88 2.59 -30.59
N GLY D 224 38.19 2.74 -30.56
CA GLY D 224 38.76 3.70 -31.48
C GLY D 224 40.22 3.95 -31.24
N ASP D 225 40.73 4.89 -31.99
CA ASP D 225 42.13 5.27 -31.95
C ASP D 225 42.25 6.78 -32.14
N THR D 226 42.64 7.44 -31.07
CA THR D 226 42.67 8.89 -30.99
C THR D 226 43.76 9.51 -31.83
N HIS D 227 44.67 8.70 -32.34
CA HIS D 227 45.72 9.22 -33.17
C HIS D 227 45.78 8.52 -34.53
N LEU D 228 44.64 8.01 -34.98
CA LEU D 228 44.47 7.39 -36.29
C LEU D 228 43.33 8.02 -37.03
N GLY D 229 43.57 8.47 -38.23
CA GLY D 229 42.55 9.11 -39.03
C GLY D 229 43.11 9.28 -40.42
N GLY D 230 42.66 10.26 -41.18
CA GLY D 230 43.11 10.48 -42.54
C GLY D 230 44.47 11.16 -42.56
N GLU D 231 44.77 11.92 -41.52
CA GLU D 231 46.00 12.68 -41.45
C GLU D 231 47.26 11.81 -41.48
N ASP D 232 47.23 10.66 -40.84
CA ASP D 232 48.40 9.81 -40.86
C ASP D 232 48.56 9.05 -42.17
N PHE D 233 47.53 9.02 -43.02
CA PHE D 233 47.67 8.39 -44.30
C PHE D 233 48.43 9.38 -45.14
N ASP D 234 48.10 10.65 -44.91
CA ASP D 234 48.73 11.75 -45.60
C ASP D 234 50.17 11.82 -45.15
N ASN D 235 50.43 11.50 -43.88
CA ASN D 235 51.79 11.53 -43.38
C ASN D 235 52.65 10.46 -44.02
N ARG D 236 52.09 9.28 -44.25
CA ARG D 236 52.87 8.23 -44.91
C ARG D 236 53.17 8.64 -46.34
N LEU D 237 52.20 9.30 -46.95
CA LEU D 237 52.32 9.79 -48.30
C LEU D 237 53.41 10.87 -48.36
N VAL D 238 53.51 11.71 -47.34
CA VAL D 238 54.57 12.69 -47.29
C VAL D 238 55.90 11.98 -47.23
N ASN D 239 56.04 10.97 -46.38
CA ASN D 239 57.35 10.34 -46.32
C ASN D 239 57.75 9.71 -47.65
N HIS D 240 56.80 9.14 -48.38
CA HIS D 240 57.10 8.60 -49.69
C HIS D 240 57.69 9.64 -50.60
N PHE D 241 57.03 10.79 -50.68
CA PHE D 241 57.50 11.83 -51.57
C PHE D 241 58.77 12.50 -51.08
N VAL D 242 58.96 12.61 -49.77
CA VAL D 242 60.19 13.19 -49.29
C VAL D 242 61.34 12.29 -49.67
N GLU D 243 61.19 10.98 -49.50
CA GLU D 243 62.26 10.08 -49.83
C GLU D 243 62.61 10.17 -51.30
N GLU D 244 61.61 10.29 -52.18
CA GLU D 244 61.95 10.42 -53.59
C GLU D 244 62.68 11.71 -53.87
N PHE D 245 62.24 12.82 -53.25
CA PHE D 245 62.88 14.10 -53.46
C PHE D 245 64.31 13.92 -53.05
N LYS D 246 64.52 13.32 -51.87
CA LYS D 246 65.85 13.13 -51.36
C LYS D 246 66.70 12.34 -52.30
N ARG D 247 66.21 11.25 -52.87
CA ARG D 247 67.02 10.47 -53.78
C ARG D 247 67.42 11.25 -55.03
N LYS D 248 66.49 12.01 -55.58
CA LYS D 248 66.79 12.76 -56.79
C LYS D 248 67.72 13.95 -56.59
N HIS D 249 67.56 14.65 -55.48
CA HIS D 249 68.33 15.85 -55.24
C HIS D 249 69.40 15.77 -54.14
N LYS D 250 69.44 14.64 -53.42
CA LYS D 250 70.32 14.38 -52.27
C LYS D 250 70.07 15.43 -51.22
N LYS D 251 68.79 15.70 -51.07
CA LYS D 251 68.26 16.69 -50.13
C LYS D 251 67.02 16.21 -49.40
N ASP D 252 67.12 16.16 -48.08
CA ASP D 252 66.04 15.75 -47.20
C ASP D 252 65.22 16.98 -46.82
N ILE D 253 63.99 17.04 -47.30
CA ILE D 253 63.20 18.24 -47.14
C ILE D 253 62.21 18.14 -45.99
N SER D 254 62.29 17.05 -45.20
CA SER D 254 61.37 16.85 -44.09
C SER D 254 61.57 17.83 -42.95
N GLN D 255 62.71 18.50 -42.94
CA GLN D 255 63.02 19.45 -41.89
C GLN D 255 62.61 20.86 -42.27
N ASN D 256 62.13 21.04 -43.51
CA ASN D 256 61.74 22.36 -43.95
C ASN D 256 60.25 22.48 -43.81
N LYS D 257 59.82 23.21 -42.81
CA LYS D 257 58.41 23.28 -42.50
C LYS D 257 57.57 23.80 -43.66
N ARG D 258 58.08 24.74 -44.45
CA ARG D 258 57.25 25.23 -45.54
C ARG D 258 57.13 24.17 -46.61
N ALA D 259 58.24 23.47 -46.88
CA ALA D 259 58.22 22.42 -47.88
C ALA D 259 57.27 21.32 -47.46
N VAL D 260 57.26 21.00 -46.18
CA VAL D 260 56.42 19.95 -45.69
C VAL D 260 54.98 20.34 -45.71
N ARG D 261 54.64 21.55 -45.30
CA ARG D 261 53.25 21.91 -45.34
C ARG D 261 52.73 21.88 -46.76
N ARG D 262 53.52 22.33 -47.74
CA ARG D 262 53.04 22.32 -49.10
C ARG D 262 52.99 20.91 -49.68
N LEU D 263 53.94 20.07 -49.27
CA LEU D 263 53.96 18.72 -49.74
C LEU D 263 52.80 17.96 -49.19
N ARG D 264 52.53 18.15 -47.92
CA ARG D 264 51.46 17.52 -47.21
C ARG D 264 50.13 17.92 -47.79
N THR D 265 49.98 19.18 -48.16
CA THR D 265 48.74 19.61 -48.74
C THR D 265 48.57 18.89 -50.07
N ALA D 266 49.63 18.82 -50.86
CA ALA D 266 49.53 18.10 -52.12
C ALA D 266 49.27 16.62 -51.90
N CYS D 267 49.82 16.06 -50.82
CA CYS D 267 49.61 14.68 -50.53
C CYS D 267 48.15 14.45 -50.26
N GLU D 268 47.51 15.34 -49.52
CA GLU D 268 46.09 15.16 -49.27
C GLU D 268 45.36 15.14 -50.61
N ARG D 269 45.72 16.03 -51.52
CA ARG D 269 45.03 16.05 -52.80
C ARG D 269 45.25 14.75 -53.54
N ALA D 270 46.47 14.22 -53.50
CA ALA D 270 46.77 12.96 -54.16
C ALA D 270 45.96 11.84 -53.54
N LYS D 271 45.78 11.86 -52.23
CA LYS D 271 45.01 10.83 -51.59
C LYS D 271 43.59 10.89 -52.06
N ARG D 272 43.04 12.10 -52.22
CA ARG D 272 41.67 12.19 -52.68
C ARG D 272 41.58 11.70 -54.12
N THR D 273 42.59 12.00 -54.91
CA THR D 273 42.61 11.59 -56.30
C THR D 273 42.53 10.09 -56.39
N LEU D 274 43.28 9.40 -55.53
CA LEU D 274 43.38 7.96 -55.52
C LEU D 274 42.17 7.26 -54.96
N SER D 275 41.18 7.99 -54.44
CA SER D 275 39.99 7.30 -53.95
C SER D 275 39.10 7.03 -55.16
N SER D 276 39.48 7.58 -56.30
CA SER D 276 38.77 7.44 -57.56
C SER D 276 39.65 6.76 -58.59
N SER D 277 40.75 7.42 -58.95
CA SER D 277 41.68 6.94 -59.96
C SER D 277 42.69 6.03 -59.30
N THR D 278 43.52 5.39 -60.11
CA THR D 278 44.57 4.55 -59.60
C THR D 278 45.91 5.24 -59.67
N GLN D 279 45.89 6.52 -60.03
CA GLN D 279 47.08 7.34 -60.19
C GLN D 279 46.86 8.79 -59.81
N ALA D 280 47.84 9.37 -59.16
CA ALA D 280 47.79 10.76 -58.81
C ALA D 280 49.13 11.41 -59.03
N SER D 281 49.09 12.69 -59.38
CA SER D 281 50.32 13.44 -59.60
C SER D 281 50.63 14.36 -58.42
N LEU D 282 51.91 14.54 -58.19
CA LEU D 282 52.45 15.42 -57.18
C LEU D 282 53.09 16.59 -57.92
N GLU D 283 52.51 17.79 -57.81
CA GLU D 283 53.01 18.91 -58.60
C GLU D 283 53.29 20.21 -57.84
N ILE D 284 54.48 20.38 -57.28
CA ILE D 284 54.75 21.60 -56.48
C ILE D 284 55.90 22.47 -56.99
N ASP D 285 55.61 23.72 -57.28
CA ASP D 285 56.66 24.63 -57.71
C ASP D 285 57.49 25.06 -56.51
N SER D 286 58.80 25.14 -56.67
CA SER D 286 59.74 25.62 -55.64
C SER D 286 59.53 24.95 -54.28
N LEU D 287 59.44 23.62 -54.26
CA LEU D 287 59.18 22.86 -53.04
C LEU D 287 60.29 23.02 -52.02
N PHE D 288 61.52 23.05 -52.48
CA PHE D 288 62.62 23.15 -51.54
C PHE D 288 63.86 23.79 -52.14
N GLU D 289 64.31 24.89 -51.55
CA GLU D 289 65.48 25.62 -52.07
C GLU D 289 65.33 25.94 -53.55
N GLY D 290 64.11 26.30 -53.96
CA GLY D 290 63.82 26.66 -55.34
C GLY D 290 63.56 25.45 -56.25
N ILE D 291 63.68 24.25 -55.73
CA ILE D 291 63.49 23.06 -56.53
C ILE D 291 62.03 22.71 -56.69
N ASP D 292 61.61 22.58 -57.93
CA ASP D 292 60.26 22.16 -58.26
C ASP D 292 60.22 20.67 -58.04
N PHE D 293 59.17 20.13 -57.46
CA PHE D 293 59.13 18.69 -57.32
C PHE D 293 57.94 18.06 -57.97
N TYR D 294 58.24 17.30 -59.01
CA TYR D 294 57.23 16.64 -59.79
C TYR D 294 57.43 15.15 -59.79
N THR D 295 56.41 14.47 -59.30
CA THR D 295 56.38 13.02 -59.17
C THR D 295 54.97 12.48 -59.09
N SER D 296 54.83 11.23 -58.68
CA SER D 296 53.55 10.58 -58.63
C SER D 296 53.49 9.43 -57.63
N ILE D 297 52.27 8.99 -57.44
CA ILE D 297 51.99 7.82 -56.67
C ILE D 297 50.77 7.11 -57.26
N THR D 298 50.75 5.79 -57.18
CA THR D 298 49.60 5.04 -57.61
C THR D 298 48.80 4.57 -56.43
N ARG D 299 47.60 4.09 -56.69
CA ARG D 299 46.79 3.60 -55.59
C ARG D 299 47.46 2.46 -54.89
N ALA D 300 48.07 1.56 -55.66
CA ALA D 300 48.71 0.43 -55.05
C ALA D 300 49.85 0.86 -54.17
N ARG D 301 50.61 1.86 -54.60
CA ARG D 301 51.73 2.29 -53.78
C ARG D 301 51.23 2.93 -52.51
N PHE D 302 50.17 3.70 -52.61
CA PHE D 302 49.62 4.34 -51.43
C PHE D 302 49.21 3.30 -50.43
N GLU D 303 48.52 2.27 -50.90
CA GLU D 303 48.06 1.23 -50.01
C GLU D 303 49.24 0.53 -49.36
N GLU D 304 50.34 0.32 -50.08
CA GLU D 304 51.50 -0.30 -49.47
C GLU D 304 52.07 0.56 -48.36
N LEU D 305 52.14 1.88 -48.58
CA LEU D 305 52.72 2.79 -47.60
C LEU D 305 51.91 2.78 -46.33
N CYS D 306 50.60 2.66 -46.51
CA CYS D 306 49.62 2.69 -45.47
C CYS D 306 48.98 1.34 -45.18
N SER D 307 49.60 0.23 -45.59
CA SER D 307 48.93 -1.07 -45.45
C SER D 307 48.62 -1.45 -44.02
N ASP D 308 49.45 -1.00 -43.10
CA ASP D 308 49.22 -1.31 -41.71
C ASP D 308 48.21 -0.36 -41.13
N LEU D 309 48.16 0.87 -41.64
CA LEU D 309 47.21 1.78 -41.08
C LEU D 309 45.84 1.29 -41.41
N PHE D 310 45.68 0.78 -42.61
CA PHE D 310 44.38 0.30 -42.99
C PHE D 310 44.02 -0.94 -42.21
N ARG D 311 44.94 -1.88 -42.04
CA ARG D 311 44.61 -3.08 -41.29
C ARG D 311 44.25 -2.81 -39.84
N SER D 312 44.90 -1.83 -39.23
CA SER D 312 44.69 -1.51 -37.83
C SER D 312 43.28 -1.02 -37.54
N THR D 313 42.53 -0.60 -38.56
CA THR D 313 41.21 -0.06 -38.33
C THR D 313 40.26 -1.16 -37.96
N LEU D 314 40.65 -2.40 -38.16
CA LEU D 314 39.76 -3.47 -37.81
C LEU D 314 39.93 -3.88 -36.35
N GLU D 315 41.01 -3.48 -35.67
CA GLU D 315 41.14 -3.94 -34.29
C GLU D 315 40.03 -3.36 -33.40
N PRO D 316 39.69 -2.05 -33.48
CA PRO D 316 38.59 -1.44 -32.77
C PRO D 316 37.26 -2.04 -33.20
N VAL D 317 37.20 -2.65 -34.37
CA VAL D 317 35.93 -3.22 -34.73
C VAL D 317 35.74 -4.45 -33.90
N GLU D 318 36.80 -5.25 -33.79
CA GLU D 318 36.71 -6.45 -32.97
C GLU D 318 36.44 -6.08 -31.53
N LYS D 319 37.05 -5.00 -31.05
CA LYS D 319 36.83 -4.61 -29.68
C LYS D 319 35.39 -4.19 -29.46
N ALA D 320 34.83 -3.38 -30.36
CA ALA D 320 33.46 -2.95 -30.16
C ALA D 320 32.52 -4.13 -30.20
N LEU D 321 32.76 -5.10 -31.07
CA LEU D 321 31.85 -6.23 -31.15
C LEU D 321 31.89 -7.00 -29.85
N ARG D 322 33.07 -7.16 -29.28
CA ARG D 322 33.10 -7.90 -28.04
C ARG D 322 32.45 -7.14 -26.92
N ASP D 323 32.66 -5.82 -26.85
CA ASP D 323 32.10 -5.06 -25.74
C ASP D 323 30.59 -5.02 -25.82
N ALA D 324 30.06 -5.02 -27.03
CA ALA D 324 28.63 -5.00 -27.27
C ALA D 324 28.04 -6.37 -27.12
N LYS D 325 28.89 -7.35 -26.94
CA LYS D 325 28.56 -8.74 -26.84
C LYS D 325 27.79 -9.22 -28.06
N LEU D 326 28.25 -8.79 -29.22
CA LEU D 326 27.67 -9.19 -30.47
C LEU D 326 28.66 -9.88 -31.37
N ASP D 327 28.17 -10.77 -32.21
CA ASP D 327 29.05 -11.33 -33.23
C ASP D 327 28.83 -10.57 -34.53
N LYS D 328 29.56 -10.95 -35.55
CA LYS D 328 29.40 -10.32 -36.85
C LYS D 328 28.04 -10.57 -37.49
N ALA D 329 27.52 -11.77 -37.28
CA ALA D 329 26.24 -12.19 -37.83
C ALA D 329 25.09 -11.31 -37.34
N GLN D 330 25.21 -10.80 -36.11
CA GLN D 330 24.21 -9.97 -35.47
C GLN D 330 24.23 -8.53 -35.89
N ILE D 331 25.15 -8.13 -36.75
CA ILE D 331 25.14 -6.76 -37.22
C ILE D 331 24.28 -6.71 -38.45
N HIS D 332 23.20 -5.93 -38.37
CA HIS D 332 22.25 -5.86 -39.45
C HIS D 332 22.71 -4.88 -40.52
N ASP D 333 23.44 -3.85 -40.10
CA ASP D 333 23.92 -2.87 -41.07
C ASP D 333 25.28 -2.34 -40.69
N LEU D 334 25.97 -1.87 -41.70
CA LEU D 334 27.30 -1.30 -41.63
C LEU D 334 27.29 0.08 -42.25
N VAL D 335 27.65 1.08 -41.49
CA VAL D 335 27.59 2.44 -41.98
C VAL D 335 28.94 3.11 -42.07
N LEU D 336 29.21 3.71 -43.23
CA LEU D 336 30.49 4.39 -43.38
C LEU D 336 30.38 5.88 -43.17
N VAL D 337 31.19 6.37 -42.27
CA VAL D 337 31.24 7.76 -41.94
C VAL D 337 32.68 8.23 -42.03
N GLY D 338 32.86 9.41 -42.57
CA GLY D 338 34.18 10.01 -42.65
C GLY D 338 34.69 9.95 -44.07
N GLY D 339 35.28 11.03 -44.53
CA GLY D 339 35.77 11.07 -45.92
C GLY D 339 36.78 9.98 -46.21
N SER D 340 37.56 9.56 -45.22
CA SER D 340 38.57 8.56 -45.41
C SER D 340 37.99 7.19 -45.71
N THR D 341 36.69 7.01 -45.54
CA THR D 341 36.09 5.71 -45.80
C THR D 341 35.81 5.59 -47.28
N ARG D 342 36.07 6.65 -48.02
CA ARG D 342 35.92 6.65 -49.46
C ARG D 342 37.08 5.92 -50.11
N ILE D 343 38.13 5.62 -49.33
CA ILE D 343 39.28 4.94 -49.88
C ILE D 343 38.88 3.47 -50.08
N PRO D 344 39.00 2.90 -51.29
CA PRO D 344 38.63 1.54 -51.64
C PRO D 344 39.23 0.50 -50.72
N LYS D 345 40.42 0.75 -50.19
CA LYS D 345 41.05 -0.19 -49.29
C LYS D 345 40.25 -0.35 -48.00
N VAL D 346 39.63 0.72 -47.52
CA VAL D 346 38.88 0.65 -46.29
C VAL D 346 37.65 -0.14 -46.55
N GLN D 347 37.03 0.14 -47.67
CA GLN D 347 35.81 -0.54 -47.98
C GLN D 347 36.07 -2.03 -48.16
N LYS D 348 37.20 -2.36 -48.79
CA LYS D 348 37.54 -3.74 -48.99
C LYS D 348 37.78 -4.39 -47.65
N LEU D 349 38.51 -3.74 -46.73
CA LEU D 349 38.75 -4.41 -45.48
C LEU D 349 37.48 -4.66 -44.71
N LEU D 350 36.54 -3.73 -44.71
CA LEU D 350 35.32 -4.01 -44.00
C LEU D 350 34.51 -5.09 -44.66
N GLN D 351 34.48 -5.14 -45.97
CA GLN D 351 33.73 -6.20 -46.58
C GLN D 351 34.38 -7.54 -46.25
N ASP D 352 35.70 -7.61 -46.24
CA ASP D 352 36.29 -8.90 -45.95
C ASP D 352 36.09 -9.28 -44.50
N PHE D 353 36.20 -8.31 -43.62
CA PHE D 353 36.04 -8.52 -42.21
C PHE D 353 34.64 -9.04 -41.95
N PHE D 354 33.65 -8.46 -42.63
CA PHE D 354 32.26 -8.85 -42.48
C PHE D 354 31.74 -9.81 -43.53
N ASN D 355 32.61 -10.55 -44.17
CA ASN D 355 32.22 -11.60 -45.08
C ASN D 355 31.31 -11.20 -46.24
N GLY D 356 31.59 -10.07 -46.85
CA GLY D 356 30.87 -9.63 -48.02
C GLY D 356 29.63 -8.80 -47.76
N ARG D 357 29.34 -8.49 -46.52
CA ARG D 357 28.16 -7.70 -46.26
C ARG D 357 28.31 -6.32 -46.89
N ASP D 358 27.27 -5.81 -47.51
CA ASP D 358 27.36 -4.49 -48.10
C ASP D 358 27.56 -3.40 -47.10
N LEU D 359 28.27 -2.36 -47.52
CA LEU D 359 28.48 -1.19 -46.69
C LEU D 359 27.47 -0.17 -47.13
N ASN D 360 26.93 0.58 -46.19
CA ASN D 360 25.94 1.57 -46.52
C ASN D 360 26.58 2.91 -46.88
N LYS D 361 26.54 3.20 -48.17
CA LYS D 361 27.11 4.37 -48.80
C LYS D 361 26.07 5.24 -49.48
N SER D 362 24.80 5.10 -49.12
CA SER D 362 23.76 5.87 -49.86
C SER D 362 23.90 7.39 -49.73
N ILE D 363 24.58 7.82 -48.70
CA ILE D 363 24.85 9.19 -48.41
C ILE D 363 26.33 9.33 -48.28
N ASN D 364 26.88 10.33 -48.92
CA ASN D 364 28.31 10.54 -48.85
C ASN D 364 28.75 10.44 -47.38
N PRO D 365 29.79 9.67 -47.05
CA PRO D 365 30.26 9.41 -45.71
C PRO D 365 30.69 10.64 -44.95
N ASP D 366 31.07 11.68 -45.66
CA ASP D 366 31.48 12.91 -45.02
C ASP D 366 30.38 13.96 -44.95
N GLU D 367 29.20 13.60 -45.42
CA GLU D 367 28.01 14.45 -45.38
C GLU D 367 26.98 13.84 -44.46
N ALA D 368 27.04 12.53 -44.27
CA ALA D 368 26.02 11.81 -43.52
C ALA D 368 25.81 12.36 -42.13
N VAL D 369 26.84 12.84 -41.47
CA VAL D 369 26.61 13.36 -40.14
C VAL D 369 25.87 14.69 -40.20
N ALA D 370 26.29 15.58 -41.09
CA ALA D 370 25.61 16.87 -41.22
C ALA D 370 24.19 16.64 -41.63
N TYR D 371 24.01 15.65 -42.47
CA TYR D 371 22.75 15.31 -43.02
C TYR D 371 21.82 14.87 -41.92
N GLY D 372 22.30 13.95 -41.10
CA GLY D 372 21.52 13.43 -40.01
C GLY D 372 21.20 14.51 -39.00
N ALA D 373 22.16 15.38 -38.74
CA ALA D 373 21.91 16.46 -37.80
C ALA D 373 20.83 17.36 -38.33
N ALA D 374 20.83 17.62 -39.65
CA ALA D 374 19.80 18.45 -40.25
C ALA D 374 18.46 17.79 -40.14
N VAL D 375 18.41 16.47 -40.26
CA VAL D 375 17.13 15.81 -40.14
C VAL D 375 16.64 15.94 -38.72
N GLN D 376 17.50 15.71 -37.75
CA GLN D 376 16.98 15.79 -36.42
C GLN D 376 16.58 17.20 -36.10
N ALA D 377 17.31 18.19 -36.61
CA ALA D 377 17.00 19.57 -36.32
C ALA D 377 15.61 19.90 -36.84
N ALA D 378 15.30 19.34 -38.02
CA ALA D 378 14.02 19.52 -38.67
C ALA D 378 12.89 18.95 -37.84
N ILE D 379 13.17 17.84 -37.18
CA ILE D 379 12.20 17.20 -36.34
C ILE D 379 11.96 18.05 -35.12
N LEU D 380 13.02 18.54 -34.52
CA LEU D 380 12.87 19.31 -33.31
C LEU D 380 12.07 20.57 -33.59
N MET D 381 12.26 21.14 -34.78
CA MET D 381 11.52 22.33 -35.17
C MET D 381 10.18 22.12 -35.92
N GLY D 382 9.65 20.87 -36.04
CA GLY D 382 8.41 20.57 -36.75
C GLY D 382 7.89 19.17 -36.47
N ASP E 217 22.17 -33.46 -56.00
CA ASP E 217 22.22 -32.53 -54.86
C ASP E 217 23.58 -31.77 -54.77
N LEU E 218 24.69 -32.46 -55.10
CA LEU E 218 26.06 -31.95 -55.05
C LEU E 218 26.76 -32.13 -56.38
N PRO E 219 27.73 -31.26 -56.73
CA PRO E 219 28.69 -31.43 -57.81
C PRO E 219 29.40 -32.72 -57.51
N GLU E 220 29.81 -33.46 -58.52
CA GLU E 220 30.45 -34.74 -58.26
C GLU E 220 31.67 -34.64 -57.37
N ASN E 221 32.47 -33.58 -57.51
CA ASN E 221 33.66 -33.48 -56.67
C ASN E 221 33.32 -33.12 -55.23
N LYS E 222 32.15 -32.51 -55.02
CA LYS E 222 31.73 -32.15 -53.68
C LYS E 222 31.26 -33.43 -53.01
N LYS E 223 30.51 -34.25 -53.77
CA LYS E 223 30.03 -35.49 -53.21
C LYS E 223 31.20 -36.40 -52.92
N GLN E 224 32.20 -36.41 -53.79
CA GLN E 224 33.36 -37.25 -53.56
C GLN E 224 34.12 -36.77 -52.34
N ALA E 225 34.22 -35.45 -52.17
CA ALA E 225 34.89 -34.94 -51.01
C ALA E 225 34.14 -35.36 -49.76
N LEU E 226 32.80 -35.36 -49.84
CA LEU E 226 31.95 -35.76 -48.74
C LEU E 226 32.11 -37.21 -48.39
N LYS E 227 32.17 -38.09 -49.37
CA LYS E 227 32.35 -39.50 -49.04
C LYS E 227 33.66 -39.66 -48.29
N GLU E 228 34.72 -38.96 -48.73
CA GLU E 228 36.00 -39.07 -48.05
C GLU E 228 35.93 -38.44 -46.67
N LYS E 229 35.17 -37.36 -46.52
CA LYS E 229 34.99 -36.68 -45.24
C LYS E 229 34.43 -37.66 -44.23
N GLU E 230 33.40 -38.39 -44.65
CA GLU E 230 32.71 -39.36 -43.80
C GLU E 230 33.62 -40.51 -43.40
N LEU E 231 34.45 -40.97 -44.33
CA LEU E 231 35.36 -42.05 -44.00
C LEU E 231 36.41 -41.53 -43.02
N GLY E 232 36.84 -40.28 -43.22
CA GLY E 232 37.78 -39.64 -42.33
C GLY E 232 37.18 -39.51 -40.93
N ASN E 233 35.87 -39.24 -40.86
CA ASN E 233 35.19 -39.09 -39.59
C ASN E 233 35.22 -40.40 -38.83
N ASP E 234 35.01 -41.51 -39.54
CA ASP E 234 35.01 -42.80 -38.86
C ASP E 234 36.41 -43.13 -38.39
N ALA E 235 37.41 -42.77 -39.19
CA ALA E 235 38.77 -43.02 -38.79
C ALA E 235 39.06 -42.26 -37.49
N TYR E 236 38.56 -41.02 -37.34
CA TYR E 236 38.77 -40.27 -36.09
C TYR E 236 38.00 -40.83 -34.91
N LYS E 237 36.83 -41.41 -35.13
CA LYS E 237 36.06 -42.00 -34.03
C LYS E 237 36.89 -43.08 -33.32
N LYS E 238 37.70 -43.78 -34.12
CA LYS E 238 38.58 -44.86 -33.68
C LYS E 238 39.98 -44.35 -33.26
N LYS E 239 40.17 -43.03 -33.32
CA LYS E 239 41.42 -42.30 -33.06
C LYS E 239 42.50 -42.65 -34.08
N ASP E 240 42.06 -42.98 -35.30
CA ASP E 240 42.99 -43.29 -36.36
C ASP E 240 43.30 -42.00 -37.06
N PHE E 241 44.22 -41.28 -36.46
CA PHE E 241 44.60 -39.96 -36.87
C PHE E 241 45.14 -39.93 -38.27
N ASP E 242 45.96 -40.93 -38.59
CA ASP E 242 46.67 -40.84 -39.84
C ASP E 242 45.85 -41.34 -41.00
N THR E 243 44.99 -42.35 -40.80
CA THR E 243 44.14 -42.77 -41.90
C THR E 243 43.20 -41.62 -42.19
N ALA E 244 42.73 -40.98 -41.13
CA ALA E 244 41.81 -39.91 -41.30
C ALA E 244 42.45 -38.78 -42.06
N LEU E 245 43.72 -38.45 -41.79
CA LEU E 245 44.35 -37.36 -42.53
C LEU E 245 44.38 -37.69 -44.00
N LYS E 246 44.62 -38.95 -44.34
CA LYS E 246 44.67 -39.33 -45.75
C LYS E 246 43.31 -39.04 -46.40
N HIS E 247 42.22 -39.40 -45.70
CA HIS E 247 40.88 -39.20 -46.24
C HIS E 247 40.56 -37.72 -46.38
N TYR E 248 40.97 -36.93 -45.40
CA TYR E 248 40.65 -35.54 -45.47
C TYR E 248 41.51 -34.83 -46.47
N ASP E 249 42.71 -35.34 -46.75
CA ASP E 249 43.55 -34.67 -47.72
C ASP E 249 42.92 -34.88 -49.08
N LYS E 250 42.36 -36.07 -49.31
CA LYS E 250 41.69 -36.32 -50.58
C LYS E 250 40.49 -35.44 -50.66
N ALA E 251 39.74 -35.34 -49.56
CA ALA E 251 38.56 -34.54 -49.54
C ALA E 251 38.87 -33.06 -49.75
N LYS E 252 40.00 -32.61 -49.21
CA LYS E 252 40.43 -31.24 -49.34
C LYS E 252 40.72 -30.91 -50.78
N GLU E 253 41.43 -31.79 -51.47
CA GLU E 253 41.73 -31.53 -52.88
C GLU E 253 40.48 -31.64 -53.77
N LEU E 254 39.58 -32.55 -53.43
CA LEU E 254 38.35 -32.74 -54.19
C LEU E 254 37.44 -31.53 -54.09
N ASP E 255 37.35 -30.92 -52.91
CA ASP E 255 36.52 -29.74 -52.69
C ASP E 255 37.29 -28.70 -51.88
N PRO E 256 38.26 -27.97 -52.50
CA PRO E 256 39.17 -27.04 -51.84
C PRO E 256 38.49 -25.81 -51.26
N THR E 257 37.30 -25.46 -51.74
CA THR E 257 36.58 -24.30 -51.24
C THR E 257 35.70 -24.71 -50.08
N ASN E 258 36.32 -25.38 -49.11
CA ASN E 258 35.63 -25.92 -47.96
C ASN E 258 36.54 -26.15 -46.76
N MET E 259 36.36 -25.34 -45.75
CA MET E 259 37.17 -25.33 -44.53
C MET E 259 37.17 -26.59 -43.73
N THR E 260 36.13 -27.38 -43.90
CA THR E 260 35.94 -28.56 -43.10
C THR E 260 37.07 -29.56 -43.28
N TYR E 261 37.70 -29.59 -44.44
CA TYR E 261 38.71 -30.62 -44.58
C TYR E 261 39.96 -30.18 -43.87
N ILE E 262 40.20 -28.87 -43.88
CA ILE E 262 41.38 -28.27 -43.31
C ILE E 262 41.31 -28.34 -41.79
N THR E 263 40.14 -28.00 -41.24
CA THR E 263 39.95 -28.00 -39.79
C THR E 263 40.00 -29.41 -39.25
N ASN E 264 39.55 -30.39 -40.03
CA ASN E 264 39.63 -31.76 -39.55
C ASN E 264 41.08 -32.20 -39.50
N GLN E 265 41.88 -31.81 -40.48
CA GLN E 265 43.25 -32.19 -40.39
C GLN E 265 43.86 -31.53 -39.17
N ALA E 266 43.47 -30.27 -38.89
CA ALA E 266 43.99 -29.58 -37.73
C ALA E 266 43.63 -30.33 -36.46
N ALA E 267 42.43 -30.93 -36.41
CA ALA E 267 41.97 -31.66 -35.22
C ALA E 267 42.98 -32.74 -34.85
N VAL E 268 43.57 -33.37 -35.86
CA VAL E 268 44.60 -34.36 -35.58
C VAL E 268 45.79 -33.73 -35.00
N TYR E 269 46.22 -32.65 -35.58
CA TYR E 269 47.44 -32.07 -35.11
C TYR E 269 47.25 -31.53 -33.69
N PHE E 270 46.04 -31.10 -33.35
CA PHE E 270 45.80 -30.65 -31.98
C PHE E 270 45.87 -31.83 -31.04
N GLU E 271 45.24 -32.95 -31.39
CA GLU E 271 45.22 -34.07 -30.48
C GLU E 271 46.61 -34.67 -30.29
N LYS E 272 47.42 -34.65 -31.34
CA LYS E 272 48.80 -35.14 -31.31
C LYS E 272 49.72 -34.26 -30.49
N GLY E 273 49.30 -33.03 -30.18
CA GLY E 273 50.14 -32.07 -29.52
C GLY E 273 50.91 -31.23 -30.53
N ASP E 274 50.64 -31.44 -31.82
CA ASP E 274 51.33 -30.70 -32.85
C ASP E 274 50.57 -29.44 -33.09
N TYR E 275 50.81 -28.54 -32.18
CA TYR E 275 50.05 -27.34 -32.18
C TYR E 275 50.49 -26.38 -33.26
N ASN E 276 51.74 -26.43 -33.69
CA ASN E 276 52.05 -25.46 -34.70
C ASN E 276 51.39 -25.83 -36.02
N LYS E 277 51.31 -27.13 -36.33
CA LYS E 277 50.69 -27.51 -37.59
C LYS E 277 49.21 -27.27 -37.53
N CYS E 278 48.59 -27.54 -36.38
CA CYS E 278 47.16 -27.38 -36.36
C CYS E 278 46.79 -25.91 -36.45
N ARG E 279 47.67 -25.03 -35.97
CA ARG E 279 47.44 -23.61 -36.07
C ARG E 279 47.53 -23.15 -37.51
N GLU E 280 48.51 -23.67 -38.27
CA GLU E 280 48.62 -23.26 -39.67
C GLU E 280 47.36 -23.66 -40.43
N LEU E 281 46.88 -24.86 -40.14
CA LEU E 281 45.69 -25.34 -40.80
C LEU E 281 44.48 -24.53 -40.42
N CYS E 282 44.34 -24.17 -39.15
CA CYS E 282 43.18 -23.39 -38.79
C CYS E 282 43.21 -22.04 -39.51
N GLU E 283 44.39 -21.44 -39.60
CA GLU E 283 44.51 -20.14 -40.25
C GLU E 283 44.16 -20.23 -41.73
N LYS E 284 44.58 -21.30 -42.39
CA LYS E 284 44.25 -21.48 -43.80
C LYS E 284 42.77 -21.66 -43.96
N ALA E 285 42.16 -22.40 -43.05
CA ALA E 285 40.73 -22.61 -43.13
C ALA E 285 40.00 -21.29 -43.00
N ILE E 286 40.46 -20.43 -42.12
CA ILE E 286 39.80 -19.15 -41.92
C ILE E 286 39.86 -18.31 -43.18
N GLU E 287 41.03 -18.25 -43.82
CA GLU E 287 41.18 -17.47 -45.03
C GLU E 287 40.28 -18.00 -46.15
N VAL E 288 40.17 -19.33 -46.24
CA VAL E 288 39.35 -19.99 -47.23
C VAL E 288 37.87 -19.76 -46.98
N GLY E 289 37.44 -19.89 -45.74
CA GLY E 289 36.05 -19.69 -45.42
C GLY E 289 35.64 -18.28 -45.76
N ARG E 290 36.50 -17.30 -45.50
CA ARG E 290 36.09 -15.95 -45.82
C ARG E 290 36.00 -15.74 -47.34
N GLU E 291 36.95 -16.29 -48.09
CA GLU E 291 36.93 -16.13 -49.53
C GLU E 291 35.68 -16.73 -50.12
N ASN E 292 35.27 -17.87 -49.56
CA ASN E 292 34.15 -18.61 -50.07
C ASN E 292 32.83 -18.38 -49.33
N ARG E 293 32.78 -17.35 -48.51
CA ARG E 293 31.59 -16.95 -47.77
C ARG E 293 30.96 -18.06 -46.91
N GLU E 294 31.78 -18.79 -46.18
CA GLU E 294 31.29 -19.82 -45.29
C GLU E 294 30.77 -19.21 -44.00
N ASP E 295 29.85 -19.94 -43.36
CA ASP E 295 29.22 -19.56 -42.11
C ASP E 295 30.22 -19.03 -41.09
N TYR E 296 29.80 -17.96 -40.42
CA TYR E 296 30.62 -17.27 -39.43
C TYR E 296 30.91 -18.22 -38.28
N ARG E 297 30.01 -19.17 -38.05
CA ARG E 297 30.24 -20.12 -36.99
C ARG E 297 31.37 -21.09 -37.33
N GLN E 298 31.63 -21.31 -38.62
CA GLN E 298 32.69 -22.21 -39.01
C GLN E 298 34.02 -21.51 -38.78
N ILE E 299 34.02 -20.21 -39.03
CA ILE E 299 35.22 -19.41 -38.90
C ILE E 299 35.52 -19.40 -37.41
N ALA E 300 34.47 -19.20 -36.61
CA ALA E 300 34.62 -19.14 -35.19
C ALA E 300 35.20 -20.40 -34.63
N LYS E 301 34.76 -21.55 -35.13
CA LYS E 301 35.29 -22.79 -34.63
C LYS E 301 36.76 -22.92 -34.91
N ALA E 302 37.21 -22.50 -36.08
CA ALA E 302 38.64 -22.59 -36.36
C ALA E 302 39.41 -21.72 -35.37
N TYR E 303 38.87 -20.54 -35.06
CA TYR E 303 39.56 -19.70 -34.11
C TYR E 303 39.53 -20.25 -32.72
N ALA E 304 38.41 -20.88 -32.36
CA ALA E 304 38.30 -21.44 -31.03
C ALA E 304 39.33 -22.51 -30.86
N ARG E 305 39.55 -23.31 -31.89
CA ARG E 305 40.53 -24.35 -31.77
C ARG E 305 41.91 -23.70 -31.66
N ILE E 306 42.16 -22.61 -32.38
CA ILE E 306 43.49 -22.02 -32.25
C ILE E 306 43.68 -21.61 -30.81
N GLY E 307 42.67 -20.97 -30.22
CA GLY E 307 42.77 -20.58 -28.84
C GLY E 307 43.01 -21.80 -27.96
N ASN E 308 42.42 -22.95 -28.32
CA ASN E 308 42.59 -24.17 -27.55
C ASN E 308 44.03 -24.66 -27.59
N SER E 309 44.78 -24.41 -28.67
CA SER E 309 46.16 -24.91 -28.66
C SER E 309 46.96 -24.13 -27.65
N TYR E 310 46.65 -22.86 -27.54
CA TYR E 310 47.38 -22.03 -26.63
C TYR E 310 46.94 -22.33 -25.23
N PHE E 311 45.69 -22.70 -25.08
CA PHE E 311 45.17 -23.03 -23.78
C PHE E 311 45.94 -24.25 -23.28
N LYS E 312 46.05 -25.27 -24.14
CA LYS E 312 46.71 -26.53 -23.83
C LYS E 312 48.21 -26.39 -23.59
N GLU E 313 48.86 -25.44 -24.25
CA GLU E 313 50.29 -25.16 -24.06
C GLU E 313 50.51 -24.19 -22.88
N GLU E 314 49.41 -23.79 -22.22
CA GLU E 314 49.33 -22.84 -21.12
C GLU E 314 49.68 -21.41 -21.48
N LYS E 315 49.57 -21.09 -22.74
CA LYS E 315 49.79 -19.76 -23.23
C LYS E 315 48.47 -19.05 -23.19
N TYR E 316 48.01 -18.75 -21.98
CA TYR E 316 46.65 -18.26 -21.85
C TYR E 316 46.48 -16.90 -22.45
N LYS E 317 47.51 -16.09 -22.49
CA LYS E 317 47.32 -14.79 -23.09
C LYS E 317 47.01 -14.90 -24.59
N ASP E 318 47.51 -15.96 -25.24
CA ASP E 318 47.30 -16.09 -26.65
C ASP E 318 46.01 -16.81 -26.85
N ALA E 319 45.68 -17.69 -25.92
CA ALA E 319 44.44 -18.42 -26.05
C ALA E 319 43.32 -17.43 -26.07
N ILE E 320 43.44 -16.41 -25.22
CA ILE E 320 42.47 -15.36 -25.10
C ILE E 320 42.39 -14.55 -26.35
N HIS E 321 43.53 -14.17 -26.92
CA HIS E 321 43.52 -13.40 -28.15
C HIS E 321 42.73 -14.13 -29.24
N PHE E 322 42.99 -15.41 -29.40
CA PHE E 322 42.30 -16.14 -30.43
C PHE E 322 40.86 -16.42 -30.07
N TYR E 323 40.55 -16.56 -28.78
CA TYR E 323 39.17 -16.79 -28.41
C TYR E 323 38.40 -15.51 -28.67
N ASN E 324 39.05 -14.37 -28.50
CA ASN E 324 38.36 -13.12 -28.76
C ASN E 324 37.97 -13.04 -30.22
N LYS E 325 38.86 -13.51 -31.10
CA LYS E 325 38.53 -13.52 -32.52
C LYS E 325 37.39 -14.50 -32.78
N SER E 326 37.40 -15.62 -32.07
CA SER E 326 36.36 -16.62 -32.22
C SER E 326 35.03 -16.03 -31.84
N LEU E 327 34.99 -15.28 -30.74
CA LEU E 327 33.75 -14.70 -30.28
C LEU E 327 33.22 -13.69 -31.27
N ALA E 328 34.11 -12.90 -31.88
CA ALA E 328 33.62 -11.95 -32.85
C ALA E 328 32.95 -12.69 -34.00
N GLU E 329 33.49 -13.84 -34.39
CA GLU E 329 32.87 -14.58 -35.49
C GLU E 329 31.53 -15.17 -35.02
N HIS E 330 31.52 -15.68 -33.80
CA HIS E 330 30.31 -16.17 -33.18
C HIS E 330 30.52 -16.34 -31.70
N ARG E 331 29.62 -15.80 -30.88
CA ARG E 331 29.78 -15.93 -29.44
C ARG E 331 29.27 -17.26 -28.96
N THR E 332 30.04 -18.28 -29.29
CA THR E 332 29.75 -19.67 -29.02
C THR E 332 29.89 -19.88 -27.51
N PRO E 333 28.90 -20.45 -26.82
CA PRO E 333 28.92 -20.73 -25.39
C PRO E 333 30.16 -21.45 -24.92
N ASP E 334 30.70 -22.33 -25.76
CA ASP E 334 31.88 -23.09 -25.41
C ASP E 334 33.10 -22.22 -25.33
N VAL E 335 33.16 -21.21 -26.19
CA VAL E 335 34.27 -20.30 -26.24
C VAL E 335 34.12 -19.39 -25.08
N LEU E 336 32.90 -18.98 -24.81
CA LEU E 336 32.73 -18.09 -23.70
C LEU E 336 33.23 -18.79 -22.44
N LYS E 337 32.92 -20.07 -22.26
CA LYS E 337 33.40 -20.67 -21.04
C LYS E 337 34.87 -20.96 -21.06
N LYS E 338 35.41 -21.38 -22.19
CA LYS E 338 36.80 -21.75 -22.22
C LYS E 338 37.67 -20.53 -22.09
N CYS E 339 37.26 -19.42 -22.70
CA CYS E 339 38.07 -18.24 -22.59
C CYS E 339 38.01 -17.71 -21.18
N GLN E 340 36.92 -17.95 -20.46
CA GLN E 340 36.85 -17.51 -19.08
C GLN E 340 37.82 -18.31 -18.27
N GLN E 341 37.97 -19.60 -18.58
CA GLN E 341 38.95 -20.37 -17.84
C GLN E 341 40.34 -19.86 -18.16
N ALA E 342 40.57 -19.47 -19.42
CA ALA E 342 41.89 -18.96 -19.77
C ALA E 342 42.16 -17.69 -19.01
N GLU E 343 41.14 -16.86 -18.84
CA GLU E 343 41.32 -15.64 -18.09
C GLU E 343 41.56 -15.91 -16.63
N LYS E 344 40.85 -16.86 -16.04
CA LYS E 344 41.04 -17.10 -14.63
C LYS E 344 42.44 -17.59 -14.36
N ILE E 345 42.95 -18.43 -15.25
CA ILE E 345 44.27 -18.98 -15.03
C ILE E 345 45.29 -17.90 -15.23
N LEU E 346 45.15 -17.11 -16.29
CA LEU E 346 46.14 -16.09 -16.53
C LEU E 346 46.14 -15.05 -15.42
N LYS E 347 44.96 -14.69 -14.91
CA LYS E 347 44.85 -13.69 -13.85
C LYS E 347 45.56 -14.15 -12.60
N GLU E 348 45.43 -15.44 -12.27
CA GLU E 348 46.12 -15.94 -11.09
C GLU E 348 47.62 -15.93 -11.35
N GLN E 349 48.04 -16.27 -12.57
CA GLN E 349 49.46 -16.27 -12.85
C GLN E 349 50.01 -14.86 -12.71
N GLU E 350 49.26 -13.86 -13.17
CA GLU E 350 49.68 -12.47 -13.08
C GLU E 350 49.78 -11.99 -11.65
N ARG E 351 48.83 -12.37 -10.79
CA ARG E 351 48.95 -11.92 -9.42
C ARG E 351 50.17 -12.52 -8.78
N LEU E 352 50.41 -13.80 -9.04
CA LEU E 352 51.54 -14.44 -8.41
C LEU E 352 52.84 -13.80 -8.88
N ALA E 353 52.90 -13.39 -10.14
CA ALA E 353 54.05 -12.69 -10.70
C ALA E 353 54.24 -11.31 -10.05
N TYR E 354 53.12 -10.65 -9.72
CA TYR E 354 53.06 -9.33 -9.11
C TYR E 354 53.63 -9.38 -7.68
N ILE E 355 53.31 -10.45 -6.97
CA ILE E 355 53.71 -10.58 -5.59
C ILE E 355 55.21 -10.60 -5.43
N ASN E 356 55.63 -9.75 -4.51
CA ASN E 356 57.01 -9.51 -4.17
C ASN E 356 57.05 -8.91 -2.77
N PRO E 357 57.33 -9.69 -1.72
CA PRO E 357 57.34 -9.31 -0.34
C PRO E 357 58.24 -8.12 -0.04
N ASP E 358 59.26 -7.84 -0.87
CA ASP E 358 60.13 -6.72 -0.54
C ASP E 358 59.52 -5.43 -1.00
N LEU E 359 58.69 -5.49 -2.05
CA LEU E 359 58.07 -4.27 -2.52
C LEU E 359 56.92 -4.03 -1.60
N ALA E 360 56.35 -5.14 -1.10
CA ALA E 360 55.26 -5.02 -0.16
C ALA E 360 55.75 -4.34 1.09
N LEU E 361 56.96 -4.69 1.54
CA LEU E 361 57.50 -4.05 2.71
C LEU E 361 57.76 -2.58 2.45
N GLU E 362 58.24 -2.21 1.26
CA GLU E 362 58.46 -0.79 1.04
C GLU E 362 57.15 0.01 1.01
N GLU E 363 56.09 -0.55 0.40
CA GLU E 363 54.82 0.15 0.38
C GLU E 363 54.19 0.17 1.76
N LYS E 364 54.35 -0.91 2.50
CA LYS E 364 53.86 -1.02 3.85
C LYS E 364 54.47 0.05 4.69
N ASN E 365 55.79 0.23 4.55
CA ASN E 365 56.53 1.19 5.34
C ASN E 365 56.13 2.62 5.01
N LYS E 366 55.85 2.91 3.72
CA LYS E 366 55.40 4.26 3.37
C LYS E 366 53.99 4.47 3.91
N GLY E 367 53.18 3.41 3.89
CA GLY E 367 51.85 3.47 4.41
C GLY E 367 51.94 3.76 5.88
N ASN E 368 52.91 3.15 6.56
CA ASN E 368 53.08 3.38 7.98
C ASN E 368 53.51 4.82 8.24
N GLU E 369 54.38 5.36 7.40
CA GLU E 369 54.79 6.74 7.65
C GLU E 369 53.61 7.68 7.60
N CYS E 370 52.71 7.44 6.64
CA CYS E 370 51.51 8.27 6.44
C CYS E 370 50.50 8.10 7.59
N PHE E 371 50.30 6.85 7.98
CA PHE E 371 49.37 6.39 9.00
C PHE E 371 49.65 7.04 10.31
N GLN E 372 50.93 7.04 10.67
CA GLN E 372 51.44 7.54 11.93
C GLN E 372 51.28 9.06 12.07
N LYS E 373 51.03 9.75 10.95
CA LYS E 373 50.87 11.19 10.90
C LYS E 373 49.38 11.57 10.95
N GLY E 374 48.51 10.56 10.94
CA GLY E 374 47.06 10.75 10.92
C GLY E 374 46.51 10.74 9.50
N ASP E 375 47.37 10.55 8.51
CA ASP E 375 46.90 10.55 7.13
C ASP E 375 46.50 9.14 6.78
N TYR E 376 45.31 8.79 7.20
CA TYR E 376 44.89 7.44 7.03
C TYR E 376 44.55 7.11 5.58
N PRO E 377 43.86 7.96 4.80
CA PRO E 377 43.58 7.68 3.41
C PRO E 377 44.86 7.40 2.62
N GLN E 378 45.95 8.17 2.87
CA GLN E 378 47.17 7.90 2.11
C GLN E 378 47.80 6.61 2.58
N ALA E 379 47.71 6.35 3.89
CA ALA E 379 48.27 5.14 4.41
C ALA E 379 47.61 3.94 3.79
N MET E 380 46.29 4.04 3.62
CA MET E 380 45.46 3.01 3.06
C MET E 380 45.87 2.73 1.63
N LYS E 381 46.16 3.79 0.85
CA LYS E 381 46.57 3.62 -0.54
C LYS E 381 47.87 2.83 -0.63
N HIS E 382 48.81 3.13 0.28
CA HIS E 382 50.08 2.44 0.27
C HIS E 382 49.93 1.04 0.82
N TYR E 383 49.02 0.86 1.74
CA TYR E 383 48.80 -0.45 2.29
C TYR E 383 48.17 -1.33 1.23
N THR E 384 47.34 -0.73 0.37
CA THR E 384 46.70 -1.47 -0.72
C THR E 384 47.77 -1.95 -1.69
N GLU E 385 48.74 -1.10 -2.02
CA GLU E 385 49.77 -1.58 -2.92
C GLU E 385 50.57 -2.67 -2.24
N ALA E 386 50.82 -2.53 -0.93
CA ALA E 386 51.57 -3.52 -0.20
C ALA E 386 50.87 -4.88 -0.17
N ILE E 387 49.54 -4.90 -0.08
CA ILE E 387 48.84 -6.17 -0.03
C ILE E 387 48.81 -6.83 -1.39
N LYS E 388 48.71 -6.04 -2.46
CA LYS E 388 48.77 -6.64 -3.77
C LYS E 388 50.13 -7.31 -3.92
N ARG E 389 51.15 -6.67 -3.34
CA ARG E 389 52.50 -7.18 -3.36
C ARG E 389 52.75 -8.33 -2.34
N ASN E 390 52.00 -8.42 -1.22
CA ASN E 390 52.16 -9.51 -0.23
C ASN E 390 50.85 -9.87 0.53
N PRO E 391 49.97 -10.71 -0.06
CA PRO E 391 48.62 -11.09 0.36
C PRO E 391 48.47 -11.76 1.72
N LYS E 392 49.53 -12.30 2.29
CA LYS E 392 49.41 -12.99 3.57
C LYS E 392 49.89 -12.14 4.72
N ASP E 393 50.16 -10.86 4.46
CA ASP E 393 50.66 -10.05 5.53
C ASP E 393 49.49 -9.62 6.42
N ALA E 394 49.27 -10.43 7.45
CA ALA E 394 48.16 -10.26 8.36
C ALA E 394 48.22 -8.90 9.02
N LYS E 395 49.43 -8.46 9.34
CA LYS E 395 49.65 -7.20 10.00
C LYS E 395 49.20 -6.07 9.08
N LEU E 396 49.44 -6.24 7.79
CA LEU E 396 49.05 -5.22 6.84
C LEU E 396 47.53 -5.07 6.78
N TYR E 397 46.81 -6.17 6.83
CA TYR E 397 45.35 -6.11 6.80
C TYR E 397 44.83 -5.32 8.00
N SER E 398 45.42 -5.57 9.17
CA SER E 398 44.96 -4.87 10.35
C SER E 398 45.38 -3.39 10.36
N ASN E 399 46.46 -3.05 9.63
CA ASN E 399 46.86 -1.67 9.57
C ASN E 399 45.82 -0.92 8.70
N ARG E 400 45.32 -1.59 7.65
CA ARG E 400 44.28 -0.94 6.85
C ARG E 400 43.03 -0.82 7.68
N ALA E 401 42.75 -1.84 8.49
CA ALA E 401 41.54 -1.84 9.29
C ALA E 401 41.52 -0.62 10.20
N ALA E 402 42.69 -0.29 10.73
CA ALA E 402 42.87 0.85 11.57
C ALA E 402 42.58 2.14 10.85
N CYS E 403 42.96 2.21 9.57
CA CYS E 403 42.73 3.43 8.80
C CYS E 403 41.23 3.65 8.71
N TYR E 404 40.53 2.56 8.46
CA TYR E 404 39.09 2.63 8.29
C TYR E 404 38.39 2.96 9.61
N THR E 405 38.87 2.40 10.72
CA THR E 405 38.20 2.67 11.98
C THR E 405 38.31 4.15 12.29
N LYS E 406 39.50 4.72 12.12
CA LYS E 406 39.72 6.14 12.39
C LYS E 406 38.90 7.07 11.49
N LEU E 407 38.67 6.64 10.25
CA LEU E 407 37.92 7.40 9.27
C LEU E 407 36.41 7.11 9.32
N LEU E 408 35.98 6.32 10.31
CA LEU E 408 34.60 5.91 10.56
C LEU E 408 34.05 4.92 9.55
N GLU E 409 34.94 4.30 8.80
CA GLU E 409 34.56 3.27 7.86
C GLU E 409 34.63 1.98 8.66
N PHE E 410 33.73 1.89 9.61
CA PHE E 410 33.80 0.82 10.58
C PHE E 410 33.57 -0.53 9.93
N GLN E 411 32.78 -0.56 8.87
CA GLN E 411 32.50 -1.80 8.16
C GLN E 411 33.72 -2.36 7.48
N LEU E 412 34.60 -1.47 7.01
CA LEU E 412 35.72 -1.92 6.25
C LEU E 412 36.77 -2.35 7.25
N ALA E 413 36.74 -1.73 8.43
CA ALA E 413 37.65 -2.14 9.46
C ALA E 413 37.37 -3.58 9.79
N LEU E 414 36.08 -3.96 9.79
CA LEU E 414 35.73 -5.31 10.13
C LEU E 414 36.22 -6.31 9.09
N LYS E 415 36.15 -5.96 7.80
CA LYS E 415 36.53 -7.00 6.84
C LYS E 415 38.04 -7.22 6.80
N ASP E 416 38.81 -6.15 6.98
CA ASP E 416 40.24 -6.36 6.95
C ASP E 416 40.71 -6.98 8.26
N CYS E 417 40.04 -6.67 9.37
CA CYS E 417 40.42 -7.29 10.63
C CYS E 417 40.13 -8.77 10.58
N GLU E 418 39.03 -9.17 9.94
CA GLU E 418 38.70 -10.58 9.88
C GLU E 418 39.74 -11.36 9.08
N GLU E 419 40.24 -10.80 7.97
CA GLU E 419 41.25 -11.57 7.24
C GLU E 419 42.54 -11.62 8.06
N CYS E 420 42.89 -10.51 8.74
CA CYS E 420 44.07 -10.50 9.58
C CYS E 420 44.01 -11.62 10.60
N ILE E 421 42.87 -11.73 11.27
CA ILE E 421 42.63 -12.71 12.31
C ILE E 421 42.69 -14.12 11.77
N GLN E 422 42.08 -14.41 10.63
CA GLN E 422 42.19 -15.79 10.17
C GLN E 422 43.64 -16.14 9.82
N LEU E 423 44.39 -15.18 9.25
CA LEU E 423 45.80 -15.41 8.92
C LEU E 423 46.66 -15.58 10.16
N GLU E 424 46.37 -14.80 11.19
CA GLU E 424 47.10 -14.84 12.45
C GLU E 424 46.10 -14.80 13.61
N PRO E 425 45.54 -15.95 14.04
CA PRO E 425 44.51 -16.11 15.06
C PRO E 425 44.88 -15.58 16.43
N THR E 426 46.18 -15.38 16.66
CA THR E 426 46.70 -14.89 17.93
C THR E 426 47.03 -13.41 17.89
N PHE E 427 46.71 -12.76 16.78
CA PHE E 427 47.01 -11.35 16.68
C PHE E 427 45.92 -10.59 17.38
N ILE E 428 46.20 -10.32 18.66
CA ILE E 428 45.21 -9.73 19.54
C ILE E 428 44.77 -8.39 19.05
N LYS E 429 45.64 -7.68 18.38
CA LYS E 429 45.29 -6.40 17.85
C LYS E 429 44.28 -6.51 16.73
N GLY E 430 44.22 -7.63 16.01
CA GLY E 430 43.26 -7.74 14.93
C GLY E 430 41.88 -7.71 15.55
N TYR E 431 41.78 -8.34 16.72
CA TYR E 431 40.53 -8.44 17.43
C TYR E 431 40.15 -7.13 18.08
N THR E 432 41.13 -6.39 18.64
CA THR E 432 40.75 -5.13 19.28
C THR E 432 40.35 -4.10 18.24
N ARG E 433 40.96 -4.14 17.05
CA ARG E 433 40.57 -3.18 16.03
C ARG E 433 39.15 -3.50 15.53
N LYS E 434 38.84 -4.79 15.35
CA LYS E 434 37.53 -5.20 14.89
C LYS E 434 36.46 -4.84 15.90
N ALA E 435 36.74 -5.17 17.15
CA ALA E 435 35.80 -4.94 18.19
C ALA E 435 35.55 -3.46 18.38
N ALA E 436 36.58 -2.62 18.24
CA ALA E 436 36.37 -1.19 18.37
C ALA E 436 35.43 -0.68 17.31
N ALA E 437 35.57 -1.18 16.08
CA ALA E 437 34.66 -0.76 15.03
C ALA E 437 33.24 -1.22 15.36
N LEU E 438 33.10 -2.42 15.91
CA LEU E 438 31.78 -2.91 16.25
C LEU E 438 31.15 -2.10 17.38
N GLU E 439 31.95 -1.73 18.39
CA GLU E 439 31.47 -0.96 19.52
C GLU E 439 31.03 0.41 19.05
N ALA E 440 31.82 1.02 18.16
CA ALA E 440 31.55 2.35 17.63
C ALA E 440 30.22 2.40 16.89
N MET E 441 29.88 1.31 16.23
CA MET E 441 28.65 1.17 15.46
C MET E 441 27.48 0.75 16.33
N LYS E 442 27.71 0.66 17.64
CA LYS E 442 26.81 0.26 18.70
C LYS E 442 26.46 -1.22 18.64
N ASP E 443 27.29 -2.00 17.94
CA ASP E 443 27.12 -3.43 17.91
C ASP E 443 27.93 -3.94 19.05
N TYR E 444 27.36 -3.77 20.21
CA TYR E 444 28.04 -4.08 21.45
C TYR E 444 28.05 -5.57 21.69
N THR E 445 27.04 -6.28 21.19
CA THR E 445 27.00 -7.71 21.41
C THR E 445 28.16 -8.39 20.68
N LYS E 446 28.41 -8.02 19.40
CA LYS E 446 29.54 -8.67 18.77
C LYS E 446 30.83 -8.02 19.22
N ALA E 447 30.82 -6.71 19.52
CA ALA E 447 32.07 -6.11 19.94
C ALA E 447 32.57 -6.78 21.19
N MET E 448 31.66 -7.11 22.10
CA MET E 448 32.03 -7.76 23.34
C MET E 448 32.59 -9.13 23.04
N ASP E 449 31.96 -9.86 22.11
CA ASP E 449 32.40 -11.21 21.76
C ASP E 449 33.80 -11.17 21.10
N VAL E 450 34.08 -10.14 20.31
CA VAL E 450 35.36 -10.02 19.64
C VAL E 450 36.43 -9.60 20.66
N TYR E 451 36.08 -8.65 21.54
CA TYR E 451 36.99 -8.23 22.58
C TYR E 451 37.25 -9.42 23.49
N GLN E 452 36.24 -10.27 23.73
CA GLN E 452 36.45 -11.44 24.56
C GLN E 452 37.38 -12.40 23.87
N LYS E 453 37.27 -12.58 22.56
CA LYS E 453 38.20 -13.47 21.90
C LYS E 453 39.61 -12.91 22.12
N ALA E 454 39.74 -11.58 22.09
CA ALA E 454 41.03 -10.98 22.35
C ALA E 454 41.48 -11.34 23.80
N LEU E 455 40.54 -11.29 24.77
CA LEU E 455 40.87 -11.66 26.16
C LEU E 455 41.24 -13.12 26.30
N ASP E 456 40.67 -13.97 25.46
CA ASP E 456 41.00 -15.38 25.52
C ASP E 456 42.49 -15.56 25.19
N LEU E 457 43.03 -14.69 24.31
CA LEU E 457 44.44 -14.77 23.96
C LEU E 457 45.31 -14.14 25.06
N ASP E 458 44.82 -13.04 25.62
CA ASP E 458 45.51 -12.31 26.68
C ASP E 458 44.52 -11.60 27.58
N SER E 459 44.29 -12.15 28.76
CA SER E 459 43.29 -11.63 29.68
C SER E 459 43.66 -10.27 30.27
N SER E 460 44.94 -9.88 30.15
CA SER E 460 45.39 -8.60 30.70
C SER E 460 45.31 -7.45 29.70
N CYS E 461 44.95 -7.76 28.45
CA CYS E 461 44.94 -6.74 27.42
C CYS E 461 43.96 -5.62 27.68
N LYS E 462 44.45 -4.38 27.58
CA LYS E 462 43.65 -3.20 27.89
C LYS E 462 42.43 -2.97 27.02
N GLU E 463 42.55 -3.03 25.69
CA GLU E 463 41.35 -2.76 24.94
C GLU E 463 40.42 -3.94 25.03
N ALA E 464 40.99 -5.13 25.05
CA ALA E 464 40.18 -6.33 25.14
C ALA E 464 39.36 -6.33 26.43
N ALA E 465 39.95 -5.87 27.55
CA ALA E 465 39.23 -5.82 28.80
C ALA E 465 38.32 -4.62 28.93
N ASP E 466 38.78 -3.44 28.51
CA ASP E 466 38.00 -2.23 28.72
C ASP E 466 36.85 -2.11 27.74
N GLY E 467 37.07 -2.49 26.49
CA GLY E 467 36.03 -2.42 25.51
C GLY E 467 34.96 -3.43 25.84
N TYR E 468 35.39 -4.57 26.36
CA TYR E 468 34.52 -5.64 26.78
C TYR E 468 33.57 -5.14 27.87
N GLN E 469 34.12 -4.47 28.91
CA GLN E 469 33.33 -3.93 30.01
C GLN E 469 32.39 -2.80 29.56
N ARG E 470 32.80 -1.98 28.61
CA ARG E 470 31.87 -0.95 28.16
C ARG E 470 30.69 -1.57 27.41
N CYS E 471 30.97 -2.57 26.57
CA CYS E 471 29.96 -3.24 25.74
C CYS E 471 28.95 -3.96 26.62
N MET E 472 29.44 -4.49 27.73
CA MET E 472 28.71 -5.23 28.73
C MET E 472 27.51 -4.48 29.30
N MET E 473 27.59 -3.15 29.29
CA MET E 473 26.53 -2.33 29.83
C MET E 473 25.80 -1.66 28.68
N ALA E 474 26.57 -1.15 27.73
CA ALA E 474 26.09 -0.39 26.59
C ALA E 474 25.13 -1.20 25.70
N GLN E 475 25.34 -2.52 25.62
CA GLN E 475 24.53 -3.40 24.80
C GLN E 475 23.09 -3.45 25.27
N TYR E 476 22.83 -3.00 26.50
CA TYR E 476 21.50 -2.97 27.04
C TYR E 476 21.03 -1.52 27.13
N ASN E 477 21.97 -0.63 27.46
CA ASN E 477 21.64 0.77 27.67
C ASN E 477 21.20 1.45 26.38
N ARG E 478 21.68 0.95 25.25
CA ARG E 478 21.33 1.53 23.96
C ARG E 478 19.96 1.13 23.45
N HIS E 479 19.26 0.16 24.06
CA HIS E 479 18.06 -0.30 23.39
C HIS E 479 17.09 0.81 23.13
N ASP E 480 16.87 1.68 24.11
CA ASP E 480 16.04 2.84 23.90
C ASP E 480 14.74 2.49 23.14
N SER E 481 14.44 3.24 22.07
CA SER E 481 13.30 3.00 21.20
C SER E 481 13.39 1.69 20.42
N PRO E 482 12.28 0.96 20.26
CA PRO E 482 12.20 -0.29 19.53
C PRO E 482 12.55 -0.09 18.06
N GLU E 483 12.50 1.15 17.57
CA GLU E 483 12.84 1.41 16.19
C GLU E 483 14.34 1.22 15.97
N ASP E 484 15.14 1.51 17.00
CA ASP E 484 16.58 1.35 16.88
C ASP E 484 16.81 -0.12 16.84
N VAL E 485 16.07 -0.84 17.66
CA VAL E 485 16.26 -2.26 17.74
C VAL E 485 15.89 -2.93 16.42
N LYS E 486 14.75 -2.56 15.84
CA LYS E 486 14.35 -3.16 14.58
C LYS E 486 15.30 -2.82 13.45
N ARG E 487 15.72 -1.57 13.36
CA ARG E 487 16.60 -1.24 12.25
C ARG E 487 17.93 -1.93 12.33
N ARG E 488 18.47 -2.06 13.54
CA ARG E 488 19.74 -2.71 13.68
C ARG E 488 19.64 -4.23 13.62
N ALA E 489 18.70 -4.81 14.35
CA ALA E 489 18.59 -6.25 14.39
C ALA E 489 18.23 -6.80 13.03
N MET E 490 17.37 -6.11 12.28
CA MET E 490 16.91 -6.68 11.04
C MET E 490 17.90 -6.48 9.92
N ALA E 491 19.04 -5.89 10.25
CA ALA E 491 20.08 -5.74 9.27
C ALA E 491 20.78 -7.09 9.13
N ASP E 492 20.64 -7.92 10.17
CA ASP E 492 21.29 -9.21 10.30
C ASP E 492 20.44 -10.33 9.69
N PRO E 493 20.87 -10.95 8.57
CA PRO E 493 20.15 -11.97 7.84
C PRO E 493 19.68 -13.14 8.70
N GLU E 494 20.36 -13.39 9.84
CA GLU E 494 19.96 -14.49 10.70
C GLU E 494 18.64 -14.19 11.37
N VAL E 495 18.40 -12.95 11.76
CA VAL E 495 17.14 -12.72 12.43
C VAL E 495 16.13 -12.47 11.37
N GLN E 496 16.56 -12.06 10.18
CA GLN E 496 15.57 -11.92 9.17
C GLN E 496 15.00 -13.30 8.87
N GLN E 497 15.86 -14.32 8.84
CA GLN E 497 15.41 -15.69 8.60
C GLN E 497 14.51 -16.17 9.72
N ILE E 498 14.83 -15.83 10.95
CA ILE E 498 14.01 -16.28 12.03
C ILE E 498 12.62 -15.70 11.88
N MET E 499 12.52 -14.42 11.57
CA MET E 499 11.22 -13.83 11.41
C MET E 499 10.49 -14.17 10.14
N SER E 500 11.23 -14.46 9.05
CA SER E 500 10.58 -14.78 7.79
C SER E 500 10.04 -16.21 7.82
N ASP E 501 10.58 -17.06 8.70
CA ASP E 501 10.15 -18.43 8.87
C ASP E 501 8.84 -18.57 9.67
N PRO E 502 7.72 -18.97 9.07
CA PRO E 502 6.44 -19.04 9.72
C PRO E 502 6.42 -20.00 10.88
N ALA E 503 7.33 -20.97 10.92
CA ALA E 503 7.28 -21.87 12.05
C ALA E 503 7.65 -21.09 13.28
N MET E 504 8.58 -20.17 13.12
CA MET E 504 9.02 -19.39 14.24
C MET E 504 7.99 -18.38 14.57
N ARG E 505 7.26 -17.93 13.56
CA ARG E 505 6.25 -16.96 13.89
C ARG E 505 5.20 -17.59 14.80
N LEU E 506 4.82 -18.84 14.50
CA LEU E 506 3.83 -19.52 15.33
C LEU E 506 4.35 -19.79 16.72
N ILE E 507 5.61 -20.16 16.83
CA ILE E 507 6.19 -20.43 18.12
C ILE E 507 6.20 -19.17 18.94
N LEU E 508 6.59 -18.06 18.33
CA LEU E 508 6.64 -16.82 19.06
C LEU E 508 5.27 -16.40 19.55
N GLU E 509 4.22 -16.60 18.76
CA GLU E 509 2.92 -16.21 19.25
C GLU E 509 2.53 -17.03 20.49
N GLN E 510 2.86 -18.32 20.49
CA GLN E 510 2.54 -19.11 21.66
C GLN E 510 3.31 -18.63 22.86
N MET E 511 4.56 -18.26 22.63
CA MET E 511 5.41 -17.79 23.70
C MET E 511 4.86 -16.52 24.33
N GLN E 512 4.35 -15.58 23.52
CA GLN E 512 3.82 -14.35 24.11
C GLN E 512 2.63 -14.63 24.99
N LYS E 513 1.80 -15.57 24.55
CA LYS E 513 0.59 -15.89 25.26
C LYS E 513 0.78 -16.85 26.43
N ASP E 514 1.83 -17.66 26.41
CA ASP E 514 2.03 -18.63 27.44
C ASP E 514 3.51 -18.83 27.82
N PRO E 515 3.99 -18.35 28.98
CA PRO E 515 5.35 -18.49 29.47
C PRO E 515 5.76 -19.97 29.56
N GLN E 516 4.79 -20.87 29.61
CA GLN E 516 5.14 -22.27 29.68
C GLN E 516 5.49 -22.76 28.29
N ALA E 517 5.00 -22.10 27.24
CA ALA E 517 5.38 -22.49 25.89
C ALA E 517 6.85 -22.24 25.79
N LEU E 518 7.30 -21.14 26.41
CA LEU E 518 8.74 -20.87 26.42
C LEU E 518 9.46 -21.90 27.23
N SER E 519 8.91 -22.25 28.37
CA SER E 519 9.61 -23.20 29.21
C SER E 519 9.86 -24.50 28.49
N GLU E 520 8.88 -25.00 27.75
CA GLU E 520 9.03 -26.23 27.01
C GLU E 520 9.79 -26.13 25.69
N HIS E 521 9.56 -25.10 24.89
CA HIS E 521 10.18 -25.06 23.59
C HIS E 521 11.66 -24.82 23.68
N LEU E 522 12.07 -24.13 24.72
CA LEU E 522 13.45 -23.76 24.85
C LEU E 522 14.31 -24.92 25.32
N LYS E 523 13.71 -26.08 25.51
CA LYS E 523 14.49 -27.23 25.89
C LYS E 523 15.15 -27.84 24.65
N ASN E 524 14.69 -27.45 23.46
CA ASN E 524 15.24 -27.98 22.21
C ASN E 524 16.06 -26.90 21.50
N PRO E 525 17.41 -27.05 21.37
CA PRO E 525 18.35 -26.10 20.78
C PRO E 525 17.97 -25.56 19.41
N VAL E 526 17.23 -26.32 18.61
CA VAL E 526 16.89 -25.76 17.32
C VAL E 526 16.01 -24.53 17.49
N ILE E 527 15.20 -24.50 18.54
CA ILE E 527 14.37 -23.35 18.79
C ILE E 527 15.08 -22.47 19.78
N ALA E 528 15.66 -23.05 20.81
CA ALA E 528 16.28 -22.25 21.84
C ALA E 528 17.31 -21.29 21.29
N GLN E 529 18.05 -21.68 20.24
CA GLN E 529 19.05 -20.77 19.73
C GLN E 529 18.51 -19.77 18.74
N LYS E 530 17.29 -19.97 18.26
CA LYS E 530 16.72 -19.01 17.34
C LYS E 530 16.19 -17.92 18.26
N ILE E 531 15.68 -18.36 19.41
CA ILE E 531 15.17 -17.43 20.39
C ILE E 531 16.34 -16.71 21.02
N GLN E 532 17.43 -17.42 21.32
CA GLN E 532 18.58 -16.76 21.91
C GLN E 532 19.10 -15.69 20.99
N LYS E 533 19.10 -15.94 19.69
CA LYS E 533 19.56 -14.90 18.80
C LYS E 533 18.64 -13.69 18.83
N LEU E 534 17.32 -13.90 18.85
CA LEU E 534 16.43 -12.76 18.90
C LEU E 534 16.59 -12.00 20.23
N MET E 535 16.88 -12.71 21.32
CA MET E 535 17.12 -12.01 22.56
C MET E 535 18.44 -11.21 22.52
N ASP E 536 19.49 -11.79 21.92
CA ASP E 536 20.82 -11.17 21.86
C ASP E 536 20.82 -9.86 21.10
N VAL E 537 19.99 -9.77 20.09
CA VAL E 537 19.89 -8.55 19.30
C VAL E 537 18.93 -7.53 19.94
N GLY E 538 18.22 -7.93 20.99
CA GLY E 538 17.24 -7.08 21.66
C GLY E 538 15.82 -7.14 21.11
N LEU E 539 15.50 -8.10 20.23
CA LEU E 539 14.15 -8.17 19.69
C LEU E 539 13.22 -8.82 20.68
N ILE E 540 13.73 -9.76 21.44
CA ILE E 540 12.93 -10.36 22.48
C ILE E 540 13.41 -9.98 23.83
N ALA E 541 12.59 -9.30 24.57
CA ALA E 541 13.03 -8.98 25.90
C ALA E 541 12.40 -9.98 26.84
N ILE E 542 13.13 -10.39 27.85
CA ILE E 542 12.60 -11.25 28.89
C ILE E 542 12.62 -10.47 30.20
N ARG E 543 11.48 -10.46 30.92
CA ARG E 543 11.28 -9.78 32.20
C ARG E 543 11.17 -10.85 33.31
N SER F 519 2.14 -18.63 53.58
CA SER F 519 2.14 -17.55 52.63
C SER F 519 3.59 -17.04 52.52
N ILE F 520 4.05 -16.70 51.29
CA ILE F 520 5.44 -16.27 50.99
C ILE F 520 5.53 -14.95 50.24
N VAL F 521 6.60 -14.24 50.40
CA VAL F 521 6.80 -13.03 49.63
C VAL F 521 6.67 -13.41 48.11
N PRO F 522 5.97 -12.61 47.28
CA PRO F 522 5.76 -12.82 45.86
C PRO F 522 7.03 -12.52 45.12
N ALA F 523 7.10 -12.94 43.88
CA ALA F 523 8.24 -12.65 43.06
C ALA F 523 7.87 -12.53 41.61
N THR F 524 8.72 -11.86 40.85
CA THR F 524 8.51 -11.70 39.41
C THR F 524 9.00 -12.95 38.68
N LEU F 525 8.29 -14.04 38.94
CA LEU F 525 8.59 -15.33 38.36
C LEU F 525 7.51 -15.73 37.35
N PRO F 526 7.85 -16.61 36.40
CA PRO F 526 9.15 -17.17 36.08
C PRO F 526 9.91 -16.03 35.47
N GLN F 527 11.23 -16.05 35.51
CA GLN F 527 11.96 -14.97 34.83
C GLN F 527 12.08 -15.38 33.38
N LEU F 528 10.93 -15.42 32.76
CA LEU F 528 10.73 -15.88 31.42
C LEU F 528 9.49 -15.20 30.84
N THR F 529 9.27 -13.91 31.12
CA THR F 529 8.11 -13.26 30.55
C THR F 529 8.55 -12.45 29.33
N PRO F 530 8.19 -12.84 28.11
CA PRO F 530 8.64 -12.23 26.89
C PRO F 530 7.96 -10.92 26.56
N THR F 531 8.67 -10.09 25.83
CA THR F 531 8.09 -8.95 25.19
C THR F 531 8.38 -9.09 23.73
N LEU F 532 7.40 -9.58 22.99
CA LEU F 532 7.56 -9.84 21.58
C LEU F 532 6.78 -8.78 20.84
N VAL F 533 6.43 -7.72 21.53
CA VAL F 533 5.56 -6.73 20.95
C VAL F 533 6.12 -6.13 19.68
N SER F 534 7.42 -5.79 19.64
CA SER F 534 7.93 -5.21 18.43
C SER F 534 7.93 -6.23 17.29
N LEU F 535 8.05 -7.52 17.63
CA LEU F 535 8.05 -8.55 16.63
C LEU F 535 6.65 -8.81 16.11
N LEU F 536 5.67 -8.65 16.97
CA LEU F 536 4.28 -8.87 16.62
C LEU F 536 3.83 -7.76 15.67
N GLU F 537 4.41 -6.56 15.85
CA GLU F 537 4.15 -5.44 14.94
C GLU F 537 4.74 -5.77 13.56
N VAL F 538 5.91 -6.42 13.56
CA VAL F 538 6.61 -6.84 12.34
C VAL F 538 5.84 -7.90 11.58
N ILE F 539 5.25 -8.86 12.28
CA ILE F 539 4.55 -9.90 11.56
C ILE F 539 3.25 -9.43 10.93
N GLU F 540 3.27 -9.45 9.61
CA GLU F 540 2.15 -9.08 8.77
C GLU F 540 1.95 -9.98 7.53
N PRO F 541 2.98 -10.21 6.66
CA PRO F 541 2.88 -10.88 5.37
C PRO F 541 2.44 -12.33 5.42
N GLU F 542 1.81 -12.71 4.34
CA GLU F 542 1.35 -14.04 4.04
C GLU F 542 1.37 -14.15 2.53
N VAL F 543 1.37 -15.37 2.00
CA VAL F 543 1.37 -15.52 0.56
C VAL F 543 0.00 -15.83 0.04
N LEU F 544 -0.41 -15.05 -0.96
CA LEU F 544 -1.71 -15.20 -1.57
C LEU F 544 -1.58 -15.80 -2.95
N TYR F 545 -2.61 -16.53 -3.37
CA TYR F 545 -2.62 -17.17 -4.67
C TYR F 545 -3.80 -16.83 -5.56
N ALA F 546 -3.54 -16.89 -6.87
CA ALA F 546 -4.51 -16.70 -7.94
C ALA F 546 -5.03 -18.02 -8.51
N GLY F 547 -6.23 -17.98 -9.08
CA GLY F 547 -6.84 -19.13 -9.75
C GLY F 547 -7.91 -19.70 -8.85
N TYR F 548 -9.16 -19.68 -9.31
CA TYR F 548 -10.22 -20.10 -8.40
C TYR F 548 -11.09 -21.27 -8.87
N ASP F 549 -11.25 -21.45 -10.18
CA ASP F 549 -12.11 -22.54 -10.64
C ASP F 549 -11.69 -22.98 -12.05
N SER F 550 -12.34 -24.01 -12.60
CA SER F 550 -12.03 -24.52 -13.96
C SER F 550 -13.20 -25.26 -14.63
N SER F 551 -13.29 -25.17 -15.96
CA SER F 551 -14.34 -25.88 -16.72
C SER F 551 -14.00 -26.21 -18.17
N VAL F 552 -14.36 -27.43 -18.58
CA VAL F 552 -14.23 -27.86 -19.97
C VAL F 552 -15.49 -28.60 -20.44
N PRO F 553 -15.71 -28.72 -21.76
CA PRO F 553 -16.65 -29.63 -22.40
C PRO F 553 -16.03 -31.01 -22.43
N ASP F 554 -16.83 -32.06 -22.54
CA ASP F 554 -16.33 -33.41 -22.74
C ASP F 554 -16.64 -34.06 -24.11
N SER F 555 -16.91 -33.27 -25.15
CA SER F 555 -17.23 -33.85 -26.48
C SER F 555 -16.95 -32.90 -27.65
N THR F 556 -17.03 -33.44 -28.88
CA THR F 556 -16.77 -32.68 -30.11
C THR F 556 -18.02 -32.49 -30.98
N TRP F 557 -18.36 -33.41 -31.87
CA TRP F 557 -19.59 -33.13 -32.65
C TRP F 557 -20.81 -33.11 -31.74
N ARG F 558 -20.71 -33.82 -30.61
CA ARG F 558 -21.78 -33.86 -29.65
C ARG F 558 -21.78 -32.63 -28.76
N ILE F 559 -21.00 -31.58 -29.13
CA ILE F 559 -21.00 -30.28 -28.48
C ILE F 559 -22.41 -29.73 -28.72
N MET F 560 -23.17 -30.31 -29.66
CA MET F 560 -24.53 -29.89 -29.91
C MET F 560 -25.35 -29.96 -28.58
N THR F 561 -24.95 -30.83 -27.61
CA THR F 561 -25.60 -30.90 -26.28
C THR F 561 -24.58 -30.51 -25.19
N THR F 562 -23.29 -30.72 -25.45
CA THR F 562 -22.30 -30.44 -24.42
C THR F 562 -21.97 -28.96 -24.36
N LEU F 563 -22.32 -28.20 -25.41
CA LEU F 563 -22.16 -26.77 -25.43
C LEU F 563 -23.05 -26.19 -24.39
N ASN F 564 -24.18 -26.87 -24.08
CA ASN F 564 -25.09 -26.32 -23.13
C ASN F 564 -24.50 -26.60 -21.76
N MET F 565 -23.90 -27.79 -21.58
CA MET F 565 -23.31 -28.09 -20.28
C MET F 565 -22.16 -27.13 -20.00
N LEU F 566 -21.43 -26.81 -21.06
CA LEU F 566 -20.34 -25.87 -21.00
C LEU F 566 -20.85 -24.46 -20.80
N GLY F 567 -21.90 -24.07 -21.54
CA GLY F 567 -22.48 -22.75 -21.46
C GLY F 567 -22.98 -22.52 -20.04
N GLY F 568 -23.48 -23.56 -19.40
CA GLY F 568 -23.94 -23.54 -18.03
C GLY F 568 -22.76 -23.19 -17.13
N ARG F 569 -21.68 -23.97 -17.23
CA ARG F 569 -20.51 -23.70 -16.40
C ARG F 569 -19.87 -22.33 -16.70
N GLN F 570 -19.87 -21.91 -17.96
CA GLN F 570 -19.31 -20.62 -18.38
C GLN F 570 -20.16 -19.45 -17.93
N VAL F 571 -21.49 -19.57 -17.94
CA VAL F 571 -22.34 -18.49 -17.45
C VAL F 571 -22.20 -18.41 -15.95
N ILE F 572 -22.04 -19.54 -15.28
CA ILE F 572 -21.85 -19.50 -13.85
C ILE F 572 -20.53 -18.79 -13.59
N ALA F 573 -19.48 -19.16 -14.33
CA ALA F 573 -18.21 -18.49 -14.19
C ALA F 573 -18.35 -17.01 -14.50
N ALA F 574 -19.20 -16.68 -15.49
CA ALA F 574 -19.48 -15.31 -15.87
C ALA F 574 -20.17 -14.58 -14.73
N VAL F 575 -20.99 -15.27 -13.93
CA VAL F 575 -21.61 -14.63 -12.79
C VAL F 575 -20.54 -14.29 -11.77
N LYS F 576 -19.64 -15.24 -11.49
CA LYS F 576 -18.59 -15.01 -10.50
C LYS F 576 -17.70 -13.86 -10.95
N TRP F 577 -17.36 -13.86 -12.23
CA TRP F 577 -16.59 -12.85 -12.90
C TRP F 577 -17.27 -11.51 -12.88
N ALA F 578 -18.55 -11.49 -13.21
CA ALA F 578 -19.29 -10.26 -13.19
C ALA F 578 -19.35 -9.68 -11.80
N LYS F 579 -19.54 -10.52 -10.78
CA LYS F 579 -19.62 -10.07 -9.39
C LYS F 579 -18.28 -9.47 -8.93
N ALA F 580 -17.19 -10.03 -9.46
CA ALA F 580 -15.84 -9.57 -9.18
C ALA F 580 -15.58 -8.15 -9.72
N ILE F 581 -16.39 -7.65 -10.64
CA ILE F 581 -16.21 -6.33 -11.18
C ILE F 581 -16.87 -5.36 -10.20
N PRO F 582 -16.15 -4.38 -9.63
CA PRO F 582 -16.69 -3.49 -8.63
C PRO F 582 -17.99 -2.85 -9.07
N GLY F 583 -18.97 -2.93 -8.18
CA GLY F 583 -20.30 -2.38 -8.38
C GLY F 583 -21.31 -3.40 -8.89
N PHE F 584 -20.87 -4.53 -9.45
CA PHE F 584 -21.82 -5.50 -9.99
C PHE F 584 -22.69 -6.10 -8.88
N ARG F 585 -22.11 -6.40 -7.73
CA ARG F 585 -22.86 -7.00 -6.64
C ARG F 585 -23.85 -6.03 -6.01
N ASN F 586 -23.78 -4.74 -6.37
CA ASN F 586 -24.67 -3.74 -5.80
C ASN F 586 -25.88 -3.54 -6.72
N LEU F 587 -25.94 -4.34 -7.78
CA LEU F 587 -27.04 -4.31 -8.72
C LEU F 587 -28.10 -5.22 -8.13
N HIS F 588 -29.37 -4.95 -8.41
CA HIS F 588 -30.39 -5.85 -7.85
C HIS F 588 -30.15 -7.24 -8.40
N LEU F 589 -30.27 -8.28 -7.57
CA LEU F 589 -30.02 -9.65 -8.02
C LEU F 589 -30.89 -10.04 -9.18
N ASP F 590 -32.13 -9.57 -9.22
CA ASP F 590 -32.99 -9.94 -10.31
C ASP F 590 -32.40 -9.44 -11.62
N ASP F 591 -31.72 -8.29 -11.60
CA ASP F 591 -31.17 -7.75 -12.82
C ASP F 591 -29.81 -8.36 -13.07
N GLN F 592 -29.09 -8.74 -12.01
CA GLN F 592 -27.78 -9.36 -12.21
C GLN F 592 -27.97 -10.65 -12.96
N MET F 593 -29.05 -11.36 -12.60
CA MET F 593 -29.35 -12.61 -13.22
C MET F 593 -29.94 -12.39 -14.58
N THR F 594 -30.73 -11.32 -14.77
CA THR F 594 -31.27 -11.02 -16.10
C THR F 594 -30.15 -10.78 -17.07
N LEU F 595 -29.13 -10.03 -16.65
CA LEU F 595 -28.06 -9.79 -17.59
C LEU F 595 -27.29 -11.02 -17.92
N LEU F 596 -27.05 -11.92 -16.97
CA LEU F 596 -26.32 -13.10 -17.42
C LEU F 596 -27.25 -13.98 -18.26
N GLN F 597 -28.55 -13.97 -17.97
CA GLN F 597 -29.53 -14.74 -18.72
C GLN F 597 -29.54 -14.32 -20.18
N TYR F 598 -29.33 -13.04 -20.46
CA TYR F 598 -29.37 -12.61 -21.83
C TYR F 598 -27.97 -12.53 -22.48
N SER F 599 -26.93 -12.22 -21.69
CA SER F 599 -25.56 -12.04 -22.19
C SER F 599 -24.70 -13.30 -22.26
N TRP F 600 -25.09 -14.39 -21.58
CA TRP F 600 -24.26 -15.60 -21.58
C TRP F 600 -23.88 -16.06 -22.97
N MET F 601 -24.76 -15.88 -23.95
CA MET F 601 -24.48 -16.34 -25.29
C MET F 601 -23.37 -15.56 -25.99
N SER F 602 -23.26 -14.24 -25.72
CA SER F 602 -22.24 -13.45 -26.38
C SER F 602 -20.94 -13.63 -25.64
N LEU F 603 -21.04 -13.91 -24.34
CA LEU F 603 -19.84 -14.10 -23.54
C LEU F 603 -19.19 -15.41 -23.95
N MET F 604 -20.01 -16.43 -24.21
CA MET F 604 -19.50 -17.72 -24.66
C MET F 604 -18.86 -17.61 -26.02
N ALA F 605 -19.57 -17.04 -27.00
CA ALA F 605 -19.02 -16.95 -28.34
C ALA F 605 -17.74 -16.10 -28.35
N PHE F 606 -17.70 -15.06 -27.52
CA PHE F 606 -16.55 -14.18 -27.47
C PHE F 606 -15.37 -14.91 -26.81
N ALA F 607 -15.63 -15.69 -25.75
CA ALA F 607 -14.60 -16.47 -25.08
C ALA F 607 -13.97 -17.47 -26.04
N LEU F 608 -14.82 -18.06 -26.89
CA LEU F 608 -14.31 -19.01 -27.88
C LEU F 608 -13.47 -18.23 -28.83
N GLY F 609 -13.93 -17.04 -29.16
CA GLY F 609 -13.27 -16.17 -30.10
C GLY F 609 -11.82 -15.94 -29.73
N TRP F 610 -11.56 -15.50 -28.51
CA TRP F 610 -10.17 -15.25 -28.12
C TRP F 610 -9.31 -16.47 -28.23
N ARG F 611 -9.78 -17.58 -27.69
CA ARG F 611 -8.95 -18.77 -27.72
C ARG F 611 -8.71 -19.22 -29.15
N SER F 612 -9.71 -19.10 -30.03
CA SER F 612 -9.62 -19.50 -31.42
C SER F 612 -8.64 -18.64 -32.19
N TYR F 613 -8.69 -17.37 -31.91
CA TYR F 613 -7.81 -16.39 -32.51
C TYR F 613 -6.37 -16.75 -32.24
N ARG F 614 -6.05 -17.04 -30.98
CA ARG F 614 -4.68 -17.37 -30.65
C ARG F 614 -4.25 -18.83 -30.95
N GLN F 615 -5.15 -19.82 -30.81
CA GLN F 615 -4.78 -21.23 -30.99
C GLN F 615 -4.92 -21.83 -32.41
N SER F 616 -5.89 -21.38 -33.23
CA SER F 616 -6.10 -21.98 -34.56
C SER F 616 -6.20 -20.93 -35.66
N SER F 617 -5.72 -19.72 -35.37
CA SER F 617 -5.78 -18.56 -36.29
C SER F 617 -7.23 -18.31 -36.71
N ALA F 618 -8.12 -18.47 -35.74
CA ALA F 618 -9.55 -18.29 -35.83
C ALA F 618 -10.25 -19.21 -36.82
N ASN F 619 -9.65 -20.34 -37.15
CA ASN F 619 -10.35 -21.27 -38.03
C ASN F 619 -11.25 -22.23 -37.27
N LEU F 620 -10.90 -22.53 -36.03
CA LEU F 620 -11.62 -23.49 -35.22
C LEU F 620 -12.06 -22.88 -33.91
N LEU F 621 -13.17 -23.38 -33.35
CA LEU F 621 -13.61 -22.92 -32.06
C LEU F 621 -12.93 -23.71 -30.96
N CYS F 622 -12.54 -22.97 -29.94
CA CYS F 622 -11.85 -23.48 -28.77
C CYS F 622 -12.72 -23.30 -27.56
N PHE F 623 -13.36 -24.40 -27.18
CA PHE F 623 -14.41 -24.46 -26.18
C PHE F 623 -13.85 -24.35 -24.79
N ALA F 624 -12.61 -24.74 -24.67
CA ALA F 624 -11.88 -24.64 -23.44
C ALA F 624 -10.42 -24.62 -23.84
N PRO F 625 -9.48 -24.17 -23.03
CA PRO F 625 -8.06 -24.22 -23.36
C PRO F 625 -7.63 -25.62 -23.83
N ASP F 626 -8.27 -26.66 -23.26
CA ASP F 626 -7.96 -28.05 -23.61
C ASP F 626 -8.86 -28.68 -24.69
N LEU F 627 -9.77 -27.91 -25.30
CA LEU F 627 -10.60 -28.51 -26.37
C LEU F 627 -10.81 -27.60 -27.55
N ILE F 628 -10.35 -28.10 -28.68
CA ILE F 628 -10.48 -27.45 -29.96
C ILE F 628 -11.23 -28.43 -30.83
N ILE F 629 -12.29 -27.98 -31.49
CA ILE F 629 -12.99 -28.91 -32.36
C ILE F 629 -12.55 -28.68 -33.80
N ASN F 630 -11.98 -29.72 -34.40
CA ASN F 630 -11.38 -29.59 -35.73
C ASN F 630 -12.40 -29.65 -36.87
N GLU F 631 -11.91 -29.49 -38.11
CA GLU F 631 -12.73 -29.34 -39.32
C GLU F 631 -13.69 -30.49 -39.62
N GLN F 632 -13.27 -31.71 -39.30
CA GLN F 632 -14.08 -32.89 -39.59
C GLN F 632 -15.34 -32.94 -38.74
N ARG F 633 -15.40 -32.14 -37.68
CA ARG F 633 -16.59 -32.10 -36.86
C ARG F 633 -17.21 -30.71 -37.00
N MET F 634 -16.38 -29.69 -37.25
CA MET F 634 -16.77 -28.29 -37.28
C MET F 634 -17.80 -27.96 -38.34
N THR F 635 -17.76 -28.67 -39.46
CA THR F 635 -18.70 -28.37 -40.53
C THR F 635 -19.97 -29.22 -40.50
N LEU F 636 -20.13 -30.10 -39.51
CA LEU F 636 -21.34 -30.92 -39.44
C LEU F 636 -22.49 -30.01 -39.03
N PRO F 637 -23.70 -30.09 -39.58
CA PRO F 637 -24.85 -29.26 -39.21
C PRO F 637 -25.16 -29.17 -37.70
N CYS F 638 -24.94 -30.26 -36.96
CA CYS F 638 -25.23 -30.28 -35.52
C CYS F 638 -24.31 -29.35 -34.73
N MET F 639 -23.20 -29.03 -35.35
CA MET F 639 -22.15 -28.20 -34.85
C MET F 639 -22.31 -26.82 -35.47
N TYR F 640 -22.10 -26.77 -36.79
CA TYR F 640 -21.98 -25.62 -37.66
C TYR F 640 -23.20 -24.72 -37.72
N ASP F 641 -24.41 -25.24 -37.58
CA ASP F 641 -25.56 -24.35 -37.66
C ASP F 641 -25.49 -23.28 -36.56
N GLN F 642 -24.82 -23.61 -35.42
CA GLN F 642 -24.66 -22.66 -34.35
C GLN F 642 -23.22 -22.11 -34.39
N CYS F 643 -22.28 -23.02 -34.59
CA CYS F 643 -20.87 -22.69 -34.55
C CYS F 643 -20.38 -21.75 -35.65
N LYS F 644 -21.05 -21.66 -36.79
CA LYS F 644 -20.61 -20.74 -37.81
C LYS F 644 -20.72 -19.28 -37.33
N HIS F 645 -21.62 -19.02 -36.37
CA HIS F 645 -21.78 -17.67 -35.89
C HIS F 645 -20.70 -17.42 -34.85
N MET F 646 -20.32 -18.48 -34.13
CA MET F 646 -19.25 -18.34 -33.15
C MET F 646 -17.91 -18.16 -33.91
N LEU F 647 -17.80 -18.79 -35.10
CA LEU F 647 -16.60 -18.65 -35.95
C LEU F 647 -16.51 -17.23 -36.49
N TYR F 648 -17.64 -16.62 -36.84
CA TYR F 648 -17.61 -15.22 -37.26
C TYR F 648 -16.87 -14.38 -36.23
N VAL F 649 -17.21 -14.57 -34.96
CA VAL F 649 -16.59 -13.80 -33.90
C VAL F 649 -15.09 -14.06 -33.80
N SER F 650 -14.68 -15.32 -33.90
CA SER F 650 -13.25 -15.66 -33.83
C SER F 650 -12.49 -15.02 -34.98
N SER F 651 -13.10 -15.05 -36.17
CA SER F 651 -12.51 -14.53 -37.38
C SER F 651 -12.27 -13.05 -37.24
N GLU F 652 -13.25 -12.33 -36.69
CA GLU F 652 -13.09 -10.90 -36.49
C GLU F 652 -12.01 -10.57 -35.48
N LEU F 653 -11.88 -11.29 -34.37
CA LEU F 653 -10.81 -10.88 -33.43
C LEU F 653 -9.44 -11.00 -34.13
N HIS F 654 -9.31 -12.03 -34.96
CA HIS F 654 -8.09 -12.29 -35.73
C HIS F 654 -7.86 -11.23 -36.81
N ARG F 655 -8.90 -10.90 -37.60
CA ARG F 655 -8.79 -9.89 -38.65
C ARG F 655 -8.43 -8.53 -38.05
N LEU F 656 -9.03 -8.26 -36.90
CA LEU F 656 -8.88 -7.03 -36.14
C LEU F 656 -7.57 -6.94 -35.36
N GLN F 657 -6.91 -8.08 -35.09
CA GLN F 657 -5.66 -8.14 -34.34
C GLN F 657 -5.78 -7.49 -32.98
N VAL F 658 -6.78 -7.98 -32.26
CA VAL F 658 -7.15 -7.57 -30.91
C VAL F 658 -6.14 -7.99 -29.83
N SER F 659 -5.77 -7.07 -28.94
CA SER F 659 -4.83 -7.40 -27.85
C SER F 659 -5.61 -8.07 -26.74
N TYR F 660 -4.93 -8.66 -25.76
CA TYR F 660 -5.72 -9.28 -24.70
C TYR F 660 -6.44 -8.23 -23.87
N GLU F 661 -5.81 -7.08 -23.64
CA GLU F 661 -6.47 -6.02 -22.87
C GLU F 661 -7.74 -5.54 -23.57
N GLU F 662 -7.65 -5.34 -24.89
CA GLU F 662 -8.77 -4.89 -25.69
C GLU F 662 -9.87 -5.93 -25.68
N TYR F 663 -9.46 -7.20 -25.74
CA TYR F 663 -10.35 -8.33 -25.69
C TYR F 663 -11.14 -8.36 -24.40
N LEU F 664 -10.44 -8.22 -23.28
CA LEU F 664 -11.09 -8.26 -21.99
C LEU F 664 -12.03 -7.09 -21.85
N CYS F 665 -11.66 -5.92 -22.38
CA CYS F 665 -12.54 -4.77 -22.29
C CYS F 665 -13.83 -5.13 -23.02
N MET F 666 -13.72 -5.74 -24.20
CA MET F 666 -14.90 -6.14 -24.95
C MET F 666 -15.72 -7.24 -24.27
N LYS F 667 -15.07 -8.24 -23.66
CA LYS F 667 -15.82 -9.29 -22.99
C LYS F 667 -16.65 -8.67 -21.88
N THR F 668 -16.02 -7.73 -21.17
CA THR F 668 -16.61 -7.00 -20.07
C THR F 668 -17.80 -6.17 -20.59
N LEU F 669 -17.67 -5.53 -21.75
CA LEU F 669 -18.77 -4.80 -22.36
C LEU F 669 -19.94 -5.67 -22.75
N LEU F 670 -19.65 -6.87 -23.26
CA LEU F 670 -20.71 -7.78 -23.67
C LEU F 670 -21.55 -8.18 -22.48
N LEU F 671 -20.94 -8.31 -21.32
CA LEU F 671 -21.65 -8.67 -20.10
C LEU F 671 -22.91 -7.86 -19.88
N LEU F 672 -22.89 -6.56 -20.14
CA LEU F 672 -24.07 -5.77 -19.83
C LEU F 672 -24.86 -5.34 -21.07
N SER F 673 -24.57 -5.93 -22.24
CA SER F 673 -25.15 -5.56 -23.53
C SER F 673 -26.61 -5.96 -23.85
N SER F 674 -27.22 -6.91 -23.14
CA SER F 674 -28.58 -7.31 -23.52
C SER F 674 -29.52 -7.23 -22.32
N VAL F 675 -30.47 -6.31 -22.42
CA VAL F 675 -31.37 -5.99 -21.32
C VAL F 675 -32.81 -6.05 -21.79
N PRO F 676 -33.83 -6.12 -20.92
CA PRO F 676 -35.24 -6.07 -21.26
C PRO F 676 -35.55 -4.73 -21.90
N LYS F 677 -36.52 -4.70 -22.80
CA LYS F 677 -36.92 -3.44 -23.45
C LYS F 677 -37.50 -2.45 -22.44
N ASP F 678 -37.94 -2.96 -21.30
CA ASP F 678 -38.58 -2.16 -20.26
C ASP F 678 -37.56 -1.66 -19.22
N GLY F 679 -36.28 -1.97 -19.43
CA GLY F 679 -35.21 -1.55 -18.53
C GLY F 679 -34.95 -2.51 -17.38
N LEU F 680 -34.03 -2.10 -16.53
CA LEU F 680 -33.57 -2.89 -15.37
C LEU F 680 -34.00 -2.22 -14.06
N LYS F 681 -34.30 -2.99 -13.01
CA LYS F 681 -34.77 -2.42 -11.74
C LYS F 681 -33.76 -1.43 -11.14
N SER F 682 -32.48 -1.74 -11.29
CA SER F 682 -31.36 -0.93 -10.79
C SER F 682 -30.48 -0.44 -11.94
N GLN F 683 -31.14 -0.14 -13.06
CA GLN F 683 -30.50 0.27 -14.29
C GLN F 683 -29.52 1.40 -14.18
N GLU F 684 -29.74 2.39 -13.33
CA GLU F 684 -28.80 3.48 -13.32
C GLU F 684 -27.37 3.04 -13.01
N LEU F 685 -27.19 2.01 -12.15
CA LEU F 685 -25.85 1.58 -11.82
C LEU F 685 -25.33 0.74 -12.97
N PHE F 686 -26.21 -0.02 -13.62
CA PHE F 686 -25.76 -0.81 -14.77
C PHE F 686 -25.23 0.11 -15.87
N ASP F 687 -25.91 1.23 -16.07
CA ASP F 687 -25.50 2.14 -17.12
C ASP F 687 -24.16 2.78 -16.81
N GLU F 688 -23.90 3.13 -15.54
CA GLU F 688 -22.60 3.72 -15.19
C GLU F 688 -21.47 2.71 -15.42
N ILE F 689 -21.74 1.45 -15.07
CA ILE F 689 -20.74 0.41 -15.21
C ILE F 689 -20.43 0.15 -16.67
N ARG F 690 -21.48 0.04 -17.50
CA ARG F 690 -21.30 -0.23 -18.93
C ARG F 690 -20.54 0.91 -19.62
N MET F 691 -20.81 2.16 -19.24
CA MET F 691 -20.08 3.26 -19.86
C MET F 691 -18.62 3.32 -19.39
N THR F 692 -18.36 2.89 -18.16
CA THR F 692 -16.99 2.85 -17.71
C THR F 692 -16.23 1.88 -18.59
N TYR F 693 -16.87 0.73 -18.88
CA TYR F 693 -16.26 -0.30 -19.69
C TYR F 693 -15.94 0.18 -21.12
N ILE F 694 -16.81 0.97 -21.76
CA ILE F 694 -16.53 1.37 -23.13
C ILE F 694 -15.36 2.36 -23.15
N LYS F 695 -15.27 3.21 -22.13
CA LYS F 695 -14.15 4.12 -22.03
C LYS F 695 -12.84 3.33 -21.88
N GLU F 696 -12.88 2.21 -21.13
CA GLU F 696 -11.72 1.34 -20.94
C GLU F 696 -11.28 0.73 -22.27
N LEU F 697 -12.23 0.35 -23.14
CA LEU F 697 -11.86 -0.21 -24.44
C LEU F 697 -11.09 0.82 -25.23
N GLY F 698 -11.58 2.06 -25.21
CA GLY F 698 -10.91 3.13 -25.92
C GLY F 698 -9.47 3.26 -25.44
N LYS F 699 -9.26 3.31 -24.12
CA LYS F 699 -7.92 3.46 -23.57
C LYS F 699 -6.97 2.32 -23.97
N ALA F 700 -7.49 1.08 -23.98
CA ALA F 700 -6.69 -0.09 -24.34
C ALA F 700 -6.13 0.04 -25.75
N ILE F 701 -6.92 0.65 -26.62
CA ILE F 701 -6.56 0.85 -28.02
C ILE F 701 -5.63 2.03 -28.24
N VAL F 702 -5.93 3.16 -27.62
CA VAL F 702 -5.17 4.37 -27.82
C VAL F 702 -3.71 4.19 -27.44
N LYS F 703 -3.46 3.47 -26.37
CA LYS F 703 -2.11 3.25 -25.89
C LYS F 703 -1.35 2.15 -26.65
N ARG F 704 -2.02 1.47 -27.59
CA ARG F 704 -1.39 0.39 -28.34
C ARG F 704 -1.15 0.69 -29.81
N GLU F 705 -2.14 1.23 -30.53
CA GLU F 705 -1.94 1.46 -31.96
C GLU F 705 -1.00 2.61 -32.33
N GLY F 706 -1.06 3.71 -31.59
CA GLY F 706 -0.24 4.87 -31.91
C GLY F 706 -0.95 5.71 -32.97
N ASN F 707 -0.42 6.90 -33.25
CA ASN F 707 -1.03 7.80 -34.24
C ASN F 707 -2.46 8.14 -33.82
N SER F 708 -3.18 8.93 -34.61
CA SER F 708 -4.56 9.25 -34.25
C SER F 708 -5.60 8.48 -35.06
N SER F 709 -5.36 8.31 -36.37
CA SER F 709 -6.36 7.69 -37.24
C SER F 709 -6.55 6.22 -36.93
N GLN F 710 -5.51 5.60 -36.40
CA GLN F 710 -5.53 4.20 -36.06
C GLN F 710 -6.18 3.95 -34.73
N ASN F 711 -6.38 5.01 -33.95
CA ASN F 711 -6.96 4.80 -32.66
C ASN F 711 -8.44 4.72 -32.88
N TRP F 712 -8.94 5.61 -33.74
CA TRP F 712 -10.37 5.56 -34.00
C TRP F 712 -10.72 4.41 -34.91
N GLN F 713 -9.84 4.01 -35.82
CA GLN F 713 -10.22 2.88 -36.62
C GLN F 713 -10.17 1.61 -35.82
N ARG F 714 -9.18 1.44 -34.93
CA ARG F 714 -9.19 0.19 -34.21
C ARG F 714 -10.37 0.20 -33.24
N PHE F 715 -10.67 1.35 -32.61
CA PHE F 715 -11.78 1.42 -31.70
C PHE F 715 -13.09 1.15 -32.38
N TYR F 716 -13.37 1.79 -33.51
CA TYR F 716 -14.66 1.55 -34.09
C TYR F 716 -14.75 0.16 -34.68
N GLN F 717 -13.67 -0.40 -35.21
CA GLN F 717 -13.74 -1.73 -35.77
C GLN F 717 -13.99 -2.79 -34.69
N LEU F 718 -13.36 -2.61 -33.51
CA LEU F 718 -13.58 -3.54 -32.41
C LEU F 718 -14.98 -3.35 -31.86
N THR F 719 -15.46 -2.11 -31.82
CA THR F 719 -16.79 -1.83 -31.35
C THR F 719 -17.81 -2.47 -32.30
N LYS F 720 -17.55 -2.41 -33.61
CA LYS F 720 -18.45 -3.06 -34.57
C LYS F 720 -18.55 -4.55 -34.24
N LEU F 721 -17.47 -5.20 -33.76
CA LEU F 721 -17.62 -6.59 -33.38
C LEU F 721 -18.58 -6.69 -32.19
N LEU F 722 -18.46 -5.79 -31.20
CA LEU F 722 -19.38 -5.86 -30.05
C LEU F 722 -20.83 -5.72 -30.49
N ASP F 723 -21.07 -4.89 -31.48
CA ASP F 723 -22.41 -4.66 -31.97
C ASP F 723 -22.92 -5.83 -32.81
N SER F 724 -22.03 -6.41 -33.63
CA SER F 724 -22.39 -7.54 -34.48
C SER F 724 -22.51 -8.81 -33.65
N MET F 725 -22.02 -8.80 -32.40
CA MET F 725 -22.20 -9.94 -31.50
C MET F 725 -23.68 -10.17 -31.28
N HIS F 726 -24.52 -9.16 -31.47
CA HIS F 726 -25.94 -9.35 -31.28
C HIS F 726 -26.57 -10.13 -32.43
N GLU F 727 -25.96 -10.08 -33.63
CA GLU F 727 -26.45 -10.80 -34.80
C GLU F 727 -26.08 -12.27 -34.60
N VAL F 728 -24.91 -12.43 -33.96
CA VAL F 728 -24.37 -13.74 -33.61
C VAL F 728 -25.30 -14.35 -32.57
N VAL F 729 -25.65 -13.57 -31.54
CA VAL F 729 -26.55 -14.02 -30.51
C VAL F 729 -27.93 -14.33 -31.04
N GLU F 730 -28.50 -13.50 -31.92
CA GLU F 730 -29.82 -13.85 -32.43
C GLU F 730 -29.83 -15.26 -32.99
N ASN F 731 -28.84 -15.61 -33.80
CA ASN F 731 -28.88 -16.93 -34.38
C ASN F 731 -28.47 -18.04 -33.41
N LEU F 732 -27.52 -17.78 -32.52
CA LEU F 732 -27.10 -18.81 -31.61
C LEU F 732 -28.21 -19.15 -30.63
N LEU F 733 -28.93 -18.13 -30.17
CA LEU F 733 -30.03 -18.34 -29.27
C LEU F 733 -31.15 -19.03 -29.96
N ASN F 734 -31.43 -18.71 -31.23
CA ASN F 734 -32.55 -19.38 -31.84
C ASN F 734 -32.27 -20.88 -31.88
N TYR F 735 -31.00 -21.29 -32.08
CA TYR F 735 -30.70 -22.72 -31.99
C TYR F 735 -31.10 -23.26 -30.63
N CYS F 736 -30.64 -22.59 -29.56
CA CYS F 736 -30.95 -23.08 -28.21
C CYS F 736 -32.43 -23.07 -27.86
N PHE F 737 -33.16 -22.07 -28.33
CA PHE F 737 -34.57 -21.95 -28.02
C PHE F 737 -35.33 -23.09 -28.67
N GLN F 738 -34.98 -23.36 -29.92
CA GLN F 738 -35.59 -24.39 -30.71
C GLN F 738 -35.29 -25.77 -30.17
N THR F 739 -34.06 -26.01 -29.70
CA THR F 739 -33.74 -27.32 -29.21
C THR F 739 -34.19 -27.53 -27.78
N PHE F 740 -34.39 -26.44 -27.05
CA PHE F 740 -34.93 -26.46 -25.69
C PHE F 740 -36.39 -26.92 -25.72
N LEU F 741 -37.18 -26.32 -26.62
CA LEU F 741 -38.60 -26.65 -26.69
C LEU F 741 -38.94 -27.85 -27.58
N ASP F 742 -38.24 -28.05 -28.69
CA ASP F 742 -38.59 -29.14 -29.58
C ASP F 742 -37.83 -30.41 -29.22
N LYS F 743 -38.56 -31.37 -28.64
CA LYS F 743 -37.99 -32.62 -28.14
C LYS F 743 -37.39 -33.47 -29.25
N THR F 744 -37.75 -33.16 -30.50
CA THR F 744 -37.30 -33.89 -31.68
C THR F 744 -35.79 -33.75 -31.82
N MET F 745 -35.24 -32.67 -31.29
CA MET F 745 -33.82 -32.38 -31.40
C MET F 745 -32.94 -33.21 -30.45
N SER F 746 -33.54 -33.82 -29.41
CA SER F 746 -32.79 -34.58 -28.41
C SER F 746 -31.63 -33.83 -27.77
N ILE F 747 -31.86 -32.57 -27.38
CA ILE F 747 -30.80 -31.78 -26.75
C ILE F 747 -31.02 -31.57 -25.26
N GLU F 748 -29.99 -31.96 -24.50
CA GLU F 748 -29.97 -31.85 -23.06
C GLU F 748 -29.37 -30.50 -22.64
N PHE F 749 -29.97 -29.89 -21.61
CA PHE F 749 -29.49 -28.65 -21.02
C PHE F 749 -29.24 -28.83 -19.51
N PRO F 750 -28.25 -28.14 -18.92
CA PRO F 750 -27.94 -28.10 -17.50
C PRO F 750 -29.00 -27.27 -16.84
N GLU F 751 -29.14 -27.38 -15.53
CA GLU F 751 -30.12 -26.58 -14.81
C GLU F 751 -29.93 -25.08 -14.98
N MET F 752 -28.68 -24.62 -15.08
CA MET F 752 -28.43 -23.18 -15.22
C MET F 752 -28.99 -22.64 -16.51
N LEU F 753 -28.67 -23.28 -17.63
CA LEU F 753 -29.18 -22.74 -18.86
C LEU F 753 -30.63 -23.09 -19.00
N ALA F 754 -31.08 -24.20 -18.44
CA ALA F 754 -32.48 -24.53 -18.61
C ALA F 754 -33.34 -23.42 -18.01
N GLU F 755 -32.93 -22.87 -16.85
CA GLU F 755 -33.67 -21.78 -16.23
C GLU F 755 -33.55 -20.51 -17.08
N ILE F 756 -32.36 -20.26 -17.61
CA ILE F 756 -32.16 -19.07 -18.41
C ILE F 756 -33.00 -19.09 -19.68
N ILE F 757 -32.99 -20.20 -20.37
CA ILE F 757 -33.68 -20.36 -21.62
C ILE F 757 -35.19 -20.33 -21.44
N THR F 758 -35.74 -20.97 -20.42
CA THR F 758 -37.19 -20.85 -20.31
C THR F 758 -37.59 -19.39 -20.02
N ASN F 759 -36.76 -18.65 -19.27
CA ASN F 759 -37.04 -17.25 -18.97
C ASN F 759 -36.75 -16.31 -20.16
N GLN F 760 -35.76 -16.67 -20.98
CA GLN F 760 -35.31 -15.89 -22.12
C GLN F 760 -36.14 -16.08 -23.39
N ILE F 761 -36.63 -17.29 -23.68
CA ILE F 761 -37.36 -17.50 -24.93
C ILE F 761 -38.54 -16.55 -25.18
N PRO F 762 -39.52 -16.37 -24.25
CA PRO F 762 -40.72 -15.57 -24.47
C PRO F 762 -40.42 -14.07 -24.58
N LYS F 763 -39.20 -13.69 -24.26
CA LYS F 763 -38.90 -12.31 -24.35
C LYS F 763 -37.99 -12.06 -25.56
N TYR F 764 -37.03 -12.93 -25.81
CA TYR F 764 -36.11 -12.64 -26.88
C TYR F 764 -36.76 -12.79 -28.24
N SER F 765 -37.50 -13.89 -28.46
CA SER F 765 -38.02 -14.18 -29.79
C SER F 765 -39.18 -13.28 -30.18
N ASN F 766 -39.73 -12.59 -29.18
CA ASN F 766 -40.86 -11.69 -29.37
C ASN F 766 -40.44 -10.23 -29.43
N GLY F 767 -39.13 -9.95 -29.37
CA GLY F 767 -38.66 -8.57 -29.41
C GLY F 767 -38.81 -7.80 -28.10
N ASN F 768 -38.84 -8.49 -26.95
CA ASN F 768 -39.03 -7.83 -25.66
C ASN F 768 -37.69 -7.59 -24.94
N ILE F 769 -36.59 -7.86 -25.66
CA ILE F 769 -35.21 -7.70 -25.21
C ILE F 769 -34.50 -6.74 -26.16
N LYS F 770 -33.85 -5.75 -25.58
CA LYS F 770 -33.14 -4.71 -26.28
C LYS F 770 -31.65 -5.00 -26.45
N LYS F 771 -31.19 -4.83 -27.68
CA LYS F 771 -29.80 -5.00 -28.07
C LYS F 771 -29.09 -3.67 -27.92
N LEU F 772 -28.10 -3.59 -27.03
CA LEU F 772 -27.43 -2.33 -26.81
C LEU F 772 -26.19 -2.26 -27.68
N LEU F 773 -26.12 -1.21 -28.47
CA LEU F 773 -25.04 -1.01 -29.39
C LEU F 773 -24.15 0.12 -28.88
N PHE F 774 -22.87 0.05 -29.21
CA PHE F 774 -21.90 1.06 -28.79
C PHE F 774 -21.43 1.94 -29.96
N HIS F 775 -22.00 1.71 -31.14
CA HIS F 775 -21.64 2.41 -32.37
C HIS F 775 -22.75 2.36 -33.41
N GLN F 776 -22.79 3.37 -34.28
CA GLN F 776 -23.80 3.41 -35.34
C GLN F 776 -23.24 2.95 -36.69
N LYS F 777 -24.12 2.46 -37.59
CA LYS F 777 -23.80 2.06 -38.97
C LYS F 777 -24.10 3.21 -39.95
PB ADP G . -43.77 20.56 39.14
O1B ADP G . -42.62 19.95 38.40
O2B ADP G . -44.40 21.79 38.46
O3B ADP G . -44.85 19.54 39.48
PA ADP G . -42.65 20.60 41.78
O1A ADP G . -41.70 21.62 42.27
O2A ADP G . -42.25 19.16 41.58
O3A ADP G . -43.27 21.24 40.47
O5' ADP G . -44.03 20.57 42.67
C5' ADP G . -44.26 21.28 43.94
C4' ADP G . -45.60 20.80 44.57
O4' ADP G . -45.27 20.11 45.77
C3' ADP G . -46.67 21.87 44.93
O3' ADP G . -47.98 21.44 44.39
C2' ADP G . -46.68 21.87 46.47
O2' ADP G . -47.93 22.21 47.11
C1' ADP G . -46.18 20.44 46.79
N9 ADP G . -45.46 20.33 48.09
C8 ADP G . -44.27 20.94 48.47
N7 ADP G . -43.92 20.61 49.74
C5 ADP G . -44.87 19.78 50.19
C6 ADP G . -45.12 19.04 51.49
N6 ADP G . -44.25 19.18 52.48
N1 ADP G . -46.25 18.25 51.61
C2 ADP G . -47.16 18.12 50.58
N3 ADP G . -47.02 18.75 49.34
C4 ADP G . -45.89 19.58 49.13
H5'1 ADP G . -44.29 22.25 43.79
H5'2 ADP G . -43.53 21.13 44.58
H4' ADP G . -46.02 20.19 43.92
H3' ADP G . -46.52 22.76 44.57
HO3' ADP G . -48.27 20.79 44.84
H2' ADP G . -46.12 22.58 46.84
HO2' ADP G . -48.44 22.66 46.61
H1' ADP G . -46.96 19.83 46.83
H8 ADP G . -43.75 21.53 47.90
HN61 ADP G . -44.43 18.75 53.21
HN62 ADP G . -43.92 19.96 52.57
H2 ADP G . -47.93 17.55 50.71
MG MG H . -41.59 15.92 37.29
K K I . -38.83 20.40 38.84
PB ADP J . 35.42 13.98 -38.82
O1B ADP J . 36.92 14.05 -38.53
O2B ADP J . 34.68 12.98 -37.89
O3B ADP J . 34.79 15.33 -38.86
PA ADP J . 35.48 14.16 -41.74
O1A ADP J . 35.32 15.60 -41.54
O2A ADP J . 34.73 13.42 -42.81
O3A ADP J . 35.30 13.45 -40.30
O5' ADP J . 37.02 13.84 -42.19
C5' ADP J . 37.60 14.29 -43.48
C4' ADP J . 38.77 13.37 -43.92
O4' ADP J . 38.37 12.72 -45.13
C3' ADP J . 40.13 14.02 -44.21
O3' ADP J . 41.17 13.10 -43.73
C2' ADP J . 40.15 14.16 -45.74
O2' ADP J . 41.44 14.24 -46.37
C1' ADP J . 39.33 12.92 -46.16
N9 ADP J . 38.57 13.05 -47.44
C8 ADP J . 37.67 14.06 -47.79
N7 ADP J . 37.17 13.84 -49.03
C5 ADP J . 37.72 12.73 -49.50
C6 ADP J . 37.61 11.95 -50.78
N6 ADP J . 36.79 12.44 -51.71
N1 ADP J . 38.34 10.78 -50.94
C2 ADP J . 39.19 10.32 -49.94
N3 ADP J . 39.37 10.99 -48.72
C4 ADP J . 38.65 12.19 -48.47
H5'1 ADP J . 37.90 15.21 -43.40
H5'2 ADP J . 36.93 14.30 -44.21
H4' ADP J . 38.91 12.73 -43.18
H3' ADP J . 40.31 14.87 -43.77
HO3' ADP J . 41.01 12.32 -44.06
H2' ADP J . 39.77 15.01 -46.05
HO2' ADP J . 41.70 15.07 -46.49
H1' ADP J . 39.95 12.16 -46.27
H8 ADP J . 37.43 14.80 -47.23
HN61 ADP J . 36.25 13.07 -51.49
HN62 ADP J . 36.98 12.30 -52.54
H2 ADP J . 39.69 9.50 -50.09
MG MG K . 33.49 11.74 -36.79
K K L . 31.22 15.17 -39.78
#